data_2GFB
#
_entry.id   2GFB
#
_cell.length_a   198.700
_cell.length_b   68.060
_cell.length_c   83.660
_cell.angle_alpha   71.90
_cell.angle_beta   112.20
_cell.angle_gamma   119.60
#
_symmetry.space_group_name_H-M   'P 1'
#
loop_
_entity.id
_entity.type
_entity.pdbx_description
1 polymer 'IGG2A CNJ206 FAB (LIGHT CHAIN)'
2 polymer 'IGG2A CNJ206 FAB (HEAVY CHAIN)'
#
loop_
_entity_poly.entity_id
_entity_poly.type
_entity_poly.pdbx_seq_one_letter_code
_entity_poly.pdbx_strand_id
1 'polypeptide(L)'
;QIQMTQSPSSLSASLGERVSLTCRASQEISGYLSWLQQKPDGTIKRLIYAASTLDSGVPKRFSGSRSGSDYSLTISSLES
EDFADYYCLQYASSPYTFGGGTKLEILRGGAAPTVSIFPPSSEQLTSGGASVVCFLNNFYPKDINVKWKIDGSERQNGVL
NSWTDQDSKDSTYSMSSTLTLTKDEYERHNSYTCEATHKTSTSPIVKSFNRNEC
;
A,C,E,G,I,K,M,O
2 'polypeptide(L)'
;DVKLVESGGGLVQPGGSRKLSCAASGFTFSSFGMHWVRQAPEKGLEWVAYISSGSSTIYYADTVKGRFTISRDNPKNTLF
LQMTSLRSEDTAMYYCARGDYYGSRGAYWGQGTLVTVSAKTTAPSVYPLAPVCGDTTGSSVTLGCLVKGYFPEPVTLTWN
SGSLSSGVHTFPAVLQSDLYTLSSSVTVTSSTWPSQSITCNVAHPASSTKVDKKIEPRG
;
B,D,F,H,J,L,N,P
#
# COMPACT_ATOMS: atom_id res chain seq x y z
N GLN A 1 7.96 -7.72 68.53
CA GLN A 1 7.40 -6.78 69.57
C GLN A 1 8.00 -7.03 70.95
N ILE A 2 9.26 -7.42 70.89
CA ILE A 2 10.08 -7.68 72.05
C ILE A 2 10.72 -6.29 72.25
N GLN A 3 10.85 -5.86 73.49
CA GLN A 3 11.46 -4.56 73.68
C GLN A 3 12.94 -4.78 73.91
N MET A 4 13.74 -4.00 73.19
CA MET A 4 15.18 -4.06 73.28
C MET A 4 15.65 -2.89 74.12
N THR A 5 16.39 -3.16 75.19
CA THR A 5 16.90 -2.08 76.01
C THR A 5 18.38 -1.93 75.77
N GLN A 6 18.79 -0.77 75.25
CA GLN A 6 20.19 -0.48 74.94
C GLN A 6 20.76 0.54 75.90
N SER A 7 22.04 0.36 76.20
CA SER A 7 22.79 1.23 77.09
C SER A 7 24.24 1.23 76.62
N PRO A 8 24.95 2.36 76.75
CA PRO A 8 24.45 3.63 77.30
C PRO A 8 23.80 4.40 76.14
N SER A 9 22.94 5.36 76.45
CA SER A 9 22.28 6.15 75.40
C SER A 9 23.33 6.92 74.61
N SER A 10 24.40 7.27 75.31
CA SER A 10 25.49 8.02 74.71
C SER A 10 26.75 7.92 75.58
N LEU A 11 27.89 8.29 74.99
CA LEU A 11 29.17 8.29 75.68
C LEU A 11 30.24 9.02 74.85
N SER A 12 31.24 9.54 75.52
CA SER A 12 32.39 10.14 74.85
C SER A 12 33.54 9.19 75.20
N ALA A 13 34.32 8.81 74.21
CA ALA A 13 35.43 7.91 74.49
C ALA A 13 36.64 8.37 73.73
N SER A 14 37.80 8.27 74.35
CA SER A 14 39.01 8.68 73.68
C SER A 14 39.30 7.59 72.69
N LEU A 15 40.00 7.94 71.61
CA LEU A 15 40.37 6.92 70.64
C LEU A 15 41.25 5.93 71.41
N GLY A 16 41.30 4.69 70.94
CA GLY A 16 42.08 3.69 71.62
C GLY A 16 41.32 3.01 72.75
N GLU A 17 40.26 3.64 73.26
CA GLU A 17 39.50 3.06 74.37
C GLU A 17 38.57 1.91 73.96
N ARG A 18 38.20 1.15 74.98
CA ARG A 18 37.31 0.03 74.84
C ARG A 18 35.91 0.56 75.13
N VAL A 19 34.94 0.12 74.34
CA VAL A 19 33.56 0.54 74.47
C VAL A 19 32.71 -0.73 74.46
N SER A 20 31.80 -0.83 75.42
CA SER A 20 30.90 -1.98 75.50
C SER A 20 29.46 -1.45 75.47
N LEU A 21 28.71 -1.81 74.44
CA LEU A 21 27.30 -1.39 74.34
C LEU A 21 26.50 -2.62 74.75
N THR A 22 25.40 -2.44 75.47
CA THR A 22 24.64 -3.59 75.92
C THR A 22 23.18 -3.56 75.53
N CYS A 23 22.65 -4.71 75.13
CA CYS A 23 21.25 -4.84 74.73
C CYS A 23 20.58 -5.98 75.43
N ARG A 24 19.40 -5.67 75.94
CA ARG A 24 18.57 -6.59 76.66
C ARG A 24 17.25 -6.75 75.92
N ALA A 25 16.74 -7.98 75.85
CA ALA A 25 15.45 -8.20 75.21
C ALA A 25 14.41 -8.51 76.32
N SER A 26 13.17 -8.08 76.10
CA SER A 26 12.07 -8.30 77.05
C SER A 26 11.67 -9.75 77.13
N GLN A 27 12.05 -10.53 76.12
CA GLN A 27 11.78 -11.95 76.12
C GLN A 27 12.80 -12.65 75.23
N GLU A 28 13.00 -13.95 75.45
CA GLU A 28 14.01 -14.72 74.71
C GLU A 28 14.00 -14.51 73.20
N ILE A 29 15.21 -14.36 72.64
CA ILE A 29 15.37 -14.17 71.22
C ILE A 29 16.41 -15.12 70.64
N SER A 30 16.90 -16.02 71.48
CA SER A 30 17.88 -17.01 71.06
C SER A 30 19.01 -16.51 70.16
N GLY A 31 19.66 -15.41 70.53
CA GLY A 31 20.75 -14.91 69.72
C GLY A 31 20.47 -14.24 68.38
N TYR A 32 19.20 -14.12 68.01
CA TYR A 32 18.87 -13.42 66.79
C TYR A 32 18.83 -11.93 67.14
N LEU A 33 20.01 -11.33 67.08
CA LEU A 33 20.23 -9.93 67.44
C LEU A 33 21.42 -9.48 66.61
N SER A 34 21.26 -8.33 65.96
CA SER A 34 22.29 -7.72 65.12
C SER A 34 22.74 -6.38 65.73
N TRP A 35 23.93 -5.96 65.35
CA TRP A 35 24.46 -4.68 65.82
C TRP A 35 24.85 -3.95 64.56
N LEU A 36 24.17 -2.83 64.31
CA LEU A 36 24.42 -2.03 63.11
C LEU A 36 24.93 -0.69 63.55
N GLN A 37 25.62 -0.06 62.64
CA GLN A 37 26.14 1.26 62.91
C GLN A 37 25.58 2.18 61.84
N GLN A 38 24.98 3.27 62.30
CA GLN A 38 24.48 4.27 61.39
C GLN A 38 25.52 5.38 61.26
N LYS A 39 26.23 5.37 60.14
CA LYS A 39 27.26 6.35 59.87
C LYS A 39 26.65 7.76 59.76
N PRO A 40 27.47 8.82 59.95
CA PRO A 40 27.01 10.23 59.89
C PRO A 40 26.22 10.65 58.62
N ASP A 41 26.42 9.93 57.53
CA ASP A 41 25.70 10.24 56.32
C ASP A 41 24.35 9.52 56.20
N GLY A 42 23.88 8.92 57.28
CA GLY A 42 22.61 8.24 57.25
C GLY A 42 22.73 6.75 57.00
N THR A 43 23.83 6.36 56.36
CA THR A 43 24.11 4.96 56.04
C THR A 43 24.04 3.99 57.21
N ILE A 44 23.19 2.96 57.08
CA ILE A 44 23.03 1.93 58.09
C ILE A 44 23.89 0.80 57.53
N LYS A 45 24.60 0.11 58.42
CA LYS A 45 25.52 -0.94 58.02
C LYS A 45 25.67 -1.97 59.12
N ARG A 46 25.27 -3.21 58.84
CA ARG A 46 25.36 -4.26 59.84
C ARG A 46 26.80 -4.65 60.05
N LEU A 47 27.12 -4.87 61.33
CA LEU A 47 28.44 -5.25 61.78
C LEU A 47 28.46 -6.72 62.22
N ILE A 48 27.51 -7.09 63.07
CA ILE A 48 27.40 -8.43 63.60
C ILE A 48 25.98 -9.00 63.48
N TYR A 49 25.85 -10.29 63.14
CA TYR A 49 24.53 -10.94 63.10
C TYR A 49 24.62 -12.20 63.96
N ALA A 50 23.47 -12.77 64.32
CA ALA A 50 23.44 -13.96 65.15
C ALA A 50 24.22 -13.66 66.44
N ALA A 51 24.01 -12.47 66.98
CA ALA A 51 24.64 -12.04 68.21
C ALA A 51 26.17 -11.88 68.27
N SER A 52 26.93 -12.72 67.59
CA SER A 52 28.39 -12.62 67.66
C SER A 52 29.16 -12.93 66.38
N THR A 53 28.45 -13.15 65.27
CA THR A 53 29.13 -13.42 63.99
C THR A 53 29.34 -12.09 63.24
N LEU A 54 30.59 -11.75 62.97
CA LEU A 54 30.88 -10.50 62.25
C LEU A 54 30.47 -10.61 60.79
N ASP A 55 30.05 -9.50 60.19
CA ASP A 55 29.72 -9.56 58.78
C ASP A 55 31.09 -9.48 58.11
N SER A 56 31.22 -9.84 56.83
CA SER A 56 32.53 -9.76 56.20
C SER A 56 32.98 -8.30 56.09
N GLY A 57 34.30 -8.12 56.07
CA GLY A 57 34.84 -6.79 55.98
C GLY A 57 34.71 -6.01 57.27
N VAL A 58 34.03 -6.57 58.26
CA VAL A 58 33.89 -5.85 59.52
C VAL A 58 35.16 -6.15 60.29
N PRO A 59 35.87 -5.07 60.71
CA PRO A 59 37.14 -5.07 61.46
C PRO A 59 37.09 -6.03 62.64
N LYS A 60 38.21 -6.71 62.86
CA LYS A 60 38.25 -7.67 63.94
C LYS A 60 38.09 -7.09 65.34
N ARG A 61 38.18 -5.75 65.49
CA ARG A 61 38.05 -5.12 66.80
C ARG A 61 36.60 -5.00 67.32
N PHE A 62 35.66 -5.58 66.59
CA PHE A 62 34.28 -5.58 67.00
C PHE A 62 33.95 -7.02 67.29
N SER A 63 33.15 -7.25 68.32
CA SER A 63 32.77 -8.61 68.67
C SER A 63 31.55 -8.58 69.58
N GLY A 64 30.66 -9.54 69.38
CA GLY A 64 29.48 -9.63 70.21
C GLY A 64 29.60 -10.81 71.15
N SER A 65 28.81 -10.79 72.20
CA SER A 65 28.79 -11.87 73.19
C SER A 65 27.47 -11.82 73.89
N ARG A 66 27.11 -12.90 74.55
CA ARG A 66 25.85 -12.93 75.26
C ARG A 66 26.20 -13.33 76.67
N SER A 67 25.57 -12.69 77.66
CA SER A 67 25.77 -13.03 79.05
C SER A 67 24.38 -13.07 79.63
N GLY A 68 23.74 -14.23 79.49
CA GLY A 68 22.38 -14.38 79.97
C GLY A 68 21.50 -13.48 79.12
N SER A 69 20.89 -12.52 79.79
CA SER A 69 20.01 -11.59 79.13
C SER A 69 20.78 -10.59 78.29
N ASP A 70 21.99 -10.29 78.73
CA ASP A 70 22.86 -9.30 78.11
C ASP A 70 23.48 -9.64 76.77
N TYR A 71 23.35 -8.74 75.80
CA TYR A 71 23.95 -8.96 74.51
C TYR A 71 24.94 -7.81 74.46
N SER A 72 26.21 -8.10 74.21
CA SER A 72 27.24 -7.07 74.26
C SER A 72 28.13 -6.84 73.05
N LEU A 73 28.17 -5.59 72.58
CA LEU A 73 29.09 -5.27 71.51
C LEU A 73 30.31 -4.67 72.20
N THR A 74 31.48 -5.14 71.82
CA THR A 74 32.70 -4.61 72.36
C THR A 74 33.59 -4.12 71.24
N ILE A 75 34.04 -2.89 71.41
CA ILE A 75 34.95 -2.27 70.47
C ILE A 75 36.20 -2.15 71.31
N SER A 76 37.16 -3.04 71.10
CA SER A 76 38.41 -2.94 71.82
C SER A 76 39.16 -1.90 70.99
N SER A 77 39.51 -0.76 71.56
CA SER A 77 40.25 0.25 70.81
C SER A 77 39.46 1.03 69.78
N LEU A 78 38.93 2.18 70.22
CA LEU A 78 38.16 3.04 69.33
C LEU A 78 39.02 3.68 68.24
N GLU A 79 38.56 3.61 67.00
CA GLU A 79 39.25 4.22 65.86
C GLU A 79 38.36 5.38 65.52
N SER A 80 38.94 6.38 64.89
CA SER A 80 38.20 7.56 64.48
C SER A 80 37.09 7.13 63.50
N GLU A 81 37.38 6.11 62.70
CA GLU A 81 36.40 5.60 61.75
C GLU A 81 35.18 4.95 62.37
N ASP A 82 35.18 4.79 63.68
CA ASP A 82 34.06 4.18 64.38
C ASP A 82 33.09 5.21 64.93
N PHE A 83 33.28 6.44 64.48
CA PHE A 83 32.40 7.55 64.87
C PHE A 83 31.05 7.27 64.15
N ALA A 84 30.03 6.94 64.96
CA ALA A 84 28.71 6.60 64.46
C ALA A 84 27.77 6.36 65.62
N ASP A 85 26.52 6.03 65.29
CA ASP A 85 25.46 5.72 66.26
C ASP A 85 25.32 4.25 66.10
N TYR A 86 25.23 3.53 67.21
CA TYR A 86 25.09 2.08 67.16
C TYR A 86 23.75 1.69 67.74
N TYR A 87 23.12 0.73 67.08
CA TYR A 87 21.84 0.22 67.50
C TYR A 87 21.88 -1.28 67.43
N CYS A 88 21.11 -1.95 68.30
CA CYS A 88 21.01 -3.40 68.24
C CYS A 88 19.59 -3.69 67.70
N LEU A 89 19.44 -4.83 67.02
CA LEU A 89 18.17 -5.23 66.41
C LEU A 89 17.84 -6.67 66.72
N GLN A 90 16.59 -6.97 67.06
CA GLN A 90 16.19 -8.36 67.31
C GLN A 90 15.41 -8.77 66.09
N TYR A 91 15.76 -9.88 65.47
CA TYR A 91 15.03 -10.36 64.29
C TYR A 91 14.49 -11.74 64.57
N ALA A 92 14.06 -11.92 65.80
CA ALA A 92 13.56 -13.18 66.24
C ALA A 92 12.06 -13.26 66.06
N SER A 93 11.39 -12.16 66.33
CA SER A 93 9.94 -12.11 66.27
C SER A 93 9.49 -11.24 65.10
N SER A 94 8.44 -11.70 64.42
CA SER A 94 7.88 -11.04 63.25
C SER A 94 7.83 -9.51 63.18
N PRO A 95 7.71 -8.82 64.34
CA PRO A 95 7.74 -7.33 64.35
C PRO A 95 9.15 -7.01 64.99
N TYR A 96 10.12 -6.72 64.10
CA TYR A 96 11.50 -6.41 64.48
C TYR A 96 11.61 -5.12 65.22
N THR A 97 12.45 -5.12 66.24
CA THR A 97 12.59 -3.97 67.07
C THR A 97 14.05 -3.62 67.27
N PHE A 98 14.34 -2.31 67.25
CA PHE A 98 15.71 -1.81 67.45
C PHE A 98 15.91 -1.40 68.89
N GLY A 99 17.18 -1.21 69.26
CA GLY A 99 17.50 -0.76 70.59
C GLY A 99 17.42 0.76 70.52
N GLY A 100 17.34 1.42 71.67
CA GLY A 100 17.28 2.87 71.72
C GLY A 100 18.43 3.57 71.03
N GLY A 101 19.57 2.88 70.89
CA GLY A 101 20.71 3.47 70.21
C GLY A 101 21.71 4.07 71.16
N THR A 102 22.90 4.34 70.65
CA THR A 102 23.95 4.94 71.44
C THR A 102 24.69 5.97 70.59
N LYS A 103 24.60 7.24 70.99
CA LYS A 103 25.29 8.32 70.29
C LYS A 103 26.73 8.40 70.79
N LEU A 104 27.66 7.97 69.97
CA LEU A 104 29.06 7.99 70.36
C LEU A 104 29.77 9.28 69.97
N GLU A 105 30.32 9.95 70.98
CA GLU A 105 31.06 11.19 70.78
C GLU A 105 32.51 10.89 71.11
N ILE A 106 33.38 11.24 70.20
CA ILE A 106 34.79 11.02 70.42
C ILE A 106 35.46 12.14 71.24
N LEU A 107 35.91 11.75 72.43
CA LEU A 107 36.57 12.64 73.38
C LEU A 107 37.80 13.26 72.71
N ARG A 108 38.13 14.48 73.06
CA ARG A 108 39.24 15.17 72.39
C ARG A 108 39.86 16.35 73.20
N GLY A 109 40.97 16.90 72.72
CA GLY A 109 41.58 18.01 73.42
C GLY A 109 40.73 19.26 73.35
N GLY A 110 40.90 20.15 74.33
CA GLY A 110 40.17 21.41 74.35
C GLY A 110 40.46 22.19 73.06
N ALA A 111 39.47 22.95 72.60
CA ALA A 111 39.56 23.74 71.37
C ALA A 111 38.71 24.97 71.60
N ALA A 112 39.30 26.15 71.45
CA ALA A 112 38.55 27.37 71.64
C ALA A 112 37.86 27.73 70.33
N PRO A 113 36.62 28.26 70.42
CA PRO A 113 35.85 28.64 69.24
C PRO A 113 36.48 29.82 68.53
N THR A 114 36.22 29.93 67.23
CA THR A 114 36.71 31.06 66.45
C THR A 114 35.45 31.85 66.18
N VAL A 115 35.24 32.90 66.98
CA VAL A 115 34.05 33.77 66.85
C VAL A 115 34.11 34.84 65.73
N SER A 116 33.02 34.99 64.98
CA SER A 116 32.87 35.96 63.86
C SER A 116 31.46 36.49 63.91
N ILE A 117 31.30 37.79 63.66
CA ILE A 117 29.99 38.40 63.69
C ILE A 117 29.67 38.98 62.31
N PHE A 118 28.39 38.95 61.92
CA PHE A 118 27.93 39.48 60.63
C PHE A 118 26.72 40.39 60.79
N PRO A 119 26.85 41.66 60.35
CA PRO A 119 25.75 42.63 60.44
C PRO A 119 24.71 42.24 59.40
N PRO A 120 23.49 42.78 59.53
CA PRO A 120 22.41 42.48 58.56
C PRO A 120 22.77 42.91 57.15
N SER A 121 22.45 42.06 56.18
CA SER A 121 22.69 42.40 54.79
C SER A 121 21.76 43.56 54.40
N SER A 122 22.05 44.19 53.28
CA SER A 122 21.21 45.28 52.82
C SER A 122 19.87 44.69 52.36
N GLU A 123 19.91 43.52 51.72
CA GLU A 123 18.69 42.88 51.24
C GLU A 123 17.66 42.67 52.32
N GLN A 124 18.11 42.15 53.44
CA GLN A 124 17.20 41.90 54.53
C GLN A 124 16.66 43.21 55.07
N LEU A 125 17.53 44.20 55.14
CA LEU A 125 17.16 45.49 55.66
C LEU A 125 16.05 46.09 54.87
N THR A 126 16.14 46.00 53.55
CA THR A 126 15.11 46.58 52.73
C THR A 126 13.80 45.84 53.01
N SER A 127 13.93 44.59 53.45
CA SER A 127 12.78 43.77 53.78
C SER A 127 12.14 44.11 55.13
N GLY A 128 12.76 45.00 55.88
CA GLY A 128 12.19 45.38 57.16
C GLY A 128 12.71 44.57 58.33
N GLY A 129 13.66 43.66 58.04
CA GLY A 129 14.23 42.83 59.07
C GLY A 129 15.71 43.03 59.24
N ALA A 130 16.24 42.64 60.40
CA ALA A 130 17.67 42.78 60.64
C ALA A 130 18.10 41.60 61.47
N SER A 131 18.91 40.72 60.88
CA SER A 131 19.41 39.57 61.57
C SER A 131 20.91 39.72 61.69
N VAL A 132 21.39 39.75 62.93
CA VAL A 132 22.81 39.81 63.21
C VAL A 132 23.24 38.36 63.53
N VAL A 133 24.20 37.85 62.78
CA VAL A 133 24.66 36.46 62.97
C VAL A 133 26.05 36.36 63.59
N CYS A 134 26.29 35.30 64.33
CA CYS A 134 27.59 35.11 64.96
C CYS A 134 27.87 33.61 64.83
N PHE A 135 29.04 33.27 64.28
CA PHE A 135 29.41 31.87 64.12
C PHE A 135 30.51 31.53 65.11
N LEU A 136 30.27 30.58 66.03
CA LEU A 136 31.34 30.18 66.96
C LEU A 136 31.92 28.87 66.37
N ASN A 137 33.01 28.95 65.64
CA ASN A 137 33.50 27.73 65.01
C ASN A 137 34.60 26.90 65.66
N ASN A 138 34.62 25.62 65.29
CA ASN A 138 35.59 24.61 65.73
C ASN A 138 36.07 24.61 67.16
N PHE A 139 35.15 24.42 68.10
CA PHE A 139 35.52 24.35 69.50
C PHE A 139 35.25 22.96 70.04
N TYR A 140 35.62 22.75 71.29
CA TYR A 140 35.49 21.50 72.01
C TYR A 140 35.87 21.79 73.49
N PRO A 141 35.02 21.40 74.47
CA PRO A 141 33.73 20.72 74.37
C PRO A 141 32.59 21.52 73.73
N LYS A 142 31.49 20.81 73.52
CA LYS A 142 30.28 21.33 72.92
C LYS A 142 29.64 22.43 73.79
N ASP A 143 29.82 22.33 75.10
CA ASP A 143 29.28 23.30 76.03
C ASP A 143 29.92 24.64 75.71
N ILE A 144 29.07 25.63 75.46
CA ILE A 144 29.50 27.00 75.17
C ILE A 144 28.32 27.86 75.52
N ASN A 145 28.58 29.11 75.87
CA ASN A 145 27.50 30.02 76.23
C ASN A 145 27.59 31.28 75.42
N VAL A 146 26.54 31.64 74.72
CA VAL A 146 26.56 32.84 73.89
C VAL A 146 25.63 33.93 74.43
N LYS A 147 26.14 35.16 74.58
CA LYS A 147 25.31 36.27 75.04
C LYS A 147 25.22 37.31 73.92
N TRP A 148 24.04 37.90 73.74
CA TRP A 148 23.85 38.98 72.78
C TRP A 148 23.64 40.26 73.60
N LYS A 149 24.27 41.34 73.17
CA LYS A 149 24.16 42.61 73.86
C LYS A 149 23.96 43.73 72.84
N ILE A 150 22.84 44.43 73.00
CA ILE A 150 22.55 45.55 72.13
C ILE A 150 22.96 46.74 72.96
N ASP A 151 23.90 47.51 72.42
CA ASP A 151 24.49 48.63 73.11
C ASP A 151 25.09 48.00 74.37
N GLY A 152 24.62 48.36 75.54
CA GLY A 152 25.22 47.71 76.68
C GLY A 152 24.51 46.43 77.06
N SER A 153 23.20 46.57 77.17
CA SER A 153 22.26 45.52 77.55
C SER A 153 22.22 44.25 76.75
N GLU A 154 22.15 43.16 77.51
CA GLU A 154 22.10 41.79 77.00
C GLU A 154 20.70 41.44 76.56
N ARG A 155 20.56 41.12 75.28
CA ARG A 155 19.27 40.77 74.71
C ARG A 155 19.08 39.26 74.79
N GLN A 156 17.89 38.83 75.15
CA GLN A 156 17.63 37.40 75.26
C GLN A 156 16.59 36.97 74.24
N ASN A 157 15.68 37.87 73.90
CA ASN A 157 14.62 37.57 72.95
C ASN A 157 15.08 37.68 71.50
N GLY A 158 14.67 36.73 70.68
CA GLY A 158 15.05 36.78 69.27
C GLY A 158 16.31 36.04 68.86
N VAL A 159 16.94 35.35 69.81
CA VAL A 159 18.15 34.57 69.55
C VAL A 159 17.72 33.14 69.16
N LEU A 160 18.31 32.66 68.09
CA LEU A 160 18.01 31.35 67.54
C LEU A 160 19.33 30.63 67.35
N ASN A 161 19.67 29.71 68.24
CA ASN A 161 20.95 28.97 68.12
C ASN A 161 20.86 27.60 67.48
N SER A 162 21.95 27.16 66.88
CA SER A 162 21.97 25.84 66.29
C SER A 162 23.38 25.23 66.38
N TRP A 163 23.48 24.01 66.93
CA TRP A 163 24.77 23.39 67.04
C TRP A 163 25.01 22.46 65.91
N THR A 164 26.27 22.12 65.77
CA THR A 164 26.72 21.20 64.75
C THR A 164 26.98 19.88 65.48
N ASP A 165 26.68 18.76 64.81
CA ASP A 165 26.98 17.47 65.42
C ASP A 165 28.50 17.39 65.35
N GLN A 166 29.10 16.63 66.24
CA GLN A 166 30.55 16.50 66.21
C GLN A 166 31.12 16.28 64.80
N ASP A 167 32.07 17.09 64.39
CA ASP A 167 32.68 16.93 63.07
C ASP A 167 33.40 15.60 62.98
N SER A 168 32.97 14.78 62.04
CA SER A 168 33.58 13.47 61.85
C SER A 168 35.06 13.51 61.47
N LYS A 169 35.59 14.69 61.11
CA LYS A 169 37.00 14.78 60.75
C LYS A 169 37.92 15.35 61.80
N ASP A 170 37.48 16.35 62.56
CA ASP A 170 38.32 16.94 63.60
C ASP A 170 37.74 16.92 65.02
N SER A 171 36.61 16.23 65.19
CA SER A 171 35.97 16.06 66.49
C SER A 171 35.59 17.33 67.23
N THR A 172 35.34 18.38 66.46
CA THR A 172 34.99 19.68 67.03
C THR A 172 33.50 20.02 66.75
N TYR A 173 32.98 21.05 67.40
CA TYR A 173 31.60 21.47 67.13
C TYR A 173 31.63 22.91 66.64
N SER A 174 30.51 23.37 66.12
CA SER A 174 30.40 24.74 65.68
C SER A 174 29.01 25.19 66.10
N MET A 175 28.86 26.49 66.28
CA MET A 175 27.58 27.03 66.66
C MET A 175 27.28 28.23 65.80
N SER A 176 25.99 28.53 65.70
CA SER A 176 25.49 29.62 64.90
C SER A 176 24.42 30.23 65.75
N SER A 177 24.62 31.50 66.08
CA SER A 177 23.68 32.25 66.93
C SER A 177 23.17 33.40 66.11
N THR A 178 21.86 33.60 66.10
CA THR A 178 21.25 34.68 65.33
C THR A 178 20.28 35.49 66.13
N LEU A 179 20.46 36.81 66.11
CA LEU A 179 19.55 37.69 66.83
C LEU A 179 18.78 38.35 65.73
N THR A 180 17.46 38.29 65.81
CA THR A 180 16.64 38.91 64.79
C THR A 180 15.75 40.01 65.35
N LEU A 181 15.86 41.19 64.76
CA LEU A 181 15.06 42.31 65.19
C LEU A 181 14.44 42.87 63.94
N THR A 182 13.56 43.85 64.11
CA THR A 182 12.98 44.55 62.98
C THR A 182 14.02 45.61 62.61
N LYS A 183 13.96 46.10 61.38
CA LYS A 183 14.88 47.16 60.93
C LYS A 183 14.80 48.45 61.81
N ASP A 184 13.64 48.75 62.38
CA ASP A 184 13.53 49.94 63.22
C ASP A 184 14.26 49.85 64.55
N GLU A 185 14.35 48.66 65.14
CA GLU A 185 15.07 48.50 66.40
C GLU A 185 16.55 48.50 66.10
N TYR A 186 16.92 47.82 65.02
CA TYR A 186 18.32 47.72 64.61
C TYR A 186 18.89 49.11 64.33
N GLU A 187 18.18 49.84 63.49
CA GLU A 187 18.57 51.18 63.10
C GLU A 187 18.72 52.17 64.24
N ARG A 188 18.24 51.87 65.45
CA ARG A 188 18.33 52.84 66.54
C ARG A 188 19.19 52.47 67.75
N HIS A 189 20.20 51.64 67.52
CA HIS A 189 21.11 51.22 68.56
C HIS A 189 22.42 51.29 67.83
N ASN A 190 23.54 51.03 68.49
CA ASN A 190 24.80 51.18 67.79
C ASN A 190 25.67 49.97 67.73
N SER A 191 26.17 49.55 68.89
CA SER A 191 27.03 48.38 68.95
C SER A 191 26.16 47.15 69.16
N TYR A 192 26.55 46.06 68.52
CA TYR A 192 25.88 44.78 68.58
C TYR A 192 26.95 43.79 68.96
N THR A 193 26.85 43.25 70.17
CA THR A 193 27.86 42.33 70.67
C THR A 193 27.40 40.90 70.87
N CYS A 194 28.31 39.99 70.53
CA CYS A 194 28.10 38.56 70.66
C CYS A 194 29.29 38.08 71.44
N GLU A 195 29.08 37.79 72.72
CA GLU A 195 30.18 37.28 73.55
C GLU A 195 29.98 35.83 74.04
N ALA A 196 30.92 34.97 73.66
CA ALA A 196 30.89 33.56 74.03
C ALA A 196 31.79 33.17 75.22
N THR A 197 31.30 32.29 76.09
CA THR A 197 32.08 31.81 77.21
C THR A 197 32.25 30.32 77.01
N HIS A 198 33.50 29.87 77.04
CA HIS A 198 33.80 28.47 76.83
C HIS A 198 34.84 28.04 77.85
N LYS A 199 34.86 26.74 78.14
CA LYS A 199 35.81 26.12 79.08
C LYS A 199 37.26 26.51 78.79
N THR A 200 37.60 26.65 77.52
CA THR A 200 38.95 27.00 77.14
C THR A 200 39.39 28.42 77.54
N SER A 201 38.50 29.25 78.08
CA SER A 201 38.89 30.61 78.43
C SER A 201 38.17 31.16 79.66
N THR A 202 38.90 32.03 80.36
CA THR A 202 38.43 32.71 81.57
C THR A 202 37.59 33.95 81.20
N SER A 203 38.08 34.70 80.23
CA SER A 203 37.39 35.89 79.76
C SER A 203 36.54 35.50 78.54
N PRO A 204 35.39 36.16 78.34
CA PRO A 204 34.49 35.89 77.21
C PRO A 204 35.12 36.29 75.90
N ILE A 205 34.83 35.54 74.84
CA ILE A 205 35.34 35.89 73.52
C ILE A 205 34.28 36.87 73.06
N VAL A 206 34.68 38.09 72.74
CA VAL A 206 33.74 39.10 72.35
C VAL A 206 34.00 39.57 70.94
N LYS A 207 32.93 39.77 70.18
CA LYS A 207 33.04 40.28 68.83
C LYS A 207 31.91 41.27 68.75
N SER A 208 32.17 42.41 68.13
CA SER A 208 31.15 43.41 67.98
C SER A 208 31.35 44.26 66.74
N PHE A 209 30.41 45.19 66.56
CA PHE A 209 30.51 46.15 65.49
C PHE A 209 29.52 47.24 65.86
N ASN A 210 29.83 48.45 65.43
CA ASN A 210 28.90 49.53 65.67
C ASN A 210 28.30 49.71 64.31
N ARG A 211 27.00 49.90 64.22
CA ARG A 211 26.45 50.14 62.90
C ARG A 211 26.77 51.62 62.72
N ASN A 212 25.90 52.39 62.09
CA ASN A 212 26.16 53.81 61.88
C ASN A 212 27.23 54.08 60.84
N GLU A 213 26.84 54.90 59.86
CA GLU A 213 27.65 55.34 58.72
C GLU A 213 27.60 54.39 57.52
N CYS A 214 26.41 53.85 57.27
CA CYS A 214 26.13 52.90 56.18
C CYS A 214 27.19 51.78 55.96
N ASP B 1 29.77 -0.94 44.38
CA ASP B 1 29.15 -1.47 45.63
C ASP B 1 27.63 -1.23 45.55
N VAL B 2 26.84 -1.98 46.33
CA VAL B 2 25.40 -1.82 46.27
C VAL B 2 25.07 -0.39 46.58
N LYS B 3 24.11 0.15 45.80
CA LYS B 3 23.62 1.52 45.93
C LYS B 3 22.10 1.40 46.18
N LEU B 4 21.54 2.28 47.01
CA LEU B 4 20.11 2.23 47.31
C LEU B 4 19.57 3.68 47.51
N VAL B 5 18.76 4.15 46.55
CA VAL B 5 18.22 5.52 46.57
C VAL B 5 16.71 5.76 46.90
N GLU B 6 16.45 6.21 48.12
CA GLU B 6 15.09 6.53 48.60
C GLU B 6 14.63 7.82 47.93
N SER B 7 13.37 7.93 47.56
CA SER B 7 12.99 9.15 46.87
C SER B 7 11.55 9.59 46.78
N GLY B 8 10.76 9.33 47.82
CA GLY B 8 9.38 9.77 47.74
C GLY B 8 9.14 11.14 48.34
N GLY B 9 9.35 11.23 49.65
CA GLY B 9 9.23 12.41 50.50
C GLY B 9 8.76 13.78 50.08
N GLY B 10 8.22 14.45 51.07
CA GLY B 10 7.71 15.80 50.88
C GLY B 10 6.70 16.16 51.96
N LEU B 11 6.12 17.35 51.81
CA LEU B 11 5.12 17.79 52.75
C LEU B 11 3.85 17.02 52.40
N VAL B 12 3.14 16.66 53.45
CA VAL B 12 1.89 15.94 53.30
C VAL B 12 0.97 16.50 54.38
N GLN B 13 -0.28 16.76 54.00
CA GLN B 13 -1.29 17.24 54.91
C GLN B 13 -1.65 16.03 55.71
N PRO B 14 -1.79 16.18 57.03
CA PRO B 14 -2.16 15.03 57.85
C PRO B 14 -3.44 14.37 57.27
N GLY B 15 -3.51 13.05 57.38
CA GLY B 15 -4.59 12.27 56.82
C GLY B 15 -4.17 11.94 55.41
N GLY B 16 -3.20 12.70 54.88
CA GLY B 16 -2.75 12.53 53.52
C GLY B 16 -1.94 11.29 53.24
N SER B 17 -1.64 11.04 51.95
CA SER B 17 -0.85 9.87 51.63
C SER B 17 0.43 10.24 50.88
N ARG B 18 1.25 9.24 50.61
CA ARG B 18 2.53 9.37 49.92
C ARG B 18 2.98 7.96 49.50
N LYS B 19 3.81 7.86 48.48
CA LYS B 19 4.33 6.59 48.01
C LYS B 19 5.81 6.81 47.77
N LEU B 20 6.64 6.19 48.60
CA LEU B 20 8.09 6.32 48.51
C LEU B 20 8.63 5.28 47.56
N SER B 21 9.85 5.50 47.11
CA SER B 21 10.53 4.56 46.24
C SER B 21 11.99 4.41 46.72
N CYS B 22 12.61 3.31 46.33
CA CYS B 22 13.97 2.99 46.68
C CYS B 22 14.53 2.24 45.48
N ALA B 23 15.40 2.88 44.72
CA ALA B 23 15.99 2.25 43.56
C ALA B 23 17.24 1.49 43.97
N ALA B 24 17.10 0.17 44.00
CA ALA B 24 18.19 -0.70 44.38
C ALA B 24 19.05 -0.94 43.13
N SER B 25 20.37 -0.96 43.29
CA SER B 25 21.28 -1.23 42.18
C SER B 25 22.57 -1.73 42.75
N GLY B 26 23.31 -2.50 41.96
CA GLY B 26 24.55 -3.06 42.43
C GLY B 26 24.48 -4.52 42.85
N PHE B 27 23.27 -5.09 42.95
CA PHE B 27 23.11 -6.48 43.35
C PHE B 27 21.83 -7.08 42.73
N THR B 28 21.67 -8.39 42.85
CA THR B 28 20.48 -9.07 42.33
C THR B 28 19.30 -8.85 43.29
N PHE B 29 18.56 -7.78 42.99
CA PHE B 29 17.39 -7.34 43.73
C PHE B 29 16.45 -8.51 44.08
N SER B 30 16.11 -9.27 43.06
CA SER B 30 15.21 -10.41 43.13
C SER B 30 15.53 -11.48 44.16
N SER B 31 16.79 -11.54 44.60
CA SER B 31 17.18 -12.56 45.56
C SER B 31 17.18 -12.10 47.02
N PHE B 32 16.76 -10.86 47.26
CA PHE B 32 16.81 -10.36 48.62
C PHE B 32 15.53 -9.77 49.12
N GLY B 33 15.32 -9.88 50.43
CA GLY B 33 14.15 -9.31 51.06
C GLY B 33 14.58 -7.89 51.26
N MET B 34 13.66 -6.99 51.63
CA MET B 34 14.03 -5.62 51.84
C MET B 34 13.29 -5.03 52.99
N HIS B 35 13.87 -3.97 53.55
CA HIS B 35 13.26 -3.30 54.68
C HIS B 35 13.03 -1.84 54.45
N TRP B 36 12.20 -1.30 55.30
CA TRP B 36 11.90 0.08 55.33
C TRP B 36 12.07 0.35 56.81
N VAL B 37 12.98 1.28 57.08
CA VAL B 37 13.31 1.74 58.41
C VAL B 37 13.07 3.26 58.32
N ARG B 38 12.66 3.86 59.43
CA ARG B 38 12.40 5.30 59.51
C ARG B 38 13.04 5.81 60.77
N GLN B 39 13.23 7.13 60.84
CA GLN B 39 13.80 7.76 62.02
C GLN B 39 13.25 9.16 62.28
N ALA B 40 12.48 9.28 63.36
CA ALA B 40 11.88 10.54 63.74
C ALA B 40 12.95 11.51 64.13
N PRO B 41 12.67 12.81 64.02
CA PRO B 41 13.55 13.92 64.34
C PRO B 41 14.47 13.71 65.52
N GLU B 42 13.90 13.80 66.72
CA GLU B 42 14.73 13.61 67.90
C GLU B 42 14.62 12.17 68.44
N LYS B 43 14.40 11.21 67.54
CA LYS B 43 14.25 9.81 67.91
C LYS B 43 15.16 8.90 67.12
N GLY B 44 15.36 7.68 67.61
CA GLY B 44 16.23 6.75 66.92
C GLY B 44 15.53 5.94 65.85
N LEU B 45 16.31 5.12 65.13
CA LEU B 45 15.77 4.27 64.05
C LEU B 45 14.61 3.44 64.57
N GLU B 46 13.74 3.07 63.65
CA GLU B 46 12.57 2.29 63.96
C GLU B 46 12.31 1.48 62.71
N TRP B 47 12.13 0.18 62.89
CA TRP B 47 11.83 -0.68 61.76
C TRP B 47 10.36 -0.45 61.35
N VAL B 48 10.14 -0.45 60.04
CA VAL B 48 8.81 -0.21 59.47
C VAL B 48 8.11 -1.43 58.86
N ALA B 49 8.77 -2.08 57.91
CA ALA B 49 8.15 -3.18 57.24
C ALA B 49 9.22 -4.03 56.61
N TYR B 50 8.83 -5.19 56.10
CA TYR B 50 9.74 -6.13 55.45
C TYR B 50 8.91 -6.81 54.36
N ILE B 51 9.58 -7.18 53.27
CA ILE B 51 8.97 -7.88 52.13
C ILE B 51 9.99 -8.85 51.52
N SER B 52 9.62 -10.14 51.39
CA SER B 52 10.53 -11.15 50.80
C SER B 52 10.68 -10.82 49.34
N SER B 53 11.61 -11.45 48.65
CA SER B 53 11.77 -11.12 47.24
C SER B 53 10.59 -11.62 46.41
N GLY B 54 9.88 -12.61 46.91
CA GLY B 54 8.72 -13.10 46.18
C GLY B 54 7.46 -12.34 46.56
N SER B 55 7.61 -11.41 47.50
CA SER B 55 6.50 -10.63 48.00
C SER B 55 5.51 -11.55 48.69
N SER B 56 5.97 -12.76 49.02
CA SER B 56 5.11 -13.75 49.65
C SER B 56 5.10 -13.56 51.16
N THR B 57 6.15 -12.97 51.70
CA THR B 57 6.17 -12.69 53.13
C THR B 57 6.24 -11.17 53.24
N ILE B 58 5.45 -10.60 54.15
CA ILE B 58 5.40 -9.16 54.35
C ILE B 58 5.16 -8.88 55.82
N TYR B 59 6.04 -8.11 56.46
CA TYR B 59 5.88 -7.75 57.88
C TYR B 59 5.72 -6.24 57.95
N TYR B 60 4.91 -5.76 58.90
CA TYR B 60 4.68 -4.34 59.11
C TYR B 60 4.75 -4.03 60.58
N ALA B 61 5.28 -2.88 60.92
CA ALA B 61 5.37 -2.48 62.30
C ALA B 61 3.95 -2.25 62.80
N ASP B 62 3.71 -2.47 64.08
CA ASP B 62 2.39 -2.28 64.70
C ASP B 62 1.93 -0.88 64.45
N THR B 63 2.90 0.03 64.42
CA THR B 63 2.66 1.46 64.22
C THR B 63 2.06 1.80 62.85
N VAL B 64 2.58 1.19 61.80
CA VAL B 64 2.12 1.50 60.46
C VAL B 64 1.23 0.42 59.91
N LYS B 65 1.01 -0.61 60.74
CA LYS B 65 0.17 -1.73 60.34
C LYS B 65 -1.19 -1.19 59.96
N GLY B 66 -1.58 -1.44 58.71
CA GLY B 66 -2.89 -1.02 58.27
C GLY B 66 -2.98 0.28 57.51
N ARG B 67 -1.90 1.07 57.49
CA ARG B 67 -1.86 2.35 56.77
C ARG B 67 -0.77 2.36 55.71
N PHE B 68 0.29 1.59 55.93
CA PHE B 68 1.40 1.51 54.98
C PHE B 68 1.27 0.17 54.27
N THR B 69 1.77 0.10 53.06
CA THR B 69 1.75 -1.11 52.27
C THR B 69 3.11 -1.16 51.59
N ILE B 70 3.82 -2.26 51.78
CA ILE B 70 5.12 -2.43 51.17
C ILE B 70 4.92 -3.21 49.88
N SER B 71 5.72 -2.91 48.88
CA SER B 71 5.66 -3.56 47.58
C SER B 71 7.02 -3.35 46.91
N ARG B 72 7.27 -4.04 45.81
CA ARG B 72 8.53 -3.96 45.10
C ARG B 72 8.25 -4.33 43.65
N ASP B 73 9.12 -3.91 42.74
CA ASP B 73 8.94 -4.23 41.33
C ASP B 73 10.23 -4.90 40.89
N ASN B 74 10.28 -6.21 41.05
CA ASN B 74 11.52 -6.94 40.73
C ASN B 74 12.23 -6.63 39.40
N PRO B 75 11.51 -6.60 38.27
CA PRO B 75 12.22 -6.32 37.00
C PRO B 75 12.58 -4.86 36.82
N LYS B 76 12.16 -4.07 37.79
CA LYS B 76 12.36 -2.62 37.78
C LYS B 76 13.28 -2.18 38.94
N ASN B 77 13.87 -3.16 39.63
CA ASN B 77 14.79 -2.91 40.76
C ASN B 77 14.32 -1.87 41.76
N THR B 78 13.02 -1.83 42.01
CA THR B 78 12.50 -0.81 42.91
C THR B 78 11.63 -1.32 44.06
N LEU B 79 11.79 -0.69 45.22
CA LEU B 79 11.02 -0.98 46.41
C LEU B 79 10.07 0.23 46.54
N PHE B 80 8.92 0.04 47.16
CA PHE B 80 7.97 1.11 47.35
C PHE B 80 7.45 1.04 48.75
N LEU B 81 6.86 2.13 49.20
CA LEU B 81 6.23 2.22 50.51
C LEU B 81 5.03 3.13 50.36
N GLN B 82 3.85 2.55 50.28
CA GLN B 82 2.64 3.34 50.16
C GLN B 82 2.20 3.75 51.55
N MET B 83 2.17 5.04 51.79
CA MET B 83 1.77 5.59 53.06
C MET B 83 0.36 6.10 52.91
N THR B 84 -0.38 6.09 54.01
CA THR B 84 -1.77 6.47 54.00
C THR B 84 -2.14 6.81 55.45
N SER B 85 -3.17 7.65 55.60
CA SER B 85 -3.67 8.13 56.90
C SER B 85 -2.50 8.66 57.69
N LEU B 86 -1.65 9.42 57.01
CA LEU B 86 -0.43 9.97 57.59
C LEU B 86 -0.64 10.84 58.79
N ARG B 87 -0.13 10.34 59.91
CA ARG B 87 -0.16 11.00 61.22
C ARG B 87 1.10 11.85 61.32
N SER B 88 1.15 12.78 62.26
CA SER B 88 2.35 13.61 62.43
C SER B 88 3.47 12.70 62.91
N GLU B 89 3.07 11.60 63.55
CA GLU B 89 4.01 10.62 64.07
C GLU B 89 4.76 9.92 62.95
N ASP B 90 4.28 10.11 61.73
CA ASP B 90 4.91 9.50 60.57
C ASP B 90 5.99 10.39 60.02
N THR B 91 6.06 11.62 60.51
CA THR B 91 7.07 12.57 60.08
C THR B 91 8.45 12.05 60.49
N ALA B 92 9.23 11.60 59.50
CA ALA B 92 10.53 11.04 59.75
C ALA B 92 11.30 10.91 58.45
N MET B 93 12.57 10.47 58.55
CA MET B 93 13.41 10.22 57.38
C MET B 93 13.28 8.74 57.10
N TYR B 94 12.96 8.42 55.86
CA TYR B 94 12.75 7.04 55.50
C TYR B 94 13.94 6.49 54.76
N TYR B 95 14.34 5.27 55.11
CA TYR B 95 15.47 4.60 54.47
C TYR B 95 15.01 3.20 54.14
N CYS B 96 15.46 2.68 53.01
CA CYS B 96 15.14 1.32 52.64
C CYS B 96 16.46 0.64 52.88
N ALA B 97 16.47 -0.67 53.09
CA ALA B 97 17.70 -1.41 53.38
C ALA B 97 17.57 -2.82 52.88
N ARG B 98 18.69 -3.41 52.43
CA ARG B 98 18.65 -4.79 51.98
C ARG B 98 18.33 -5.64 53.21
N GLY B 99 17.88 -6.86 53.00
CA GLY B 99 17.51 -7.72 54.12
C GLY B 99 18.58 -7.97 55.17
N ASP B 100 19.82 -7.97 54.73
CA ASP B 100 20.95 -8.20 55.61
C ASP B 100 21.61 -6.90 56.00
N TYR B 101 20.90 -5.78 55.81
CA TYR B 101 21.42 -4.44 56.14
C TYR B 101 22.83 -4.17 55.66
N TYR B 102 23.16 -4.68 54.48
CA TYR B 102 24.48 -4.47 53.92
C TYR B 102 24.65 -3.00 53.73
N GLY B 103 25.76 -2.46 54.24
CA GLY B 103 26.05 -1.04 54.11
C GLY B 103 26.11 -0.68 52.65
N SER B 104 25.14 0.14 52.23
CA SER B 104 25.00 0.54 50.85
C SER B 104 25.32 1.99 50.54
N ARG B 105 25.88 2.22 49.36
CA ARG B 105 26.16 3.56 48.92
C ARG B 105 24.79 4.21 48.61
N GLY B 106 24.66 5.50 48.88
CA GLY B 106 23.42 6.19 48.60
C GLY B 106 23.46 7.04 47.34
N ALA B 107 22.68 8.11 47.35
CA ALA B 107 22.62 9.02 46.22
C ALA B 107 23.64 10.14 46.39
N TYR B 108 24.04 10.74 45.27
CA TYR B 108 25.01 11.84 45.29
C TYR B 108 24.57 12.90 46.31
N TRP B 109 23.25 13.00 46.49
CA TRP B 109 22.67 13.97 47.41
C TRP B 109 22.65 13.59 48.88
N GLY B 110 22.61 12.29 49.19
CA GLY B 110 22.59 11.88 50.57
C GLY B 110 21.97 10.50 50.78
N GLN B 111 21.34 10.33 51.94
CA GLN B 111 20.74 9.04 52.31
C GLN B 111 19.36 9.20 52.99
N GLY B 112 18.37 8.50 52.45
CA GLY B 112 17.03 8.56 53.03
C GLY B 112 16.15 9.62 52.41
N THR B 113 14.87 9.61 52.73
CA THR B 113 13.99 10.62 52.20
C THR B 113 13.09 11.10 53.32
N LEU B 114 13.04 12.41 53.50
CA LEU B 114 12.27 13.02 54.54
C LEU B 114 10.86 13.31 54.10
N VAL B 115 9.92 13.07 54.99
CA VAL B 115 8.54 13.36 54.68
C VAL B 115 7.96 13.95 55.98
N THR B 116 7.42 15.16 55.83
CA THR B 116 6.84 15.94 56.90
C THR B 116 5.32 15.87 56.80
N VAL B 117 4.66 15.74 57.95
CA VAL B 117 3.20 15.68 57.97
C VAL B 117 2.75 17.00 58.59
N SER B 118 2.29 17.96 57.78
CA SER B 118 1.91 19.26 58.33
C SER B 118 1.15 20.21 57.39
N ALA B 119 1.33 21.52 57.65
CA ALA B 119 0.70 22.65 56.93
C ALA B 119 1.21 23.27 55.58
N LYS B 120 1.82 24.47 55.61
CA LYS B 120 2.18 25.20 54.38
C LYS B 120 3.60 25.47 53.87
N THR B 121 3.82 25.24 52.58
CA THR B 121 5.12 25.51 51.98
C THR B 121 5.39 27.00 51.97
N THR B 122 6.65 27.39 52.08
CA THR B 122 7.05 28.78 52.10
C THR B 122 8.48 28.76 51.55
N ALA B 123 8.82 29.69 50.66
CA ALA B 123 10.17 29.76 50.08
C ALA B 123 11.08 30.53 51.04
N PRO B 124 12.37 30.11 51.10
CA PRO B 124 13.29 30.79 51.99
C PRO B 124 13.75 32.06 51.33
N SER B 125 14.39 32.88 52.13
CA SER B 125 14.99 34.13 51.69
C SER B 125 16.46 33.92 52.05
N VAL B 126 17.28 33.91 51.02
CA VAL B 126 18.73 33.71 51.14
C VAL B 126 19.45 35.06 51.24
N TYR B 127 20.27 35.20 52.26
CA TYR B 127 20.99 36.44 52.48
C TYR B 127 22.49 36.17 52.64
N PRO B 128 23.31 36.93 51.90
CA PRO B 128 24.77 36.79 51.96
C PRO B 128 25.37 37.50 53.20
N LEU B 129 26.19 36.79 53.96
CA LEU B 129 26.82 37.40 55.14
C LEU B 129 28.27 37.70 54.78
N ALA B 130 28.61 38.96 54.59
CA ALA B 130 29.97 39.33 54.27
C ALA B 130 30.56 39.87 55.56
N PRO B 131 31.89 39.97 55.62
CA PRO B 131 32.54 40.49 56.82
C PRO B 131 32.30 41.94 57.28
N VAL B 132 33.12 42.89 56.82
CA VAL B 132 33.14 44.32 57.25
C VAL B 132 33.72 44.28 58.65
N CYS B 133 33.19 43.30 59.39
CA CYS B 133 33.57 42.90 60.71
C CYS B 133 33.76 41.38 60.47
N GLY B 134 32.70 40.68 60.01
CA GLY B 134 32.71 39.23 59.71
C GLY B 134 34.00 38.51 60.04
N ASP B 135 34.33 38.66 61.33
CA ASP B 135 35.54 38.21 62.00
C ASP B 135 36.43 37.00 61.66
N THR B 136 36.85 36.99 60.39
CA THR B 136 37.78 36.02 59.83
C THR B 136 37.99 34.69 60.57
N THR B 137 39.22 34.49 61.05
CA THR B 137 39.69 33.31 61.77
C THR B 137 41.14 33.70 62.15
N GLY B 138 41.82 34.27 61.16
CA GLY B 138 43.19 34.72 61.32
C GLY B 138 43.47 35.29 59.95
N SER B 139 44.49 34.80 59.25
CA SER B 139 44.77 35.27 57.90
C SER B 139 43.79 34.58 56.94
N SER B 140 42.73 34.02 57.53
CA SER B 140 41.68 33.32 56.83
C SER B 140 40.46 34.19 57.14
N VAL B 141 39.55 34.30 56.19
CA VAL B 141 38.36 35.10 56.37
C VAL B 141 37.16 34.18 56.24
N THR B 142 36.13 34.35 57.08
CA THR B 142 34.97 33.50 56.98
C THR B 142 33.82 34.30 56.44
N LEU B 143 33.00 33.63 55.62
CA LEU B 143 31.83 34.21 54.99
C LEU B 143 30.65 33.31 55.32
N GLY B 144 29.46 33.85 55.25
CA GLY B 144 28.29 33.05 55.56
C GLY B 144 27.18 33.18 54.54
N CYS B 145 26.08 32.52 54.85
CA CYS B 145 24.89 32.54 54.02
C CYS B 145 23.76 32.16 54.97
N LEU B 146 22.71 32.97 54.97
CA LEU B 146 21.58 32.73 55.84
C LEU B 146 20.31 32.46 55.00
N VAL B 147 19.74 31.29 55.21
CA VAL B 147 18.51 30.88 54.56
C VAL B 147 17.44 30.98 55.64
N LYS B 148 16.55 31.95 55.55
CA LYS B 148 15.55 32.04 56.60
C LYS B 148 14.13 32.07 56.12
N GLY B 149 13.23 31.73 57.03
CA GLY B 149 11.80 31.68 56.77
C GLY B 149 11.28 30.67 55.75
N TYR B 150 11.64 29.39 55.85
CA TYR B 150 11.16 28.44 54.87
C TYR B 150 10.44 27.24 55.47
N PHE B 151 9.64 26.55 54.65
CA PHE B 151 8.91 25.35 55.05
C PHE B 151 8.40 24.59 53.85
N PRO B 152 8.54 23.27 53.86
CA PRO B 152 9.15 22.42 54.87
C PRO B 152 10.67 22.18 54.59
N GLU B 153 11.31 21.32 55.38
CA GLU B 153 12.72 20.96 55.16
C GLU B 153 12.66 19.91 54.08
N PRO B 154 13.76 19.67 53.36
CA PRO B 154 15.07 20.27 53.41
C PRO B 154 15.33 21.39 52.40
N VAL B 155 16.52 21.97 52.54
CA VAL B 155 17.04 23.02 51.69
C VAL B 155 18.42 22.48 51.42
N THR B 156 18.89 22.56 50.19
CA THR B 156 20.22 22.09 49.85
C THR B 156 21.07 23.33 49.69
N LEU B 157 22.23 23.34 50.32
CA LEU B 157 23.10 24.51 50.25
C LEU B 157 24.51 24.08 49.90
N THR B 158 25.13 24.78 48.95
CA THR B 158 26.50 24.47 48.53
C THR B 158 27.24 25.76 48.28
N TRP B 159 28.57 25.67 48.20
CA TRP B 159 29.39 26.85 47.95
C TRP B 159 30.09 26.67 46.62
N ASN B 160 29.88 27.61 45.73
CA ASN B 160 30.48 27.53 44.41
C ASN B 160 30.13 26.17 43.81
N SER B 161 28.83 25.95 43.69
CA SER B 161 28.25 24.73 43.13
C SER B 161 28.87 23.44 43.63
N GLY B 162 29.38 23.47 44.86
CA GLY B 162 29.99 22.29 45.44
C GLY B 162 31.50 22.23 45.34
N SER B 163 32.10 23.06 44.48
CA SER B 163 33.55 23.09 44.33
C SER B 163 34.18 23.44 45.67
N LEU B 164 33.53 24.33 46.41
CA LEU B 164 34.03 24.75 47.72
C LEU B 164 33.36 23.86 48.80
N SER B 165 34.14 22.91 49.27
CA SER B 165 33.67 21.93 50.25
C SER B 165 34.47 21.87 51.55
N SER B 166 35.70 22.39 51.53
CA SER B 166 36.50 22.39 52.74
C SER B 166 36.22 23.66 53.53
N GLY B 167 36.13 23.52 54.84
CA GLY B 167 35.91 24.67 55.69
C GLY B 167 34.47 25.13 55.89
N VAL B 168 33.55 24.47 55.21
CA VAL B 168 32.14 24.85 55.33
C VAL B 168 31.39 24.11 56.43
N HIS B 169 30.59 24.86 57.18
CA HIS B 169 29.77 24.29 58.23
C HIS B 169 28.39 24.75 57.86
N THR B 170 27.45 23.82 57.85
CA THR B 170 26.08 24.13 57.56
C THR B 170 25.39 23.72 58.82
N PHE B 171 24.90 24.69 59.57
CA PHE B 171 24.25 24.37 60.82
C PHE B 171 22.85 23.89 60.47
N PRO B 172 22.37 22.85 61.17
CA PRO B 172 21.04 22.27 60.96
C PRO B 172 19.91 23.28 61.11
N ALA B 173 18.85 23.09 60.32
CA ALA B 173 17.70 23.98 60.37
C ALA B 173 17.09 24.03 61.76
N VAL B 174 16.58 25.17 62.15
CA VAL B 174 15.92 25.31 63.44
C VAL B 174 14.54 25.90 63.15
N LEU B 175 13.50 25.18 63.56
CA LEU B 175 12.12 25.61 63.37
C LEU B 175 11.70 26.59 64.45
N GLN B 176 11.29 27.77 64.02
CA GLN B 176 10.81 28.78 64.95
C GLN B 176 9.45 29.17 64.38
N SER B 177 8.41 29.04 65.20
CA SER B 177 7.04 29.32 64.78
C SER B 177 6.72 28.10 63.92
N ASP B 178 6.66 28.28 62.61
CA ASP B 178 6.43 27.16 61.72
C ASP B 178 7.21 27.36 60.45
N LEU B 179 8.39 27.95 60.62
CA LEU B 179 9.34 28.23 59.53
C LEU B 179 10.75 27.84 59.98
N TYR B 180 11.62 27.55 59.03
CA TYR B 180 12.97 27.16 59.36
C TYR B 180 14.01 28.21 58.95
N THR B 181 15.11 28.24 59.67
CA THR B 181 16.22 29.11 59.36
C THR B 181 17.42 28.19 59.39
N LEU B 182 18.31 28.38 58.43
CA LEU B 182 19.50 27.59 58.32
C LEU B 182 20.60 28.53 57.87
N SER B 183 21.83 28.25 58.27
CA SER B 183 22.96 29.08 57.86
C SER B 183 24.17 28.22 57.59
N SER B 184 25.06 28.75 56.76
CA SER B 184 26.27 28.02 56.43
C SER B 184 27.38 29.04 56.47
N SER B 185 28.54 28.64 57.02
CA SER B 185 29.71 29.50 57.09
C SER B 185 30.77 28.79 56.25
N VAL B 186 31.63 29.54 55.54
CA VAL B 186 32.72 28.93 54.78
C VAL B 186 33.96 29.74 55.03
N THR B 187 35.07 29.06 55.32
CA THR B 187 36.35 29.72 55.62
C THR B 187 37.39 29.54 54.51
N VAL B 188 37.78 30.66 53.94
CA VAL B 188 38.72 30.68 52.84
C VAL B 188 39.94 31.44 53.30
N THR B 189 40.95 31.50 52.44
CA THR B 189 42.18 32.22 52.75
C THR B 189 41.94 33.68 52.43
N SER B 190 42.60 34.54 53.18
CA SER B 190 42.49 35.98 52.98
C SER B 190 42.80 36.33 51.52
N SER B 191 43.53 35.42 50.87
CA SER B 191 43.93 35.57 49.48
C SER B 191 42.84 35.19 48.49
N THR B 192 41.96 34.28 48.88
CA THR B 192 40.88 33.85 48.00
C THR B 192 39.80 34.93 47.77
N TRP B 193 39.20 35.39 48.86
CA TRP B 193 38.15 36.42 48.80
C TRP B 193 38.77 37.80 49.06
N PRO B 194 38.29 38.85 48.36
CA PRO B 194 37.24 38.90 47.35
C PRO B 194 37.65 38.53 45.93
N SER B 195 38.93 38.21 45.71
CA SER B 195 39.41 37.84 44.38
C SER B 195 38.57 36.73 43.73
N GLN B 196 38.69 35.51 44.24
CA GLN B 196 37.88 34.40 43.74
C GLN B 196 36.45 34.60 44.22
N SER B 197 35.51 34.63 43.27
CA SER B 197 34.09 34.82 43.56
C SER B 197 33.48 33.64 44.30
N ILE B 198 32.98 33.90 45.49
CA ILE B 198 32.37 32.86 46.31
C ILE B 198 30.87 33.11 46.27
N THR B 199 30.14 32.04 46.00
CA THR B 199 28.71 32.11 45.88
C THR B 199 28.06 31.13 46.81
N CYS B 200 26.85 31.45 47.23
CA CYS B 200 26.09 30.59 48.10
C CYS B 200 24.96 30.04 47.24
N ASN B 201 24.91 28.73 47.06
CA ASN B 201 23.87 28.15 46.23
C ASN B 201 22.87 27.48 47.15
N VAL B 202 21.62 27.93 47.10
CA VAL B 202 20.56 27.35 47.94
C VAL B 202 19.43 26.83 47.06
N ALA B 203 18.90 25.67 47.44
CA ALA B 203 17.81 25.01 46.73
C ALA B 203 16.74 24.48 47.71
N HIS B 204 15.51 24.96 47.58
CA HIS B 204 14.40 24.47 48.42
C HIS B 204 13.44 23.81 47.46
N PRO B 205 13.70 22.54 47.13
CA PRO B 205 12.94 21.70 46.21
C PRO B 205 11.44 21.85 46.37
N ALA B 206 11.00 21.76 47.63
CA ALA B 206 9.60 21.86 48.00
C ALA B 206 8.85 23.08 47.50
N SER B 207 9.54 24.01 46.82
CA SER B 207 8.90 25.22 46.33
C SER B 207 9.57 25.65 45.04
N SER B 208 10.38 24.78 44.48
CA SER B 208 11.05 25.07 43.22
C SER B 208 11.92 26.32 43.31
N THR B 209 12.41 26.61 44.51
CA THR B 209 13.25 27.77 44.76
C THR B 209 14.72 27.42 44.59
N LYS B 210 15.44 28.21 43.80
CA LYS B 210 16.86 27.94 43.63
C LYS B 210 17.51 29.29 43.48
N VAL B 211 18.36 29.65 44.43
CA VAL B 211 19.04 30.94 44.35
C VAL B 211 20.53 30.82 44.57
N ASP B 212 21.27 31.67 43.87
CA ASP B 212 22.71 31.72 44.00
C ASP B 212 22.98 33.14 44.48
N LYS B 213 23.69 33.26 45.59
CA LYS B 213 23.97 34.57 46.16
C LYS B 213 25.47 34.76 46.32
N LYS B 214 26.05 35.70 45.57
CA LYS B 214 27.48 35.97 45.60
C LYS B 214 27.81 36.87 46.77
N ILE B 215 28.77 36.45 47.57
CA ILE B 215 29.17 37.21 48.74
C ILE B 215 30.13 38.28 48.26
N GLU B 216 29.79 39.54 48.52
CA GLU B 216 30.63 40.65 48.11
C GLU B 216 31.02 41.52 49.28
N PRO B 217 32.18 42.16 49.19
CA PRO B 217 32.74 43.05 50.20
C PRO B 217 31.82 44.10 50.78
N ARG B 218 32.00 44.26 52.10
CA ARG B 218 31.33 45.15 53.03
C ARG B 218 30.95 44.27 54.22
N GLY B 219 29.75 44.39 54.78
CA GLY B 219 29.41 43.53 55.90
C GLY B 219 27.97 43.15 56.14
N GLN C 1 17.78 37.85 12.70
CA GLN C 1 16.34 37.49 12.41
C GLN C 1 16.05 37.53 10.91
N ILE C 2 17.06 37.09 10.15
CA ILE C 2 17.03 36.99 8.71
C ILE C 2 16.64 35.52 8.54
N GLN C 3 15.75 35.22 7.62
CA GLN C 3 15.37 33.86 7.44
C GLN C 3 16.28 33.23 6.39
N MET C 4 16.87 32.08 6.77
CA MET C 4 17.78 31.30 5.91
C MET C 4 17.02 30.11 5.32
N THR C 5 17.05 29.97 4.01
CA THR C 5 16.31 28.90 3.39
C THR C 5 17.29 27.94 2.82
N GLN C 6 17.31 26.73 3.38
CA GLN C 6 18.23 25.69 2.92
C GLN C 6 17.58 24.61 2.08
N SER C 7 18.29 24.17 1.06
CA SER C 7 17.79 23.14 0.17
C SER C 7 18.95 22.27 -0.30
N PRO C 8 18.74 20.94 -0.46
CA PRO C 8 17.51 20.18 -0.24
C PRO C 8 17.35 19.82 1.24
N SER C 9 16.16 19.42 1.65
CA SER C 9 15.93 19.07 3.04
C SER C 9 16.66 17.78 3.34
N SER C 10 16.81 16.97 2.31
CA SER C 10 17.50 15.72 2.46
C SER C 10 17.86 15.20 1.09
N LEU C 11 18.77 14.23 1.05
CA LEU C 11 19.17 13.61 -0.20
C LEU C 11 19.99 12.36 0.05
N SER C 12 19.95 11.42 -0.88
CA SER C 12 20.76 10.22 -0.78
C SER C 12 21.72 10.38 -1.92
N ALA C 13 22.99 10.11 -1.68
CA ALA C 13 23.98 10.23 -2.72
C ALA C 13 24.95 9.11 -2.58
N SER C 14 25.44 8.65 -3.72
CA SER C 14 26.44 7.59 -3.73
C SER C 14 27.75 8.29 -3.37
N LEU C 15 28.66 7.57 -2.74
CA LEU C 15 29.95 8.16 -2.40
C LEU C 15 30.56 8.51 -3.77
N GLY C 16 31.47 9.48 -3.79
CA GLY C 16 32.06 9.85 -5.06
C GLY C 16 31.24 10.86 -5.84
N GLU C 17 29.98 11.07 -5.47
CA GLU C 17 29.12 12.04 -6.14
C GLU C 17 29.35 13.41 -5.61
N ARG C 18 28.91 14.37 -6.41
CA ARG C 18 29.02 15.80 -6.09
C ARG C 18 27.68 16.20 -5.45
N VAL C 19 27.74 17.05 -4.42
CA VAL C 19 26.54 17.48 -3.74
C VAL C 19 26.62 19.00 -3.65
N SER C 20 25.50 19.69 -3.80
CA SER C 20 25.50 21.14 -3.65
C SER C 20 24.33 21.47 -2.74
N LEU C 21 24.61 22.10 -1.61
CA LEU C 21 23.58 22.51 -0.66
C LEU C 21 23.46 24.01 -0.89
N THR C 22 22.26 24.57 -0.78
CA THR C 22 22.07 25.98 -1.07
C THR C 22 21.26 26.71 0.00
N CYS C 23 21.71 27.92 0.32
CA CYS C 23 21.08 28.78 1.29
C CYS C 23 20.75 30.15 0.72
N ARG C 24 19.51 30.57 0.93
CA ARG C 24 19.04 31.87 0.48
C ARG C 24 18.54 32.71 1.67
N ALA C 25 19.18 33.85 1.88
CA ALA C 25 18.85 34.76 2.99
C ALA C 25 17.69 35.71 2.67
N SER C 26 16.86 35.98 3.68
CA SER C 26 15.70 36.85 3.52
C SER C 26 16.09 38.30 3.25
N GLN C 27 17.33 38.64 3.56
CA GLN C 27 17.80 39.98 3.30
C GLN C 27 19.31 39.89 3.31
N GLU C 28 19.98 40.93 2.82
CA GLU C 28 21.43 40.93 2.69
C GLU C 28 22.23 40.61 3.97
N ILE C 29 23.24 39.76 3.83
CA ILE C 29 24.07 39.38 4.97
C ILE C 29 25.54 39.56 4.65
N SER C 30 25.84 40.01 3.44
CA SER C 30 27.24 40.29 3.05
C SER C 30 28.28 39.17 3.25
N GLY C 31 27.90 37.92 2.98
CA GLY C 31 28.87 36.84 3.09
C GLY C 31 29.14 36.30 4.46
N TYR C 32 28.46 36.83 5.47
CA TYR C 32 28.60 36.34 6.84
C TYR C 32 27.68 35.13 6.98
N LEU C 33 28.11 34.05 6.35
CA LEU C 33 27.35 32.84 6.32
C LEU C 33 28.38 31.75 6.52
N SER C 34 28.05 30.77 7.37
CA SER C 34 28.95 29.64 7.64
C SER C 34 28.21 28.37 7.30
N TRP C 35 28.96 27.31 7.12
CA TRP C 35 28.41 26.01 6.84
C TRP C 35 29.05 25.08 7.85
N LEU C 36 28.21 24.48 8.67
CA LEU C 36 28.66 23.54 9.68
C LEU C 36 28.07 22.19 9.33
N GLN C 37 28.67 21.13 9.86
CA GLN C 37 28.15 19.77 9.70
C GLN C 37 27.97 19.23 11.11
N GLN C 38 26.81 18.62 11.34
CA GLN C 38 26.55 18.03 12.64
C GLN C 38 26.69 16.55 12.46
N LYS C 39 27.79 16.07 12.98
CA LYS C 39 28.16 14.68 12.92
C LYS C 39 27.17 13.84 13.74
N PRO C 40 27.06 12.55 13.40
CA PRO C 40 26.16 11.59 14.07
C PRO C 40 26.18 11.57 15.62
N ASP C 41 27.27 12.04 16.23
CA ASP C 41 27.39 12.03 17.69
C ASP C 41 26.97 13.31 18.36
N GLY C 42 26.35 14.21 17.60
CA GLY C 42 25.90 15.48 18.17
C GLY C 42 26.91 16.61 18.06
N THR C 43 28.11 16.28 17.57
CA THR C 43 29.20 17.24 17.39
C THR C 43 28.93 18.22 16.23
N ILE C 44 28.87 19.51 16.55
CA ILE C 44 28.70 20.56 15.53
C ILE C 44 30.12 20.99 15.16
N LYS C 45 30.43 21.04 13.86
CA LYS C 45 31.77 21.40 13.43
C LYS C 45 31.75 22.30 12.21
N ARG C 46 32.27 23.52 12.34
CA ARG C 46 32.28 24.49 11.22
C ARG C 46 33.29 24.09 10.14
N LEU C 47 32.85 24.24 8.89
CA LEU C 47 33.65 23.87 7.75
C LEU C 47 34.12 25.08 6.96
N ILE C 48 33.21 26.04 6.82
CA ILE C 48 33.43 27.27 6.05
C ILE C 48 32.88 28.52 6.73
N TYR C 49 33.65 29.59 6.71
CA TYR C 49 33.17 30.84 7.26
C TYR C 49 33.36 31.92 6.21
N ALA C 50 32.65 33.03 6.40
CA ALA C 50 32.70 34.15 5.45
C ALA C 50 32.35 33.60 4.07
N ALA C 51 31.25 32.85 4.01
CA ALA C 51 30.74 32.26 2.79
C ALA C 51 31.64 31.25 2.05
N SER C 52 32.93 31.48 1.98
CA SER C 52 33.77 30.56 1.23
C SER C 52 35.15 30.28 1.77
N THR C 53 35.39 30.68 3.02
CA THR C 53 36.68 30.43 3.64
C THR C 53 36.65 29.13 4.47
N LEU C 54 37.38 28.12 4.03
CA LEU C 54 37.45 26.85 4.75
C LEU C 54 38.14 27.08 6.06
N ASP C 55 37.71 26.41 7.10
CA ASP C 55 38.41 26.55 8.35
C ASP C 55 39.60 25.63 8.14
N SER C 56 40.59 25.69 9.01
CA SER C 56 41.75 24.83 8.86
C SER C 56 41.41 23.35 9.09
N GLY C 57 42.10 22.47 8.36
CA GLY C 57 41.87 21.05 8.51
C GLY C 57 40.61 20.58 7.80
N VAL C 58 39.86 21.50 7.21
CA VAL C 58 38.66 21.12 6.51
C VAL C 58 39.11 20.70 5.12
N PRO C 59 38.82 19.46 4.71
CA PRO C 59 39.19 18.90 3.41
C PRO C 59 38.99 19.85 2.26
N LYS C 60 39.87 19.76 1.27
CA LYS C 60 39.75 20.61 0.09
C LYS C 60 38.55 20.29 -0.82
N ARG C 61 37.77 19.27 -0.50
CA ARG C 61 36.63 18.93 -1.34
C ARG C 61 35.35 19.68 -0.98
N PHE C 62 35.43 20.54 0.02
CA PHE C 62 34.32 21.37 0.46
C PHE C 62 34.71 22.76 0.03
N SER C 63 33.77 23.53 -0.51
CA SER C 63 34.02 24.90 -0.97
C SER C 63 32.71 25.64 -0.95
N GLY C 64 32.76 26.94 -0.68
CA GLY C 64 31.57 27.75 -0.71
C GLY C 64 31.63 28.68 -1.91
N SER C 65 30.50 29.29 -2.24
CA SER C 65 30.41 30.26 -3.33
C SER C 65 29.19 31.14 -3.08
N ARG C 66 29.14 32.29 -3.73
CA ARG C 66 28.01 33.19 -3.59
C ARG C 66 27.51 33.52 -4.98
N SER C 67 26.23 33.26 -5.22
CA SER C 67 25.67 33.57 -6.51
C SER C 67 24.48 34.42 -6.13
N GLY C 68 24.77 35.70 -5.99
CA GLY C 68 23.75 36.67 -5.65
C GLY C 68 23.11 36.36 -4.31
N SER C 69 21.87 35.89 -4.33
CA SER C 69 21.14 35.54 -3.13
C SER C 69 21.56 34.16 -2.65
N ASP C 70 21.97 33.30 -3.57
CA ASP C 70 22.35 31.94 -3.25
C ASP C 70 23.72 31.82 -2.63
N TYR C 71 23.81 31.02 -1.57
CA TYR C 71 25.08 30.71 -0.94
C TYR C 71 25.18 29.19 -1.13
N SER C 72 26.26 28.74 -1.77
CA SER C 72 26.44 27.34 -2.12
C SER C 72 27.59 26.52 -1.57
N LEU C 73 27.27 25.42 -0.89
CA LEU C 73 28.30 24.53 -0.38
C LEU C 73 28.40 23.43 -1.40
N THR C 74 29.59 23.20 -1.91
CA THR C 74 29.78 22.11 -2.84
C THR C 74 30.71 21.05 -2.20
N ILE C 75 30.37 19.79 -2.36
CA ILE C 75 31.18 18.71 -1.85
C ILE C 75 31.48 17.91 -3.10
N SER C 76 32.53 18.23 -3.84
CA SER C 76 32.82 17.43 -5.02
C SER C 76 33.27 16.06 -4.45
N SER C 77 32.67 14.98 -4.92
CA SER C 77 33.02 13.63 -4.45
C SER C 77 32.78 13.35 -2.99
N LEU C 78 31.65 12.72 -2.70
CA LEU C 78 31.29 12.36 -1.33
C LEU C 78 32.21 11.28 -0.76
N GLU C 79 32.60 11.46 0.50
CA GLU C 79 33.43 10.52 1.23
C GLU C 79 32.55 10.02 2.35
N SER C 80 32.74 8.77 2.72
CA SER C 80 31.96 8.14 3.77
C SER C 80 31.97 8.98 5.04
N GLU C 81 33.12 9.63 5.30
CA GLU C 81 33.30 10.49 6.48
C GLU C 81 32.45 11.77 6.47
N ASP C 82 31.83 12.06 5.34
CA ASP C 82 30.99 13.23 5.18
C ASP C 82 29.54 12.97 5.60
N PHE C 83 29.27 11.71 5.99
CA PHE C 83 27.96 11.33 6.46
C PHE C 83 27.57 12.24 7.66
N ALA C 84 26.72 13.25 7.38
CA ALA C 84 26.28 14.18 8.40
C ALA C 84 25.10 15.05 7.92
N ASP C 85 24.62 15.91 8.80
CA ASP C 85 23.56 16.81 8.47
C ASP C 85 24.36 18.07 8.28
N TYR C 86 23.95 18.91 7.35
CA TYR C 86 24.67 20.15 7.17
C TYR C 86 23.66 21.25 7.37
N TYR C 87 24.12 22.33 7.99
CA TYR C 87 23.27 23.50 8.22
C TYR C 87 24.09 24.71 7.76
N CYS C 88 23.43 25.83 7.49
CA CYS C 88 24.17 27.02 7.13
C CYS C 88 23.77 28.01 8.20
N LEU C 89 24.63 28.97 8.52
CA LEU C 89 24.32 29.97 9.56
C LEU C 89 24.68 31.38 9.11
N GLN C 90 23.80 32.32 9.41
CA GLN C 90 24.02 33.73 9.09
C GLN C 90 24.46 34.36 10.38
N TYR C 91 25.60 35.04 10.35
CA TYR C 91 26.08 35.71 11.57
C TYR C 91 26.25 37.18 11.28
N ALA C 92 25.36 37.70 10.46
CA ALA C 92 25.41 39.09 10.10
C ALA C 92 24.57 39.92 11.06
N SER C 93 23.41 39.41 11.45
CA SER C 93 22.53 40.18 12.31
C SER C 93 22.46 39.59 13.71
N SER C 94 22.40 40.47 14.68
CA SER C 94 22.39 40.16 16.10
C SER C 94 21.70 38.90 16.59
N PRO C 95 20.61 38.47 15.89
CA PRO C 95 19.89 37.22 16.24
C PRO C 95 20.25 36.27 15.09
N TYR C 96 21.25 35.41 15.33
CA TYR C 96 21.73 34.48 14.30
C TYR C 96 20.72 33.41 13.98
N THR C 97 20.69 33.01 12.72
CA THR C 97 19.75 32.00 12.33
C THR C 97 20.42 30.93 11.47
N PHE C 98 19.99 29.69 11.66
CA PHE C 98 20.51 28.55 10.90
C PHE C 98 19.53 28.26 9.78
N GLY C 99 20.00 27.49 8.82
CA GLY C 99 19.16 27.06 7.72
C GLY C 99 18.50 25.80 8.27
N GLY C 100 17.43 25.40 7.59
CA GLY C 100 16.67 24.22 7.99
C GLY C 100 17.45 22.92 8.02
N GLY C 101 18.57 22.89 7.33
CA GLY C 101 19.41 21.70 7.31
C GLY C 101 19.22 20.81 6.12
N THR C 102 20.06 19.79 6.03
CA THR C 102 19.99 18.84 4.94
C THR C 102 20.39 17.51 5.52
N LYS C 103 19.47 16.57 5.55
CA LYS C 103 19.76 15.26 6.09
C LYS C 103 20.36 14.50 4.94
N LEU C 104 21.64 14.17 5.02
CA LEU C 104 22.28 13.41 3.96
C LEU C 104 22.31 11.90 4.29
N GLU C 105 21.82 11.12 3.33
CA GLU C 105 21.79 9.67 3.44
C GLU C 105 22.69 9.15 2.34
N ILE C 106 23.58 8.23 2.70
CA ILE C 106 24.48 7.67 1.74
C ILE C 106 23.86 6.47 1.06
N LEU C 107 23.63 6.64 -0.25
CA LEU C 107 23.05 5.64 -1.14
C LEU C 107 23.92 4.42 -1.15
N ARG C 108 23.30 3.26 -1.08
CA ARG C 108 24.02 1.99 -0.95
C ARG C 108 23.40 0.75 -1.65
N GLY C 109 24.18 -0.33 -1.71
CA GLY C 109 23.70 -1.54 -2.33
C GLY C 109 22.59 -2.13 -1.51
N GLY C 110 21.69 -2.86 -2.17
CA GLY C 110 20.58 -3.53 -1.48
C GLY C 110 21.12 -4.45 -0.38
N ALA C 111 20.41 -4.51 0.75
CA ALA C 111 20.80 -5.34 1.90
C ALA C 111 19.52 -5.94 2.49
N ALA C 112 19.44 -7.27 2.57
CA ALA C 112 18.24 -7.90 3.15
C ALA C 112 18.33 -7.91 4.67
N PRO C 113 17.19 -7.67 5.33
CA PRO C 113 17.20 -7.66 6.80
C PRO C 113 17.42 -9.07 7.44
N THR C 114 18.04 -9.08 8.61
CA THR C 114 18.28 -10.31 9.34
C THR C 114 17.22 -10.30 10.46
N VAL C 115 16.16 -11.07 10.26
CA VAL C 115 15.04 -11.15 11.19
C VAL C 115 15.23 -12.12 12.32
N SER C 116 14.83 -11.70 13.53
CA SER C 116 14.89 -12.50 14.79
C SER C 116 13.66 -12.17 15.62
N ILE C 117 13.10 -13.20 16.24
CA ILE C 117 11.92 -13.05 17.09
C ILE C 117 12.27 -13.51 18.52
N PHE C 118 11.66 -12.85 19.51
CA PHE C 118 11.92 -13.12 20.93
C PHE C 118 10.63 -13.15 21.69
N PRO C 119 10.26 -14.33 22.23
CA PRO C 119 9.03 -14.53 23.00
C PRO C 119 9.14 -13.73 24.27
N PRO C 120 8.04 -13.53 25.01
CA PRO C 120 8.09 -12.76 26.25
C PRO C 120 8.93 -13.42 27.34
N SER C 121 9.66 -12.60 28.09
CA SER C 121 10.45 -13.10 29.18
C SER C 121 9.51 -13.52 30.31
N SER C 122 9.96 -14.44 31.14
CA SER C 122 9.17 -14.89 32.27
C SER C 122 8.92 -13.72 33.20
N GLU C 123 9.93 -12.87 33.41
CA GLU C 123 9.77 -11.71 34.27
C GLU C 123 8.61 -10.79 33.89
N GLN C 124 8.42 -10.56 32.59
CA GLN C 124 7.34 -9.70 32.15
C GLN C 124 5.99 -10.42 32.27
N LEU C 125 6.00 -11.72 31.99
CA LEU C 125 4.80 -12.53 32.10
C LEU C 125 4.31 -12.51 33.53
N THR C 126 5.19 -12.69 34.50
CA THR C 126 4.75 -12.66 35.89
C THR C 126 4.18 -11.27 36.22
N SER C 127 4.62 -10.25 35.50
CA SER C 127 4.13 -8.89 35.71
C SER C 127 2.77 -8.69 35.06
N GLY C 128 2.32 -9.66 34.26
CA GLY C 128 1.02 -9.54 33.63
C GLY C 128 1.07 -9.06 32.18
N GLY C 129 2.27 -8.97 31.65
CA GLY C 129 2.39 -8.50 30.28
C GLY C 129 3.11 -9.53 29.43
N ALA C 130 3.04 -9.32 28.12
CA ALA C 130 3.66 -10.19 27.12
C ALA C 130 4.07 -9.39 25.89
N SER C 131 5.36 -9.06 25.82
CA SER C 131 5.88 -8.34 24.68
C SER C 131 6.68 -9.32 23.84
N VAL C 132 6.27 -9.49 22.59
CA VAL C 132 6.99 -10.33 21.65
C VAL C 132 7.79 -9.30 20.82
N VAL C 133 9.08 -9.49 20.73
CA VAL C 133 9.93 -8.56 19.99
C VAL C 133 10.47 -9.18 18.70
N CYS C 134 10.73 -8.33 17.71
CA CYS C 134 11.29 -8.80 16.46
C CYS C 134 12.31 -7.77 15.99
N PHE C 135 13.53 -8.19 15.70
CA PHE C 135 14.56 -7.26 15.24
C PHE C 135 14.88 -7.51 13.76
N LEU C 136 14.64 -6.53 12.88
CA LEU C 136 14.97 -6.69 11.45
C LEU C 136 16.29 -5.95 11.38
N ASN C 137 17.40 -6.65 11.22
CA ASN C 137 18.68 -5.95 11.21
C ASN C 137 19.45 -5.83 9.92
N ASN C 138 20.25 -4.77 9.86
CA ASN C 138 21.14 -4.43 8.76
C ASN C 138 20.64 -4.61 7.35
N PHE C 139 19.60 -3.85 7.00
CA PHE C 139 19.02 -3.90 5.66
C PHE C 139 19.15 -2.53 4.98
N TYR C 140 18.75 -2.47 3.72
CA TYR C 140 18.81 -1.25 2.93
C TYR C 140 18.08 -1.54 1.62
N PRO C 141 17.17 -0.64 1.17
CA PRO C 141 16.75 0.65 1.72
C PRO C 141 15.98 0.57 3.02
N LYS C 142 15.69 1.76 3.57
CA LYS C 142 15.03 1.91 4.84
C LYS C 142 13.63 1.38 4.78
N ASP C 143 13.06 1.44 3.59
CA ASP C 143 11.69 0.97 3.36
C ASP C 143 11.56 -0.54 3.62
N ILE C 144 10.70 -0.89 4.58
CA ILE C 144 10.47 -2.27 4.95
C ILE C 144 9.10 -2.29 5.58
N ASN C 145 8.44 -3.43 5.50
CA ASN C 145 7.11 -3.62 6.06
C ASN C 145 7.02 -4.85 6.96
N VAL C 146 6.64 -4.62 8.21
CA VAL C 146 6.53 -5.68 9.22
C VAL C 146 5.09 -5.91 9.57
N LYS C 147 4.67 -7.17 9.49
CA LYS C 147 3.30 -7.55 9.83
C LYS C 147 3.37 -8.52 11.00
N TRP C 148 2.46 -8.33 11.91
CA TRP C 148 2.40 -9.20 13.04
C TRP C 148 1.16 -10.08 12.87
N LYS C 149 1.27 -11.35 13.19
CA LYS C 149 0.16 -12.27 13.08
C LYS C 149 0.06 -13.20 14.28
N ILE C 150 -1.05 -13.11 14.99
CA ILE C 150 -1.30 -14.00 16.11
C ILE C 150 -2.06 -15.16 15.45
N ASP C 151 -1.58 -16.37 15.68
CA ASP C 151 -2.15 -17.56 15.03
C ASP C 151 -2.21 -17.25 13.54
N GLY C 152 -3.40 -17.24 12.97
CA GLY C 152 -3.45 -16.92 11.57
C GLY C 152 -3.48 -15.42 11.33
N SER C 153 -4.42 -14.76 12.01
CA SER C 153 -4.69 -13.34 11.90
C SER C 153 -3.55 -12.38 12.13
N GLU C 154 -3.60 -11.30 11.35
CA GLU C 154 -2.65 -10.20 11.38
C GLU C 154 -3.08 -9.18 12.44
N ARG C 155 -2.23 -8.94 13.42
CA ARG C 155 -2.54 -8.00 14.49
C ARG C 155 -1.97 -6.66 14.11
N GLN C 156 -2.76 -5.61 14.33
CA GLN C 156 -2.33 -4.25 14.00
C GLN C 156 -2.28 -3.37 15.23
N ASN C 157 -2.97 -3.77 16.27
CA ASN C 157 -2.97 -3.01 17.51
C ASN C 157 -1.85 -3.47 18.42
N GLY C 158 -1.23 -2.52 19.11
CA GLY C 158 -0.16 -2.84 20.04
C GLY C 158 1.25 -2.97 19.53
N VAL C 159 1.42 -2.71 18.23
CA VAL C 159 2.74 -2.75 17.61
C VAL C 159 3.40 -1.39 17.78
N LEU C 160 4.67 -1.40 18.14
CA LEU C 160 5.45 -0.19 18.40
C LEU C 160 6.81 -0.35 17.69
N ASN C 161 6.97 0.33 16.55
CA ASN C 161 8.21 0.25 15.76
C ASN C 161 9.19 1.39 15.94
N SER C 162 10.46 1.06 15.72
CA SER C 162 11.50 2.05 15.84
C SER C 162 12.58 1.74 14.81
N TRP C 163 12.98 2.77 14.08
CA TRP C 163 14.04 2.62 13.09
C TRP C 163 15.32 3.20 13.63
N THR C 164 16.39 2.70 13.08
CA THR C 164 17.71 3.13 13.43
C THR C 164 18.15 4.12 12.33
N ASP C 165 18.88 5.16 12.73
CA ASP C 165 19.36 6.10 11.71
C ASP C 165 20.35 5.32 10.84
N GLN C 166 20.67 5.82 9.67
CA GLN C 166 21.61 5.08 8.83
C GLN C 166 22.94 4.86 9.56
N ASP C 167 23.37 3.61 9.63
CA ASP C 167 24.64 3.33 10.30
C ASP C 167 25.80 4.00 9.61
N SER C 168 26.51 4.83 10.38
CA SER C 168 27.67 5.56 9.89
C SER C 168 28.80 4.67 9.42
N LYS C 169 28.78 3.38 9.77
CA LYS C 169 29.83 2.48 9.32
C LYS C 169 29.47 1.63 8.11
N ASP C 170 28.26 1.08 8.02
CA ASP C 170 27.94 0.24 6.87
C ASP C 170 26.76 0.69 6.03
N SER C 171 26.21 1.86 6.37
CA SER C 171 25.09 2.44 5.60
C SER C 171 23.83 1.58 5.51
N THR C 172 23.51 0.90 6.59
CA THR C 172 22.35 0.05 6.62
C THR C 172 21.44 0.53 7.73
N TYR C 173 20.20 0.04 7.76
CA TYR C 173 19.31 0.44 8.84
C TYR C 173 18.92 -0.80 9.65
N SER C 174 18.20 -0.57 10.73
CA SER C 174 17.74 -1.64 11.58
C SER C 174 16.42 -1.21 12.16
N MET C 175 15.57 -2.22 12.39
CA MET C 175 14.27 -2.01 12.96
C MET C 175 14.01 -2.95 14.13
N SER C 176 13.12 -2.50 14.99
CA SER C 176 12.72 -3.23 16.14
C SER C 176 11.22 -3.08 16.16
N SER C 177 10.50 -4.20 16.09
CA SER C 177 9.06 -4.20 16.12
C SER C 177 8.60 -4.97 17.36
N THR C 178 7.72 -4.36 18.15
CA THR C 178 7.25 -5.00 19.36
C THR C 178 5.73 -5.06 19.42
N LEU C 179 5.19 -6.25 19.72
CA LEU C 179 3.76 -6.42 19.87
C LEU C 179 3.55 -6.60 21.36
N THR C 180 2.69 -5.78 21.95
CA THR C 180 2.48 -5.92 23.38
C THR C 180 1.05 -6.31 23.74
N LEU C 181 0.92 -7.47 24.39
CA LEU C 181 -0.40 -7.93 24.79
C LEU C 181 -0.38 -8.16 26.27
N THR C 182 -1.54 -8.47 26.82
CA THR C 182 -1.62 -8.79 28.23
C THR C 182 -1.25 -10.28 28.27
N LYS C 183 -0.84 -10.77 29.43
CA LYS C 183 -0.47 -12.19 29.59
C LYS C 183 -1.64 -13.13 29.18
N ASP C 184 -2.87 -12.69 29.48
CA ASP C 184 -4.09 -13.44 29.19
C ASP C 184 -4.32 -13.65 27.71
N GLU C 185 -4.05 -12.63 26.89
CA GLU C 185 -4.25 -12.79 25.44
C GLU C 185 -3.13 -13.65 24.90
N TYR C 186 -1.90 -13.33 25.28
CA TYR C 186 -0.73 -14.08 24.84
C TYR C 186 -0.94 -15.57 25.08
N GLU C 187 -1.24 -15.90 26.31
CA GLU C 187 -1.43 -17.27 26.75
C GLU C 187 -2.50 -18.07 26.01
N ARG C 188 -3.40 -17.40 25.35
CA ARG C 188 -4.42 -18.15 24.67
C ARG C 188 -4.34 -18.15 23.18
N HIS C 189 -3.13 -18.19 22.67
CA HIS C 189 -2.93 -18.25 21.23
C HIS C 189 -1.69 -19.07 21.09
N ASN C 190 -1.37 -19.50 19.88
CA ASN C 190 -0.22 -20.40 19.75
C ASN C 190 1.00 -19.89 19.03
N SER C 191 0.90 -19.70 17.72
CA SER C 191 2.04 -19.18 16.97
C SER C 191 2.00 -17.68 16.91
N TYR C 192 3.16 -17.04 17.00
CA TYR C 192 3.28 -15.58 16.92
C TYR C 192 4.28 -15.38 15.81
N THR C 193 3.80 -14.76 14.75
CA THR C 193 4.58 -14.50 13.55
C THR C 193 4.91 -13.05 13.37
N CYS C 194 6.09 -12.86 12.79
CA CYS C 194 6.60 -11.55 12.48
C CYS C 194 7.11 -11.73 11.07
N GLU C 195 6.39 -11.22 10.08
CA GLU C 195 6.82 -11.33 8.67
C GLU C 195 7.10 -9.96 8.01
N ALA C 196 8.33 -9.79 7.54
CA ALA C 196 8.77 -8.54 6.91
C ALA C 196 8.83 -8.62 5.38
N THR C 197 8.49 -7.52 4.72
CA THR C 197 8.55 -7.46 3.27
C THR C 197 9.51 -6.33 2.98
N HIS C 198 10.50 -6.61 2.13
CA HIS C 198 11.52 -5.64 1.78
C HIS C 198 11.82 -5.75 0.31
N LYS C 199 12.27 -4.65 -0.28
CA LYS C 199 12.60 -4.60 -1.70
C LYS C 199 13.49 -5.76 -2.14
N THR C 200 14.39 -6.19 -1.25
CA THR C 200 15.32 -7.27 -1.55
C THR C 200 14.71 -8.68 -1.73
N SER C 201 13.41 -8.83 -1.48
CA SER C 201 12.80 -10.15 -1.59
C SER C 201 11.36 -10.10 -2.06
N THR C 202 10.98 -11.13 -2.80
CA THR C 202 9.63 -11.27 -3.34
C THR C 202 8.69 -11.84 -2.27
N SER C 203 9.18 -12.84 -1.56
CA SER C 203 8.43 -13.48 -0.50
C SER C 203 8.80 -12.84 0.82
N PRO C 204 7.85 -12.78 1.78
CA PRO C 204 8.04 -12.19 3.11
C PRO C 204 9.04 -12.98 3.95
N ILE C 205 9.87 -12.28 4.72
CA ILE C 205 10.78 -12.97 5.60
C ILE C 205 9.95 -13.23 6.84
N VAL C 206 9.77 -14.51 7.13
CA VAL C 206 8.96 -14.90 8.27
C VAL C 206 9.70 -15.59 9.41
N LYS C 207 9.40 -15.13 10.61
CA LYS C 207 9.95 -15.70 11.82
C LYS C 207 8.75 -15.90 12.76
N SER C 208 8.66 -17.09 13.33
CA SER C 208 7.61 -17.39 14.27
C SER C 208 8.09 -18.37 15.31
N PHE C 209 7.20 -18.63 16.25
CA PHE C 209 7.46 -19.59 17.31
C PHE C 209 6.08 -19.88 17.83
N ASN C 210 5.90 -21.07 18.38
CA ASN C 210 4.61 -21.39 18.96
C ASN C 210 4.92 -21.33 20.41
N ARG C 211 4.08 -20.71 21.20
CA ARG C 211 4.32 -20.74 22.62
C ARG C 211 3.91 -22.19 22.99
N ASN C 212 3.42 -22.42 24.20
CA ASN C 212 3.02 -23.79 24.61
C ASN C 212 4.17 -24.73 24.96
N GLU C 213 4.04 -25.29 26.16
CA GLU C 213 4.97 -26.23 26.79
C GLU C 213 6.13 -25.55 27.52
N CYS C 214 5.80 -24.43 28.19
CA CYS C 214 6.75 -23.63 28.95
C CYS C 214 8.09 -23.34 28.21
N ASP D 1 42.00 17.67 22.77
CA ASP D 1 41.64 18.83 21.92
C ASP D 1 40.63 19.56 22.76
N VAL D 2 40.08 20.66 22.23
CA VAL D 2 39.08 21.39 22.98
C VAL D 2 37.96 20.39 23.19
N LYS D 3 37.48 20.33 24.43
CA LYS D 3 36.41 19.45 24.86
C LYS D 3 35.40 20.38 25.50
N LEU D 4 34.13 20.14 25.22
CA LEU D 4 33.06 20.97 25.76
C LEU D 4 31.93 20.08 26.30
N VAL D 5 31.75 20.13 27.63
CA VAL D 5 30.75 19.28 28.28
C VAL D 5 29.54 19.94 28.92
N GLU D 6 28.42 19.73 28.24
CA GLU D 6 27.11 20.22 28.66
C GLU D 6 26.64 19.29 29.81
N SER D 7 25.83 19.82 30.71
CA SER D 7 25.38 18.98 31.80
C SER D 7 24.33 19.52 32.77
N GLY D 8 23.32 20.21 32.27
CA GLY D 8 22.28 20.68 33.18
C GLY D 8 21.13 19.67 33.24
N GLY D 9 20.45 19.58 32.11
CA GLY D 9 19.33 18.70 31.83
C GLY D 9 18.60 17.80 32.78
N GLY D 10 17.33 17.57 32.45
CA GLY D 10 16.49 16.73 33.25
C GLY D 10 15.04 17.18 33.13
N LEU D 11 14.15 16.44 33.77
CA LEU D 11 12.73 16.80 33.71
C LEU D 11 12.47 18.11 34.42
N VAL D 12 11.54 18.87 33.87
CA VAL D 12 11.18 20.14 34.42
C VAL D 12 9.70 20.35 34.18
N GLN D 13 8.97 20.70 35.24
CA GLN D 13 7.55 20.99 35.17
C GLN D 13 7.42 22.25 34.34
N PRO D 14 6.47 22.30 33.42
CA PRO D 14 6.32 23.52 32.63
C PRO D 14 6.17 24.69 33.58
N GLY D 15 6.76 25.83 33.21
CA GLY D 15 6.77 27.02 34.05
C GLY D 15 8.02 26.99 34.93
N GLY D 16 8.60 25.81 35.08
CA GLY D 16 9.79 25.62 35.89
C GLY D 16 11.07 26.17 35.29
N SER D 17 12.15 26.06 36.07
CA SER D 17 13.43 26.56 35.61
C SER D 17 14.51 25.48 35.71
N ARG D 18 15.67 25.82 35.16
CA ARG D 18 16.83 24.94 35.13
C ARG D 18 18.02 25.83 34.79
N LYS D 19 19.22 25.34 35.07
CA LYS D 19 20.46 26.05 34.78
C LYS D 19 21.39 25.00 34.20
N LEU D 20 21.73 25.17 32.94
CA LEU D 20 22.62 24.23 32.29
C LEU D 20 24.06 24.68 32.41
N SER D 21 24.99 23.73 32.35
CA SER D 21 26.39 24.09 32.44
C SER D 21 27.13 23.48 31.28
N CYS D 22 28.29 24.06 30.99
CA CYS D 22 29.13 23.65 29.90
C CYS D 22 30.57 23.86 30.34
N ALA D 23 31.25 22.75 30.59
CA ALA D 23 32.64 22.81 31.02
C ALA D 23 33.53 22.83 29.77
N ALA D 24 34.19 23.97 29.58
CA ALA D 24 35.07 24.19 28.46
C ALA D 24 36.48 23.83 28.91
N SER D 25 37.23 23.12 28.07
CA SER D 25 38.63 22.76 28.35
C SER D 25 39.36 22.53 27.04
N GLY D 26 40.68 22.57 27.09
CA GLY D 26 41.45 22.38 25.89
C GLY D 26 41.74 23.69 25.19
N PHE D 27 41.33 24.82 25.78
CA PHE D 27 41.59 26.13 25.18
C PHE D 27 41.46 27.27 26.17
N THR D 28 41.87 28.46 25.76
CA THR D 28 41.79 29.65 26.61
C THR D 28 40.37 30.16 26.48
N PHE D 29 39.56 29.72 27.42
CA PHE D 29 38.16 30.03 27.54
C PHE D 29 37.93 31.54 27.47
N SER D 30 38.65 32.25 28.34
CA SER D 30 38.55 33.69 28.48
C SER D 30 38.76 34.55 27.23
N SER D 31 39.29 33.99 26.14
CA SER D 31 39.50 34.80 24.93
C SER D 31 38.38 34.62 23.91
N PHE D 32 37.49 33.65 24.16
CA PHE D 32 36.42 33.37 23.21
C PHE D 32 35.01 33.62 23.68
N GLY D 33 34.17 33.95 22.70
CA GLY D 33 32.76 34.12 22.99
C GLY D 33 32.18 32.69 22.94
N MET D 34 30.97 32.55 23.45
CA MET D 34 30.38 31.24 23.45
C MET D 34 28.95 31.29 22.94
N HIS D 35 28.47 30.12 22.55
CA HIS D 35 27.11 29.97 22.09
C HIS D 35 26.38 28.86 22.84
N TRP D 36 25.07 28.92 22.73
CA TRP D 36 24.18 27.93 23.28
C TRP D 36 23.23 27.73 22.13
N VAL D 37 23.25 26.50 21.65
CA VAL D 37 22.43 26.08 20.55
C VAL D 37 21.55 25.00 21.16
N ARG D 38 20.38 24.79 20.58
CA ARG D 38 19.46 23.75 21.05
C ARG D 38 18.94 23.09 19.79
N GLN D 39 18.34 21.91 19.97
CA GLN D 39 17.72 21.18 18.86
C GLN D 39 16.52 20.33 19.31
N ALA D 40 15.33 20.78 18.93
CA ALA D 40 14.09 20.13 19.29
C ALA D 40 14.04 18.75 18.65
N PRO D 41 13.33 17.79 19.28
CA PRO D 41 13.14 16.39 18.85
C PRO D 41 13.09 16.14 17.34
N GLU D 42 12.03 16.58 16.69
CA GLU D 42 11.93 16.38 15.25
C GLU D 42 12.23 17.66 14.48
N LYS D 43 13.06 18.50 15.06
CA LYS D 43 13.44 19.75 14.43
C LYS D 43 14.96 19.84 14.28
N GLY D 44 15.42 20.89 13.59
CA GLY D 44 16.85 21.06 13.39
C GLY D 44 17.42 21.98 14.46
N LEU D 45 18.71 22.33 14.31
CA LEU D 45 19.46 23.22 15.21
C LEU D 45 18.83 24.62 15.24
N GLU D 46 18.91 25.25 16.41
CA GLU D 46 18.35 26.57 16.61
C GLU D 46 19.28 27.29 17.55
N TRP D 47 19.86 28.39 17.07
CA TRP D 47 20.77 29.20 17.86
C TRP D 47 19.98 29.79 19.05
N VAL D 48 20.58 29.83 20.24
CA VAL D 48 19.91 30.32 21.46
C VAL D 48 20.42 31.67 22.02
N ALA D 49 21.72 31.73 22.31
CA ALA D 49 22.28 32.93 22.89
C ALA D 49 23.77 32.97 22.59
N TYR D 50 24.38 34.14 22.80
CA TYR D 50 25.80 34.34 22.60
C TYR D 50 26.26 35.24 23.71
N ILE D 51 27.52 35.06 24.12
CA ILE D 51 28.13 35.85 25.19
C ILE D 51 29.61 36.05 24.90
N SER D 52 30.04 37.30 24.88
CA SER D 52 31.45 37.62 24.62
C SER D 52 32.28 37.10 25.83
N SER D 53 33.61 36.97 25.70
CA SER D 53 34.40 36.52 26.85
C SER D 53 34.36 37.53 28.01
N GLY D 54 34.07 38.78 27.65
CA GLY D 54 33.98 39.83 28.64
C GLY D 54 32.58 40.00 29.15
N SER D 55 31.69 39.13 28.68
CA SER D 55 30.30 39.15 29.10
C SER D 55 29.69 40.54 28.88
N SER D 56 30.37 41.33 28.05
CA SER D 56 29.92 42.68 27.75
C SER D 56 28.95 42.65 26.57
N THR D 57 29.02 41.61 25.74
CA THR D 57 28.08 41.47 24.64
C THR D 57 27.32 40.16 24.89
N ILE D 58 25.99 40.27 24.85
CA ILE D 58 25.08 39.16 25.03
C ILE D 58 23.94 39.22 24.01
N TYR D 59 23.74 38.14 23.25
CA TYR D 59 22.63 38.07 22.29
C TYR D 59 21.75 36.92 22.73
N TYR D 60 20.42 37.06 22.57
CA TYR D 60 19.45 36.00 22.91
C TYR D 60 18.56 35.80 21.69
N ALA D 61 18.10 34.58 21.47
CA ALA D 61 17.18 34.29 20.38
C ALA D 61 15.83 34.92 20.79
N ASP D 62 15.03 35.35 19.82
CA ASP D 62 13.72 35.97 20.12
C ASP D 62 12.89 35.07 20.99
N THR D 63 13.02 33.77 20.73
CA THR D 63 12.31 32.72 21.44
C THR D 63 12.58 32.65 22.94
N VAL D 64 13.86 32.72 23.31
CA VAL D 64 14.25 32.63 24.71
C VAL D 64 14.49 34.02 25.31
N LYS D 65 14.25 35.06 24.51
CA LYS D 65 14.48 36.40 24.98
C LYS D 65 13.61 36.67 26.18
N GLY D 66 14.25 36.99 27.29
CA GLY D 66 13.50 37.31 28.47
C GLY D 66 13.29 36.19 29.45
N ARG D 67 13.57 34.95 29.05
CA ARG D 67 13.39 33.77 29.91
C ARG D 67 14.72 33.07 30.22
N PHE D 68 15.64 33.15 29.26
CA PHE D 68 16.95 32.57 29.47
C PHE D 68 17.93 33.72 29.75
N THR D 69 19.00 33.40 30.48
CA THR D 69 20.06 34.36 30.80
C THR D 69 21.42 33.67 30.66
N ILE D 70 22.21 34.11 29.70
CA ILE D 70 23.50 33.50 29.51
C ILE D 70 24.50 34.11 30.50
N SER D 71 25.45 33.30 30.92
CA SER D 71 26.47 33.74 31.84
C SER D 71 27.68 32.84 31.66
N ARG D 72 28.80 33.18 32.30
CA ARG D 72 30.02 32.38 32.20
C ARG D 72 30.90 32.71 33.41
N ASP D 73 31.75 31.78 33.80
CA ASP D 73 32.66 31.95 34.91
C ASP D 73 34.02 31.66 34.29
N ASN D 74 34.69 32.74 33.88
CA ASN D 74 35.98 32.62 33.23
C ASN D 74 37.05 31.83 33.97
N PRO D 75 37.34 32.19 35.24
CA PRO D 75 38.38 31.44 35.95
C PRO D 75 37.93 30.02 36.28
N LYS D 76 36.68 29.73 35.96
CA LYS D 76 36.14 28.45 36.24
C LYS D 76 35.84 27.71 34.95
N ASN D 77 36.26 28.27 33.81
CA ASN D 77 36.06 27.65 32.47
C ASN D 77 34.65 27.13 32.20
N THR D 78 33.66 27.78 32.80
CA THR D 78 32.29 27.32 32.69
C THR D 78 31.26 28.29 32.11
N LEU D 79 30.48 27.79 31.15
CA LEU D 79 29.45 28.57 30.52
C LEU D 79 28.19 28.12 31.23
N PHE D 80 27.20 29.01 31.35
CA PHE D 80 25.92 28.71 32.00
C PHE D 80 24.78 29.18 31.17
N LEU D 81 23.62 28.54 31.35
CA LEU D 81 22.37 28.94 30.68
C LEU D 81 21.28 28.80 31.73
N GLN D 82 20.77 29.94 32.20
CA GLN D 82 19.70 29.95 33.19
C GLN D 82 18.31 29.98 32.49
N MET D 83 17.62 28.86 32.54
CA MET D 83 16.34 28.73 31.90
C MET D 83 15.27 29.07 32.91
N THR D 84 14.18 29.63 32.40
CA THR D 84 13.08 30.08 33.23
C THR D 84 11.79 30.14 32.42
N SER D 85 10.64 29.98 33.10
CA SER D 85 9.31 29.97 32.46
C SER D 85 9.35 28.97 31.34
N LEU D 86 9.97 27.82 31.63
CA LEU D 86 10.13 26.78 30.65
C LEU D 86 8.82 26.24 30.08
N ARG D 87 8.70 26.32 28.77
CA ARG D 87 7.53 25.83 28.08
C ARG D 87 7.96 24.57 27.36
N SER D 88 6.98 23.84 26.87
CA SER D 88 7.25 22.60 26.19
C SER D 88 8.15 22.83 25.01
N GLU D 89 7.98 23.96 24.34
CA GLU D 89 8.79 24.28 23.17
C GLU D 89 10.29 24.36 23.50
N ASP D 90 10.61 24.37 24.79
CA ASP D 90 11.98 24.46 25.23
C ASP D 90 12.59 23.06 25.37
N THR D 91 11.74 22.04 25.26
CA THR D 91 12.20 20.66 25.39
C THR D 91 13.06 20.36 24.19
N ALA D 92 14.36 20.19 24.44
CA ALA D 92 15.29 19.92 23.35
C ALA D 92 16.62 19.56 23.93
N MET D 93 17.54 19.20 23.04
CA MET D 93 18.91 18.83 23.36
C MET D 93 19.77 20.10 23.30
N TYR D 94 20.34 20.52 24.43
CA TYR D 94 21.15 21.74 24.47
C TYR D 94 22.65 21.47 24.31
N TYR D 95 23.31 22.36 23.56
CA TYR D 95 24.76 22.27 23.27
C TYR D 95 25.41 23.66 23.37
N CYS D 96 26.59 23.75 23.98
CA CYS D 96 27.29 25.02 24.02
C CYS D 96 28.41 24.87 22.98
N ALA D 97 28.85 25.99 22.45
CA ALA D 97 29.84 25.95 21.40
C ALA D 97 30.65 27.21 21.45
N ARG D 98 31.94 27.06 21.14
CA ARG D 98 32.87 28.20 21.08
C ARG D 98 32.37 29.13 19.98
N GLY D 99 32.66 30.42 20.13
CA GLY D 99 32.24 31.41 19.16
C GLY D 99 32.44 31.05 17.70
N ASP D 100 33.49 30.31 17.39
CA ASP D 100 33.80 29.91 16.01
C ASP D 100 33.34 28.49 15.63
N TYR D 101 32.48 27.90 16.45
CA TYR D 101 31.98 26.55 16.20
C TYR D 101 33.06 25.54 15.90
N TYR D 102 34.14 25.62 16.70
CA TYR D 102 35.27 24.70 16.57
C TYR D 102 34.76 23.30 16.94
N GLY D 103 34.86 22.35 16.02
CA GLY D 103 34.41 20.99 16.28
C GLY D 103 35.11 20.49 17.52
N SER D 104 34.36 20.31 18.60
CA SER D 104 34.92 19.91 19.88
C SER D 104 34.59 18.49 20.35
N ARG D 105 35.52 17.95 21.14
CA ARG D 105 35.35 16.62 21.72
C ARG D 105 34.34 16.81 22.87
N GLY D 106 33.48 15.81 23.07
CA GLY D 106 32.49 15.90 24.14
C GLY D 106 32.85 15.08 25.37
N ALA D 107 31.82 14.60 26.07
CA ALA D 107 32.03 13.80 27.27
C ALA D 107 32.05 12.34 26.87
N TYR D 108 32.61 11.48 27.73
CA TYR D 108 32.68 10.05 27.44
C TYR D 108 31.31 9.49 27.13
N TRP D 109 30.29 10.16 27.67
CA TRP D 109 28.88 9.77 27.51
C TRP D 109 28.16 10.24 26.25
N GLY D 110 28.62 11.34 25.68
CA GLY D 110 27.98 11.83 24.48
C GLY D 110 28.17 13.33 24.33
N GLN D 111 27.27 13.94 23.57
CA GLN D 111 27.30 15.36 23.29
C GLN D 111 25.95 16.01 23.61
N GLY D 112 25.97 17.18 24.22
CA GLY D 112 24.75 17.89 24.56
C GLY D 112 24.09 17.37 25.81
N THR D 113 23.05 18.06 26.25
CA THR D 113 22.27 17.70 27.44
C THR D 113 20.79 17.92 27.10
N LEU D 114 19.99 16.91 27.39
CA LEU D 114 18.57 16.97 27.12
C LEU D 114 17.79 17.48 28.32
N VAL D 115 16.83 18.34 28.05
CA VAL D 115 15.96 18.85 29.09
C VAL D 115 14.52 18.75 28.54
N THR D 116 13.70 18.04 29.31
CA THR D 116 12.31 17.76 29.01
C THR D 116 11.48 18.65 29.88
N VAL D 117 10.44 19.24 29.31
CA VAL D 117 9.52 20.08 30.06
C VAL D 117 8.22 19.27 30.04
N SER D 118 7.91 18.59 31.16
CA SER D 118 6.72 17.73 31.22
C SER D 118 6.21 17.29 32.61
N ALA D 119 5.61 16.11 32.66
CA ALA D 119 5.03 15.52 33.85
C ALA D 119 5.81 14.56 34.81
N LYS D 120 5.56 13.24 34.78
CA LYS D 120 6.15 12.31 35.79
C LYS D 120 7.23 11.23 35.55
N THR D 121 8.26 11.22 36.41
CA THR D 121 9.34 10.22 36.28
C THR D 121 8.77 8.84 36.57
N THR D 122 9.34 7.82 35.94
CA THR D 122 8.91 6.45 36.07
C THR D 122 10.11 5.59 35.67
N ALA D 123 10.49 4.64 36.53
CA ALA D 123 11.62 3.75 36.25
C ALA D 123 11.33 2.73 35.14
N PRO D 124 12.35 2.33 34.42
CA PRO D 124 12.06 1.35 33.36
C PRO D 124 12.03 -0.08 33.85
N SER D 125 11.39 -0.97 33.10
CA SER D 125 11.40 -2.37 33.44
C SER D 125 12.34 -2.98 32.38
N VAL D 126 13.42 -3.60 32.84
CA VAL D 126 14.40 -4.17 31.94
C VAL D 126 14.11 -5.67 31.81
N TYR D 127 13.96 -6.14 30.56
CA TYR D 127 13.66 -7.53 30.28
C TYR D 127 14.63 -8.17 29.31
N PRO D 128 15.23 -9.29 29.71
CA PRO D 128 16.19 -9.97 28.85
C PRO D 128 15.51 -10.75 27.72
N LEU D 129 15.93 -10.55 26.48
CA LEU D 129 15.32 -11.29 25.36
C LEU D 129 16.29 -12.35 24.85
N ALA D 130 16.07 -13.58 25.29
CA ALA D 130 16.90 -14.72 24.89
C ALA D 130 16.31 -15.38 23.66
N PRO D 131 17.13 -16.16 22.95
CA PRO D 131 16.60 -16.81 21.76
C PRO D 131 15.45 -17.83 21.93
N VAL D 132 15.78 -19.11 22.01
CA VAL D 132 14.84 -20.27 22.06
C VAL D 132 14.40 -20.41 20.62
N CYS D 133 14.16 -19.24 20.05
CA CYS D 133 13.82 -18.98 18.67
C CYS D 133 14.83 -17.84 18.35
N GLY D 134 14.74 -16.70 19.07
CA GLY D 134 15.62 -15.53 18.92
C GLY D 134 16.60 -15.63 17.78
N ASP D 135 15.99 -15.88 16.63
CA ASP D 135 16.58 -16.17 15.32
C ASP D 135 17.94 -15.68 14.80
N THR D 136 18.96 -15.97 15.59
CA THR D 136 20.37 -15.70 15.31
C THR D 136 20.74 -14.62 14.26
N THR D 137 21.28 -15.10 13.14
CA THR D 137 21.75 -14.31 12.00
C THR D 137 22.26 -15.39 11.04
N GLY D 138 23.01 -16.32 11.62
CA GLY D 138 23.59 -17.44 10.90
C GLY D 138 24.29 -18.18 12.01
N SER D 139 25.58 -18.46 11.87
CA SER D 139 26.31 -19.14 12.95
C SER D 139 26.56 -18.11 14.05
N SER D 140 25.84 -17.00 13.95
CA SER D 140 25.92 -15.92 14.91
C SER D 140 24.55 -15.92 15.56
N VAL D 141 24.51 -15.59 16.85
CA VAL D 141 23.26 -15.54 17.63
C VAL D 141 23.02 -14.13 18.18
N THR D 142 21.79 -13.62 18.00
CA THR D 142 21.46 -12.29 18.50
C THR D 142 20.69 -12.41 19.82
N LEU D 143 20.99 -11.52 20.75
CA LEU D 143 20.33 -11.48 22.03
C LEU D 143 19.78 -10.06 22.14
N GLY D 144 18.80 -9.85 23.01
CA GLY D 144 18.25 -8.52 23.13
C GLY D 144 18.02 -8.02 24.52
N CYS D 145 17.48 -6.82 24.62
CA CYS D 145 17.20 -6.24 25.91
C CYS D 145 16.11 -5.20 25.74
N LEU D 146 15.01 -5.38 26.46
CA LEU D 146 13.87 -4.49 26.40
C LEU D 146 13.75 -3.59 27.64
N VAL D 147 13.78 -2.30 27.39
CA VAL D 147 13.68 -1.29 28.42
C VAL D 147 12.34 -0.69 28.19
N LYS D 148 11.34 -1.09 28.97
CA LYS D 148 10.04 -0.52 28.71
C LYS D 148 9.38 0.19 29.83
N GLY D 149 8.62 1.22 29.44
CA GLY D 149 7.87 2.04 30.36
C GLY D 149 8.59 2.95 31.31
N TYR D 150 9.34 3.90 30.75
CA TYR D 150 10.08 4.85 31.56
C TYR D 150 9.85 6.30 31.19
N PHE D 151 10.19 7.20 32.09
CA PHE D 151 10.06 8.62 31.82
C PHE D 151 10.84 9.42 32.85
N PRO D 152 11.59 10.45 32.41
CA PRO D 152 11.79 10.92 31.04
C PRO D 152 13.04 10.29 30.42
N GLU D 153 13.41 10.71 29.21
CA GLU D 153 14.64 10.20 28.56
C GLU D 153 15.72 11.02 29.24
N PRO D 154 16.97 10.56 29.18
CA PRO D 154 17.44 9.33 28.54
C PRO D 154 17.64 8.15 29.48
N VAL D 155 18.15 7.08 28.90
CA VAL D 155 18.46 5.85 29.58
C VAL D 155 19.78 5.50 28.89
N THR D 156 20.69 4.91 29.64
CA THR D 156 21.96 4.53 29.08
C THR D 156 21.98 3.03 29.08
N LEU D 157 22.24 2.45 27.92
CA LEU D 157 22.30 1.00 27.80
C LEU D 157 23.65 0.56 27.21
N THR D 158 24.27 -0.41 27.86
CA THR D 158 25.55 -0.96 27.42
C THR D 158 25.55 -2.45 27.61
N TRP D 159 26.42 -3.12 26.90
CA TRP D 159 26.50 -4.56 27.02
C TRP D 159 27.82 -4.89 27.69
N ASN D 160 27.78 -5.70 28.75
CA ASN D 160 28.98 -6.09 29.46
C ASN D 160 29.86 -4.89 29.77
N SER D 161 29.24 -3.95 30.48
CA SER D 161 29.88 -2.70 30.87
C SER D 161 30.58 -1.96 29.74
N GLY D 162 30.04 -2.09 28.53
CA GLY D 162 30.59 -1.42 27.37
C GLY D 162 31.64 -2.20 26.63
N SER D 163 32.04 -3.32 27.20
CA SER D 163 33.05 -4.19 26.58
C SER D 163 32.55 -4.69 25.27
N LEU D 164 31.26 -4.92 25.21
CA LEU D 164 30.61 -5.39 24.01
C LEU D 164 30.02 -4.17 23.28
N SER D 165 30.71 -3.75 22.23
CA SER D 165 30.31 -2.59 21.44
C SER D 165 30.09 -2.91 19.97
N SER D 166 30.69 -4.00 19.49
CA SER D 166 30.51 -4.37 18.11
C SER D 166 29.25 -5.22 17.96
N GLY D 167 28.45 -4.93 16.93
CA GLY D 167 27.24 -5.70 16.70
C GLY D 167 25.98 -5.25 17.43
N VAL D 168 26.09 -4.28 18.32
CA VAL D 168 24.92 -3.82 19.03
C VAL D 168 24.18 -2.68 18.31
N HIS D 169 22.85 -2.73 18.38
CA HIS D 169 21.98 -1.72 17.77
C HIS D 169 21.04 -1.32 18.89
N THR D 170 20.98 -0.04 19.20
CA THR D 170 20.07 0.42 20.24
C THR D 170 19.11 1.27 19.46
N PHE D 171 17.89 0.78 19.35
CA PHE D 171 16.87 1.49 18.64
C PHE D 171 16.41 2.64 19.52
N PRO D 172 16.24 3.82 18.92
CA PRO D 172 15.80 5.00 19.68
C PRO D 172 14.50 4.79 20.44
N ALA D 173 14.39 5.44 21.60
CA ALA D 173 13.19 5.34 22.41
C ALA D 173 11.97 5.88 21.67
N VAL D 174 10.82 5.23 21.86
CA VAL D 174 9.56 5.64 21.25
C VAL D 174 8.56 5.90 22.36
N LEU D 175 8.03 7.12 22.43
CA LEU D 175 7.04 7.47 23.44
C LEU D 175 5.66 6.98 23.04
N GLN D 176 5.02 6.22 23.94
CA GLN D 176 3.69 5.70 23.71
C GLN D 176 2.98 6.06 25.02
N SER D 177 1.86 6.77 24.90
CA SER D 177 1.10 7.25 26.05
C SER D 177 2.00 8.36 26.60
N ASP D 178 2.65 8.13 27.73
CA ASP D 178 3.56 9.11 28.27
C ASP D 178 4.71 8.39 28.94
N LEU D 179 5.19 7.36 28.26
CA LEU D 179 6.29 6.51 28.72
C LEU D 179 7.08 6.08 27.47
N TYR D 180 8.34 5.70 27.68
CA TYR D 180 9.21 5.30 26.57
C TYR D 180 9.62 3.85 26.64
N THR D 181 9.83 3.29 25.46
CA THR D 181 10.30 1.92 25.35
C THR D 181 11.50 1.97 24.42
N LEU D 182 12.53 1.19 24.76
CA LEU D 182 13.78 1.16 24.01
C LEU D 182 14.25 -0.28 24.03
N SER D 183 14.97 -0.67 23.01
CA SER D 183 15.47 -2.01 22.97
C SER D 183 16.83 -1.96 22.32
N SER D 184 17.62 -3.00 22.53
CA SER D 184 18.96 -3.09 22.00
C SER D 184 19.23 -4.55 21.62
N SER D 185 19.83 -4.76 20.48
CA SER D 185 20.15 -6.10 20.07
C SER D 185 21.67 -6.13 20.04
N VAL D 186 22.22 -7.31 20.31
CA VAL D 186 23.67 -7.58 20.27
C VAL D 186 23.88 -8.93 19.56
N THR D 187 24.74 -8.94 18.56
CA THR D 187 24.99 -10.15 17.83
C THR D 187 26.40 -10.58 18.20
N VAL D 188 26.50 -11.83 18.60
CA VAL D 188 27.76 -12.44 19.01
C VAL D 188 27.91 -13.70 18.22
N THR D 189 29.03 -14.38 18.39
CA THR D 189 29.27 -15.62 17.68
C THR D 189 28.58 -16.71 18.46
N SER D 190 28.09 -17.70 17.74
CA SER D 190 27.41 -18.85 18.33
C SER D 190 28.28 -19.46 19.42
N SER D 191 29.58 -19.23 19.29
CA SER D 191 30.57 -19.75 20.22
C SER D 191 30.59 -18.99 21.55
N THR D 192 30.42 -17.68 21.49
CA THR D 192 30.43 -16.83 22.67
C THR D 192 29.34 -17.17 23.68
N TRP D 193 28.08 -17.03 23.29
CA TRP D 193 26.95 -17.30 24.16
C TRP D 193 26.53 -18.76 23.97
N PRO D 194 26.12 -19.45 25.05
CA PRO D 194 25.99 -19.03 26.45
C PRO D 194 27.27 -19.06 27.28
N SER D 195 28.39 -19.43 26.66
CA SER D 195 29.66 -19.51 27.36
C SER D 195 30.05 -18.20 28.05
N GLN D 196 30.46 -17.21 27.27
CA GLN D 196 30.80 -15.90 27.85
C GLN D 196 29.48 -15.26 28.26
N SER D 197 29.40 -14.83 29.52
CA SER D 197 28.19 -14.20 30.04
C SER D 197 27.95 -12.83 29.43
N ILE D 198 26.78 -12.65 28.85
CA ILE D 198 26.45 -11.38 28.27
C ILE D 198 25.37 -10.75 29.13
N THR D 199 25.61 -9.50 29.51
CA THR D 199 24.71 -8.76 30.34
C THR D 199 24.30 -7.47 29.63
N CYS D 200 23.16 -6.96 30.05
CA CYS D 200 22.61 -5.75 29.53
C CYS D 200 22.64 -4.80 30.73
N ASN D 201 23.34 -3.70 30.58
CA ASN D 201 23.39 -2.76 31.67
C ASN D 201 22.56 -1.54 31.28
N VAL D 202 21.51 -1.27 32.07
CA VAL D 202 20.62 -0.15 31.82
C VAL D 202 20.69 0.85 32.96
N ALA D 203 20.76 2.12 32.59
CA ALA D 203 20.80 3.19 33.57
C ALA D 203 19.76 4.29 33.26
N HIS D 204 18.86 4.52 34.22
CA HIS D 204 17.89 5.59 34.07
C HIS D 204 18.19 6.60 35.17
N PRO D 205 19.17 7.49 34.91
CA PRO D 205 19.65 8.55 35.79
C PRO D 205 18.54 9.31 36.47
N ALA D 206 17.56 9.76 35.68
CA ALA D 206 16.40 10.52 36.19
C ALA D 206 15.68 9.88 37.37
N SER D 207 15.93 8.60 37.61
CA SER D 207 15.27 7.91 38.69
C SER D 207 16.23 7.10 39.53
N SER D 208 17.53 7.26 39.28
CA SER D 208 18.57 6.54 40.03
C SER D 208 18.45 5.04 39.84
N THR D 209 17.86 4.63 38.73
CA THR D 209 17.68 3.21 38.44
C THR D 209 18.91 2.77 37.71
N LYS D 210 19.36 1.55 38.00
CA LYS D 210 20.51 0.98 37.32
C LYS D 210 20.38 -0.52 37.46
N VAL D 211 20.16 -1.18 36.32
CA VAL D 211 20.00 -2.62 36.36
C VAL D 211 20.88 -3.33 35.37
N ASP D 212 21.35 -4.50 35.77
CA ASP D 212 22.20 -5.32 34.91
C ASP D 212 21.48 -6.63 34.77
N LYS D 213 21.07 -6.94 33.54
CA LYS D 213 20.32 -8.16 33.25
C LYS D 213 21.15 -9.12 32.42
N LYS D 214 21.42 -10.30 32.97
CA LYS D 214 22.22 -11.30 32.28
C LYS D 214 21.31 -12.13 31.43
N ILE D 215 21.60 -12.20 30.12
CA ILE D 215 20.77 -12.97 29.21
C ILE D 215 21.17 -14.43 29.33
N GLU D 216 20.19 -15.25 29.68
CA GLU D 216 20.37 -16.68 29.86
C GLU D 216 19.51 -17.52 28.93
N PRO D 217 20.04 -18.68 28.53
CA PRO D 217 19.41 -19.65 27.63
C PRO D 217 17.97 -19.94 27.90
N ARG D 218 17.24 -20.01 26.78
CA ARG D 218 15.79 -20.27 26.62
C ARG D 218 15.29 -19.18 25.69
N GLY D 219 14.14 -18.56 25.91
CA GLY D 219 13.70 -17.54 24.96
C GLY D 219 12.65 -16.52 25.35
N GLN E 1 43.91 -18.72 49.47
CA GLN E 1 43.29 -17.75 50.42
C GLN E 1 43.85 -17.95 51.83
N ILE E 2 45.06 -18.47 51.82
CA ILE E 2 45.81 -18.68 53.02
C ILE E 2 46.45 -17.28 53.24
N GLN E 3 46.52 -16.84 54.47
CA GLN E 3 47.13 -15.55 54.69
C GLN E 3 48.61 -15.74 55.02
N MET E 4 49.43 -14.94 54.32
CA MET E 4 50.87 -14.98 54.46
C MET E 4 51.29 -13.80 55.30
N THR E 5 52.02 -14.05 56.37
CA THR E 5 52.48 -12.98 57.23
C THR E 5 53.98 -12.87 57.08
N GLN E 6 54.42 -11.73 56.53
CA GLN E 6 55.83 -11.47 56.30
C GLN E 6 56.42 -10.46 57.25
N SER E 7 57.67 -10.66 57.63
CA SER E 7 58.37 -9.77 58.54
C SER E 7 59.84 -9.76 58.17
N PRO E 8 60.52 -8.60 58.35
CA PRO E 8 60.00 -7.34 58.85
C PRO E 8 59.44 -6.55 57.65
N SER E 9 58.51 -5.63 57.89
CA SER E 9 57.93 -4.82 56.81
C SER E 9 58.98 -4.05 56.06
N SER E 10 60.03 -3.69 56.77
CA SER E 10 61.15 -2.96 56.18
C SER E 10 62.39 -3.08 57.07
N LEU E 11 63.52 -2.60 56.56
CA LEU E 11 64.77 -2.64 57.28
C LEU E 11 65.87 -1.91 56.48
N SER E 12 66.91 -1.45 57.20
CA SER E 12 68.07 -0.84 56.58
C SER E 12 69.18 -1.78 56.96
N ALA E 13 70.03 -2.16 56.03
CA ALA E 13 71.11 -3.05 56.37
C ALA E 13 72.32 -2.53 55.64
N SER E 14 73.48 -2.73 56.26
CA SER E 14 74.70 -2.27 55.66
C SER E 14 74.98 -3.34 54.65
N LEU E 15 75.72 -3.01 53.60
CA LEU E 15 76.06 -4.02 52.63
C LEU E 15 76.94 -4.99 53.39
N GLY E 16 76.97 -6.23 52.96
CA GLY E 16 77.77 -7.24 53.64
C GLY E 16 77.01 -7.95 54.77
N GLU E 17 75.98 -7.30 55.30
CA GLU E 17 75.20 -7.88 56.36
C GLU E 17 74.31 -9.03 55.90
N ARG E 18 73.87 -9.82 56.87
CA ARG E 18 73.00 -10.96 56.65
C ARG E 18 71.61 -10.39 56.90
N VAL E 19 70.64 -10.88 56.17
CA VAL E 19 69.27 -10.42 56.27
C VAL E 19 68.42 -11.68 56.24
N SER E 20 67.48 -11.80 57.18
CA SER E 20 66.56 -12.93 57.20
C SER E 20 65.15 -12.34 57.12
N LEU E 21 64.37 -12.75 56.13
CA LEU E 21 62.99 -12.28 56.01
C LEU E 21 62.18 -13.54 56.33
N THR E 22 61.03 -13.38 56.96
CA THR E 22 60.25 -14.53 57.35
C THR E 22 58.80 -14.49 56.92
N CYS E 23 58.26 -15.64 56.52
CA CYS E 23 56.86 -15.77 56.12
C CYS E 23 56.20 -16.90 56.87
N ARG E 24 55.04 -16.59 57.42
CA ARG E 24 54.22 -17.52 58.18
C ARG E 24 52.90 -17.68 57.40
N ALA E 25 52.46 -18.92 57.15
CA ALA E 25 51.19 -19.17 56.41
C ALA E 25 50.11 -19.52 57.42
N SER E 26 48.88 -19.05 57.19
CA SER E 26 47.74 -19.32 58.09
C SER E 26 47.36 -20.79 58.20
N GLN E 27 47.75 -21.59 57.21
CA GLN E 27 47.47 -22.99 57.22
C GLN E 27 48.51 -23.64 56.35
N GLU E 28 48.70 -24.94 56.53
CA GLU E 28 49.75 -25.69 55.82
C GLU E 28 49.79 -25.49 54.31
N ILE E 29 51.01 -25.33 53.78
CA ILE E 29 51.22 -25.16 52.35
C ILE E 29 52.25 -26.14 51.81
N SER E 30 52.74 -27.00 52.67
CA SER E 30 53.73 -28.00 52.29
C SER E 30 54.87 -27.45 51.44
N GLY E 31 55.51 -26.37 51.88
CA GLY E 31 56.63 -25.85 51.12
C GLY E 31 56.36 -25.22 49.76
N TYR E 32 55.11 -25.05 49.39
CA TYR E 32 54.78 -24.41 48.13
C TYR E 32 54.76 -22.92 48.41
N LEU E 33 55.96 -22.38 48.55
CA LEU E 33 56.17 -20.98 48.87
C LEU E 33 57.37 -20.51 48.04
N SER E 34 57.20 -19.36 47.40
CA SER E 34 58.23 -18.74 46.60
C SER E 34 58.63 -17.41 47.21
N TRP E 35 59.82 -16.95 46.83
CA TRP E 35 60.35 -15.68 47.29
C TRP E 35 60.73 -14.97 46.04
N LEU E 36 60.15 -13.79 45.84
CA LEU E 36 60.42 -12.99 44.65
C LEU E 36 60.94 -11.65 45.11
N GLN E 37 61.69 -11.03 44.20
CA GLN E 37 62.23 -9.70 44.46
C GLN E 37 61.69 -8.78 43.38
N GLN E 38 61.14 -7.66 43.79
CA GLN E 38 60.62 -6.70 42.84
C GLN E 38 61.60 -5.56 42.79
N LYS E 39 62.38 -5.57 41.69
CA LYS E 39 63.42 -4.59 41.44
C LYS E 39 62.82 -3.18 41.31
N PRO E 40 63.65 -2.14 41.49
CA PRO E 40 63.21 -0.74 41.41
C PRO E 40 62.45 -0.29 40.13
N ASP E 41 62.63 -1.01 39.03
CA ASP E 41 61.96 -0.67 37.78
C ASP E 41 60.62 -1.40 37.58
N GLY E 42 60.11 -2.04 38.62
CA GLY E 42 58.84 -2.72 38.50
C GLY E 42 58.98 -4.20 38.23
N THR E 43 60.16 -4.62 37.78
CA THR E 43 60.43 -6.02 37.49
C THR E 43 60.29 -6.98 38.67
N ILE E 44 59.48 -8.02 38.50
CA ILE E 44 59.26 -9.06 39.51
C ILE E 44 60.11 -10.21 39.02
N LYS E 45 60.87 -10.82 39.93
CA LYS E 45 61.75 -11.90 39.59
C LYS E 45 61.81 -12.93 40.73
N ARG E 46 61.47 -14.18 40.42
CA ARG E 46 61.49 -15.25 41.43
C ARG E 46 62.91 -15.68 41.70
N LEU E 47 63.20 -15.84 42.98
CA LEU E 47 64.51 -16.22 43.46
C LEU E 47 64.53 -17.69 43.86
N ILE E 48 63.53 -18.04 44.66
CA ILE E 48 63.39 -19.39 45.20
C ILE E 48 62.00 -19.96 45.04
N TYR E 49 61.89 -21.24 44.69
CA TYR E 49 60.58 -21.90 44.61
C TYR E 49 60.66 -23.16 45.48
N ALA E 50 59.51 -23.76 45.78
CA ALA E 50 59.45 -24.97 46.61
C ALA E 50 60.15 -24.68 47.92
N ALA E 51 59.98 -23.48 48.42
CA ALA E 51 60.57 -23.07 49.70
C ALA E 51 62.10 -22.89 49.79
N SER E 52 62.88 -23.72 49.12
CA SER E 52 64.33 -23.59 49.23
C SER E 52 65.15 -23.85 47.99
N THR E 53 64.49 -24.15 46.89
CA THR E 53 65.18 -24.39 45.63
C THR E 53 65.44 -23.06 44.90
N LEU E 54 66.68 -22.76 44.60
CA LEU E 54 67.03 -21.52 43.92
C LEU E 54 66.68 -21.60 42.45
N ASP E 55 66.19 -20.52 41.86
CA ASP E 55 65.92 -20.60 40.43
C ASP E 55 67.32 -20.47 39.83
N SER E 56 67.49 -20.84 38.57
CA SER E 56 68.80 -20.75 37.95
C SER E 56 69.26 -19.29 37.85
N GLY E 57 70.57 -19.09 37.91
CA GLY E 57 71.11 -17.76 37.84
C GLY E 57 70.90 -16.94 39.11
N VAL E 58 70.28 -17.55 40.11
CA VAL E 58 70.07 -16.86 41.37
C VAL E 58 71.32 -17.12 42.20
N PRO E 59 72.00 -16.03 42.65
CA PRO E 59 73.23 -16.01 43.45
C PRO E 59 73.16 -16.98 44.59
N LYS E 60 74.27 -17.64 44.84
CA LYS E 60 74.33 -18.62 45.91
C LYS E 60 74.16 -18.01 47.32
N ARG E 61 74.10 -16.68 47.43
CA ARG E 61 73.94 -16.06 48.75
C ARG E 61 72.47 -15.99 49.24
N PHE E 62 71.55 -16.48 48.41
CA PHE E 62 70.17 -16.51 48.76
C PHE E 62 69.87 -17.95 49.06
N SER E 63 69.03 -18.18 50.06
CA SER E 63 68.67 -19.54 50.41
C SER E 63 67.41 -19.50 51.22
N GLY E 64 66.57 -20.52 51.06
CA GLY E 64 65.34 -20.62 51.80
C GLY E 64 65.42 -21.81 52.74
N SER E 65 64.65 -21.75 53.82
CA SER E 65 64.58 -22.81 54.82
C SER E 65 63.20 -22.78 55.44
N ARG E 66 62.86 -23.83 56.17
CA ARG E 66 61.56 -23.91 56.82
C ARG E 66 61.83 -24.32 58.25
N SER E 67 61.21 -23.66 59.20
CA SER E 67 61.34 -24.02 60.62
C SER E 67 59.94 -24.06 61.20
N GLY E 68 59.29 -25.22 61.03
CA GLY E 68 57.91 -25.36 61.44
C GLY E 68 57.09 -24.51 60.50
N SER E 69 56.44 -23.53 61.11
CA SER E 69 55.59 -22.60 60.41
C SER E 69 56.34 -21.58 59.62
N ASP E 70 57.54 -21.27 60.10
CA ASP E 70 58.43 -20.25 59.51
C ASP E 70 59.12 -20.60 58.20
N TYR E 71 58.94 -19.73 57.20
CA TYR E 71 59.62 -19.93 55.93
C TYR E 71 60.58 -18.74 55.92
N SER E 72 61.88 -19.03 55.81
CA SER E 72 62.93 -18.02 55.90
C SER E 72 63.85 -17.78 54.74
N LEU E 73 63.89 -16.54 54.23
CA LEU E 73 64.83 -16.19 53.15
C LEU E 73 66.03 -15.53 53.81
N THR E 74 67.20 -16.07 53.52
CA THR E 74 68.41 -15.51 54.07
C THR E 74 69.33 -14.99 52.98
N ILE E 75 69.83 -13.79 53.20
CA ILE E 75 70.77 -13.19 52.28
C ILE E 75 72.04 -13.07 53.15
N SER E 76 72.96 -14.01 53.01
CA SER E 76 74.17 -13.92 53.75
C SER E 76 74.93 -12.88 52.95
N SER E 77 75.24 -11.73 53.55
CA SER E 77 75.99 -10.70 52.83
C SER E 77 75.20 -9.98 51.74
N LEU E 78 74.72 -8.79 52.10
CA LEU E 78 73.94 -7.97 51.20
C LEU E 78 74.84 -7.34 50.16
N GLU E 79 74.42 -7.36 48.91
CA GLU E 79 75.16 -6.72 47.81
C GLU E 79 74.29 -5.56 47.37
N SER E 80 74.90 -4.50 46.90
CA SER E 80 74.15 -3.33 46.41
C SER E 80 73.09 -3.77 45.38
N GLU E 81 73.38 -4.82 44.63
CA GLU E 81 72.44 -5.33 43.63
C GLU E 81 71.22 -6.05 44.23
N ASP E 82 71.14 -6.15 45.55
CA ASP E 82 70.00 -6.80 46.15
C ASP E 82 69.02 -5.78 46.63
N PHE E 83 69.27 -4.52 46.27
CA PHE E 83 68.36 -3.42 46.62
C PHE E 83 67.04 -3.67 45.87
N ALA E 84 66.04 -4.05 46.64
CA ALA E 84 64.73 -4.37 46.12
C ALA E 84 63.74 -4.55 47.27
N ASP E 85 62.53 -4.97 46.93
CA ASP E 85 61.46 -5.24 47.87
C ASP E 85 61.31 -6.69 47.61
N TYR E 86 61.20 -7.45 48.69
CA TYR E 86 61.02 -8.90 48.61
C TYR E 86 59.63 -9.25 49.16
N TYR E 87 59.02 -10.26 48.53
CA TYR E 87 57.72 -10.76 48.92
C TYR E 87 57.77 -12.29 48.82
N CYS E 88 56.94 -12.97 49.59
CA CYS E 88 56.88 -14.43 49.52
C CYS E 88 55.46 -14.74 49.00
N LEU E 89 55.34 -15.83 48.24
CA LEU E 89 54.06 -16.21 47.63
C LEU E 89 53.68 -17.67 47.89
N GLN E 90 52.46 -17.92 48.33
CA GLN E 90 52.05 -19.31 48.51
C GLN E 90 51.32 -19.74 47.22
N TYR E 91 51.71 -20.86 46.64
CA TYR E 91 51.06 -21.37 45.45
C TYR E 91 50.55 -22.76 45.74
N ALA E 92 50.10 -22.92 46.97
CA ALA E 92 49.55 -24.16 47.44
C ALA E 92 48.06 -24.21 47.16
N SER E 93 47.39 -23.09 47.39
CA SER E 93 45.95 -23.03 47.22
C SER E 93 45.56 -22.20 46.06
N SER E 94 44.50 -22.64 45.38
CA SER E 94 43.94 -22.03 44.18
C SER E 94 43.92 -20.52 44.09
N PRO E 95 43.79 -19.80 45.23
CA PRO E 95 43.82 -18.32 45.21
C PRO E 95 45.20 -18.01 45.87
N TYR E 96 46.21 -17.75 45.03
CA TYR E 96 47.57 -17.47 45.50
C TYR E 96 47.66 -16.16 46.23
N THR E 97 48.46 -16.15 47.28
CA THR E 97 48.61 -14.96 48.09
C THR E 97 50.08 -14.63 48.39
N PHE E 98 50.40 -13.34 48.28
CA PHE E 98 51.73 -12.80 48.54
C PHE E 98 51.83 -12.35 49.99
N GLY E 99 53.04 -12.24 50.49
CA GLY E 99 53.17 -11.75 51.84
C GLY E 99 53.09 -10.24 51.66
N GLY E 100 52.99 -9.50 52.75
CA GLY E 100 52.93 -8.07 52.64
C GLY E 100 54.16 -7.41 52.04
N GLY E 101 55.31 -8.09 52.08
CA GLY E 101 56.53 -7.55 51.53
C GLY E 101 57.49 -6.96 52.54
N THR E 102 58.71 -6.70 52.08
CA THR E 102 59.73 -6.10 52.91
C THR E 102 60.44 -5.07 52.08
N LYS E 103 60.37 -3.80 52.49
CA LYS E 103 61.06 -2.73 51.78
C LYS E 103 62.50 -2.65 52.32
N LEU E 104 63.47 -3.02 51.52
CA LEU E 104 64.85 -3.01 51.94
C LEU E 104 65.60 -1.70 51.59
N GLU E 105 66.11 -1.05 52.63
CA GLU E 105 66.87 0.19 52.47
C GLU E 105 68.32 -0.09 52.80
N ILE E 106 69.21 0.32 51.94
CA ILE E 106 70.60 0.10 52.20
C ILE E 106 71.23 1.21 53.08
N LEU E 107 71.67 0.79 54.27
CA LEU E 107 72.29 1.66 55.27
C LEU E 107 73.50 2.32 54.62
N ARG E 108 73.76 3.58 54.95
CA ARG E 108 74.85 4.30 54.29
C ARG E 108 75.50 5.49 55.07
N GLY E 109 76.62 6.01 54.55
CA GLY E 109 77.31 7.11 55.19
C GLY E 109 76.48 8.35 55.20
N GLY E 110 76.63 9.21 56.21
CA GLY E 110 75.87 10.45 56.28
C GLY E 110 76.15 11.25 55.01
N ALA E 111 75.15 11.95 54.52
CA ALA E 111 75.30 12.76 53.30
C ALA E 111 74.44 13.99 53.49
N ALA E 112 75.06 15.15 53.34
CA ALA E 112 74.32 16.39 53.53
C ALA E 112 73.59 16.74 52.23
N PRO E 113 72.42 17.34 52.34
CA PRO E 113 71.69 17.69 51.13
C PRO E 113 72.29 18.91 50.43
N THR E 114 72.13 18.99 49.12
CA THR E 114 72.61 20.12 48.36
C THR E 114 71.36 20.90 48.07
N VAL E 115 71.14 21.99 48.78
CA VAL E 115 69.94 22.82 48.62
C VAL E 115 70.04 23.87 47.50
N SER E 116 68.98 24.02 46.71
CA SER E 116 68.89 24.99 45.61
C SER E 116 67.49 25.55 45.64
N ILE E 117 67.36 26.84 45.37
CA ILE E 117 66.05 27.48 45.37
C ILE E 117 65.73 28.04 43.97
N PHE E 118 64.45 28.02 43.58
CA PHE E 118 64.02 28.53 42.29
C PHE E 118 62.83 29.48 42.39
N PRO E 119 62.99 30.73 41.93
CA PRO E 119 61.85 31.66 42.01
C PRO E 119 60.82 31.28 40.95
N PRO E 120 59.61 31.83 41.02
CA PRO E 120 58.52 31.57 40.06
C PRO E 120 58.86 32.00 38.66
N SER E 121 58.60 31.14 37.67
CA SER E 121 58.88 31.47 36.28
C SER E 121 57.92 32.57 35.85
N SER E 122 58.32 33.30 34.81
CA SER E 122 57.50 34.37 34.26
C SER E 122 56.18 33.77 33.78
N GLU E 123 56.23 32.63 33.08
CA GLU E 123 55.03 31.98 32.57
C GLU E 123 53.94 31.78 33.61
N GLN E 124 54.33 31.22 34.75
CA GLN E 124 53.37 30.96 35.80
C GLN E 124 52.83 32.25 36.35
N LEU E 125 53.71 33.25 36.49
CA LEU E 125 53.34 34.53 37.02
C LEU E 125 52.26 35.18 36.16
N THR E 126 52.38 35.06 34.84
CA THR E 126 51.37 35.65 33.98
C THR E 126 50.08 34.91 34.22
N SER E 127 50.19 33.64 34.56
CA SER E 127 49.03 32.80 34.82
C SER E 127 48.35 33.17 36.15
N GLY E 128 48.96 34.02 36.95
CA GLY E 128 48.37 34.39 38.22
C GLY E 128 48.83 33.57 39.41
N GLY E 129 49.83 32.72 39.19
CA GLY E 129 50.32 31.91 40.29
C GLY E 129 51.81 32.12 40.55
N ALA E 130 52.28 31.68 41.72
CA ALA E 130 53.68 31.82 42.02
C ALA E 130 54.17 30.62 42.81
N SER E 131 54.91 29.72 42.17
CA SER E 131 55.45 28.59 42.89
C SER E 131 56.93 28.74 43.13
N VAL E 132 57.34 28.73 44.40
CA VAL E 132 58.75 28.80 44.74
C VAL E 132 59.21 27.37 45.12
N VAL E 133 60.08 26.79 44.30
CA VAL E 133 60.57 25.44 44.50
C VAL E 133 61.94 25.42 45.14
N CYS E 134 62.20 24.36 45.91
CA CYS E 134 63.46 24.18 46.59
C CYS E 134 63.79 22.68 46.49
N PHE E 135 64.95 22.34 45.92
CA PHE E 135 65.36 20.92 45.78
C PHE E 135 66.45 20.56 46.79
N LEU E 136 66.22 19.61 47.71
CA LEU E 136 67.26 19.22 48.65
C LEU E 136 67.80 17.92 48.08
N ASN E 137 68.89 17.95 47.34
CA ASN E 137 69.39 16.72 46.73
C ASN E 137 70.49 15.90 47.40
N ASN E 138 70.54 14.63 47.01
CA ASN E 138 71.51 13.65 47.51
C ASN E 138 71.91 13.61 49.00
N PHE E 139 70.96 13.29 49.86
CA PHE E 139 71.27 13.24 51.27
C PHE E 139 71.05 11.86 51.88
N TYR E 140 71.33 11.74 53.15
CA TYR E 140 71.21 10.48 53.87
C TYR E 140 71.56 10.76 55.35
N PRO E 141 70.68 10.37 56.30
CA PRO E 141 69.40 9.69 56.13
C PRO E 141 68.28 10.47 55.45
N LYS E 142 67.17 9.77 55.25
CA LYS E 142 65.98 10.30 54.61
C LYS E 142 65.32 11.38 55.49
N ASP E 143 65.50 11.31 56.80
CA ASP E 143 64.90 12.28 57.71
C ASP E 143 65.57 13.60 57.46
N ILE E 144 64.74 14.61 57.15
CA ILE E 144 65.17 15.97 56.87
C ILE E 144 63.98 16.87 57.13
N ASN E 145 64.22 18.13 57.44
CA ASN E 145 63.14 19.05 57.74
C ASN E 145 63.29 20.32 56.93
N VAL E 146 62.23 20.70 56.22
CA VAL E 146 62.28 21.92 55.42
C VAL E 146 61.26 22.93 55.92
N LYS E 147 61.69 24.18 56.14
CA LYS E 147 60.82 25.27 56.60
C LYS E 147 60.80 26.32 55.54
N TRP E 148 59.64 26.89 55.31
CA TRP E 148 59.53 27.94 54.34
C TRP E 148 59.36 29.22 55.15
N LYS E 149 60.02 30.27 54.71
CA LYS E 149 59.90 31.55 55.38
C LYS E 149 59.73 32.68 54.39
N ILE E 150 58.61 33.36 54.49
CA ILE E 150 58.33 34.49 53.63
C ILE E 150 58.74 35.67 54.47
N ASP E 151 59.68 36.44 53.94
CA ASP E 151 60.25 37.55 54.67
C ASP E 151 60.77 36.93 55.94
N GLY E 152 60.22 37.30 57.09
CA GLY E 152 60.76 36.69 58.29
C GLY E 152 60.04 35.44 58.71
N SER E 153 58.72 35.54 58.69
CA SER E 153 57.84 34.48 59.11
C SER E 153 57.86 33.21 58.29
N GLU E 154 57.66 32.12 59.03
CA GLU E 154 57.63 30.76 58.51
C GLU E 154 56.24 30.44 58.03
N ARG E 155 56.14 30.03 56.78
CA ARG E 155 54.86 29.70 56.16
C ARG E 155 54.72 28.20 56.23
N GLN E 156 53.52 27.75 56.49
CA GLN E 156 53.25 26.33 56.61
C GLN E 156 52.18 25.90 55.61
N ASN E 157 51.37 26.86 55.17
CA ASN E 157 50.32 26.58 54.21
C ASN E 157 50.84 26.70 52.78
N GLY E 158 50.48 25.73 51.95
CA GLY E 158 50.89 25.79 50.55
C GLY E 158 52.14 25.02 50.17
N VAL E 159 52.73 24.36 51.15
CA VAL E 159 53.93 23.58 50.89
C VAL E 159 53.53 22.17 50.46
N LEU E 160 54.21 21.65 49.45
CA LEU E 160 53.92 20.36 48.87
C LEU E 160 55.25 19.66 48.70
N ASN E 161 55.55 18.69 49.55
CA ASN E 161 56.83 17.96 49.48
C ASN E 161 56.74 16.60 48.86
N SER E 162 57.85 16.18 48.28
CA SER E 162 57.94 14.88 47.64
C SER E 162 59.34 14.29 47.81
N TRP E 163 59.41 13.08 48.35
CA TRP E 163 60.69 12.43 48.52
C TRP E 163 60.95 11.52 47.38
N THR E 164 62.21 11.16 47.24
CA THR E 164 62.70 10.26 46.23
C THR E 164 62.93 8.93 46.95
N ASP E 165 62.66 7.81 46.27
CA ASP E 165 62.93 6.53 46.91
C ASP E 165 64.46 6.45 46.98
N GLN E 166 65.02 5.63 47.84
CA GLN E 166 66.48 5.54 47.88
C GLN E 166 67.07 5.30 46.48
N ASP E 167 68.02 6.13 46.07
CA ASP E 167 68.66 5.98 44.78
C ASP E 167 69.39 4.66 44.65
N SER E 168 69.02 3.86 43.67
CA SER E 168 69.65 2.56 43.53
C SER E 168 71.15 2.57 43.18
N LYS E 169 71.73 3.75 42.97
CA LYS E 169 73.14 3.82 42.64
C LYS E 169 74.01 4.38 43.74
N ASP E 170 73.55 5.41 44.45
CA ASP E 170 74.38 5.97 45.52
C ASP E 170 73.71 5.98 46.92
N SER E 171 72.59 5.28 47.03
CA SER E 171 71.91 5.13 48.31
C SER E 171 71.53 6.40 48.99
N THR E 172 71.27 7.44 48.22
CA THR E 172 70.88 8.73 48.78
C THR E 172 69.43 9.09 48.42
N TYR E 173 68.86 10.09 49.08
CA TYR E 173 67.50 10.51 48.79
C TYR E 173 67.58 11.95 48.34
N SER E 174 66.47 12.45 47.81
CA SER E 174 66.36 13.83 47.35
C SER E 174 64.94 14.27 47.65
N MET E 175 64.79 15.56 47.90
CA MET E 175 63.49 16.09 48.18
C MET E 175 63.20 17.29 47.31
N SER E 176 61.92 17.56 47.14
CA SER E 176 61.48 18.69 46.37
C SER E 176 60.38 19.25 47.23
N SER E 177 60.53 20.53 47.59
CA SER E 177 59.57 21.26 48.43
C SER E 177 59.07 22.42 47.59
N THR E 178 57.76 22.67 47.57
CA THR E 178 57.23 23.76 46.76
C THR E 178 56.26 24.56 47.57
N LEU E 179 56.37 25.88 47.49
CA LEU E 179 55.43 26.74 48.19
C LEU E 179 54.64 27.39 47.06
N THR E 180 53.32 27.34 47.12
CA THR E 180 52.54 27.93 46.07
C THR E 180 51.68 29.04 46.61
N LEU E 181 51.85 30.23 46.07
CA LEU E 181 51.02 31.33 46.50
C LEU E 181 50.46 31.93 45.25
N THR E 182 49.59 32.92 45.43
CA THR E 182 49.01 33.63 44.31
C THR E 182 50.03 34.69 43.91
N LYS E 183 49.96 35.19 42.68
CA LYS E 183 50.89 36.22 42.22
C LYS E 183 50.81 37.47 43.10
N ASP E 184 49.64 37.75 43.66
CA ASP E 184 49.46 38.94 44.47
C ASP E 184 50.15 38.86 45.82
N GLU E 185 50.24 37.66 46.39
CA GLU E 185 50.91 37.51 47.67
C GLU E 185 52.40 37.51 47.42
N TYR E 186 52.83 36.76 46.40
CA TYR E 186 54.25 36.69 46.11
C TYR E 186 54.83 38.08 45.87
N GLU E 187 54.16 38.83 45.01
CA GLU E 187 54.64 40.14 44.64
C GLU E 187 54.57 41.17 45.73
N ARG E 188 54.21 40.79 46.95
CA ARG E 188 54.18 41.79 48.02
C ARG E 188 54.99 41.44 49.26
N HIS E 189 56.01 40.61 49.06
CA HIS E 189 56.91 40.21 50.10
C HIS E 189 58.24 40.25 49.40
N ASN E 190 59.33 40.09 50.13
CA ASN E 190 60.62 40.22 49.47
C ASN E 190 61.48 38.98 49.40
N SER E 191 62.01 38.57 50.54
CA SER E 191 62.86 37.40 50.61
C SER E 191 62.04 36.13 50.86
N TYR E 192 62.37 35.09 50.13
CA TYR E 192 61.73 33.77 50.21
C TYR E 192 62.84 32.85 50.64
N THR E 193 62.63 32.19 51.77
CA THR E 193 63.66 31.33 52.31
C THR E 193 63.20 29.91 52.47
N CYS E 194 64.12 29.02 52.19
CA CYS E 194 63.90 27.60 52.29
C CYS E 194 65.02 27.08 53.14
N GLU E 195 64.74 26.81 54.41
CA GLU E 195 65.78 26.29 55.32
C GLU E 195 65.59 24.86 55.82
N ALA E 196 66.56 24.03 55.46
CA ALA E 196 66.57 22.61 55.82
C ALA E 196 67.45 22.23 57.03
N THR E 197 66.95 21.30 57.83
CA THR E 197 67.68 20.79 58.98
C THR E 197 67.82 19.30 58.76
N HIS E 198 69.06 18.85 58.73
CA HIS E 198 69.36 17.45 58.51
C HIS E 198 70.35 16.98 59.59
N LYS E 199 70.34 15.69 59.89
CA LYS E 199 71.24 15.10 60.89
C LYS E 199 72.70 15.52 60.68
N THR E 200 73.09 15.70 59.43
CA THR E 200 74.45 16.08 59.09
C THR E 200 74.88 17.49 59.49
N SER E 201 73.98 18.30 60.03
CA SER E 201 74.34 19.65 60.41
C SER E 201 73.59 20.18 61.63
N THR E 202 74.29 21.05 62.36
CA THR E 202 73.78 21.73 63.56
C THR E 202 72.98 22.97 63.19
N SER E 203 73.47 23.70 62.19
CA SER E 203 72.82 24.90 61.68
C SER E 203 72.02 24.54 60.43
N PRO E 204 70.86 25.18 60.22
CA PRO E 204 69.98 24.92 59.08
C PRO E 204 70.63 25.33 57.76
N ILE E 205 70.42 24.54 56.70
CA ILE E 205 70.96 24.94 55.43
C ILE E 205 69.93 25.93 54.97
N VAL E 206 70.37 27.11 54.58
CA VAL E 206 69.44 28.12 54.13
C VAL E 206 69.69 28.63 52.72
N LYS E 207 68.64 28.71 51.93
CA LYS E 207 68.78 29.23 50.60
C LYS E 207 67.66 30.24 50.44
N SER E 208 67.99 31.43 49.95
CA SER E 208 66.99 32.45 49.79
C SER E 208 67.22 33.28 48.55
N PHE E 209 66.32 34.25 48.36
CA PHE E 209 66.44 35.17 47.26
C PHE E 209 65.45 36.26 47.58
N ASN E 210 65.76 37.47 47.11
CA ASN E 210 64.84 38.58 47.30
C ASN E 210 64.29 38.74 45.91
N ARG E 211 62.98 38.91 45.80
CA ARG E 211 62.44 39.15 44.48
C ARG E 211 62.73 40.64 44.32
N ASN E 212 61.89 41.40 43.63
CA ASN E 212 62.15 42.84 43.42
C ASN E 212 63.25 43.11 42.40
N GLU E 213 62.89 43.96 41.45
CA GLU E 213 63.73 44.43 40.34
C GLU E 213 63.73 43.51 39.10
N CYS E 214 62.58 42.89 38.86
CA CYS E 214 62.36 41.96 37.74
C CYS E 214 63.42 40.83 37.59
N ASP F 1 66.09 -14.42 26.79
CA ASP F 1 65.72 -13.23 27.59
C ASP F 1 64.31 -12.78 27.15
N VAL F 2 63.34 -13.09 28.00
CA VAL F 2 61.95 -12.82 27.77
C VAL F 2 61.65 -11.35 28.05
N LYS F 3 60.72 -10.80 27.28
CA LYS F 3 60.25 -9.43 27.36
C LYS F 3 58.73 -9.56 27.51
N LEU F 4 58.12 -8.74 28.35
CA LEU F 4 56.68 -8.85 28.56
C LEU F 4 56.17 -7.43 28.68
N VAL F 5 55.34 -6.99 27.72
CA VAL F 5 54.86 -5.61 27.73
C VAL F 5 53.37 -5.37 28.00
N GLU F 6 53.07 -4.88 29.20
CA GLU F 6 51.72 -4.58 29.62
C GLU F 6 51.31 -3.30 28.90
N SER F 7 50.03 -3.14 28.58
CA SER F 7 49.64 -1.91 27.92
C SER F 7 48.20 -1.54 27.76
N GLY F 8 47.41 -1.58 28.82
CA GLY F 8 46.03 -1.16 28.63
C GLY F 8 45.80 0.19 29.22
N GLY F 9 46.02 0.26 30.52
CA GLY F 9 45.86 1.45 31.33
C GLY F 9 45.29 2.77 30.88
N GLY F 10 44.82 3.53 31.85
CA GLY F 10 44.26 4.82 31.57
C GLY F 10 43.15 5.12 32.56
N LEU F 11 42.61 6.34 32.47
CA LEU F 11 41.54 6.79 33.35
C LEU F 11 40.29 6.02 32.98
N VAL F 12 39.53 5.63 34.00
CA VAL F 12 38.31 4.92 33.80
C VAL F 12 37.36 5.41 34.89
N GLN F 13 36.12 5.70 34.48
CA GLN F 13 35.08 6.17 35.40
C GLN F 13 34.72 4.96 36.26
N PRO F 14 34.49 5.17 37.56
CA PRO F 14 34.13 4.00 38.36
C PRO F 14 32.94 3.34 37.70
N GLY F 15 32.91 2.03 37.83
CA GLY F 15 31.85 1.24 37.22
C GLY F 15 32.24 0.90 35.80
N GLY F 16 33.08 1.72 35.20
CA GLY F 16 33.47 1.46 33.83
C GLY F 16 34.34 0.24 33.67
N SER F 17 34.73 -0.04 32.43
CA SER F 17 35.57 -1.19 32.13
C SER F 17 36.85 -0.83 31.34
N ARG F 18 37.74 -1.80 31.17
CA ARG F 18 39.03 -1.59 30.50
C ARG F 18 39.52 -2.99 30.12
N LYS F 19 40.44 -3.08 29.16
CA LYS F 19 41.02 -4.35 28.73
C LYS F 19 42.52 -4.20 28.56
N LEU F 20 43.28 -4.82 29.45
CA LEU F 20 44.70 -4.72 29.41
C LEU F 20 45.28 -5.75 28.44
N SER F 21 46.50 -5.50 27.98
CA SER F 21 47.19 -6.44 27.10
C SER F 21 48.61 -6.60 27.61
N CYS F 22 49.22 -7.74 27.27
CA CYS F 22 50.57 -8.05 27.67
C CYS F 22 51.20 -8.82 26.54
N ALA F 23 52.11 -8.18 25.81
CA ALA F 23 52.78 -8.83 24.68
C ALA F 23 53.99 -9.63 25.13
N ALA F 24 53.84 -10.93 25.10
CA ALA F 24 54.90 -11.83 25.51
C ALA F 24 55.79 -12.11 24.33
N SER F 25 57.11 -12.10 24.53
CA SER F 25 58.03 -12.39 23.45
C SER F 25 59.29 -12.92 24.09
N GLY F 26 60.10 -13.60 23.30
CA GLY F 26 61.34 -14.16 23.81
C GLY F 26 61.23 -15.59 24.27
N PHE F 27 60.01 -16.11 24.34
CA PHE F 27 59.81 -17.51 24.76
C PHE F 27 58.59 -18.11 24.07
N THR F 28 58.36 -19.40 24.34
CA THR F 28 57.24 -20.12 23.75
C THR F 28 56.04 -19.90 24.63
N PHE F 29 55.30 -18.86 24.30
CA PHE F 29 54.10 -18.41 25.00
C PHE F 29 53.16 -19.58 25.29
N SER F 30 52.88 -20.32 24.24
CA SER F 30 51.95 -21.43 24.29
C SER F 30 52.24 -22.54 25.25
N SER F 31 53.42 -22.55 25.87
CA SER F 31 53.73 -23.63 26.82
C SER F 31 53.66 -23.15 28.23
N PHE F 32 53.27 -21.90 28.44
CA PHE F 32 53.28 -21.40 29.80
C PHE F 32 51.99 -20.77 30.28
N GLY F 33 51.67 -20.99 31.54
CA GLY F 33 50.52 -20.35 32.14
C GLY F 33 50.98 -18.91 32.39
N MET F 34 50.05 -18.00 32.67
CA MET F 34 50.44 -16.62 32.91
C MET F 34 49.71 -16.08 34.11
N HIS F 35 50.19 -14.96 34.63
CA HIS F 35 49.58 -14.35 35.78
C HIS F 35 49.38 -12.88 35.54
N TRP F 36 48.45 -12.32 36.27
CA TRP F 36 48.22 -10.89 36.26
C TRP F 36 48.37 -10.61 37.74
N VAL F 37 49.20 -9.63 38.04
CA VAL F 37 49.49 -9.20 39.39
C VAL F 37 49.23 -7.69 39.31
N ARG F 38 48.86 -7.08 40.42
CA ARG F 38 48.62 -5.64 40.45
C ARG F 38 49.23 -5.19 41.76
N GLN F 39 49.40 -3.87 41.89
CA GLN F 39 49.93 -3.29 43.11
C GLN F 39 49.35 -1.92 43.33
N ALA F 40 48.56 -1.78 44.39
CA ALA F 40 47.91 -0.51 44.71
C ALA F 40 48.96 0.49 45.15
N PRO F 41 48.67 1.79 45.00
CA PRO F 41 49.55 2.89 45.37
C PRO F 41 50.39 2.68 46.61
N GLU F 42 49.78 2.77 47.78
CA GLU F 42 50.56 2.60 48.98
C GLU F 42 50.45 1.17 49.54
N LYS F 43 50.25 0.21 48.65
CA LYS F 43 50.13 -1.19 49.02
C LYS F 43 51.12 -2.05 48.26
N GLY F 44 51.26 -3.31 48.68
CA GLY F 44 52.20 -4.19 48.02
C GLY F 44 51.55 -4.98 46.90
N LEU F 45 52.31 -5.90 46.30
CA LEU F 45 51.83 -6.75 45.23
C LEU F 45 50.61 -7.56 45.67
N GLU F 46 49.74 -7.87 44.73
CA GLU F 46 48.56 -8.67 44.99
C GLU F 46 48.31 -9.47 43.72
N TRP F 47 48.20 -10.79 43.86
CA TRP F 47 47.96 -11.66 42.71
C TRP F 47 46.54 -11.45 42.20
N VAL F 48 46.35 -11.54 40.89
CA VAL F 48 45.04 -11.27 40.31
C VAL F 48 44.32 -12.43 39.60
N ALA F 49 45.03 -13.12 38.72
CA ALA F 49 44.44 -14.19 37.97
C ALA F 49 45.51 -15.06 37.37
N TYR F 50 45.14 -16.28 37.03
CA TYR F 50 46.06 -17.20 36.40
C TYR F 50 45.30 -17.91 35.28
N ILE F 51 45.99 -18.20 34.18
CA ILE F 51 45.42 -18.89 33.05
C ILE F 51 46.47 -19.83 32.48
N SER F 52 46.10 -21.12 32.37
CA SER F 52 46.99 -22.15 31.82
C SER F 52 47.20 -21.88 30.34
N SER F 53 48.19 -22.49 29.70
CA SER F 53 48.40 -22.20 28.27
C SER F 53 47.23 -22.61 27.40
N GLY F 54 46.49 -23.62 27.84
CA GLY F 54 45.37 -24.08 27.08
C GLY F 54 44.12 -23.37 27.50
N SER F 55 44.27 -22.42 28.40
CA SER F 55 43.14 -21.65 28.90
C SER F 55 42.09 -22.55 29.53
N SER F 56 42.50 -23.77 29.88
CA SER F 56 41.62 -24.74 30.49
C SER F 56 41.54 -24.61 31.99
N THR F 57 42.51 -23.95 32.60
CA THR F 57 42.49 -23.69 34.04
C THR F 57 42.66 -22.19 34.18
N ILE F 58 41.78 -21.58 34.97
CA ILE F 58 41.77 -20.15 35.15
C ILE F 58 41.49 -19.92 36.60
N TYR F 59 42.28 -19.07 37.26
CA TYR F 59 42.09 -18.74 38.68
C TYR F 59 41.88 -17.24 38.74
N TYR F 60 41.08 -16.78 39.69
CA TYR F 60 40.85 -15.35 39.89
C TYR F 60 40.92 -15.05 41.40
N ALA F 61 41.41 -13.87 41.74
CA ALA F 61 41.52 -13.47 43.11
C ALA F 61 40.08 -13.26 43.55
N ASP F 62 39.78 -13.45 44.84
CA ASP F 62 38.42 -13.25 45.37
C ASP F 62 37.96 -11.83 45.07
N THR F 63 38.89 -10.90 45.17
CA THR F 63 38.65 -9.48 44.92
C THR F 63 38.11 -9.16 43.53
N VAL F 64 38.67 -9.77 42.49
CA VAL F 64 38.26 -9.50 41.11
C VAL F 64 37.41 -10.63 40.55
N LYS F 65 37.14 -11.61 41.39
CA LYS F 65 36.32 -12.74 40.95
C LYS F 65 34.97 -12.23 40.48
N GLY F 66 34.67 -12.49 39.22
CA GLY F 66 33.39 -12.05 38.69
C GLY F 66 33.38 -10.75 37.93
N ARG F 67 34.41 -9.91 38.06
CA ARG F 67 34.49 -8.65 37.32
C ARG F 67 35.61 -8.64 36.27
N PHE F 68 36.68 -9.38 36.52
CA PHE F 68 37.80 -9.48 35.58
C PHE F 68 37.74 -10.84 34.90
N THR F 69 38.21 -10.88 33.66
CA THR F 69 38.22 -12.10 32.87
C THR F 69 39.59 -12.21 32.23
N ILE F 70 40.27 -13.31 32.48
CA ILE F 70 41.58 -13.53 31.93
C ILE F 70 41.43 -14.33 30.66
N SER F 71 42.26 -14.02 29.69
CA SER F 71 42.24 -14.67 28.39
C SER F 71 43.61 -14.46 27.79
N ARG F 72 43.89 -15.18 26.71
CA ARG F 72 45.19 -15.11 26.03
C ARG F 72 44.98 -15.51 24.56
N ASP F 73 45.85 -15.06 23.67
CA ASP F 73 45.72 -15.39 22.25
C ASP F 73 47.03 -16.03 21.86
N ASN F 74 47.11 -17.35 21.96
CA ASN F 74 48.38 -17.98 21.68
C ASN F 74 49.16 -17.67 20.40
N PRO F 75 48.51 -17.67 19.23
CA PRO F 75 49.26 -17.36 18.00
C PRO F 75 49.60 -15.91 17.79
N LYS F 76 49.17 -15.11 18.76
CA LYS F 76 49.34 -13.67 18.75
C LYS F 76 50.17 -13.24 19.96
N ASN F 77 50.72 -14.22 20.69
CA ASN F 77 51.55 -14.02 21.88
C ASN F 77 51.03 -13.01 22.89
N THR F 78 49.71 -12.90 23.05
CA THR F 78 49.17 -11.91 23.92
C THR F 78 48.27 -12.42 25.04
N LEU F 79 48.40 -11.79 26.19
CA LEU F 79 47.60 -12.10 27.36
C LEU F 79 46.68 -10.89 27.44
N PHE F 80 45.49 -11.05 28.02
CA PHE F 80 44.56 -9.95 28.17
C PHE F 80 43.99 -10.03 29.57
N LEU F 81 43.38 -8.94 30.00
CA LEU F 81 42.71 -8.86 31.28
C LEU F 81 41.55 -7.92 31.03
N GLN F 82 40.34 -8.46 31.02
CA GLN F 82 39.17 -7.65 30.82
C GLN F 82 38.64 -7.22 32.17
N MET F 83 38.72 -5.95 32.42
CA MET F 83 38.26 -5.38 33.65
C MET F 83 36.84 -4.88 33.44
N THR F 84 36.03 -4.96 34.51
CA THR F 84 34.64 -4.57 34.47
C THR F 84 34.19 -4.17 35.88
N SER F 85 33.17 -3.33 35.97
CA SER F 85 32.65 -2.88 37.26
C SER F 85 33.82 -2.37 38.05
N LEU F 86 34.63 -1.54 37.43
CA LEU F 86 35.80 -1.05 38.09
C LEU F 86 35.55 -0.18 39.31
N ARG F 87 35.97 -0.67 40.47
CA ARG F 87 35.83 0.11 41.69
C ARG F 87 37.13 0.92 41.80
N SER F 88 37.25 1.77 42.80
CA SER F 88 38.44 2.57 43.01
C SER F 88 39.54 1.66 43.53
N GLU F 89 39.12 0.60 44.20
CA GLU F 89 40.06 -0.38 44.76
C GLU F 89 40.87 -1.06 43.66
N ASP F 90 40.41 -0.90 42.41
CA ASP F 90 41.08 -1.48 41.26
C ASP F 90 42.17 -0.58 40.69
N THR F 91 42.24 0.66 41.18
CA THR F 91 43.25 1.60 40.73
C THR F 91 44.58 1.08 41.24
N ALA F 92 45.40 0.57 40.31
CA ALA F 92 46.70 0.01 40.65
C ALA F 92 47.57 -0.10 39.42
N MET F 93 48.79 -0.57 39.59
CA MET F 93 49.64 -0.77 38.45
C MET F 93 49.55 -2.26 38.12
N TYR F 94 49.18 -2.56 36.88
CA TYR F 94 49.02 -3.94 36.46
C TYR F 94 50.23 -4.53 35.74
N TYR F 95 50.64 -5.72 36.16
CA TYR F 95 51.81 -6.42 35.62
C TYR F 95 51.41 -7.83 35.25
N CYS F 96 51.83 -8.29 34.09
CA CYS F 96 51.58 -9.68 33.70
C CYS F 96 52.92 -10.37 34.02
N ALA F 97 52.92 -11.70 34.14
CA ALA F 97 54.13 -12.41 34.49
C ALA F 97 53.99 -13.84 34.05
N ARG F 98 55.10 -14.47 33.71
CA ARG F 98 55.08 -15.87 33.27
C ARG F 98 54.74 -16.72 34.47
N GLY F 99 54.25 -17.93 34.20
CA GLY F 99 53.84 -18.82 35.28
C GLY F 99 54.83 -18.99 36.42
N ASP F 100 56.11 -19.00 36.08
CA ASP F 100 57.20 -19.19 37.01
C ASP F 100 57.88 -17.90 37.48
N TYR F 101 57.24 -16.77 37.21
CA TYR F 101 57.76 -15.46 37.56
C TYR F 101 59.17 -15.23 37.11
N TYR F 102 59.51 -15.69 35.92
CA TYR F 102 60.84 -15.47 35.38
C TYR F 102 61.06 -13.96 35.20
N GLY F 103 62.13 -13.44 35.78
CA GLY F 103 62.42 -12.02 35.65
C GLY F 103 62.54 -11.70 34.18
N SER F 104 61.61 -10.88 33.69
CA SER F 104 61.51 -10.48 32.29
C SER F 104 61.83 -9.03 32.00
N ARG F 105 62.40 -8.77 30.83
CA ARG F 105 62.69 -7.39 30.43
C ARG F 105 61.33 -6.75 30.10
N GLY F 106 61.23 -5.44 30.29
CA GLY F 106 59.98 -4.74 30.00
C GLY F 106 60.06 -3.89 28.75
N ALA F 107 59.27 -2.83 28.72
CA ALA F 107 59.28 -1.94 27.56
C ALA F 107 60.30 -0.83 27.77
N TYR F 108 60.70 -0.20 26.68
CA TYR F 108 61.67 0.90 26.75
C TYR F 108 61.18 1.94 27.75
N TRP F 109 59.86 2.03 27.90
CA TRP F 109 59.27 3.00 28.79
C TRP F 109 59.21 2.64 30.25
N GLY F 110 59.10 1.35 30.55
CA GLY F 110 59.02 0.92 31.94
C GLY F 110 58.39 -0.44 32.09
N GLN F 111 57.79 -0.66 33.25
CA GLN F 111 57.19 -1.96 33.55
C GLN F 111 55.79 -1.79 34.12
N GLY F 112 54.84 -2.60 33.63
CA GLY F 112 53.47 -2.53 34.12
C GLY F 112 52.63 -1.50 33.39
N THR F 113 51.36 -1.36 33.78
CA THR F 113 50.45 -0.41 33.15
C THR F 113 49.50 0.09 34.22
N LEU F 114 49.47 1.41 34.39
CA LEU F 114 48.64 2.03 35.42
C LEU F 114 47.24 2.27 34.96
N VAL F 115 46.26 1.96 35.81
CA VAL F 115 44.86 2.22 35.47
C VAL F 115 44.26 2.82 36.72
N THR F 116 43.72 4.03 36.55
CA THR F 116 43.12 4.83 37.59
C THR F 116 41.61 4.78 37.44
N VAL F 117 40.88 4.69 38.55
CA VAL F 117 39.43 4.66 38.49
C VAL F 117 38.98 5.96 39.18
N SER F 118 38.50 6.94 38.39
CA SER F 118 38.10 8.24 38.94
C SER F 118 37.36 9.21 37.99
N ALA F 119 37.55 10.52 38.23
CA ALA F 119 36.94 11.65 37.49
C ALA F 119 37.55 12.34 36.24
N LYS F 120 38.20 13.51 36.37
CA LYS F 120 38.62 14.25 35.15
C LYS F 120 40.05 14.54 34.66
N THR F 121 40.28 14.36 33.36
CA THR F 121 41.60 14.60 32.79
C THR F 121 41.90 16.08 32.74
N THR F 122 43.13 16.44 33.02
CA THR F 122 43.57 17.83 33.06
C THR F 122 45.02 17.89 32.59
N ALA F 123 45.32 18.83 31.70
CA ALA F 123 46.66 18.95 31.15
C ALA F 123 47.62 19.62 32.13
N PRO F 124 48.88 19.16 32.14
CA PRO F 124 49.77 19.81 33.09
C PRO F 124 50.18 21.12 32.51
N SER F 125 50.81 21.91 33.35
CA SER F 125 51.36 23.18 32.96
C SER F 125 52.82 22.95 33.27
N VAL F 126 53.68 23.03 32.27
CA VAL F 126 55.10 22.83 32.45
C VAL F 126 55.80 24.20 32.61
N TYR F 127 56.61 24.33 33.64
CA TYR F 127 57.34 25.57 33.88
C TYR F 127 58.82 25.28 34.05
N PRO F 128 59.67 26.13 33.45
CA PRO F 128 61.11 25.95 33.54
C PRO F 128 61.66 26.65 34.77
N LEU F 129 62.48 25.92 35.54
CA LEU F 129 63.09 26.46 36.77
C LEU F 129 64.55 26.80 36.56
N ALA F 130 64.84 28.06 36.29
CA ALA F 130 66.21 28.44 36.04
C ALA F 130 66.76 29.03 37.32
N PRO F 131 68.10 29.04 37.46
CA PRO F 131 68.74 29.57 38.65
C PRO F 131 68.48 31.01 39.06
N VAL F 132 69.37 31.94 38.70
CA VAL F 132 69.36 33.38 39.09
C VAL F 132 69.86 33.33 40.50
N CYS F 133 69.35 32.32 41.21
CA CYS F 133 69.71 31.92 42.55
C CYS F 133 69.94 30.39 42.29
N GLY F 134 68.87 29.68 41.83
CA GLY F 134 68.89 28.24 41.50
C GLY F 134 70.17 27.53 41.88
N ASP F 135 70.45 27.72 43.17
CA ASP F 135 71.64 27.29 43.91
C ASP F 135 72.54 26.09 43.61
N THR F 136 72.95 26.03 42.35
CA THR F 136 73.89 25.06 41.79
C THR F 136 74.10 23.74 42.54
N THR F 137 75.33 23.56 43.03
CA THR F 137 75.78 22.38 43.78
C THR F 137 77.21 22.76 44.23
N GLY F 138 77.94 23.35 43.29
CA GLY F 138 79.31 23.80 43.49
C GLY F 138 79.63 24.36 42.12
N SER F 139 80.65 23.84 41.45
CA SER F 139 80.96 24.31 40.09
C SER F 139 80.00 23.59 39.14
N SER F 140 78.90 23.09 39.70
CA SER F 140 77.86 22.39 38.97
C SER F 140 76.63 23.23 39.22
N VAL F 141 75.80 23.40 38.19
CA VAL F 141 74.57 24.18 38.29
C VAL F 141 73.37 23.25 38.14
N THR F 142 72.35 23.43 38.97
CA THR F 142 71.17 22.59 38.86
C THR F 142 70.04 23.38 38.27
N LEU F 143 69.29 22.75 37.36
CA LEU F 143 68.13 23.37 36.72
C LEU F 143 66.90 22.50 37.04
N GLY F 144 65.71 23.06 36.91
CA GLY F 144 64.55 22.29 37.23
C GLY F 144 63.44 22.42 36.22
N CYS F 145 62.36 21.66 36.45
CA CYS F 145 61.20 21.68 35.61
C CYS F 145 60.00 21.29 36.50
N LEU F 146 58.96 22.13 36.48
CA LEU F 146 57.76 21.92 37.29
C LEU F 146 56.55 21.58 36.42
N VAL F 147 56.01 20.39 36.65
CA VAL F 147 54.86 19.89 35.93
C VAL F 147 53.76 19.97 36.94
N LYS F 148 52.91 20.97 36.85
CA LYS F 148 51.90 21.04 37.87
C LYS F 148 50.51 21.12 37.37
N GLY F 149 49.59 20.57 38.17
CA GLY F 149 48.18 20.55 37.87
C GLY F 149 47.67 19.65 36.77
N TYR F 150 47.94 18.36 36.89
CA TYR F 150 47.49 17.42 35.87
C TYR F 150 46.75 16.23 36.42
N PHE F 151 46.00 15.56 35.55
CA PHE F 151 45.28 14.34 35.92
C PHE F 151 44.89 13.59 34.66
N PRO F 152 45.05 12.26 34.66
CA PRO F 152 45.56 11.44 35.75
C PRO F 152 47.03 11.19 35.49
N GLU F 153 47.65 10.31 36.29
CA GLU F 153 49.06 9.95 36.09
C GLU F 153 49.02 8.93 34.95
N PRO F 154 50.13 8.71 34.27
CA PRO F 154 51.43 9.31 34.44
C PRO F 154 51.75 10.45 33.46
N VAL F 155 52.94 10.97 33.63
CA VAL F 155 53.48 12.05 32.84
C VAL F 155 54.88 11.51 32.62
N THR F 156 55.41 11.68 31.41
CA THR F 156 56.75 11.24 31.07
C THR F 156 57.60 12.48 30.91
N LEU F 157 58.71 12.54 31.62
CA LEU F 157 59.55 13.70 31.55
C LEU F 157 60.94 13.24 31.31
N THR F 158 61.62 13.92 30.38
CA THR F 158 63.00 13.62 30.04
C THR F 158 63.71 14.92 29.82
N TRP F 159 65.03 14.87 29.78
CA TRP F 159 65.84 16.06 29.58
C TRP F 159 66.60 15.86 28.28
N ASN F 160 66.45 16.83 27.38
CA ASN F 160 67.11 16.75 26.10
C ASN F 160 66.84 15.38 25.49
N SER F 161 65.55 15.12 25.31
CA SER F 161 65.07 13.90 24.69
C SER F 161 65.70 12.61 25.25
N GLY F 162 66.07 12.62 26.51
CA GLY F 162 66.64 11.42 27.08
C GLY F 162 68.15 11.37 27.04
N SER F 163 68.76 12.22 26.23
CA SER F 163 70.20 12.26 26.11
C SER F 163 70.81 12.60 27.44
N LEU F 164 70.10 13.44 28.20
CA LEU F 164 70.58 13.87 29.51
C LEU F 164 69.93 12.98 30.57
N SER F 165 70.69 12.01 31.06
CA SER F 165 70.19 11.06 32.04
C SER F 165 70.91 11.03 33.37
N SER F 166 72.16 11.49 33.39
CA SER F 166 72.91 11.49 34.62
C SER F 166 72.59 12.76 35.42
N GLY F 167 72.50 12.65 36.73
CA GLY F 167 72.22 13.82 37.56
C GLY F 167 70.79 14.32 37.63
N VAL F 168 69.84 13.62 37.02
CA VAL F 168 68.44 14.05 37.07
C VAL F 168 67.66 13.25 38.12
N HIS F 169 66.82 13.95 38.87
CA HIS F 169 65.97 13.35 39.88
C HIS F 169 64.58 13.79 39.52
N THR F 170 63.67 12.84 39.38
CA THR F 170 62.30 13.19 39.11
C THR F 170 61.54 12.75 40.34
N PHE F 171 61.13 13.73 41.13
CA PHE F 171 60.41 13.45 42.35
C PHE F 171 59.02 12.97 41.95
N PRO F 172 58.53 11.89 42.58
CA PRO F 172 57.21 11.31 42.30
C PRO F 172 56.04 12.31 42.44
N ALA F 173 55.00 12.10 41.63
CA ALA F 173 53.83 12.99 41.63
C ALA F 173 53.08 12.98 42.97
N VAL F 174 52.66 14.16 43.42
CA VAL F 174 51.94 14.34 44.67
C VAL F 174 50.55 14.90 44.38
N LEU F 175 49.51 14.16 44.73
CA LEU F 175 48.15 14.62 44.50
C LEU F 175 47.74 15.61 45.56
N GLN F 176 47.27 16.76 45.12
CA GLN F 176 46.79 17.78 46.03
C GLN F 176 45.47 18.19 45.38
N SER F 177 44.38 18.05 46.12
CA SER F 177 43.03 18.34 45.62
C SER F 177 42.74 17.10 44.78
N ASP F 178 42.70 17.27 43.46
CA ASP F 178 42.48 16.14 42.57
C ASP F 178 43.30 16.36 41.32
N LEU F 179 44.51 16.88 41.56
CA LEU F 179 45.48 17.18 40.52
C LEU F 179 46.88 16.82 41.04
N TYR F 180 47.78 16.47 40.14
CA TYR F 180 49.14 16.13 40.50
C TYR F 180 50.18 17.22 40.17
N THR F 181 51.30 17.19 40.89
CA THR F 181 52.43 18.10 40.66
C THR F 181 53.66 17.22 40.78
N LEU F 182 54.54 17.36 39.80
CA LEU F 182 55.78 16.58 39.70
C LEU F 182 56.84 17.56 39.27
N SER F 183 58.08 17.23 39.52
CA SER F 183 59.17 18.10 39.16
C SER F 183 60.38 17.24 39.00
N SER F 184 61.35 17.77 38.27
CA SER F 184 62.57 17.04 38.01
C SER F 184 63.65 18.09 38.06
N SER F 185 64.77 17.73 38.66
CA SER F 185 65.93 18.60 38.76
C SER F 185 67.00 17.89 37.94
N VAL F 186 67.89 18.65 37.31
CA VAL F 186 69.01 18.07 36.57
C VAL F 186 70.26 18.86 36.95
N THR F 187 71.36 18.17 37.20
CA THR F 187 72.61 18.83 37.55
C THR F 187 73.64 18.64 36.43
N VAL F 188 74.10 19.76 35.89
CA VAL F 188 75.06 19.74 34.82
C VAL F 188 76.26 20.52 35.33
N THR F 189 77.30 20.57 34.50
CA THR F 189 78.51 21.30 34.88
C THR F 189 78.24 22.77 34.58
N SER F 190 78.88 23.62 35.36
CA SER F 190 78.76 25.06 35.17
C SER F 190 79.12 25.42 33.73
N SER F 191 79.90 24.55 33.09
CA SER F 191 80.38 24.72 31.72
C SER F 191 79.30 24.41 30.67
N THR F 192 78.46 23.41 30.96
CA THR F 192 77.40 23.00 30.04
C THR F 192 76.35 24.08 29.80
N TRP F 193 75.70 24.53 30.86
CA TRP F 193 74.65 25.55 30.74
C TRP F 193 75.21 26.93 31.08
N PRO F 194 74.77 27.99 30.38
CA PRO F 194 73.80 28.08 29.29
C PRO F 194 74.25 27.70 27.90
N SER F 195 75.51 27.33 27.74
CA SER F 195 76.03 26.96 26.44
C SER F 195 75.25 25.84 25.74
N GLN F 196 75.34 24.60 26.21
CA GLN F 196 74.57 23.52 25.60
C GLN F 196 73.13 23.76 26.04
N SER F 197 72.20 23.69 25.10
CA SER F 197 70.79 23.89 25.38
C SER F 197 70.19 22.72 26.16
N ILE F 198 69.57 23.03 27.30
CA ILE F 198 68.95 21.98 28.10
C ILE F 198 67.45 22.25 28.02
N THR F 199 66.71 21.19 27.75
CA THR F 199 65.29 21.28 27.58
C THR F 199 64.66 20.25 28.47
N CYS F 200 63.41 20.51 28.83
CA CYS F 200 62.61 19.64 29.66
C CYS F 200 61.53 19.15 28.71
N ASN F 201 61.44 17.83 28.54
CA ASN F 201 60.44 17.25 27.65
C ASN F 201 59.40 16.55 28.50
N VAL F 202 58.16 17.04 28.44
CA VAL F 202 57.06 16.47 29.20
C VAL F 202 55.96 15.95 28.28
N ALA F 203 55.39 14.80 28.62
CA ALA F 203 54.31 14.17 27.86
C ALA F 203 53.30 13.62 28.83
N HIS F 204 52.04 14.01 28.63
CA HIS F 204 50.93 13.54 29.45
C HIS F 204 50.01 12.85 28.48
N PRO F 205 50.31 11.58 28.17
CA PRO F 205 49.57 10.71 27.24
C PRO F 205 48.06 10.90 27.35
N ALA F 206 47.55 10.73 28.57
CA ALA F 206 46.14 10.85 28.88
C ALA F 206 45.45 12.08 28.32
N SER F 207 46.20 13.05 27.81
CA SER F 207 45.56 14.26 27.26
C SER F 207 46.25 14.72 26.00
N SER F 208 47.06 13.86 25.42
CA SER F 208 47.77 14.16 24.18
C SER F 208 48.65 15.39 24.30
N THR F 209 49.07 15.70 25.52
CA THR F 209 49.92 16.85 25.79
C THR F 209 51.37 16.46 25.61
N LYS F 210 52.13 17.29 24.90
CA LYS F 210 53.56 17.04 24.74
C LYS F 210 54.24 18.38 24.65
N VAL F 211 55.00 18.75 25.68
CA VAL F 211 55.67 20.05 25.66
C VAL F 211 57.15 19.92 25.96
N ASP F 212 57.91 20.74 25.26
CA ASP F 212 59.35 20.81 25.42
C ASP F 212 59.64 22.23 25.90
N LYS F 213 60.24 22.35 27.08
CA LYS F 213 60.55 23.65 27.65
C LYS F 213 62.06 23.83 27.84
N LYS F 214 62.66 24.77 27.11
CA LYS F 214 64.09 25.05 27.21
C LYS F 214 64.36 25.97 28.37
N ILE F 215 65.24 25.54 29.26
CA ILE F 215 65.58 26.34 30.43
C ILE F 215 66.60 27.39 30.00
N GLU F 216 66.23 28.65 30.18
CA GLU F 216 67.09 29.76 29.80
C GLU F 216 67.47 30.61 30.98
N PRO F 217 68.63 31.27 30.90
CA PRO F 217 69.15 32.14 31.95
C PRO F 217 68.23 33.20 32.52
N ARG F 218 68.34 33.31 33.84
CA ARG F 218 67.65 34.21 34.78
C ARG F 218 67.22 33.29 35.92
N GLY F 219 65.98 33.38 36.40
CA GLY F 219 65.59 32.49 37.50
C GLY F 219 64.13 32.23 37.83
N GLN G 1 54.90 26.71 -5.92
CA GLN G 1 53.49 26.31 -6.21
C GLN G 1 53.18 26.28 -7.72
N ILE G 2 54.20 25.92 -8.47
CA ILE G 2 54.14 25.79 -9.88
C ILE G 2 53.76 24.32 -10.07
N GLN G 3 52.85 24.03 -10.98
CA GLN G 3 52.46 22.66 -11.15
C GLN G 3 53.29 22.04 -12.25
N MET G 4 53.90 20.91 -11.92
CA MET G 4 54.74 20.15 -12.85
C MET G 4 53.96 18.98 -13.39
N THR G 5 53.91 18.85 -14.71
CA THR G 5 53.15 17.78 -15.35
C THR G 5 54.12 16.85 -16.01
N GLN G 6 54.20 15.63 -15.50
CA GLN G 6 55.12 14.62 -16.02
C GLN G 6 54.41 13.54 -16.76
N SER G 7 54.99 13.15 -17.89
CA SER G 7 54.45 12.11 -18.76
C SER G 7 55.62 11.29 -19.29
N PRO G 8 55.43 9.97 -19.50
CA PRO G 8 54.20 9.21 -19.24
C PRO G 8 54.14 8.80 -17.77
N SER G 9 52.95 8.47 -17.27
CA SER G 9 52.80 8.03 -15.90
C SER G 9 53.54 6.75 -15.66
N SER G 10 53.58 5.90 -16.68
CA SER G 10 54.27 4.63 -16.57
C SER G 10 54.60 4.12 -17.96
N LEU G 11 55.50 3.15 -18.04
CA LEU G 11 55.89 2.59 -19.32
C LEU G 11 56.72 1.35 -19.13
N SER G 12 56.64 0.43 -20.09
CA SER G 12 57.43 -0.79 -20.07
C SER G 12 58.35 -0.59 -21.23
N ALA G 13 59.61 -0.87 -21.04
CA ALA G 13 60.57 -0.67 -22.10
C ALA G 13 61.53 -1.80 -22.03
N SER G 14 62.00 -2.25 -23.19
CA SER G 14 62.94 -3.34 -23.20
C SER G 14 64.27 -2.71 -22.86
N LEU G 15 65.19 -3.52 -22.36
CA LEU G 15 66.51 -2.99 -22.04
C LEU G 15 67.12 -2.59 -23.37
N GLY G 16 67.95 -1.57 -23.39
CA GLY G 16 68.55 -1.16 -24.63
C GLY G 16 67.73 -0.09 -25.32
N GLU G 17 66.46 0.07 -24.94
CA GLU G 17 65.60 1.08 -25.55
C GLU G 17 65.94 2.43 -25.04
N ARG G 18 65.43 3.45 -25.73
CA ARG G 18 65.59 4.86 -25.39
C ARG G 18 64.29 5.25 -24.71
N VAL G 19 64.38 6.09 -23.71
CA VAL G 19 63.21 6.50 -22.95
C VAL G 19 63.31 8.00 -22.78
N SER G 20 62.22 8.70 -23.06
CA SER G 20 62.19 10.14 -22.86
C SER G 20 61.02 10.44 -21.91
N LEU G 21 61.34 11.06 -20.77
CA LEU G 21 60.35 11.46 -19.78
C LEU G 21 60.25 12.97 -19.95
N THR G 22 59.05 13.53 -19.84
CA THR G 22 58.87 14.95 -20.06
C THR G 22 58.13 15.60 -18.90
N CYS G 23 58.53 16.82 -18.57
CA CYS G 23 57.93 17.59 -17.51
C CYS G 23 57.70 18.96 -18.03
N ARG G 24 56.51 19.48 -17.79
CA ARG G 24 56.16 20.82 -18.23
C ARG G 24 55.88 21.54 -16.93
N ALA G 25 56.03 22.86 -16.94
CA ALA G 25 55.76 23.67 -15.76
C ALA G 25 54.61 24.60 -16.04
N SER G 26 53.80 24.86 -15.00
CA SER G 26 52.65 25.75 -15.09
C SER G 26 53.07 27.20 -15.34
N GLN G 27 54.28 27.55 -14.92
CA GLN G 27 54.80 28.89 -15.16
C GLN G 27 56.30 28.78 -15.21
N GLU G 28 56.96 29.79 -15.76
CA GLU G 28 58.43 29.79 -15.94
C GLU G 28 59.25 29.42 -14.71
N ILE G 29 60.23 28.56 -14.91
CA ILE G 29 61.10 28.15 -13.83
C ILE G 29 62.57 28.35 -14.19
N SER G 30 62.82 28.86 -15.40
CA SER G 30 64.18 29.15 -15.85
C SER G 30 65.21 28.03 -15.68
N GLY G 31 64.84 26.81 -16.05
CA GLY G 31 65.80 25.73 -15.94
C GLY G 31 66.04 25.17 -14.55
N TYR G 32 65.38 25.71 -13.55
CA TYR G 32 65.55 25.17 -12.21
C TYR G 32 64.64 23.92 -12.03
N LEU G 33 65.04 22.84 -12.66
CA LEU G 33 64.32 21.60 -12.67
C LEU G 33 65.35 20.49 -12.59
N SER G 34 65.13 19.55 -11.67
CA SER G 34 66.00 18.41 -11.45
C SER G 34 65.24 17.16 -11.80
N TRP G 35 65.98 16.08 -12.05
CA TRP G 35 65.39 14.78 -12.36
C TRP G 35 65.97 13.84 -11.35
N LEU G 36 65.11 13.24 -10.53
CA LEU G 36 65.52 12.28 -9.52
C LEU G 36 64.94 10.91 -9.85
N GLN G 37 65.59 9.88 -9.31
CA GLN G 37 65.13 8.52 -9.47
C GLN G 37 65.00 7.95 -8.07
N GLN G 38 63.82 7.40 -7.78
CA GLN G 38 63.57 6.76 -6.50
C GLN G 38 63.77 5.27 -6.71
N LYS G 39 64.89 4.76 -6.23
CA LYS G 39 65.23 3.34 -6.35
C LYS G 39 64.22 2.47 -5.56
N PRO G 40 64.07 1.21 -5.97
CA PRO G 40 63.13 0.30 -5.31
C PRO G 40 63.22 0.25 -3.77
N ASP G 41 64.38 0.60 -3.19
CA ASP G 41 64.56 0.56 -1.74
C ASP G 41 64.11 1.83 -1.04
N GLY G 42 63.63 2.79 -1.82
CA GLY G 42 63.16 4.03 -1.23
C GLY G 42 64.14 5.17 -1.40
N THR G 43 65.36 4.83 -1.77
CA THR G 43 66.43 5.79 -2.01
C THR G 43 66.11 6.81 -3.13
N ILE G 44 66.06 8.08 -2.79
CA ILE G 44 65.85 9.15 -3.77
C ILE G 44 67.28 9.56 -4.11
N LYS G 45 67.55 9.80 -5.38
CA LYS G 45 68.90 10.10 -5.82
C LYS G 45 68.82 11.01 -7.06
N ARG G 46 69.37 12.22 -6.95
CA ARG G 46 69.35 13.20 -8.05
C ARG G 46 70.28 12.78 -9.16
N LEU G 47 69.79 12.92 -10.37
CA LEU G 47 70.52 12.55 -11.56
C LEU G 47 71.05 13.76 -12.28
N ILE G 48 70.16 14.73 -12.45
CA ILE G 48 70.42 15.96 -13.19
C ILE G 48 69.90 17.20 -12.47
N TYR G 49 70.61 18.31 -12.54
CA TYR G 49 70.13 19.54 -11.93
C TYR G 49 70.30 20.66 -12.95
N ALA G 50 69.58 21.75 -12.74
CA ALA G 50 69.64 22.89 -13.65
C ALA G 50 69.24 22.41 -15.03
N ALA G 51 68.17 21.63 -15.07
CA ALA G 51 67.61 21.09 -16.29
C ALA G 51 68.49 20.14 -17.11
N SER G 52 69.80 20.36 -17.16
CA SER G 52 70.62 19.49 -17.99
C SER G 52 72.02 19.16 -17.50
N THR G 53 72.35 19.53 -16.28
CA THR G 53 73.68 19.24 -15.75
C THR G 53 73.67 17.94 -14.94
N LEU G 54 74.38 16.92 -15.42
CA LEU G 54 74.46 15.66 -14.68
C LEU G 54 75.15 15.83 -13.30
N ASP G 55 74.73 15.10 -12.29
CA ASP G 55 75.44 15.19 -11.03
C ASP G 55 76.62 14.26 -11.26
N SER G 56 77.61 14.27 -10.39
CA SER G 56 78.76 13.41 -10.60
C SER G 56 78.40 11.96 -10.46
N GLY G 57 79.12 11.10 -11.16
CA GLY G 57 78.84 9.68 -11.05
C GLY G 57 77.59 9.24 -11.77
N VAL G 58 76.82 10.19 -12.31
CA VAL G 58 75.63 9.85 -13.04
C VAL G 58 76.05 9.49 -14.45
N PRO G 59 75.79 8.24 -14.86
CA PRO G 59 76.13 7.68 -16.18
C PRO G 59 75.87 8.63 -17.34
N LYS G 60 76.72 8.60 -18.33
CA LYS G 60 76.55 9.46 -19.48
C LYS G 60 75.31 9.16 -20.33
N ARG G 61 74.58 8.07 -20.06
CA ARG G 61 73.42 7.76 -20.86
C ARG G 61 72.15 8.55 -20.47
N PHE G 62 72.30 9.39 -19.44
CA PHE G 62 71.22 10.21 -18.98
C PHE G 62 71.56 11.61 -19.39
N SER G 63 70.58 12.38 -19.84
CA SER G 63 70.80 13.76 -20.25
C SER G 63 69.50 14.50 -20.17
N GLY G 64 69.59 15.81 -19.92
CA GLY G 64 68.43 16.68 -19.84
C GLY G 64 68.48 17.69 -20.97
N SER G 65 67.32 18.21 -21.32
CA SER G 65 67.16 19.20 -22.37
C SER G 65 65.90 20.06 -22.08
N ARG G 66 65.83 21.25 -22.67
CA ARG G 66 64.68 22.13 -22.48
C ARG G 66 64.16 22.50 -23.89
N SER G 67 62.89 22.25 -24.16
CA SER G 67 62.35 22.62 -25.43
C SER G 67 61.18 23.48 -25.07
N GLY G 68 61.47 24.76 -24.87
CA GLY G 68 60.44 25.70 -24.52
C GLY G 68 59.86 25.35 -23.17
N SER G 69 58.59 24.96 -23.13
CA SER G 69 57.94 24.54 -21.88
C SER G 69 58.41 23.14 -21.40
N ASP G 70 58.74 22.28 -22.35
CA ASP G 70 59.14 20.92 -22.05
C ASP G 70 60.51 20.76 -21.50
N TYR G 71 60.65 19.94 -20.47
CA TYR G 71 61.95 19.62 -19.85
C TYR G 71 61.99 18.13 -20.04
N SER G 72 63.03 17.65 -20.72
CA SER G 72 63.12 16.24 -21.07
C SER G 72 64.32 15.44 -20.55
N LEU G 73 64.03 14.28 -19.95
CA LEU G 73 65.08 13.39 -19.49
C LEU G 73 65.13 12.27 -20.53
N THR G 74 66.31 12.04 -21.11
CA THR G 74 66.45 11.00 -22.09
C THR G 74 67.43 9.96 -21.58
N ILE G 75 67.02 8.70 -21.62
CA ILE G 75 67.91 7.63 -21.20
C ILE G 75 68.11 6.94 -22.53
N SER G 76 69.28 7.08 -23.13
CA SER G 76 69.52 6.38 -24.39
C SER G 76 69.96 5.00 -23.94
N SER G 77 69.28 3.94 -24.33
CA SER G 77 69.69 2.60 -23.88
C SER G 77 69.44 2.29 -22.40
N LEU G 78 68.29 1.67 -22.11
CA LEU G 78 67.92 1.29 -20.75
C LEU G 78 68.77 0.18 -20.24
N GLU G 79 69.27 0.35 -19.02
CA GLU G 79 70.09 -0.67 -18.37
C GLU G 79 69.23 -1.19 -17.26
N SER G 80 69.50 -2.41 -16.83
CA SER G 80 68.74 -3.06 -15.76
C SER G 80 68.81 -2.27 -14.48
N GLU G 81 69.94 -1.64 -14.26
CA GLU G 81 70.15 -0.80 -13.07
C GLU G 81 69.30 0.46 -13.10
N ASP G 82 68.65 0.75 -14.22
CA ASP G 82 67.82 1.94 -14.30
C ASP G 82 66.38 1.71 -13.87
N PHE G 83 66.10 0.49 -13.41
CA PHE G 83 64.77 0.12 -12.94
C PHE G 83 64.48 1.02 -11.75
N ALA G 84 63.58 1.98 -11.95
CA ALA G 84 63.21 2.89 -10.88
C ALA G 84 62.02 3.71 -11.28
N ASP G 85 61.66 4.66 -10.41
CA ASP G 85 60.56 5.60 -10.64
C ASP G 85 61.31 6.88 -10.83
N TYR G 86 60.90 7.69 -11.79
CA TYR G 86 61.57 8.95 -12.01
C TYR G 86 60.61 10.12 -11.78
N TYR G 87 61.10 11.19 -11.17
CA TYR G 87 60.28 12.35 -10.88
C TYR G 87 61.10 13.57 -11.21
N CYS G 88 60.44 14.65 -11.62
CA CYS G 88 61.13 15.87 -11.90
C CYS G 88 60.73 16.81 -10.79
N LEU G 89 61.59 17.75 -10.42
CA LEU G 89 61.30 18.67 -9.33
C LEU G 89 61.64 20.08 -9.75
N GLN G 90 60.78 21.03 -9.41
CA GLN G 90 61.06 22.41 -9.73
C GLN G 90 61.57 23.01 -8.44
N TYR G 91 62.69 23.72 -8.51
CA TYR G 91 63.24 24.38 -7.34
C TYR G 91 63.42 25.86 -7.65
N ALA G 92 62.51 26.41 -8.42
CA ALA G 92 62.56 27.81 -8.76
C ALA G 92 61.78 28.67 -7.76
N SER G 93 60.64 28.18 -7.32
CA SER G 93 59.83 28.95 -6.42
C SER G 93 59.80 28.31 -5.06
N SER G 94 59.71 29.16 -4.04
CA SER G 94 59.69 28.82 -2.61
C SER G 94 58.96 27.54 -2.20
N PRO G 95 57.86 27.18 -2.92
CA PRO G 95 57.12 25.93 -2.62
C PRO G 95 57.48 24.97 -3.79
N TYR G 96 58.44 24.07 -3.51
CA TYR G 96 58.96 23.13 -4.49
C TYR G 96 57.92 22.10 -4.76
N THR G 97 57.85 21.68 -6.01
CA THR G 97 56.88 20.71 -6.43
C THR G 97 57.48 19.64 -7.38
N PHE G 98 57.12 18.38 -7.14
CA PHE G 98 57.56 17.25 -7.96
C PHE G 98 56.52 16.98 -9.04
N GLY G 99 56.94 16.32 -10.11
CA GLY G 99 56.02 15.95 -11.16
C GLY G 99 55.36 14.69 -10.61
N GLY G 100 54.30 14.27 -11.27
CA GLY G 100 53.62 13.06 -10.83
C GLY G 100 54.44 11.77 -10.90
N GLY G 101 55.53 11.74 -11.64
CA GLY G 101 56.33 10.53 -11.67
C GLY G 101 56.07 9.60 -12.81
N THR G 102 56.96 8.64 -12.97
CA THR G 102 56.85 7.67 -14.04
C THR G 102 57.29 6.33 -13.54
N LYS G 103 56.34 5.40 -13.35
CA LYS G 103 56.71 4.08 -12.90
C LYS G 103 57.31 3.36 -14.11
N LEU G 104 58.56 2.94 -14.03
CA LEU G 104 59.18 2.27 -15.15
C LEU G 104 59.23 0.76 -14.94
N GLU G 105 58.59 0.03 -15.86
CA GLU G 105 58.55 -1.42 -15.80
C GLU G 105 59.43 -1.93 -16.93
N ILE G 106 60.28 -2.89 -16.61
CA ILE G 106 61.17 -3.45 -17.59
C ILE G 106 60.53 -4.63 -18.32
N LEU G 107 60.28 -4.41 -19.60
CA LEU G 107 59.67 -5.39 -20.52
C LEU G 107 60.54 -6.66 -20.54
N ARG G 108 59.89 -7.82 -20.55
CA ARG G 108 60.63 -9.07 -20.48
C ARG G 108 59.97 -10.32 -21.12
N GLY G 109 60.74 -11.38 -21.27
CA GLY G 109 60.25 -12.61 -21.85
C GLY G 109 59.13 -13.16 -20.99
N GLY G 110 58.26 -13.94 -21.63
CA GLY G 110 57.15 -14.55 -20.92
C GLY G 110 57.71 -15.51 -19.88
N ALA G 111 57.01 -15.60 -18.76
CA ALA G 111 57.39 -16.48 -17.65
C ALA G 111 56.10 -17.03 -17.04
N ALA G 112 55.98 -18.34 -17.01
CA ALA G 112 54.81 -18.98 -16.43
C ALA G 112 54.91 -19.05 -14.90
N PRO G 113 53.79 -18.82 -14.19
CA PRO G 113 53.87 -18.87 -12.74
C PRO G 113 54.12 -20.26 -12.22
N THR G 114 54.76 -20.34 -11.05
CA THR G 114 55.01 -21.60 -10.39
C THR G 114 53.99 -21.58 -9.25
N VAL G 115 52.89 -22.32 -9.42
CA VAL G 115 51.80 -22.37 -8.43
C VAL G 115 52.02 -23.38 -7.32
N SER G 116 51.62 -22.99 -6.10
CA SER G 116 51.71 -23.80 -4.87
C SER G 116 50.54 -23.52 -3.95
N ILE G 117 49.97 -24.57 -3.39
CA ILE G 117 48.84 -24.39 -2.48
C ILE G 117 49.21 -24.82 -1.04
N PHE G 118 48.61 -24.17 -0.05
CA PHE G 118 48.90 -24.50 1.34
C PHE G 118 47.60 -24.60 2.13
N PRO G 119 47.33 -25.76 2.72
CA PRO G 119 46.11 -25.95 3.50
C PRO G 119 46.28 -25.15 4.82
N PRO G 120 45.18 -24.90 5.56
CA PRO G 120 45.24 -24.16 6.81
C PRO G 120 46.13 -24.87 7.82
N SER G 121 46.89 -24.09 8.60
CA SER G 121 47.76 -24.67 9.63
C SER G 121 46.88 -25.09 10.79
N SER G 122 47.39 -26.02 11.60
CA SER G 122 46.65 -26.50 12.78
C SER G 122 46.35 -25.35 13.73
N GLU G 123 47.35 -24.49 13.95
CA GLU G 123 47.20 -23.36 14.84
C GLU G 123 46.03 -22.49 14.49
N GLN G 124 45.83 -22.29 13.19
CA GLN G 124 44.75 -21.41 12.78
C GLN G 124 43.43 -22.09 13.03
N LEU G 125 43.36 -23.34 12.62
CA LEU G 125 42.16 -24.12 12.77
C LEU G 125 41.69 -24.08 14.22
N THR G 126 42.58 -24.34 15.18
CA THR G 126 42.18 -24.28 16.58
C THR G 126 41.63 -22.88 16.94
N SER G 127 42.05 -21.86 16.19
CA SER G 127 41.60 -20.50 16.42
C SER G 127 40.21 -20.31 15.83
N GLY G 128 39.75 -21.28 15.07
CA GLY G 128 38.42 -21.20 14.51
C GLY G 128 38.36 -20.65 13.12
N GLY G 129 39.52 -20.58 12.48
CA GLY G 129 39.60 -20.06 11.12
C GLY G 129 40.29 -21.03 10.19
N ALA G 130 40.22 -20.74 8.90
CA ALA G 130 40.85 -21.59 7.92
C ALA G 130 41.19 -20.80 6.69
N SER G 131 42.48 -20.51 6.51
CA SER G 131 42.95 -19.76 5.35
C SER G 131 43.70 -20.67 4.44
N VAL G 132 43.28 -20.71 3.19
CA VAL G 132 43.99 -21.51 2.23
C VAL G 132 44.76 -20.49 1.36
N VAL G 133 46.07 -20.68 1.25
CA VAL G 133 46.92 -19.75 0.52
C VAL G 133 47.42 -20.42 -0.72
N CYS G 134 47.66 -19.60 -1.72
CA CYS G 134 48.16 -20.08 -2.97
C CYS G 134 49.15 -19.02 -3.42
N PHE G 135 50.39 -19.40 -3.72
CA PHE G 135 51.39 -18.45 -4.20
C PHE G 135 51.67 -18.67 -5.67
N LEU G 136 51.45 -17.68 -6.54
CA LEU G 136 51.78 -17.83 -7.97
C LEU G 136 53.13 -17.09 -8.11
N ASN G 137 54.23 -17.80 -8.25
CA ASN G 137 55.51 -17.11 -8.32
C ASN G 137 56.27 -17.01 -9.63
N ASN G 138 57.03 -15.93 -9.74
CA ASN G 138 57.90 -15.61 -10.87
C ASN G 138 57.33 -15.69 -12.27
N PHE G 139 56.27 -14.93 -12.53
CA PHE G 139 55.67 -14.92 -13.84
C PHE G 139 55.81 -13.57 -14.52
N TYR G 140 55.45 -13.52 -15.78
CA TYR G 140 55.50 -12.28 -16.57
C TYR G 140 54.67 -12.57 -17.84
N PRO G 141 53.74 -11.68 -18.23
CA PRO G 141 53.33 -10.40 -17.65
C PRO G 141 52.57 -10.45 -16.33
N LYS G 142 52.34 -9.25 -15.78
CA LYS G 142 51.70 -9.06 -14.49
C LYS G 142 50.28 -9.52 -14.48
N ASP G 143 49.69 -9.53 -15.66
CA ASP G 143 48.31 -9.97 -15.82
C ASP G 143 48.22 -11.50 -15.61
N ILE G 144 47.40 -11.90 -14.64
CA ILE G 144 47.16 -13.30 -14.29
C ILE G 144 45.79 -13.33 -13.63
N ASN G 145 45.15 -14.48 -13.66
CA ASN G 145 43.81 -14.67 -13.10
C ASN G 145 43.71 -15.89 -12.22
N VAL G 146 43.38 -15.69 -10.95
CA VAL G 146 43.28 -16.79 -9.97
C VAL G 146 41.83 -17.03 -9.57
N LYS G 147 41.39 -18.27 -9.68
CA LYS G 147 40.02 -18.60 -9.32
C LYS G 147 40.08 -19.60 -8.21
N TRP G 148 39.27 -19.41 -7.19
CA TRP G 148 39.25 -20.37 -6.12
C TRP G 148 38.00 -21.21 -6.35
N LYS G 149 38.08 -22.49 -6.01
CA LYS G 149 36.94 -23.40 -6.14
C LYS G 149 36.87 -24.32 -4.94
N ILE G 150 35.75 -24.27 -4.24
CA ILE G 150 35.57 -25.18 -3.12
C ILE G 150 34.79 -26.33 -3.72
N ASP G 151 35.33 -27.53 -3.56
CA ASP G 151 34.77 -28.74 -4.17
C ASP G 151 34.70 -28.36 -5.63
N GLY G 152 33.52 -28.33 -6.21
CA GLY G 152 33.51 -27.93 -7.61
C GLY G 152 33.36 -26.42 -7.77
N SER G 153 32.43 -25.84 -7.02
CA SER G 153 32.09 -24.44 -7.10
C SER G 153 33.19 -23.43 -6.93
N GLU G 154 33.09 -22.36 -7.69
CA GLU G 154 34.04 -21.25 -7.65
C GLU G 154 33.65 -20.30 -6.54
N ARG G 155 34.56 -20.03 -5.62
CA ARG G 155 34.30 -19.12 -4.53
C ARG G 155 34.91 -17.75 -4.90
N GLN G 156 34.17 -16.69 -4.62
CA GLN G 156 34.61 -15.35 -4.94
C GLN G 156 34.70 -14.49 -3.70
N ASN G 157 34.04 -14.94 -2.64
CA ASN G 157 34.06 -14.20 -1.38
C ASN G 157 35.17 -14.71 -0.48
N GLY G 158 35.84 -13.79 0.19
CA GLY G 158 36.92 -14.17 1.11
C GLY G 158 38.32 -14.26 0.51
N VAL G 159 38.45 -13.87 -0.76
CA VAL G 159 39.75 -13.91 -1.42
C VAL G 159 40.46 -12.57 -1.27
N LEU G 160 41.72 -12.64 -0.89
CA LEU G 160 42.53 -11.47 -0.61
C LEU G 160 43.81 -11.62 -1.41
N ASN G 161 43.93 -10.86 -2.50
CA ASN G 161 45.11 -10.91 -3.36
C ASN G 161 46.15 -9.80 -3.15
N SER G 162 47.41 -10.12 -3.43
CA SER G 162 48.47 -9.16 -3.26
C SER G 162 49.56 -9.38 -4.33
N TRP G 163 49.92 -8.32 -5.05
CA TRP G 163 50.97 -8.48 -6.06
C TRP G 163 52.30 -7.93 -5.60
N THR G 164 53.32 -8.47 -6.21
CA THR G 164 54.69 -8.12 -5.96
C THR G 164 55.04 -7.06 -7.02
N ASP G 165 55.80 -6.05 -6.64
CA ASP G 165 56.23 -5.06 -7.63
C ASP G 165 57.23 -5.84 -8.47
N GLN G 166 57.46 -5.42 -9.71
CA GLN G 166 58.42 -6.13 -10.57
C GLN G 166 59.80 -6.36 -9.91
N ASP G 167 60.19 -7.62 -9.78
CA ASP G 167 61.46 -7.94 -9.17
C ASP G 167 62.59 -7.22 -9.89
N SER G 168 63.37 -6.49 -9.14
CA SER G 168 64.51 -5.76 -9.68
C SER G 168 65.65 -6.65 -10.18
N LYS G 169 65.59 -7.96 -9.95
CA LYS G 169 66.66 -8.83 -10.43
C LYS G 169 66.29 -9.68 -11.63
N ASP G 170 65.05 -10.17 -11.71
CA ASP G 170 64.64 -11.00 -12.84
C ASP G 170 63.40 -10.53 -13.57
N SER G 171 62.94 -9.33 -13.24
CA SER G 171 61.80 -8.69 -13.90
C SER G 171 60.48 -9.44 -13.93
N THR G 172 60.28 -10.29 -12.94
CA THR G 172 59.10 -11.10 -12.82
C THR G 172 58.19 -10.68 -11.65
N TYR G 173 56.93 -11.05 -11.69
CA TYR G 173 56.01 -10.72 -10.62
C TYR G 173 55.63 -11.97 -9.83
N SER G 174 55.00 -11.74 -8.69
CA SER G 174 54.55 -12.84 -7.87
C SER G 174 53.23 -12.44 -7.23
N MET G 175 52.40 -13.44 -6.98
CA MET G 175 51.11 -13.19 -6.40
C MET G 175 50.84 -14.15 -5.26
N SER G 176 49.96 -13.72 -4.37
CA SER G 176 49.59 -14.50 -3.22
C SER G 176 48.10 -14.30 -3.11
N SER G 177 47.40 -15.41 -3.18
CA SER G 177 45.95 -15.42 -3.07
C SER G 177 45.61 -16.18 -1.80
N THR G 178 44.69 -15.67 -1.00
CA THR G 178 44.34 -16.32 0.25
C THR G 178 42.83 -16.34 0.35
N LEU G 179 42.25 -17.53 0.53
CA LEU G 179 40.81 -17.65 0.71
C LEU G 179 40.66 -17.87 2.22
N THR G 180 39.81 -17.09 2.87
CA THR G 180 39.68 -17.27 4.30
C THR G 180 38.26 -17.63 4.68
N LEU G 181 38.08 -18.82 5.26
CA LEU G 181 36.77 -19.27 5.69
C LEU G 181 36.81 -19.52 7.18
N THR G 182 35.67 -19.87 7.77
CA THR G 182 35.66 -20.21 9.20
C THR G 182 36.03 -21.67 9.24
N LYS G 183 36.45 -22.18 10.39
CA LYS G 183 36.81 -23.59 10.48
C LYS G 183 35.65 -24.52 10.07
N ASP G 184 34.43 -24.12 10.41
CA ASP G 184 33.25 -24.90 10.11
C ASP G 184 32.97 -25.08 8.62
N GLU G 185 33.15 -24.04 7.81
CA GLU G 185 32.92 -24.18 6.38
C GLU G 185 34.03 -25.02 5.79
N TYR G 186 35.26 -24.74 6.24
CA TYR G 186 36.39 -25.47 5.72
C TYR G 186 36.21 -26.94 5.92
N GLU G 187 35.94 -27.34 7.17
CA GLU G 187 35.83 -28.75 7.49
C GLU G 187 34.71 -29.52 6.87
N ARG G 188 33.74 -28.83 6.25
CA ARG G 188 32.67 -29.57 5.64
C ARG G 188 32.71 -29.66 4.11
N HIS G 189 33.87 -29.47 3.52
CA HIS G 189 34.00 -29.59 2.08
C HIS G 189 35.23 -30.46 1.94
N ASN G 190 35.61 -30.82 0.72
CA ASN G 190 36.76 -31.73 0.55
C ASN G 190 37.90 -31.18 -0.27
N SER G 191 37.69 -30.88 -1.54
CA SER G 191 38.80 -30.37 -2.33
C SER G 191 38.79 -28.87 -2.35
N TYR G 192 39.99 -28.28 -2.30
CA TYR G 192 40.19 -26.84 -2.39
C TYR G 192 41.13 -26.58 -3.56
N THR G 193 40.63 -25.88 -4.57
CA THR G 193 41.40 -25.63 -5.78
C THR G 193 41.72 -24.18 -6.02
N CYS G 194 42.91 -23.96 -6.52
CA CYS G 194 43.38 -22.65 -6.88
C CYS G 194 43.84 -22.84 -8.33
N GLU G 195 43.11 -22.26 -9.28
CA GLU G 195 43.50 -22.37 -10.67
C GLU G 195 43.80 -21.02 -11.28
N ALA G 196 44.99 -20.90 -11.85
CA ALA G 196 45.47 -19.66 -12.46
C ALA G 196 45.49 -19.66 -13.97
N THR G 197 45.11 -18.54 -14.58
CA THR G 197 45.14 -18.42 -16.02
C THR G 197 46.11 -17.30 -16.36
N HIS G 198 47.11 -17.60 -17.16
CA HIS G 198 48.12 -16.61 -17.50
C HIS G 198 48.39 -16.69 -18.99
N LYS G 199 48.80 -15.56 -19.58
CA LYS G 199 49.09 -15.49 -21.01
C LYS G 199 50.01 -16.60 -21.52
N THR G 200 50.87 -17.12 -20.66
CA THR G 200 51.78 -18.19 -21.06
C THR G 200 51.15 -19.57 -21.25
N SER G 201 49.85 -19.72 -20.98
CA SER G 201 49.20 -21.03 -21.13
C SER G 201 47.75 -20.95 -21.57
N THR G 202 47.32 -22.01 -22.25
CA THR G 202 45.95 -22.13 -22.75
C THR G 202 45.05 -22.74 -21.66
N SER G 203 45.59 -23.74 -20.98
CA SER G 203 44.89 -24.40 -19.91
C SER G 203 45.29 -23.73 -18.59
N PRO G 204 44.37 -23.67 -17.62
CA PRO G 204 44.61 -23.06 -16.32
C PRO G 204 45.59 -23.92 -15.54
N ILE G 205 46.47 -23.29 -14.77
CA ILE G 205 47.38 -24.03 -13.92
C ILE G 205 46.55 -24.34 -12.69
N VAL G 206 46.41 -25.61 -12.37
CA VAL G 206 45.59 -25.98 -11.25
C VAL G 206 46.37 -26.67 -10.16
N LYS G 207 46.05 -26.30 -8.92
CA LYS G 207 46.67 -26.89 -7.75
C LYS G 207 45.55 -27.09 -6.72
N SER G 208 45.47 -28.29 -6.19
CA SER G 208 44.43 -28.61 -5.22
C SER G 208 44.92 -29.58 -4.17
N PHE G 209 44.01 -29.87 -3.24
CA PHE G 209 44.30 -30.83 -2.21
C PHE G 209 42.95 -31.18 -1.64
N ASN G 210 42.81 -32.40 -1.13
CA ASN G 210 41.57 -32.76 -0.50
C ASN G 210 41.94 -32.73 0.95
N ARG G 211 41.11 -32.14 1.79
CA ARG G 211 41.40 -32.19 3.20
C ARG G 211 41.04 -33.64 3.56
N ASN G 212 40.38 -33.86 4.70
CA ASN G 212 40.01 -35.23 5.10
C ASN G 212 41.21 -36.12 5.41
N GLU G 213 41.09 -36.75 6.57
CA GLU G 213 42.05 -37.67 7.17
C GLU G 213 43.21 -37.00 7.90
N CYS G 214 42.90 -35.90 8.59
CA CYS G 214 43.86 -35.10 9.36
C CYS G 214 45.17 -34.74 8.65
N ASP H 1 79.98 6.38 3.33
CA ASP H 1 79.36 7.33 2.36
C ASP H 1 78.21 7.94 3.13
N VAL H 2 77.61 9.02 2.60
CA VAL H 2 76.52 9.66 3.32
C VAL H 2 75.41 8.65 3.56
N LYS H 3 74.95 8.64 4.81
CA LYS H 3 73.91 7.77 5.31
C LYS H 3 72.94 8.75 6.01
N LEU H 4 71.66 8.46 5.97
CA LEU H 4 70.65 9.33 6.53
C LEU H 4 69.57 8.42 7.05
N VAL H 5 69.32 8.44 8.36
CA VAL H 5 68.32 7.56 8.95
C VAL H 5 67.08 8.22 9.60
N GLU H 6 65.95 8.07 8.94
CA GLU H 6 64.69 8.59 9.41
C GLU H 6 64.22 7.63 10.50
N SER H 7 63.53 8.12 11.53
CA SER H 7 63.05 7.19 12.55
C SER H 7 62.03 7.69 13.56
N GLY H 8 61.02 8.41 13.12
CA GLY H 8 60.01 8.86 14.05
C GLY H 8 58.92 7.81 14.06
N GLY H 9 58.13 7.81 12.99
CA GLY H 9 57.01 6.91 12.73
C GLY H 9 56.24 6.08 13.76
N GLY H 10 54.97 5.89 13.47
CA GLY H 10 54.17 5.07 14.35
C GLY H 10 52.74 5.43 14.12
N LEU H 11 51.85 4.77 14.87
CA LEU H 11 50.43 5.05 14.77
C LEU H 11 50.20 6.33 15.55
N VAL H 12 49.30 7.18 15.04
CA VAL H 12 48.94 8.41 15.71
C VAL H 12 47.45 8.60 15.53
N GLN H 13 46.76 8.99 16.59
CA GLN H 13 45.32 9.27 16.53
C GLN H 13 45.18 10.57 15.76
N PRO H 14 44.22 10.65 14.83
CA PRO H 14 44.07 11.90 14.09
C PRO H 14 44.03 13.06 15.08
N GLY H 15 44.54 14.21 14.63
CA GLY H 15 44.62 15.38 15.48
C GLY H 15 45.86 15.31 16.36
N GLY H 16 46.41 14.11 16.54
CA GLY H 16 47.59 13.93 17.35
C GLY H 16 48.86 14.45 16.69
N SER H 17 49.96 14.35 17.41
CA SER H 17 51.23 14.83 16.90
C SER H 17 52.30 13.74 16.92
N ARG H 18 53.46 14.07 16.35
CA ARG H 18 54.59 13.16 16.24
C ARG H 18 55.80 14.03 15.92
N LYS H 19 57.01 13.51 16.19
CA LYS H 19 58.25 14.22 15.91
C LYS H 19 59.22 13.24 15.28
N LEU H 20 59.51 13.40 13.99
CA LEU H 20 60.41 12.50 13.32
C LEU H 20 61.87 12.95 13.50
N SER H 21 62.79 12.05 13.25
CA SER H 21 64.21 12.36 13.35
C SER H 21 64.93 11.75 12.16
N CYS H 22 66.01 12.40 11.76
CA CYS H 22 66.81 11.93 10.63
C CYS H 22 68.32 12.08 10.95
N ALA H 23 68.93 10.97 11.31
CA ALA H 23 70.34 10.95 11.67
C ALA H 23 71.19 11.05 10.44
N ALA H 24 71.81 12.22 10.27
CA ALA H 24 72.68 12.50 9.15
C ALA H 24 74.11 12.10 9.51
N SER H 25 74.79 11.37 8.63
CA SER H 25 76.15 10.99 8.89
C SER H 25 76.84 10.75 7.57
N GLY H 26 78.16 10.88 7.56
CA GLY H 26 78.90 10.68 6.34
C GLY H 26 79.33 11.96 5.69
N PHE H 27 78.74 13.08 6.10
CA PHE H 27 79.09 14.37 5.53
C PHE H 27 78.99 15.49 6.58
N THR H 28 79.46 16.67 6.20
CA THR H 28 79.42 17.84 7.07
C THR H 28 78.00 18.40 7.08
N PHE H 29 77.23 17.91 8.05
CA PHE H 29 75.85 18.30 8.22
C PHE H 29 75.66 19.79 8.18
N SER H 30 76.45 20.48 8.97
CA SER H 30 76.38 21.92 9.12
C SER H 30 76.54 22.80 7.87
N SER H 31 76.96 22.22 6.76
CA SER H 31 77.10 23.03 5.56
C SER H 31 75.96 22.81 4.57
N PHE H 32 75.01 21.94 4.90
CA PHE H 32 73.92 21.63 4.01
C PHE H 32 72.50 21.92 4.47
N GLY H 33 71.66 22.27 3.52
CA GLY H 33 70.26 22.50 3.81
C GLY H 33 69.65 21.10 3.73
N MET H 34 68.48 20.90 4.31
CA MET H 34 67.89 19.59 4.30
C MET H 34 66.45 19.65 3.88
N HIS H 35 65.93 18.52 3.45
CA HIS H 35 64.54 18.44 3.05
C HIS H 35 63.86 17.29 3.74
N TRP H 36 62.54 17.36 3.71
CA TRP H 36 61.69 16.33 4.24
C TRP H 36 60.73 16.18 3.07
N VAL H 37 60.66 14.97 2.58
CA VAL H 37 59.80 14.60 1.47
C VAL H 37 58.93 13.50 2.06
N ARG H 38 57.71 13.35 1.56
CA ARG H 38 56.81 12.29 2.00
C ARG H 38 56.18 11.69 0.77
N GLN H 39 55.61 10.51 0.92
CA GLN H 39 54.92 9.86 -0.17
C GLN H 39 53.74 9.01 0.36
N ALA H 40 52.54 9.44 -0.05
CA ALA H 40 51.33 8.76 0.37
C ALA H 40 51.27 7.42 -0.31
N PRO H 41 50.55 6.45 0.29
CA PRO H 41 50.34 5.07 -0.17
C PRO H 41 50.27 4.84 -1.68
N GLU H 42 49.17 5.23 -2.29
CA GLU H 42 49.07 5.06 -3.72
C GLU H 42 49.37 6.37 -4.45
N LYS H 43 50.22 7.19 -3.85
CA LYS H 43 50.58 8.47 -4.43
C LYS H 43 52.09 8.59 -4.66
N GLY H 44 52.52 9.63 -5.37
CA GLY H 44 53.94 9.80 -5.61
C GLY H 44 54.59 10.70 -4.56
N LEU H 45 55.87 11.03 -4.76
CA LEU H 45 56.60 11.90 -3.83
C LEU H 45 55.97 13.28 -3.75
N GLU H 46 56.13 13.93 -2.60
CA GLU H 46 55.58 15.25 -2.33
C GLU H 46 56.57 15.95 -1.45
N TRP H 47 57.01 17.14 -1.85
CA TRP H 47 57.98 17.88 -1.05
C TRP H 47 57.24 18.43 0.17
N VAL H 48 57.89 18.43 1.34
CA VAL H 48 57.29 18.88 2.58
C VAL H 48 57.84 20.17 3.16
N ALA H 49 59.14 20.18 3.46
CA ALA H 49 59.78 21.36 4.05
C ALA H 49 61.23 21.45 3.67
N TYR H 50 61.86 22.56 4.05
CA TYR H 50 63.28 22.81 3.76
C TYR H 50 63.80 23.68 4.86
N ILE H 51 65.06 23.50 5.22
CA ILE H 51 65.71 24.29 6.24
C ILE H 51 67.17 24.45 5.82
N SER H 52 67.66 25.68 5.86
CA SER H 52 69.06 25.99 5.56
C SER H 52 69.92 25.42 6.70
N SER H 53 71.24 25.31 6.56
CA SER H 53 72.07 24.81 7.66
C SER H 53 72.08 25.76 8.83
N GLY H 54 71.78 27.03 8.54
CA GLY H 54 71.71 28.05 9.58
C GLY H 54 70.32 28.16 10.19
N SER H 55 69.40 27.37 9.65
CA SER H 55 68.03 27.37 10.12
C SER H 55 67.43 28.76 9.94
N SER H 56 68.09 29.58 9.14
CA SER H 56 67.65 30.94 8.89
C SER H 56 66.66 31.05 7.74
N THR H 57 66.58 29.99 6.90
CA THR H 57 65.60 29.91 5.81
C THR H 57 64.87 28.60 6.04
N ILE H 58 63.54 28.64 6.00
CA ILE H 58 62.73 27.47 6.24
C ILE H 58 61.53 27.53 5.32
N TYR H 59 61.31 26.51 4.50
CA TYR H 59 60.16 26.48 3.58
C TYR H 59 59.27 25.33 4.00
N TYR H 60 57.94 25.52 3.90
CA TYR H 60 56.94 24.49 4.24
C TYR H 60 55.96 24.34 3.09
N ALA H 61 55.53 23.11 2.83
CA ALA H 61 54.61 22.89 1.76
C ALA H 61 53.32 23.48 2.25
N ASP H 62 52.46 23.94 1.31
CA ASP H 62 51.17 24.57 1.64
C ASP H 62 50.32 23.66 2.48
N THR H 63 50.43 22.38 2.19
CA THR H 63 49.72 21.32 2.87
C THR H 63 50.04 21.21 4.37
N VAL H 64 51.32 21.26 4.71
CA VAL H 64 51.75 21.13 6.09
C VAL H 64 52.07 22.46 6.71
N LYS H 65 51.88 23.51 5.92
CA LYS H 65 52.16 24.85 6.41
C LYS H 65 51.33 25.07 7.65
N GLY H 66 52.01 25.38 8.75
CA GLY H 66 51.26 25.65 9.94
C GLY H 66 51.12 24.51 10.91
N ARG H 67 51.26 23.26 10.45
CA ARG H 67 51.14 22.13 11.38
C ARG H 67 52.46 21.42 11.62
N PHE H 68 53.35 21.55 10.64
CA PHE H 68 54.67 20.98 10.74
C PHE H 68 55.70 22.09 11.02
N THR H 69 56.76 21.75 11.72
CA THR H 69 57.81 22.67 12.04
C THR H 69 59.10 21.94 11.85
N ILE H 70 59.93 22.43 10.93
CA ILE H 70 61.20 21.80 10.67
C ILE H 70 62.27 22.36 11.60
N SER H 71 63.21 21.51 11.97
CA SER H 71 64.30 21.88 12.85
C SER H 71 65.47 20.93 12.64
N ARG H 72 66.63 21.32 13.16
CA ARG H 72 67.86 20.53 13.07
C ARG H 72 68.75 20.85 14.29
N ASP H 73 69.64 19.91 14.62
CA ASP H 73 70.54 20.09 15.76
C ASP H 73 71.93 19.83 15.19
N ASN H 74 72.54 20.88 14.65
CA ASN H 74 73.84 20.77 14.01
C ASN H 74 74.97 19.99 14.66
N PRO H 75 75.28 20.26 15.94
CA PRO H 75 76.37 19.50 16.57
C PRO H 75 75.96 18.06 16.89
N LYS H 76 74.69 17.77 16.67
CA LYS H 76 74.07 16.49 16.96
C LYS H 76 73.70 15.73 15.66
N ASN H 77 74.12 16.28 14.52
CA ASN H 77 73.85 15.72 13.17
C ASN H 77 72.43 15.24 12.92
N THR H 78 71.45 15.91 13.51
CA THR H 78 70.09 15.46 13.38
C THR H 78 69.11 16.49 12.86
N LEU H 79 68.23 16.02 11.98
CA LEU H 79 67.17 16.84 11.42
C LEU H 79 65.94 16.34 12.14
N PHE H 80 64.93 17.19 12.27
CA PHE H 80 63.67 16.86 12.92
C PHE H 80 62.49 17.34 12.08
N LEU H 81 61.30 16.84 12.40
CA LEU H 81 60.04 17.22 11.76
C LEU H 81 58.96 17.01 12.82
N GLN H 82 58.51 18.10 13.40
CA GLN H 82 57.49 18.07 14.42
C GLN H 82 56.21 18.14 13.69
N MET H 83 55.43 17.07 13.78
CA MET H 83 54.12 17.01 13.14
C MET H 83 53.06 17.32 14.17
N THR H 84 52.01 18.01 13.73
CA THR H 84 50.93 18.44 14.60
C THR H 84 49.59 18.50 13.84
N SER H 85 48.48 18.29 14.56
CA SER H 85 47.14 18.32 13.96
C SER H 85 47.12 17.35 12.80
N LEU H 86 47.69 16.19 13.02
CA LEU H 86 47.80 15.16 11.99
C LEU H 86 46.47 14.69 11.43
N ARG H 87 46.29 14.91 10.14
CA ARG H 87 45.11 14.52 9.43
C ARG H 87 45.50 13.23 8.72
N SER H 88 44.51 12.49 8.26
CA SER H 88 44.75 11.21 7.58
C SER H 88 45.59 11.42 6.35
N GLU H 89 45.46 12.60 5.76
CA GLU H 89 46.23 12.90 4.57
C GLU H 89 47.73 12.95 4.87
N ASP H 90 48.09 12.94 6.16
CA ASP H 90 49.47 12.97 6.58
C ASP H 90 50.12 11.58 6.67
N THR H 91 49.27 10.56 6.58
CA THR H 91 49.69 9.17 6.61
C THR H 91 50.49 8.91 5.34
N ALA H 92 51.78 8.78 5.52
CA ALA H 92 52.69 8.54 4.41
C ALA H 92 54.06 8.09 4.92
N MET H 93 54.96 7.80 4.00
CA MET H 93 56.30 7.37 4.34
C MET H 93 57.16 8.62 4.21
N TYR H 94 57.77 9.03 5.31
CA TYR H 94 58.58 10.23 5.39
C TYR H 94 60.04 9.97 5.19
N TYR H 95 60.66 10.79 4.33
CA TYR H 95 62.08 10.69 4.04
C TYR H 95 62.76 12.04 4.23
N CYS H 96 64.00 12.05 4.70
CA CYS H 96 64.75 13.31 4.80
C CYS H 96 65.74 13.19 3.63
N ALA H 97 66.31 14.31 3.22
CA ALA H 97 67.22 14.28 2.10
C ALA H 97 68.12 15.48 2.25
N ARG H 98 69.37 15.35 1.81
CA ARG H 98 70.30 16.47 1.84
C ARG H 98 69.81 17.46 0.77
N GLY H 99 70.07 18.74 0.97
CA GLY H 99 69.62 19.75 0.03
C GLY H 99 69.78 19.46 -1.43
N ASP H 100 70.82 18.71 -1.82
CA ASP H 100 71.11 18.37 -3.22
C ASP H 100 70.62 16.97 -3.62
N TYR H 101 69.79 16.40 -2.76
CA TYR H 101 69.24 15.08 -2.99
C TYR H 101 70.29 14.05 -3.35
N TYR H 102 71.41 14.09 -2.65
CA TYR H 102 72.50 13.15 -2.87
C TYR H 102 71.95 11.78 -2.50
N GLY H 103 72.11 10.81 -3.41
CA GLY H 103 71.64 9.47 -3.15
C GLY H 103 72.37 8.97 -1.93
N SER H 104 71.64 8.73 -0.85
CA SER H 104 72.24 8.32 0.39
C SER H 104 71.93 6.91 0.86
N ARG H 105 72.91 6.29 1.53
CA ARG H 105 72.72 4.97 2.10
C ARG H 105 71.79 5.14 3.31
N GLY H 106 70.92 4.17 3.52
CA GLY H 106 69.97 4.25 4.62
C GLY H 106 70.31 3.33 5.77
N ALA H 107 69.29 2.95 6.52
CA ALA H 107 69.49 2.08 7.67
C ALA H 107 69.50 0.63 7.23
N TYR H 108 70.05 -0.24 8.07
CA TYR H 108 70.11 -1.67 7.77
C TYR H 108 68.71 -2.20 7.48
N TRP H 109 67.73 -1.56 8.11
CA TRP H 109 66.34 -1.90 7.98
C TRP H 109 65.62 -1.40 6.74
N GLY H 110 66.00 -0.23 6.26
CA GLY H 110 65.34 0.30 5.09
C GLY H 110 65.54 1.78 4.96
N GLN H 111 64.60 2.41 4.26
CA GLN H 111 64.63 3.82 3.96
C GLN H 111 63.31 4.50 4.31
N GLY H 112 63.37 5.66 4.96
CA GLY H 112 62.17 6.39 5.32
C GLY H 112 61.50 5.88 6.57
N THR H 113 60.48 6.60 7.05
CA THR H 113 59.76 6.15 8.23
C THR H 113 58.28 6.33 7.96
N LEU H 114 57.48 5.32 8.32
CA LEU H 114 56.05 5.36 8.10
C LEU H 114 55.27 5.84 9.32
N VAL H 115 54.29 6.69 9.05
CA VAL H 115 53.43 7.22 10.08
C VAL H 115 51.99 7.22 9.55
N THR H 116 51.18 6.44 10.27
CA THR H 116 49.76 6.21 10.02
C THR H 116 48.97 7.09 10.98
N VAL H 117 47.88 7.66 10.49
CA VAL H 117 47.00 8.48 11.32
C VAL H 117 45.68 7.73 11.32
N SER H 118 45.40 7.04 12.44
CA SER H 118 44.20 6.21 12.57
C SER H 118 43.84 5.73 13.99
N ALA H 119 43.16 4.57 14.03
CA ALA H 119 42.65 3.92 15.25
C ALA H 119 43.43 2.92 16.17
N LYS H 120 43.22 1.60 16.05
CA LYS H 120 43.82 0.65 17.02
C LYS H 120 44.86 -0.41 16.70
N THR H 121 45.87 -0.51 17.56
CA THR H 121 46.94 -1.49 17.37
C THR H 121 46.39 -2.88 17.66
N THR H 122 46.88 -3.89 16.93
CA THR H 122 46.47 -5.29 17.04
C THR H 122 47.66 -6.13 16.60
N ALA H 123 48.05 -7.10 17.41
CA ALA H 123 49.18 -7.97 17.05
C ALA H 123 48.81 -8.94 15.95
N PRO H 124 49.78 -9.28 15.10
CA PRO H 124 49.49 -10.21 14.02
C PRO H 124 49.48 -11.64 14.54
N SER H 125 48.89 -12.54 13.77
CA SER H 125 48.88 -13.94 14.13
C SER H 125 49.74 -14.58 13.05
N VAL H 126 50.82 -15.24 13.47
CA VAL H 126 51.78 -15.84 12.56
C VAL H 126 51.52 -17.32 12.40
N TYR H 127 51.26 -17.77 11.18
CA TYR H 127 50.97 -19.17 10.91
C TYR H 127 51.93 -19.68 9.88
N PRO H 128 52.52 -20.86 10.13
CA PRO H 128 53.48 -21.48 9.21
C PRO H 128 52.72 -22.23 8.13
N LEU H 129 53.13 -22.05 6.88
CA LEU H 129 52.49 -22.73 5.76
C LEU H 129 53.44 -23.80 5.27
N ALA H 130 53.13 -25.06 5.53
CA ALA H 130 54.00 -26.15 5.10
C ALA H 130 53.35 -26.83 3.92
N PRO H 131 54.15 -27.54 3.12
CA PRO H 131 53.61 -28.23 1.95
C PRO H 131 52.46 -29.25 2.12
N VAL H 132 52.79 -30.55 2.20
CA VAL H 132 51.84 -31.68 2.27
C VAL H 132 51.36 -31.80 0.86
N CYS H 133 51.11 -30.61 0.31
CA CYS H 133 50.74 -30.36 -1.06
C CYS H 133 51.75 -29.24 -1.38
N GLY H 134 51.72 -28.13 -0.62
CA GLY H 134 52.63 -26.99 -0.78
C GLY H 134 53.55 -27.08 -1.97
N ASP H 135 52.88 -27.24 -3.09
CA ASP H 135 53.43 -27.46 -4.42
C ASP H 135 54.78 -26.93 -4.94
N THR H 136 55.81 -27.27 -4.18
CA THR H 136 57.21 -26.99 -4.47
C THR H 136 57.55 -25.92 -5.55
N THR H 137 58.08 -26.40 -6.67
CA THR H 137 58.49 -25.61 -7.81
C THR H 137 58.95 -26.67 -8.81
N GLY H 138 59.71 -27.62 -8.28
CA GLY H 138 60.26 -28.71 -9.06
C GLY H 138 61.03 -29.50 -8.01
N SER H 139 62.34 -29.67 -8.19
CA SER H 139 63.15 -30.37 -7.18
C SER H 139 63.42 -29.35 -6.06
N SER H 140 62.68 -28.25 -6.12
CA SER H 140 62.73 -27.17 -5.13
C SER H 140 61.36 -27.13 -4.45
N VAL H 141 61.35 -26.97 -3.14
CA VAL H 141 60.14 -26.92 -2.34
C VAL H 141 59.95 -25.51 -1.78
N THR H 142 58.74 -24.96 -1.86
CA THR H 142 58.47 -23.63 -1.34
C THR H 142 57.65 -23.76 -0.06
N LEU H 143 57.99 -22.93 0.93
CA LEU H 143 57.30 -22.88 2.21
C LEU H 143 56.81 -21.46 2.37
N GLY H 144 55.84 -21.25 3.23
CA GLY H 144 55.35 -19.90 3.40
C GLY H 144 55.12 -19.52 4.85
N CYS H 145 54.71 -18.28 5.06
CA CYS H 145 54.43 -17.79 6.38
C CYS H 145 53.32 -16.76 6.20
N LEU H 146 52.29 -16.85 7.03
CA LEU H 146 51.17 -15.95 6.97
C LEU H 146 51.03 -15.12 8.25
N VAL H 147 51.04 -13.82 8.06
CA VAL H 147 50.96 -12.84 9.12
C VAL H 147 49.62 -12.17 8.94
N LYS H 148 48.63 -12.60 9.71
CA LYS H 148 47.33 -11.97 9.55
C LYS H 148 46.73 -11.30 10.74
N GLY H 149 45.88 -10.34 10.44
CA GLY H 149 45.14 -9.56 11.42
C GLY H 149 45.91 -8.56 12.24
N TYR H 150 46.76 -7.73 11.63
CA TYR H 150 47.51 -6.78 12.43
C TYR H 150 47.26 -5.31 12.14
N PHE H 151 47.71 -4.45 13.05
CA PHE H 151 47.58 -3.01 12.85
C PHE H 151 48.43 -2.28 13.85
N PRO H 152 49.20 -1.26 13.40
CA PRO H 152 49.33 -0.75 12.03
C PRO H 152 50.53 -1.38 11.34
N GLU H 153 50.83 -0.94 10.12
CA GLU H 153 52.03 -1.43 9.43
C GLU H 153 53.19 -0.62 10.04
N PRO H 154 54.41 -1.11 9.95
CA PRO H 154 54.90 -2.32 9.35
C PRO H 154 55.11 -3.51 10.28
N VAL H 155 55.52 -4.60 9.65
CA VAL H 155 55.83 -5.86 10.28
C VAL H 155 57.14 -6.17 9.59
N THR H 156 58.07 -6.76 10.31
CA THR H 156 59.32 -7.11 9.71
C THR H 156 59.33 -8.62 9.66
N LEU H 157 59.64 -9.18 8.50
CA LEU H 157 59.65 -10.62 8.37
C LEU H 157 60.92 -10.99 7.67
N THR H 158 61.57 -12.04 8.18
CA THR H 158 62.82 -12.60 7.64
C THR H 158 62.79 -14.11 7.77
N TRP H 159 63.70 -14.78 7.09
CA TRP H 159 63.75 -16.23 7.16
C TRP H 159 65.08 -16.63 7.73
N ASN H 160 65.05 -17.40 8.81
CA ASN H 160 66.27 -17.83 9.47
C ASN H 160 67.14 -16.63 9.78
N SER H 161 66.50 -15.71 10.51
CA SER H 161 67.08 -14.47 10.96
C SER H 161 67.79 -13.69 9.86
N GLY H 162 67.31 -13.83 8.63
CA GLY H 162 67.90 -13.12 7.52
C GLY H 162 68.91 -13.92 6.74
N SER H 163 69.36 -15.02 7.29
CA SER H 163 70.34 -15.87 6.61
C SER H 163 69.80 -16.42 5.31
N LEU H 164 68.49 -16.55 5.25
CA LEU H 164 67.82 -17.05 4.07
C LEU H 164 67.21 -15.80 3.38
N SER H 165 67.85 -15.38 2.31
CA SER H 165 67.41 -14.20 1.58
C SER H 165 67.17 -14.46 0.09
N SER H 166 67.68 -15.57 -0.42
CA SER H 166 67.49 -15.90 -1.82
C SER H 166 66.20 -16.69 -1.96
N GLY H 167 65.44 -16.40 -3.00
CA GLY H 167 64.19 -17.11 -3.23
C GLY H 167 62.99 -16.70 -2.40
N VAL H 168 63.10 -15.64 -1.61
CA VAL H 168 61.96 -15.19 -0.80
C VAL H 168 61.18 -14.02 -1.39
N HIS H 169 59.86 -14.10 -1.27
CA HIS H 169 58.96 -13.07 -1.77
C HIS H 169 58.08 -12.72 -0.59
N THR H 170 58.03 -11.45 -0.27
CA THR H 170 57.18 -10.97 0.81
C THR H 170 56.24 -10.07 0.08
N PHE H 171 55.01 -10.55 -0.02
CA PHE H 171 54.00 -9.81 -0.69
C PHE H 171 53.49 -8.69 0.22
N PRO H 172 53.30 -7.50 -0.36
CA PRO H 172 52.81 -6.34 0.40
C PRO H 172 51.53 -6.61 1.17
N ALA H 173 51.46 -6.02 2.37
CA ALA H 173 50.32 -6.15 3.27
C ALA H 173 49.13 -5.54 2.63
N VAL H 174 48.01 -6.24 2.74
CA VAL H 174 46.74 -5.79 2.18
C VAL H 174 45.77 -5.52 3.34
N LEU H 175 45.24 -4.31 3.42
CA LEU H 175 44.29 -3.96 4.49
C LEU H 175 42.89 -4.41 4.10
N GLN H 176 42.29 -5.21 4.97
CA GLN H 176 40.93 -5.69 4.76
C GLN H 176 40.26 -5.33 6.08
N SER H 177 39.15 -4.60 6.03
CA SER H 177 38.44 -4.12 7.24
C SER H 177 39.35 -3.02 7.80
N ASP H 178 40.01 -3.31 8.91
CA ASP H 178 40.97 -2.37 9.48
C ASP H 178 42.08 -3.16 10.14
N LEU H 179 42.54 -4.17 9.39
CA LEU H 179 43.61 -5.08 9.76
C LEU H 179 44.36 -5.49 8.49
N TYR H 180 45.64 -5.75 8.62
CA TYR H 180 46.47 -6.13 7.49
C TYR H 180 46.80 -7.60 7.53
N THR H 181 47.12 -8.15 6.36
CA THR H 181 47.53 -9.53 6.24
C THR H 181 48.71 -9.48 5.27
N LEU H 182 49.74 -10.24 5.57
CA LEU H 182 50.94 -10.28 4.78
C LEU H 182 51.39 -11.72 4.78
N SER H 183 52.08 -12.12 3.73
CA SER H 183 52.58 -13.47 3.63
C SER H 183 53.92 -13.41 2.89
N SER H 184 54.78 -14.40 3.12
CA SER H 184 56.07 -14.49 2.48
C SER H 184 56.30 -15.94 2.12
N SER H 185 56.90 -16.16 0.96
CA SER H 185 57.20 -17.49 0.48
C SER H 185 58.72 -17.58 0.38
N VAL H 186 59.26 -18.78 0.56
CA VAL H 186 60.68 -19.01 0.39
C VAL H 186 60.85 -20.31 -0.36
N THR H 187 61.68 -20.26 -1.40
CA THR H 187 61.94 -21.44 -2.18
C THR H 187 63.36 -22.00 -1.88
N VAL H 188 63.42 -23.19 -1.31
CA VAL H 188 64.67 -23.83 -0.98
C VAL H 188 64.80 -25.07 -1.86
N THR H 189 65.90 -25.79 -1.71
CA THR H 189 66.09 -27.01 -2.48
C THR H 189 65.42 -28.13 -1.71
N SER H 190 64.94 -29.12 -2.45
CA SER H 190 64.27 -30.28 -1.87
C SER H 190 65.14 -30.93 -0.79
N SER H 191 66.44 -30.73 -0.94
CA SER H 191 67.47 -31.25 -0.04
C SER H 191 67.53 -30.51 1.31
N THR H 192 67.36 -29.19 1.28
CA THR H 192 67.43 -28.35 2.48
C THR H 192 66.39 -28.68 3.52
N TRP H 193 65.12 -28.58 3.15
CA TRP H 193 64.00 -28.84 4.06
C TRP H 193 63.57 -30.30 3.85
N PRO H 194 63.15 -30.99 4.93
CA PRO H 194 63.07 -30.54 6.33
C PRO H 194 64.36 -30.62 7.12
N SER H 195 65.44 -31.05 6.48
CA SER H 195 66.73 -31.18 7.15
C SER H 195 67.14 -29.90 7.89
N GLN H 196 67.55 -28.88 7.14
CA GLN H 196 67.93 -27.59 7.70
C GLN H 196 66.65 -26.92 8.17
N SER H 197 66.60 -26.58 9.45
CA SER H 197 65.44 -25.92 10.03
C SER H 197 65.21 -24.56 9.42
N ILE H 198 64.02 -24.35 8.85
CA ILE H 198 63.68 -23.06 8.27
C ILE H 198 62.63 -22.44 9.19
N THR H 199 62.88 -21.23 9.60
CA THR H 199 62.01 -20.53 10.48
C THR H 199 61.56 -19.24 9.80
N CYS H 200 60.43 -18.71 10.27
CA CYS H 200 59.88 -17.46 9.80
C CYS H 200 60.00 -16.58 11.04
N ASN H 201 60.62 -15.43 10.87
CA ASN H 201 60.80 -14.50 11.99
C ASN H 201 59.97 -13.27 11.70
N VAL H 202 58.93 -13.04 12.50
CA VAL H 202 58.05 -11.89 12.31
C VAL H 202 58.09 -10.98 13.52
N ALA H 203 58.15 -9.66 13.29
CA ALA H 203 58.20 -8.67 14.35
C ALA H 203 57.22 -7.56 13.97
N HIS H 204 56.34 -7.22 14.89
CA HIS H 204 55.38 -6.16 14.68
C HIS H 204 55.72 -5.15 15.76
N PRO H 205 56.68 -4.26 15.46
CA PRO H 205 57.16 -3.25 16.39
C PRO H 205 56.05 -2.53 17.11
N ALA H 206 55.07 -2.06 16.37
CA ALA H 206 53.98 -1.30 16.98
C ALA H 206 53.29 -1.95 18.16
N SER H 207 53.58 -3.22 18.42
CA SER H 207 52.94 -3.93 19.51
C SER H 207 53.90 -4.81 20.26
N SER H 208 55.18 -4.58 20.08
CA SER H 208 56.22 -5.34 20.77
C SER H 208 56.07 -6.84 20.56
N THR H 209 55.50 -7.22 19.43
CA THR H 209 55.31 -8.62 19.09
C THR H 209 56.54 -9.11 18.35
N LYS H 210 56.99 -10.31 18.65
CA LYS H 210 58.13 -10.86 17.94
C LYS H 210 57.95 -12.36 17.99
N VAL H 211 57.73 -13.00 16.85
CA VAL H 211 57.53 -14.43 16.85
C VAL H 211 58.34 -15.16 15.82
N ASP H 212 58.86 -16.31 16.24
CA ASP H 212 59.65 -17.14 15.36
C ASP H 212 58.88 -18.42 15.19
N LYS H 213 58.53 -18.75 13.96
CA LYS H 213 57.74 -19.93 13.65
C LYS H 213 58.51 -20.87 12.73
N LYS H 214 58.83 -22.06 13.24
CA LYS H 214 59.57 -23.03 12.44
C LYS H 214 58.60 -23.84 11.57
N ILE H 215 58.91 -23.89 10.27
CA ILE H 215 58.09 -24.61 9.31
C ILE H 215 58.45 -26.10 9.36
N GLU H 216 57.50 -26.90 9.83
CA GLU H 216 57.68 -28.34 9.96
C GLU H 216 56.79 -29.11 9.00
N PRO H 217 57.24 -30.31 8.61
CA PRO H 217 56.55 -31.23 7.69
C PRO H 217 55.10 -31.57 8.00
N ARG H 218 54.32 -31.60 6.91
CA ARG H 218 52.88 -31.87 6.80
C ARG H 218 52.39 -30.72 5.91
N GLY H 219 51.24 -30.10 6.18
CA GLY H 219 50.82 -29.03 5.28
C GLY H 219 49.83 -27.97 5.73
N GLN I 1 -70.25 -22.31 8.82
CA GLN I 1 -70.80 -21.21 9.68
C GLN I 1 -70.24 -21.36 11.09
N ILE I 2 -69.04 -21.92 11.11
CA ILE I 2 -68.26 -22.13 12.31
C ILE I 2 -67.66 -20.73 12.52
N GLN I 3 -67.51 -20.30 13.76
CA GLN I 3 -66.93 -18.99 13.98
C GLN I 3 -65.47 -19.20 14.26
N MET I 4 -64.65 -18.42 13.57
CA MET I 4 -63.21 -18.48 13.68
C MET I 4 -62.73 -17.32 14.49
N THR I 5 -62.09 -17.59 15.62
CA THR I 5 -61.57 -16.51 16.46
C THR I 5 -60.06 -16.37 16.26
N GLN I 6 -59.64 -15.19 15.77
CA GLN I 6 -58.25 -14.89 15.47
C GLN I 6 -57.65 -13.87 16.39
N SER I 7 -56.41 -14.11 16.79
CA SER I 7 -55.68 -13.23 17.69
C SER I 7 -54.20 -13.26 17.29
N PRO I 8 -53.48 -12.13 17.44
CA PRO I 8 -54.01 -10.84 17.93
C PRO I 8 -54.63 -10.08 16.73
N SER I 9 -55.45 -9.08 17.03
CA SER I 9 -56.09 -8.26 15.99
C SER I 9 -55.07 -7.49 15.22
N SER I 10 -54.00 -7.12 15.91
CA SER I 10 -52.90 -6.38 15.31
C SER I 10 -51.67 -6.53 16.21
N LEU I 11 -50.52 -6.12 15.68
CA LEU I 11 -49.24 -6.17 16.39
C LEU I 11 -48.15 -5.47 15.58
N SER I 12 -47.14 -4.97 16.27
CA SER I 12 -45.99 -4.36 15.61
C SER I 12 -44.86 -5.32 15.96
N ALA I 13 -44.05 -5.71 14.99
CA ALA I 13 -42.98 -6.61 15.30
C ALA I 13 -41.77 -6.11 14.59
N SER I 14 -40.62 -6.23 15.23
CA SER I 14 -39.39 -5.79 14.59
C SER I 14 -39.05 -6.89 13.61
N LEU I 15 -38.38 -6.54 12.52
CA LEU I 15 -37.99 -7.56 11.55
C LEU I 15 -37.10 -8.52 12.31
N GLY I 16 -37.07 -9.78 11.89
CA GLY I 16 -36.24 -10.77 12.56
C GLY I 16 -36.93 -11.43 13.74
N GLU I 17 -38.07 -10.86 14.18
CA GLU I 17 -38.81 -11.41 15.30
C GLU I 17 -39.71 -12.56 14.85
N ARG I 18 -40.12 -13.35 15.82
CA ARG I 18 -41.00 -14.49 15.61
C ARG I 18 -42.37 -13.93 15.84
N VAL I 19 -43.33 -14.39 15.06
CA VAL I 19 -44.70 -13.94 15.19
C VAL I 19 -45.55 -15.21 15.23
N SER I 20 -46.57 -15.23 16.09
CA SER I 20 -47.47 -16.38 16.16
C SER I 20 -48.91 -15.90 16.20
N LEU I 21 -49.65 -16.18 15.13
CA LEU I 21 -51.05 -15.78 15.07
C LEU I 21 -51.80 -17.04 15.46
N THR I 22 -52.98 -16.87 16.04
CA THR I 22 -53.73 -18.02 16.46
C THR I 22 -55.16 -17.97 15.97
N CYS I 23 -55.72 -19.14 15.66
CA CYS I 23 -57.10 -19.23 15.23
C CYS I 23 -57.76 -20.38 15.96
N ARG I 24 -58.94 -20.08 16.49
CA ARG I 24 -59.77 -21.01 17.27
C ARG I 24 -61.17 -21.21 16.60
N ALA I 25 -61.53 -22.45 16.25
CA ALA I 25 -62.84 -22.73 15.61
C ALA I 25 -63.95 -23.07 16.63
N SER I 26 -65.17 -22.57 16.41
CA SER I 26 -66.32 -22.82 17.29
C SER I 26 -66.78 -24.26 17.40
N GLN I 27 -66.35 -25.10 16.46
CA GLN I 27 -66.69 -26.50 16.48
C GLN I 27 -65.65 -27.15 15.59
N GLU I 28 -65.37 -28.43 15.81
CA GLU I 28 -64.33 -29.16 15.06
C GLU I 28 -64.27 -28.95 13.54
N ILE I 29 -63.06 -28.83 13.00
CA ILE I 29 -62.90 -28.65 11.57
C ILE I 29 -61.87 -29.61 10.98
N SER I 30 -61.33 -30.49 11.82
CA SER I 30 -60.37 -31.49 11.39
C SER I 30 -59.20 -30.97 10.58
N GLY I 31 -58.66 -29.81 10.95
CA GLY I 31 -57.52 -29.29 10.23
C GLY I 31 -57.78 -28.58 8.92
N TYR I 32 -59.02 -28.52 8.45
CA TYR I 32 -59.34 -27.83 7.22
C TYR I 32 -59.37 -26.33 7.49
N LEU I 33 -58.17 -25.79 7.62
CA LEU I 33 -57.94 -24.40 7.95
C LEU I 33 -56.76 -23.93 7.12
N SER I 34 -56.95 -22.80 6.44
CA SER I 34 -55.94 -22.18 5.61
C SER I 34 -55.52 -20.86 6.25
N TRP I 35 -54.34 -20.40 5.88
CA TRP I 35 -53.84 -19.12 6.37
C TRP I 35 -53.50 -18.36 5.13
N LEU I 36 -54.12 -17.18 4.97
CA LEU I 36 -53.88 -16.34 3.80
C LEU I 36 -53.30 -15.01 4.23
N GLN I 37 -52.56 -14.40 3.32
CA GLN I 37 -51.97 -13.09 3.57
C GLN I 37 -52.46 -12.16 2.50
N GLN I 38 -53.10 -11.07 2.93
CA GLN I 38 -53.61 -10.11 1.97
C GLN I 38 -52.62 -8.99 1.86
N LYS I 39 -51.86 -9.03 0.78
CA LYS I 39 -50.82 -8.04 0.49
C LYS I 39 -51.40 -6.63 0.41
N PRO I 40 -50.57 -5.60 0.61
CA PRO I 40 -51.00 -4.19 0.55
C PRO I 40 -51.72 -3.70 -0.71
N ASP I 41 -51.62 -4.46 -1.79
CA ASP I 41 -52.26 -4.09 -3.04
C ASP I 41 -53.61 -4.83 -3.23
N GLY I 42 -54.11 -5.48 -2.20
CA GLY I 42 -55.38 -6.16 -2.35
C GLY I 42 -55.27 -7.64 -2.61
N THR I 43 -54.10 -8.05 -3.05
CA THR I 43 -53.80 -9.44 -3.34
C THR I 43 -53.94 -10.38 -2.15
N ILE I 44 -54.76 -11.42 -2.31
CA ILE I 44 -55.00 -12.44 -1.29
C ILE I 44 -54.15 -13.61 -1.77
N LYS I 45 -53.42 -14.20 -0.85
CA LYS I 45 -52.54 -15.28 -1.21
C LYS I 45 -52.52 -16.36 -0.11
N ARG I 46 -52.87 -17.59 -0.45
CA ARG I 46 -52.88 -18.66 0.54
C ARG I 46 -51.45 -19.10 0.82
N LEU I 47 -51.11 -19.17 2.10
CA LEU I 47 -49.79 -19.57 2.52
C LEU I 47 -49.75 -21.04 2.93
N ILE I 48 -50.75 -21.44 3.72
CA ILE I 48 -50.84 -22.80 4.23
C ILE I 48 -52.24 -23.38 4.06
N TYR I 49 -52.33 -24.67 3.80
CA TYR I 49 -53.64 -25.32 3.70
C TYR I 49 -53.56 -26.61 4.53
N ALA I 50 -54.71 -27.17 4.89
CA ALA I 50 -54.75 -28.40 5.67
C ALA I 50 -53.99 -28.13 6.95
N ALA I 51 -54.16 -26.93 7.50
CA ALA I 51 -53.55 -26.51 8.76
C ALA I 51 -52.02 -26.35 8.87
N SER I 52 -51.25 -27.09 8.10
CA SER I 52 -49.81 -27.00 8.20
C SER I 52 -49.02 -27.26 6.94
N THR I 53 -49.70 -27.59 5.86
CA THR I 53 -49.04 -27.82 4.58
C THR I 53 -48.82 -26.48 3.90
N LEU I 54 -47.56 -26.15 3.60
CA LEU I 54 -47.20 -24.89 2.94
C LEU I 54 -47.52 -25.00 1.49
N ASP I 55 -48.10 -23.95 0.88
CA ASP I 55 -48.35 -24.03 -0.54
C ASP I 55 -46.96 -23.93 -1.17
N SER I 56 -46.85 -24.23 -2.46
CA SER I 56 -45.54 -24.13 -3.08
C SER I 56 -45.03 -22.67 -3.20
N GLY I 57 -43.73 -22.52 -3.04
CA GLY I 57 -43.14 -21.21 -3.12
C GLY I 57 -43.25 -20.45 -1.83
N VAL I 58 -44.02 -20.96 -0.89
CA VAL I 58 -44.19 -20.28 0.37
C VAL I 58 -42.94 -20.53 1.18
N PRO I 59 -42.24 -19.44 1.58
CA PRO I 59 -41.01 -19.39 2.37
C PRO I 59 -41.04 -20.34 3.52
N LYS I 60 -39.97 -21.09 3.67
CA LYS I 60 -39.89 -22.06 4.72
C LYS I 60 -40.04 -21.48 6.14
N ARG I 61 -39.96 -20.16 6.28
CA ARG I 61 -40.11 -19.53 7.61
C ARG I 61 -41.57 -19.43 8.12
N PHE I 62 -42.51 -19.94 7.32
CA PHE I 62 -43.91 -19.99 7.69
C PHE I 62 -44.24 -21.45 7.98
N SER I 63 -45.03 -21.67 9.03
CA SER I 63 -45.42 -23.02 9.37
C SER I 63 -46.69 -22.96 10.17
N GLY I 64 -47.52 -23.99 10.02
CA GLY I 64 -48.75 -24.09 10.77
C GLY I 64 -48.68 -25.27 11.74
N SER I 65 -49.44 -25.21 12.81
CA SER I 65 -49.49 -26.28 13.81
C SER I 65 -50.86 -26.28 14.45
N ARG I 66 -51.25 -27.37 15.07
CA ARG I 66 -52.55 -27.42 15.75
C ARG I 66 -52.25 -27.86 17.15
N SER I 67 -52.80 -27.18 18.13
CA SER I 67 -52.63 -27.55 19.54
C SER I 67 -54.03 -27.58 20.17
N GLY I 68 -54.68 -28.73 20.03
CA GLY I 68 -56.04 -28.83 20.52
C GLY I 68 -56.87 -27.97 19.61
N SER I 69 -57.53 -27.00 20.25
CA SER I 69 -58.41 -26.09 19.56
C SER I 69 -57.66 -25.10 18.72
N ASP I 70 -56.51 -24.71 19.24
CA ASP I 70 -55.62 -23.70 18.64
C ASP I 70 -54.90 -24.08 17.37
N TYR I 71 -55.08 -23.27 16.33
CA TYR I 71 -54.40 -23.47 15.07
C TYR I 71 -53.47 -22.27 15.06
N SER I 72 -52.18 -22.49 14.85
CA SER I 72 -51.19 -21.43 14.91
C SER I 72 -50.25 -21.21 13.73
N LEU I 73 -50.20 -19.99 13.22
CA LEU I 73 -49.26 -19.66 12.15
C LEU I 73 -48.04 -19.02 12.82
N THR I 74 -46.88 -19.56 12.54
CA THR I 74 -45.67 -19.05 13.07
C THR I 74 -44.78 -18.51 11.95
N ILE I 75 -44.34 -17.29 12.12
CA ILE I 75 -43.39 -16.69 11.20
C ILE I 75 -42.14 -16.64 12.09
N SER I 76 -41.13 -17.46 11.78
CA SER I 76 -39.92 -17.44 12.56
C SER I 76 -39.12 -16.39 11.81
N SER I 77 -38.87 -15.26 12.45
CA SER I 77 -38.13 -14.19 11.77
C SER I 77 -38.92 -13.46 10.69
N LEU I 78 -39.43 -12.29 11.06
CA LEU I 78 -40.18 -11.44 10.16
C LEU I 78 -39.27 -10.83 9.11
N GLU I 79 -39.71 -10.83 7.85
CA GLU I 79 -38.97 -10.20 6.76
C GLU I 79 -39.87 -9.05 6.35
N SER I 80 -39.27 -8.00 5.80
CA SER I 80 -40.02 -6.83 5.34
C SER I 80 -41.09 -7.24 4.30
N GLU I 81 -40.77 -8.25 3.50
CA GLU I 81 -41.71 -8.76 2.51
C GLU I 81 -42.93 -9.48 3.11
N ASP I 82 -43.02 -9.58 4.44
CA ASP I 82 -44.16 -10.23 5.08
C ASP I 82 -45.18 -9.21 5.57
N PHE I 83 -44.91 -7.96 5.26
CA PHE I 83 -45.82 -6.88 5.62
C PHE I 83 -47.14 -7.11 4.86
N ALA I 84 -48.17 -7.43 5.64
CA ALA I 84 -49.50 -7.71 5.10
C ALA I 84 -50.47 -7.89 6.25
N ASP I 85 -51.67 -8.37 5.94
CA ASP I 85 -52.71 -8.65 6.92
C ASP I 85 -52.86 -10.10 6.76
N TYR I 86 -52.97 -10.81 7.88
CA TYR I 86 -53.14 -12.25 7.82
C TYR I 86 -54.51 -12.64 8.34
N TYR I 87 -55.11 -13.63 7.66
CA TYR I 87 -56.42 -14.16 8.02
C TYR I 87 -56.37 -15.68 7.98
N CYS I 88 -57.22 -16.34 8.75
CA CYS I 88 -57.27 -17.80 8.69
C CYS I 88 -58.65 -18.08 8.14
N LEU I 89 -58.85 -19.26 7.54
CA LEU I 89 -60.11 -19.63 6.93
C LEU I 89 -60.45 -21.07 7.20
N GLN I 90 -61.69 -21.36 7.53
CA GLN I 90 -62.09 -22.75 7.72
C GLN I 90 -62.86 -23.17 6.46
N TYR I 91 -62.47 -24.28 5.87
CA TYR I 91 -63.13 -24.79 4.67
C TYR I 91 -63.64 -26.18 4.96
N ALA I 92 -64.11 -26.33 6.19
CA ALA I 92 -64.64 -27.59 6.66
C ALA I 92 -66.13 -27.67 6.41
N SER I 93 -66.80 -26.53 6.59
CA SER I 93 -68.23 -26.47 6.45
C SER I 93 -68.63 -25.60 5.30
N SER I 94 -69.66 -26.05 4.60
CA SER I 94 -70.25 -25.42 3.43
C SER I 94 -70.26 -23.90 3.41
N PRO I 95 -70.38 -23.24 4.58
CA PRO I 95 -70.34 -21.75 4.59
C PRO I 95 -68.96 -21.40 5.21
N TYR I 96 -67.94 -21.25 4.38
CA TYR I 96 -66.58 -20.94 4.84
C TYR I 96 -66.52 -19.63 5.61
N THR I 97 -65.67 -19.60 6.63
CA THR I 97 -65.58 -18.40 7.44
C THR I 97 -64.15 -18.00 7.68
N PHE I 98 -63.87 -16.71 7.58
CA PHE I 98 -62.53 -16.16 7.80
C PHE I 98 -62.36 -15.74 9.26
N GLY I 99 -61.13 -15.61 9.70
CA GLY I 99 -60.96 -15.15 11.06
C GLY I 99 -61.12 -13.65 10.94
N GLY I 100 -61.03 -12.94 12.06
CA GLY I 100 -61.15 -11.50 12.00
C GLY I 100 -59.94 -10.84 11.37
N GLY I 101 -58.80 -11.55 11.34
CA GLY I 101 -57.59 -10.99 10.77
C GLY I 101 -56.58 -10.41 11.76
N THR I 102 -55.41 -10.11 11.25
CA THR I 102 -54.34 -9.53 12.07
C THR I 102 -53.63 -8.49 11.24
N LYS I 103 -53.71 -7.23 11.66
CA LYS I 103 -53.03 -6.14 10.96
C LYS I 103 -51.61 -6.08 11.50
N LEU I 104 -50.65 -6.42 10.66
CA LEU I 104 -49.26 -6.42 11.07
C LEU I 104 -48.56 -5.09 10.72
N GLU I 105 -47.90 -4.53 11.71
CA GLU I 105 -47.18 -3.28 11.55
C GLU I 105 -45.75 -3.61 11.82
N ILE I 106 -44.87 -3.11 10.99
CA ILE I 106 -43.45 -3.32 11.21
C ILE I 106 -42.79 -2.23 12.07
N LEU I 107 -42.39 -2.65 13.27
CA LEU I 107 -41.77 -1.79 14.27
C LEU I 107 -40.58 -1.13 13.62
N ARG I 108 -40.34 0.13 13.95
CA ARG I 108 -39.25 0.85 13.29
C ARG I 108 -38.64 2.05 14.10
N GLY I 109 -37.47 2.55 13.64
CA GLY I 109 -36.82 3.67 14.32
C GLY I 109 -37.67 4.92 14.31
N GLY I 110 -37.63 5.71 15.39
CA GLY I 110 -38.40 6.95 15.45
C GLY I 110 -38.01 7.79 14.24
N ALA I 111 -38.99 8.44 13.61
CA ALA I 111 -38.77 9.28 12.43
C ALA I 111 -39.65 10.50 12.59
N ALA I 112 -39.04 11.69 12.48
CA ALA I 112 -39.78 12.95 12.64
C ALA I 112 -40.46 13.29 11.33
N PRO I 113 -41.67 13.80 11.41
CA PRO I 113 -42.44 14.17 10.22
C PRO I 113 -41.84 15.37 9.52
N THR I 114 -42.05 15.47 8.22
CA THR I 114 -41.55 16.61 7.49
C THR I 114 -42.80 17.40 7.16
N VAL I 115 -43.06 18.44 7.93
CA VAL I 115 -44.23 19.31 7.78
C VAL I 115 -44.11 20.32 6.62
N SER I 116 -45.22 20.60 5.95
CA SER I 116 -45.32 21.56 4.83
C SER I 116 -46.74 22.12 4.85
N ILE I 117 -46.87 23.43 4.65
CA ILE I 117 -48.17 24.04 4.66
C ILE I 117 -48.45 24.60 3.24
N PHE I 118 -49.72 24.59 2.83
CA PHE I 118 -50.14 25.09 1.53
C PHE I 118 -51.36 26.03 1.65
N PRO I 119 -51.21 27.30 1.20
CA PRO I 119 -52.33 28.26 1.28
C PRO I 119 -53.37 27.86 0.26
N PRO I 120 -54.59 28.43 0.34
CA PRO I 120 -55.64 28.10 -0.63
C PRO I 120 -55.21 28.44 -2.05
N SER I 121 -55.73 27.70 -3.03
CA SER I 121 -55.41 27.98 -4.42
C SER I 121 -56.29 29.12 -4.89
N SER I 122 -55.87 29.76 -5.98
CA SER I 122 -56.63 30.87 -6.54
C SER I 122 -57.99 30.35 -6.98
N GLU I 123 -58.00 29.13 -7.55
CA GLU I 123 -59.23 28.51 -8.05
C GLU I 123 -60.33 28.30 -7.02
N GLN I 124 -59.93 27.80 -5.87
CA GLN I 124 -60.87 27.54 -4.81
C GLN I 124 -61.41 28.85 -4.25
N LEU I 125 -60.55 29.86 -4.18
CA LEU I 125 -60.93 31.14 -3.62
C LEU I 125 -62.06 31.74 -4.43
N THR I 126 -61.94 31.68 -5.75
CA THR I 126 -62.95 32.22 -6.64
C THR I 126 -64.23 31.45 -6.48
N SER I 127 -64.10 30.22 -6.00
CA SER I 127 -65.27 29.38 -5.76
C SER I 127 -65.95 29.75 -4.44
N GLY I 128 -65.30 30.55 -3.60
CA GLY I 128 -65.91 30.93 -2.35
C GLY I 128 -65.45 30.11 -1.17
N GLY I 129 -64.43 29.28 -1.40
CA GLY I 129 -63.89 28.46 -0.32
C GLY I 129 -62.39 28.63 -0.08
N ALA I 130 -61.93 28.22 1.09
CA ALA I 130 -60.53 28.34 1.41
C ALA I 130 -60.04 27.14 2.22
N SER I 131 -59.25 26.29 1.58
CA SER I 131 -58.68 25.14 2.27
C SER I 131 -57.19 25.39 2.50
N VAL I 132 -56.73 25.16 3.71
CA VAL I 132 -55.32 25.30 4.02
C VAL I 132 -54.89 23.89 4.38
N VAL I 133 -54.01 23.34 3.55
CA VAL I 133 -53.52 21.98 3.72
C VAL I 133 -52.14 21.93 4.37
N CYS I 134 -51.92 20.91 5.17
CA CYS I 134 -50.64 20.72 5.81
C CYS I 134 -50.33 19.24 5.69
N PHE I 135 -49.18 18.91 5.12
CA PHE I 135 -48.80 17.50 5.00
C PHE I 135 -47.74 17.21 6.06
N LEU I 136 -47.88 16.12 6.82
CA LEU I 136 -46.86 15.77 7.82
C LEU I 136 -46.30 14.45 7.27
N ASN I 137 -45.24 14.49 6.50
CA ASN I 137 -44.73 13.25 5.92
C ASN I 137 -43.60 12.45 6.57
N ASN I 138 -43.61 11.17 6.21
CA ASN I 138 -42.63 10.15 6.63
C ASN I 138 -42.23 10.05 8.10
N PHE I 139 -43.18 9.91 8.99
CA PHE I 139 -42.84 9.82 10.39
C PHE I 139 -43.10 8.44 10.99
N TYR I 140 -42.75 8.31 12.25
CA TYR I 140 -42.92 7.07 12.99
C TYR I 140 -42.54 7.39 14.46
N PRO I 141 -43.39 6.99 15.42
CA PRO I 141 -44.66 6.27 15.25
C PRO I 141 -45.80 7.04 14.57
N LYS I 142 -46.89 6.33 14.35
CA LYS I 142 -48.08 6.86 13.72
C LYS I 142 -48.67 7.98 14.60
N ASP I 143 -48.58 7.81 15.92
CA ASP I 143 -49.10 8.79 16.87
C ASP I 143 -48.45 10.13 16.62
N ILE I 144 -49.26 11.11 16.22
CA ILE I 144 -48.84 12.49 15.98
C ILE I 144 -50.02 13.39 16.30
N ASN I 145 -49.75 14.64 16.63
CA ASN I 145 -50.83 15.56 16.99
C ASN I 145 -50.76 16.87 16.23
N VAL I 146 -51.80 17.19 15.48
CA VAL I 146 -51.81 18.41 14.69
C VAL I 146 -52.80 19.47 15.18
N LYS I 147 -52.31 20.69 15.41
CA LYS I 147 -53.16 21.81 15.86
C LYS I 147 -53.18 22.87 14.79
N TRP I 148 -54.34 23.47 14.62
CA TRP I 148 -54.47 24.54 13.64
C TRP I 148 -54.71 25.81 14.45
N LYS I 149 -54.06 26.89 14.05
CA LYS I 149 -54.23 28.15 14.76
C LYS I 149 -54.39 29.23 13.72
N ILE I 150 -55.50 29.94 13.79
CA ILE I 150 -55.75 31.04 12.89
C ILE I 150 -55.36 32.22 13.74
N ASP I 151 -54.37 32.96 13.24
CA ASP I 151 -53.82 34.08 13.97
C ASP I 151 -53.25 33.43 15.22
N GLY I 152 -53.79 33.75 16.38
CA GLY I 152 -53.22 33.12 17.54
C GLY I 152 -54.01 31.94 18.01
N SER I 153 -55.34 32.09 17.92
CA SER I 153 -56.30 31.08 18.36
C SER I 153 -56.29 29.79 17.59
N GLU I 154 -56.42 28.72 18.36
CA GLU I 154 -56.43 27.35 17.84
C GLU I 154 -57.82 27.10 17.30
N ARG I 155 -57.89 26.56 16.11
CA ARG I 155 -59.18 26.29 15.48
C ARG I 155 -59.36 24.80 15.49
N GLN I 156 -60.54 24.35 15.86
CA GLN I 156 -60.80 22.92 15.93
C GLN I 156 -61.83 22.49 14.91
N ASN I 157 -62.70 23.43 14.55
CA ASN I 157 -63.76 23.16 13.59
C ASN I 157 -63.33 23.27 12.15
N GLY I 158 -63.70 22.27 11.35
CA GLY I 158 -63.37 22.27 9.93
C GLY I 158 -62.10 21.55 9.53
N VAL I 159 -61.45 20.91 10.49
CA VAL I 159 -60.21 20.17 10.22
C VAL I 159 -60.62 18.77 9.81
N LEU I 160 -59.93 18.25 8.80
CA LEU I 160 -60.19 16.94 8.24
C LEU I 160 -58.83 16.29 8.10
N ASN I 161 -58.57 15.23 8.84
CA ASN I 161 -57.28 14.54 8.76
C ASN I 161 -57.35 13.21 8.09
N SER I 162 -56.20 12.71 7.68
CA SER I 162 -56.13 11.41 7.02
C SER I 162 -54.74 10.80 7.11
N TRP I 163 -54.67 9.59 7.66
CA TRP I 163 -53.40 8.91 7.78
C TRP I 163 -53.16 8.01 6.61
N THR I 164 -51.90 7.64 6.48
CA THR I 164 -51.40 6.75 5.45
C THR I 164 -51.22 5.42 6.17
N ASP I 165 -51.48 4.32 5.46
CA ASP I 165 -51.23 3.01 6.09
C ASP I 165 -49.71 2.92 6.06
N GLN I 166 -49.12 2.21 7.01
CA GLN I 166 -47.67 2.10 7.02
C GLN I 166 -47.09 1.86 5.62
N ASP I 167 -46.14 2.68 5.21
CA ASP I 167 -45.51 2.53 3.90
C ASP I 167 -44.73 1.23 3.77
N SER I 168 -45.12 0.41 2.80
CA SER I 168 -44.45 -0.89 2.60
C SER I 168 -42.97 -0.82 2.26
N LYS I 169 -42.45 0.37 1.99
CA LYS I 169 -41.05 0.48 1.66
C LYS I 169 -40.17 1.06 2.76
N ASP I 170 -40.68 2.04 3.51
CA ASP I 170 -39.87 2.61 4.58
C ASP I 170 -40.53 2.62 5.95
N SER I 171 -41.63 1.90 6.08
CA SER I 171 -42.32 1.74 7.36
C SER I 171 -42.71 2.99 8.08
N THR I 172 -42.94 4.05 7.30
CA THR I 172 -43.30 5.34 7.87
C THR I 172 -44.73 5.70 7.47
N TYR I 173 -45.34 6.62 8.21
CA TYR I 173 -46.70 7.05 7.90
C TYR I 173 -46.63 8.50 7.51
N SER I 174 -47.69 8.97 6.87
CA SER I 174 -47.79 10.34 6.45
C SER I 174 -49.20 10.78 6.79
N MET I 175 -49.35 12.05 7.12
CA MET I 175 -50.65 12.58 7.45
C MET I 175 -50.95 13.77 6.57
N SER I 176 -52.23 14.09 6.48
CA SER I 176 -52.68 15.20 5.69
C SER I 176 -53.76 15.81 6.53
N SER I 177 -53.62 17.11 6.81
CA SER I 177 -54.56 17.85 7.64
C SER I 177 -55.03 19.01 6.80
N THR I 178 -56.35 19.27 6.81
CA THR I 178 -56.95 20.36 6.01
C THR I 178 -57.98 21.16 6.77
N LEU I 179 -57.74 22.45 6.91
CA LEU I 179 -58.68 23.34 7.58
C LEU I 179 -59.46 24.02 6.46
N THR I 180 -60.77 23.91 6.47
CA THR I 180 -61.55 24.53 5.41
C THR I 180 -62.49 25.60 5.93
N LEU I 181 -62.29 26.82 5.48
CA LEU I 181 -63.15 27.91 5.90
C LEU I 181 -63.71 28.48 4.63
N THR I 182 -64.64 29.41 4.80
CA THR I 182 -65.22 30.11 3.67
C THR I 182 -64.18 31.15 3.23
N LYS I 183 -64.28 31.66 2.02
CA LYS I 183 -63.32 32.67 1.57
C LYS I 183 -63.38 33.91 2.48
N ASP I 184 -64.56 34.33 2.92
CA ASP I 184 -64.69 35.50 3.77
C ASP I 184 -63.94 35.44 5.10
N GLU I 185 -63.88 34.27 5.73
CA GLU I 185 -63.16 34.12 6.98
C GLU I 185 -61.66 34.15 6.69
N TYR I 186 -61.24 33.38 5.69
CA TYR I 186 -59.84 33.31 5.34
C TYR I 186 -59.30 34.67 5.05
N GLU I 187 -59.99 35.39 4.20
CA GLU I 187 -59.51 36.69 3.85
C GLU I 187 -59.57 37.76 4.94
N ARG I 188 -59.92 37.38 6.17
CA ARG I 188 -59.95 38.35 7.27
C ARG I 188 -59.14 37.95 8.52
N HIS I 189 -58.11 37.15 8.30
CA HIS I 189 -57.21 36.74 9.34
C HIS I 189 -55.88 36.80 8.69
N ASN I 190 -54.79 36.58 9.42
CA ASN I 190 -53.52 36.75 8.75
C ASN I 190 -52.65 35.53 8.67
N SER I 191 -52.16 35.09 9.82
CA SER I 191 -51.28 33.93 9.90
C SER I 191 -52.13 32.67 10.07
N TYR I 192 -51.70 31.60 9.42
CA TYR I 192 -52.35 30.31 9.45
C TYR I 192 -51.28 29.34 9.85
N THR I 193 -51.41 28.79 11.05
CA THR I 193 -50.41 27.88 11.58
C THR I 193 -50.90 26.45 11.75
N CYS I 194 -50.03 25.53 11.34
CA CYS I 194 -50.26 24.11 11.45
C CYS I 194 -49.13 23.59 12.30
N GLU I 195 -49.41 23.32 13.57
CA GLU I 195 -48.34 22.80 14.43
C GLU I 195 -48.51 21.37 14.90
N ALA I 196 -47.50 20.56 14.59
CA ALA I 196 -47.46 19.14 14.95
C ALA I 196 -46.60 18.80 16.20
N THR I 197 -47.06 17.83 16.98
CA THR I 197 -46.32 17.35 18.16
C THR I 197 -46.17 15.86 17.96
N HIS I 198 -44.93 15.44 17.85
CA HIS I 198 -44.64 14.04 17.65
C HIS I 198 -43.62 13.57 18.71
N LYS I 199 -43.68 12.28 19.02
CA LYS I 199 -42.77 11.64 20.00
C LYS I 199 -41.32 12.03 19.76
N THR I 200 -40.95 12.19 18.50
CA THR I 200 -39.59 12.56 18.16
C THR I 200 -39.09 13.92 18.66
N SER I 201 -40.00 14.81 19.04
CA SER I 201 -39.60 16.14 19.50
C SER I 201 -40.33 16.64 20.73
N THR I 202 -39.66 17.54 21.43
CA THR I 202 -40.15 18.18 22.66
C THR I 202 -40.97 19.42 22.30
N SER I 203 -40.50 20.15 21.29
CA SER I 203 -41.15 21.36 20.79
C SER I 203 -41.98 21.00 19.55
N PRO I 204 -43.13 21.66 19.37
CA PRO I 204 -44.04 21.43 18.22
C PRO I 204 -43.41 21.85 16.91
N ILE I 205 -43.59 21.05 15.87
CA ILE I 205 -43.04 21.46 14.60
C ILE I 205 -44.07 22.49 14.21
N VAL I 206 -43.62 23.67 13.80
CA VAL I 206 -44.57 24.69 13.40
C VAL I 206 -44.34 25.20 12.00
N LYS I 207 -45.40 25.29 11.21
CA LYS I 207 -45.29 25.80 9.87
C LYS I 207 -46.42 26.79 9.73
N SER I 208 -46.12 27.97 9.19
CA SER I 208 -47.13 29.00 9.02
C SER I 208 -46.91 29.82 7.78
N PHE I 209 -47.83 30.76 7.57
CA PHE I 209 -47.75 31.70 6.47
C PHE I 209 -48.73 32.79 6.78
N ASN I 210 -48.37 34.01 6.40
CA ASN I 210 -49.27 35.12 6.59
C ASN I 210 -49.82 35.29 5.21
N ARG I 211 -51.12 35.50 5.10
CA ARG I 211 -51.68 35.74 3.78
C ARG I 211 -51.40 37.23 3.62
N ASN I 212 -52.25 37.97 2.93
CA ASN I 212 -51.99 39.41 2.75
C ASN I 212 -50.88 39.67 1.72
N GLU I 213 -51.21 40.53 0.78
CA GLU I 213 -50.37 40.99 -0.33
C GLU I 213 -50.37 40.09 -1.57
N CYS I 214 -51.52 39.45 -1.81
CA CYS I 214 -51.76 38.54 -2.93
C CYS I 214 -50.77 37.34 -3.08
N ASP J 1 -48.56 -16.26 -15.90
CA ASP J 1 -48.99 -16.28 -14.47
C ASP J 1 -50.47 -15.95 -14.37
N VAL J 2 -51.10 -16.40 -13.29
CA VAL J 2 -52.50 -16.14 -13.14
C VAL J 2 -52.75 -14.69 -12.81
N LYS J 3 -53.67 -14.12 -13.58
CA LYS J 3 -54.16 -12.73 -13.48
C LYS J 3 -55.68 -12.87 -13.28
N LEU J 4 -56.25 -12.01 -12.46
CA LEU J 4 -57.69 -12.09 -12.19
C LEU J 4 -58.22 -10.67 -12.07
N VAL J 5 -59.02 -10.22 -13.04
CA VAL J 5 -59.53 -8.86 -13.05
C VAL J 5 -61.03 -8.63 -12.77
N GLU J 6 -61.31 -8.20 -11.54
CA GLU J 6 -62.65 -7.89 -11.07
C GLU J 6 -63.05 -6.60 -11.77
N SER J 7 -64.34 -6.44 -12.07
CA SER J 7 -64.74 -5.22 -12.72
C SER J 7 -66.19 -4.93 -12.90
N GLY J 8 -66.99 -5.06 -11.85
CA GLY J 8 -68.39 -4.69 -11.97
C GLY J 8 -68.52 -3.27 -11.43
N GLY J 9 -68.71 -3.20 -10.13
CA GLY J 9 -68.79 -1.99 -9.32
C GLY J 9 -69.23 -0.62 -9.73
N GLY J 10 -69.64 0.13 -8.71
CA GLY J 10 -70.10 1.48 -8.91
C GLY J 10 -71.14 1.79 -7.87
N LEU J 11 -71.76 2.98 -8.02
CA LEU J 11 -72.81 3.44 -7.11
C LEU J 11 -74.08 2.70 -7.44
N VAL J 12 -74.77 2.26 -6.40
CA VAL J 12 -76.00 1.55 -6.58
C VAL J 12 -76.92 2.10 -5.53
N GLN J 13 -78.18 2.30 -5.91
CA GLN J 13 -79.22 2.80 -5.02
C GLN J 13 -79.58 1.61 -4.16
N PRO J 14 -79.82 1.85 -2.88
CA PRO J 14 -80.19 0.71 -2.03
C PRO J 14 -81.43 0.03 -2.60
N GLY J 15 -81.39 -1.29 -2.63
CA GLY J 15 -82.48 -2.07 -3.18
C GLY J 15 -82.09 -2.47 -4.58
N GLY J 16 -81.27 -1.65 -5.22
CA GLY J 16 -80.86 -1.91 -6.59
C GLY J 16 -79.99 -3.15 -6.75
N SER J 17 -79.55 -3.39 -7.97
CA SER J 17 -78.72 -4.54 -8.25
C SER J 17 -77.44 -4.14 -9.01
N ARG J 18 -76.57 -5.12 -9.24
CA ARG J 18 -75.28 -4.93 -9.92
C ARG J 18 -74.80 -6.32 -10.33
N LYS J 19 -73.95 -6.41 -11.35
CA LYS J 19 -73.42 -7.68 -11.78
C LYS J 19 -71.91 -7.48 -11.99
N LEU J 20 -71.10 -8.13 -11.16
CA LEU J 20 -69.68 -8.00 -11.26
C LEU J 20 -69.09 -9.02 -12.23
N SER J 21 -67.86 -8.77 -12.69
CA SER J 21 -67.17 -9.71 -13.58
C SER J 21 -65.75 -9.93 -13.04
N CYS J 22 -65.17 -11.06 -13.41
CA CYS J 22 -63.84 -11.41 -13.01
C CYS J 22 -63.31 -12.10 -14.21
N ALA J 23 -62.32 -11.51 -14.84
CA ALA J 23 -61.73 -12.10 -16.02
C ALA J 23 -60.51 -12.91 -15.64
N ALA J 24 -60.68 -14.22 -15.62
CA ALA J 24 -59.59 -15.09 -15.26
C ALA J 24 -58.72 -15.33 -16.49
N SER J 25 -57.41 -15.45 -16.28
CA SER J 25 -56.48 -15.74 -17.35
C SER J 25 -55.21 -16.22 -16.71
N GLY J 26 -54.36 -16.85 -17.52
CA GLY J 26 -53.13 -17.38 -17.00
C GLY J 26 -53.24 -18.83 -16.59
N PHE J 27 -54.46 -19.36 -16.52
CA PHE J 27 -54.69 -20.76 -16.12
C PHE J 27 -55.93 -21.35 -16.79
N THR J 28 -56.10 -22.66 -16.61
CA THR J 28 -57.23 -23.39 -17.19
C THR J 28 -58.45 -23.19 -16.31
N PHE J 29 -59.19 -22.14 -16.64
CA PHE J 29 -60.40 -21.72 -15.94
C PHE J 29 -61.37 -22.88 -15.65
N SER J 30 -61.58 -23.68 -16.68
CA SER J 30 -62.51 -24.78 -16.60
C SER J 30 -62.19 -25.86 -15.62
N SER J 31 -61.00 -25.87 -15.05
CA SER J 31 -60.69 -26.93 -14.10
C SER J 31 -60.68 -26.47 -12.64
N PHE J 32 -61.11 -25.24 -12.39
CA PHE J 32 -61.05 -24.72 -11.04
C PHE J 32 -62.33 -24.13 -10.53
N GLY J 33 -62.61 -24.30 -9.24
CA GLY J 33 -63.77 -23.68 -8.66
C GLY J 33 -63.32 -22.26 -8.36
N MET J 34 -64.23 -21.33 -8.13
CA MET J 34 -63.86 -19.95 -7.86
C MET J 34 -64.62 -19.42 -6.69
N HIS J 35 -64.16 -18.31 -6.13
CA HIS J 35 -64.81 -17.70 -4.99
C HIS J 35 -65.01 -16.24 -5.21
N TRP J 36 -65.88 -15.69 -4.40
CA TRP J 36 -66.14 -14.29 -4.36
C TRP J 36 -65.97 -14.03 -2.87
N VAL J 37 -65.07 -13.08 -2.57
CA VAL J 37 -64.75 -12.65 -1.22
C VAL J 37 -65.04 -11.16 -1.31
N ARG J 38 -65.33 -10.52 -0.17
CA ARG J 38 -65.60 -9.09 -0.14
C ARG J 38 -65.00 -8.55 1.13
N GLN J 39 -64.84 -7.24 1.20
CA GLN J 39 -64.31 -6.59 2.39
C GLN J 39 -64.91 -5.21 2.65
N ALA J 40 -65.70 -5.11 3.71
CA ALA J 40 -66.34 -3.87 4.05
C ALA J 40 -65.26 -2.92 4.48
N PRO J 41 -65.48 -1.61 4.34
CA PRO J 41 -64.56 -0.53 4.68
C PRO J 41 -63.68 -0.74 5.91
N GLU J 42 -64.26 -0.64 7.10
CA GLU J 42 -63.46 -0.83 8.28
C GLU J 42 -63.53 -2.26 8.84
N LYS J 43 -63.83 -3.23 7.98
CA LYS J 43 -63.94 -4.63 8.39
C LYS J 43 -62.97 -5.50 7.61
N GLY J 44 -62.79 -6.74 8.04
CA GLY J 44 -61.90 -7.62 7.30
C GLY J 44 -62.59 -8.42 6.19
N LEU J 45 -61.82 -9.29 5.51
CA LEU J 45 -62.33 -10.14 4.45
C LEU J 45 -63.54 -10.99 4.89
N GLU J 46 -64.46 -11.22 3.97
CA GLU J 46 -65.60 -12.06 4.25
C GLU J 46 -65.84 -12.92 3.01
N TRP J 47 -66.03 -14.21 3.20
CA TRP J 47 -66.29 -15.09 2.07
C TRP J 47 -67.72 -14.87 1.59
N VAL J 48 -67.92 -14.91 0.28
CA VAL J 48 -69.24 -14.63 -0.31
C VAL J 48 -69.94 -15.79 -1.04
N ALA J 49 -69.25 -16.46 -1.96
CA ALA J 49 -69.85 -17.53 -2.71
C ALA J 49 -68.79 -18.40 -3.38
N TYR J 50 -69.15 -19.63 -3.69
CA TYR J 50 -68.27 -20.57 -4.33
C TYR J 50 -69.02 -21.26 -5.45
N ILE J 51 -68.34 -21.51 -6.57
CA ILE J 51 -68.94 -22.20 -7.71
C ILE J 51 -67.91 -23.17 -8.30
N SER J 52 -68.31 -24.44 -8.43
CA SER J 52 -67.42 -25.47 -9.00
C SER J 52 -67.25 -25.18 -10.50
N SER J 53 -66.23 -25.71 -11.13
CA SER J 53 -66.04 -25.46 -12.56
C SER J 53 -67.21 -25.98 -13.39
N GLY J 54 -67.95 -26.93 -12.85
CA GLY J 54 -69.08 -27.45 -13.59
C GLY J 54 -70.36 -26.73 -13.21
N SER J 55 -70.23 -25.74 -12.32
CA SER J 55 -71.35 -24.95 -11.84
C SER J 55 -72.38 -25.84 -11.18
N SER J 56 -71.97 -27.08 -10.86
CA SER J 56 -72.85 -28.07 -10.25
C SER J 56 -72.90 -27.91 -8.76
N THR J 57 -71.89 -27.27 -8.19
CA THR J 57 -71.85 -27.00 -6.76
C THR J 57 -71.70 -25.50 -6.59
N ILE J 58 -72.59 -24.91 -5.79
CA ILE J 58 -72.63 -23.48 -5.54
C ILE J 58 -72.91 -23.24 -4.07
N TYR J 59 -72.08 -22.44 -3.41
CA TYR J 59 -72.23 -22.10 -1.99
C TYR J 59 -72.40 -20.59 -1.90
N TYR J 60 -73.18 -20.13 -0.92
CA TYR J 60 -73.41 -18.71 -0.70
C TYR J 60 -73.33 -18.45 0.79
N ALA J 61 -72.83 -17.29 1.17
CA ALA J 61 -72.73 -16.92 2.56
C ALA J 61 -74.17 -16.68 3.02
N ASP J 62 -74.47 -16.87 4.31
CA ASP J 62 -75.81 -16.65 4.81
C ASP J 62 -76.24 -15.22 4.53
N THR J 63 -75.27 -14.32 4.62
CA THR J 63 -75.46 -12.91 4.37
C THR J 63 -76.00 -12.57 2.97
N VAL J 64 -75.50 -13.24 1.96
CA VAL J 64 -75.92 -12.96 0.60
C VAL J 64 -76.79 -14.05 0.02
N LYS J 65 -77.07 -15.05 0.84
CA LYS J 65 -77.90 -16.16 0.38
C LYS J 65 -79.25 -15.64 -0.04
N GLY J 66 -79.58 -15.88 -1.32
CA GLY J 66 -80.86 -15.47 -1.83
C GLY J 66 -80.93 -14.15 -2.55
N ARG J 67 -79.89 -13.33 -2.47
CA ARG J 67 -79.84 -12.04 -3.15
C ARG J 67 -78.67 -11.99 -4.15
N PHE J 68 -77.68 -12.86 -3.97
CA PHE J 68 -76.54 -12.93 -4.88
C PHE J 68 -76.58 -14.27 -5.62
N THR J 69 -76.19 -14.26 -6.90
CA THR J 69 -76.17 -15.46 -7.73
C THR J 69 -74.80 -15.56 -8.41
N ILE J 70 -74.07 -16.61 -8.10
CA ILE J 70 -72.77 -16.81 -8.69
C ILE J 70 -72.92 -17.64 -9.96
N SER J 71 -72.11 -17.30 -10.95
CA SER J 71 -72.16 -17.97 -12.24
C SER J 71 -70.79 -17.79 -12.88
N ARG J 72 -70.53 -18.52 -13.97
CA ARG J 72 -69.25 -18.45 -14.64
C ARG J 72 -69.44 -18.80 -16.11
N ASP J 73 -68.64 -18.23 -17.00
CA ASP J 73 -68.75 -18.53 -18.42
C ASP J 73 -67.43 -19.19 -18.83
N ASN J 74 -67.34 -20.51 -18.72
CA ASN J 74 -66.09 -21.18 -19.01
C ASN J 74 -65.36 -20.92 -20.32
N PRO J 75 -66.08 -20.76 -21.44
CA PRO J 75 -65.36 -20.53 -22.71
C PRO J 75 -64.96 -19.10 -22.88
N LYS J 76 -65.50 -18.31 -21.97
CA LYS J 76 -65.31 -16.87 -21.95
C LYS J 76 -64.41 -16.45 -20.76
N ASN J 77 -63.84 -17.45 -20.06
CA ASN J 77 -62.96 -17.26 -18.91
C ASN J 77 -63.43 -16.25 -17.88
N THR J 78 -64.74 -16.20 -17.64
CA THR J 78 -65.28 -15.21 -16.73
C THR J 78 -66.14 -15.75 -15.63
N LEU J 79 -66.13 -15.05 -14.50
CA LEU J 79 -66.89 -15.39 -13.33
C LEU J 79 -67.80 -14.17 -13.16
N PHE J 80 -69.03 -14.39 -12.71
CA PHE J 80 -69.98 -13.34 -12.49
C PHE J 80 -70.53 -13.48 -11.09
N LEU J 81 -71.08 -12.38 -10.58
CA LEU J 81 -71.71 -12.31 -9.26
C LEU J 81 -72.84 -11.32 -9.42
N GLN J 82 -74.06 -11.82 -9.53
CA GLN J 82 -75.25 -10.99 -9.68
C GLN J 82 -75.74 -10.58 -8.32
N MET J 83 -75.67 -9.29 -8.06
CA MET J 83 -76.09 -8.74 -6.79
C MET J 83 -77.49 -8.23 -6.97
N THR J 84 -78.28 -8.33 -5.92
CA THR J 84 -79.68 -7.94 -5.96
C THR J 84 -80.10 -7.58 -4.55
N SER J 85 -81.11 -6.71 -4.43
CA SER J 85 -81.62 -6.25 -3.14
C SER J 85 -80.47 -5.74 -2.30
N LEU J 86 -79.66 -4.90 -2.94
CA LEU J 86 -78.49 -4.36 -2.29
C LEU J 86 -78.72 -3.51 -1.03
N ARG J 87 -78.36 -4.10 0.11
CA ARG J 87 -78.44 -3.46 1.42
C ARG J 87 -77.09 -2.77 1.61
N SER J 88 -77.07 -1.61 2.24
CA SER J 88 -75.85 -0.86 2.48
C SER J 88 -74.71 -1.75 2.96
N GLU J 89 -75.07 -2.80 3.70
CA GLU J 89 -74.08 -3.76 4.22
C GLU J 89 -73.28 -4.46 3.12
N ASP J 90 -73.75 -4.33 1.88
CA ASP J 90 -73.11 -4.93 0.73
C ASP J 90 -72.02 -4.01 0.20
N THR J 91 -71.98 -2.78 0.70
CA THR J 91 -70.99 -1.79 0.29
C THR J 91 -69.62 -2.32 0.68
N ALA J 92 -68.82 -2.74 -0.30
CA ALA J 92 -67.51 -3.30 -0.03
C ALA J 92 -66.66 -3.48 -1.27
N MET J 93 -65.42 -3.89 -1.07
CA MET J 93 -64.57 -4.15 -2.22
C MET J 93 -64.74 -5.64 -2.49
N TYR J 94 -65.06 -5.96 -3.74
CA TYR J 94 -65.29 -7.33 -4.12
C TYR J 94 -64.10 -7.89 -4.89
N TYR J 95 -63.69 -9.10 -4.55
CA TYR J 95 -62.55 -9.73 -5.19
C TYR J 95 -62.94 -11.16 -5.51
N CYS J 96 -62.57 -11.61 -6.71
CA CYS J 96 -62.84 -12.99 -7.07
C CYS J 96 -61.53 -13.70 -6.70
N ALA J 97 -61.53 -15.02 -6.68
CA ALA J 97 -60.34 -15.75 -6.30
C ALA J 97 -60.44 -17.15 -6.84
N ARG J 98 -59.30 -17.77 -7.16
CA ARG J 98 -59.34 -19.14 -7.66
C ARG J 98 -59.67 -19.99 -6.45
N GLY J 99 -60.11 -21.23 -6.69
CA GLY J 99 -60.49 -22.10 -5.58
C GLY J 99 -59.49 -22.37 -4.49
N ASP J 100 -58.21 -22.26 -4.82
CA ASP J 100 -57.13 -22.51 -3.89
C ASP J 100 -56.44 -21.21 -3.47
N TYR J 101 -57.10 -20.09 -3.67
CA TYR J 101 -56.57 -18.79 -3.33
C TYR J 101 -55.16 -18.56 -3.78
N TYR J 102 -54.84 -18.99 -4.98
CA TYR J 102 -53.51 -18.78 -5.53
C TYR J 102 -53.31 -17.30 -5.69
N GLY J 103 -52.20 -16.79 -5.18
CA GLY J 103 -51.91 -15.38 -5.30
C GLY J 103 -51.84 -15.03 -6.76
N SER J 104 -52.76 -14.18 -7.19
CA SER J 104 -52.88 -13.76 -8.57
C SER J 104 -52.53 -12.32 -8.85
N ARG J 105 -51.96 -12.08 -10.01
CA ARG J 105 -51.65 -10.71 -10.43
C ARG J 105 -53.01 -10.09 -10.80
N GLY J 106 -53.12 -8.78 -10.60
CA GLY J 106 -54.38 -8.13 -10.92
C GLY J 106 -54.31 -7.26 -12.16
N ALA J 107 -55.08 -6.17 -12.13
CA ALA J 107 -55.10 -5.25 -13.25
C ALA J 107 -54.07 -4.16 -13.03
N TYR J 108 -53.71 -3.49 -14.12
CA TYR J 108 -52.74 -2.41 -14.04
C TYR J 108 -53.24 -1.37 -13.04
N TRP J 109 -54.54 -1.28 -12.89
CA TRP J 109 -55.15 -0.32 -11.99
C TRP J 109 -55.21 -0.72 -10.52
N GLY J 110 -55.26 -2.01 -10.24
CA GLY J 110 -55.34 -2.46 -8.85
C GLY J 110 -55.94 -3.83 -8.66
N GLN J 111 -56.60 -4.02 -7.53
CA GLN J 111 -57.19 -5.31 -7.19
C GLN J 111 -58.56 -5.14 -6.55
N GLY J 112 -59.54 -5.92 -7.03
CA GLY J 112 -60.90 -5.86 -6.50
C GLY J 112 -61.75 -4.84 -7.23
N THR J 113 -63.01 -4.69 -6.84
CA THR J 113 -63.89 -3.74 -7.47
C THR J 113 -64.87 -3.26 -6.44
N LEU J 114 -64.87 -1.95 -6.21
CA LEU J 114 -65.71 -1.32 -5.20
C LEU J 114 -67.14 -1.08 -5.63
N VAL J 115 -68.08 -1.41 -4.75
CA VAL J 115 -69.48 -1.16 -5.03
C VAL J 115 -70.02 -0.54 -3.75
N THR J 116 -70.54 0.67 -3.91
CA THR J 116 -71.09 1.51 -2.84
C THR J 116 -72.60 1.46 -3.00
N VAL J 117 -73.31 1.29 -1.90
CA VAL J 117 -74.76 1.27 -1.99
C VAL J 117 -75.19 2.56 -1.33
N SER J 118 -75.61 3.57 -2.13
CA SER J 118 -76.02 4.87 -1.58
C SER J 118 -76.73 5.89 -2.52
N ALA J 119 -76.53 7.18 -2.20
CA ALA J 119 -77.08 8.38 -2.87
C ALA J 119 -76.58 8.98 -4.22
N LYS J 120 -76.08 10.23 -4.18
CA LYS J 120 -75.72 10.95 -5.42
C LYS J 120 -74.28 11.24 -5.87
N THR J 121 -74.00 10.99 -7.15
CA THR J 121 -72.68 11.23 -7.72
C THR J 121 -72.38 12.70 -7.76
N THR J 122 -71.14 13.05 -7.43
CA THR J 122 -70.71 14.43 -7.42
C THR J 122 -69.26 14.47 -7.92
N ALA J 123 -69.00 15.35 -8.89
CA ALA J 123 -67.68 15.48 -9.46
C ALA J 123 -66.74 16.19 -8.48
N PRO J 124 -65.46 15.79 -8.48
CA PRO J 124 -64.56 16.44 -7.55
C PRO J 124 -64.15 17.74 -8.16
N SER J 125 -63.50 18.55 -7.33
CA SER J 125 -62.94 19.81 -7.73
C SER J 125 -61.48 19.56 -7.39
N VAL J 126 -60.63 19.61 -8.40
CA VAL J 126 -59.20 19.39 -8.20
C VAL J 126 -58.51 20.74 -8.07
N TYR J 127 -57.67 20.85 -7.05
CA TYR J 127 -56.96 22.09 -6.83
C TYR J 127 -55.45 21.83 -6.67
N PRO J 128 -54.61 22.65 -7.33
CA PRO J 128 -53.16 22.49 -7.24
C PRO J 128 -52.61 23.16 -5.99
N LEU J 129 -51.76 22.44 -5.24
CA LEU J 129 -51.15 22.99 -4.02
C LEU J 129 -49.70 23.37 -4.28
N ALA J 130 -49.44 24.64 -4.52
CA ALA J 130 -48.09 25.07 -4.76
C ALA J 130 -47.50 25.61 -3.47
N PRO J 131 -46.18 25.60 -3.33
CA PRO J 131 -45.54 26.10 -2.12
C PRO J 131 -45.81 27.53 -1.68
N VAL J 132 -44.93 28.47 -2.05
CA VAL J 132 -44.92 29.91 -1.65
C VAL J 132 -44.39 29.87 -0.25
N CYS J 133 -44.89 28.87 0.46
CA CYS J 133 -44.50 28.48 1.80
C CYS J 133 -44.27 26.95 1.57
N GLY J 134 -45.31 26.24 1.09
CA GLY J 134 -45.27 24.79 0.79
C GLY J 134 -43.98 24.08 1.14
N ASP J 135 -43.68 24.25 2.42
CA ASP J 135 -42.49 23.82 3.14
C ASP J 135 -41.55 22.65 2.82
N THR J 136 -41.22 22.56 1.53
CA THR J 136 -40.27 21.59 0.96
C THR J 136 -40.05 20.27 1.72
N THR J 137 -38.81 20.08 2.16
CA THR J 137 -38.36 18.91 2.90
C THR J 137 -36.91 19.25 3.32
N GLY J 138 -36.20 19.85 2.37
CA GLY J 138 -34.81 20.27 2.56
C GLY J 138 -34.50 20.89 1.21
N SER J 139 -33.54 20.34 0.48
CA SER J 139 -33.25 20.85 -0.87
C SER J 139 -34.21 20.12 -1.81
N SER J 140 -35.32 19.67 -1.24
CA SER J 140 -36.37 18.95 -1.92
C SER J 140 -37.64 19.74 -1.66
N VAL J 141 -38.41 19.96 -2.71
CA VAL J 141 -39.66 20.71 -2.64
C VAL J 141 -40.88 19.77 -2.76
N THR J 142 -41.88 19.96 -1.92
CA THR J 142 -43.07 19.13 -2.00
C THR J 142 -44.22 19.96 -2.53
N LEU J 143 -44.98 19.36 -3.44
CA LEU J 143 -46.14 19.97 -4.07
C LEU J 143 -47.32 19.06 -3.75
N GLY J 144 -48.53 19.56 -3.95
CA GLY J 144 -49.68 18.74 -3.68
C GLY J 144 -50.80 18.97 -4.65
N CYS J 145 -51.89 18.24 -4.42
CA CYS J 145 -53.10 18.31 -5.21
C CYS J 145 -54.23 17.92 -4.26
N LEU J 146 -55.30 18.71 -4.24
CA LEU J 146 -56.44 18.47 -3.37
C LEU J 146 -57.70 18.15 -4.20
N VAL J 147 -58.20 16.94 -3.98
CA VAL J 147 -59.38 16.46 -4.65
C VAL J 147 -60.51 16.54 -3.66
N LYS J 148 -61.34 17.57 -3.75
CA LYS J 148 -62.42 17.65 -2.78
C LYS J 148 -63.82 17.70 -3.35
N GLY J 149 -64.77 17.29 -2.50
CA GLY J 149 -66.18 17.26 -2.84
C GLY J 149 -66.68 16.32 -3.91
N TYR J 150 -66.36 15.03 -3.78
CA TYR J 150 -66.80 14.06 -4.77
C TYR J 150 -67.54 12.89 -4.18
N PHE J 151 -68.25 12.14 -5.04
CA PHE J 151 -69.00 10.94 -4.63
C PHE J 151 -69.48 10.22 -5.86
N PRO J 152 -69.37 8.88 -5.86
CA PRO J 152 -68.82 8.05 -4.80
C PRO J 152 -67.31 7.80 -5.07
N GLU J 153 -66.68 6.93 -4.27
CA GLU J 153 -65.27 6.58 -4.49
C GLU J 153 -65.31 5.56 -5.60
N PRO J 154 -64.21 5.35 -6.31
CA PRO J 154 -62.90 5.96 -6.18
C PRO J 154 -62.58 7.09 -7.17
N VAL J 155 -61.39 7.65 -6.98
CA VAL J 155 -60.85 8.68 -7.82
C VAL J 155 -59.44 8.15 -8.08
N THR J 156 -58.96 8.31 -9.31
CA THR J 156 -57.61 7.86 -9.67
C THR J 156 -56.78 9.12 -9.76
N LEU J 157 -55.59 9.10 -9.18
CA LEU J 157 -54.78 10.29 -9.23
C LEU J 157 -53.37 9.84 -9.49
N THR J 158 -52.71 10.54 -10.42
CA THR J 158 -51.34 10.25 -10.79
C THR J 158 -50.61 11.57 -11.00
N TRP J 159 -49.29 11.49 -11.00
CA TRP J 159 -48.49 12.68 -11.21
C TRP J 159 -47.77 12.44 -12.50
N ASN J 160 -47.88 13.41 -13.40
CA ASN J 160 -47.25 13.30 -14.68
C ASN J 160 -47.58 11.94 -15.29
N SER J 161 -48.88 11.72 -15.42
CA SER J 161 -49.45 10.53 -16.01
C SER J 161 -48.81 9.24 -15.57
N GLY J 162 -48.34 9.21 -14.33
CA GLY J 162 -47.75 7.98 -13.83
C GLY J 162 -46.24 7.90 -13.89
N SER J 163 -45.62 8.80 -14.65
CA SER J 163 -44.17 8.84 -14.75
C SER J 163 -43.57 9.15 -13.38
N LEU J 164 -44.18 10.10 -12.69
CA LEU J 164 -43.70 10.50 -11.36
C LEU J 164 -44.36 9.61 -10.30
N SER J 165 -43.60 8.61 -9.86
CA SER J 165 -44.09 7.62 -8.91
C SER J 165 -43.40 7.60 -7.58
N SER J 166 -42.16 8.07 -7.52
CA SER J 166 -41.44 8.06 -6.25
C SER J 166 -41.71 9.32 -5.43
N GLY J 167 -41.87 9.16 -4.13
CA GLY J 167 -42.10 10.30 -3.26
C GLY J 167 -43.53 10.83 -3.21
N VAL J 168 -44.47 10.09 -3.78
CA VAL J 168 -45.86 10.51 -3.74
C VAL J 168 -46.66 9.73 -2.70
N HIS J 169 -47.44 10.46 -1.91
CA HIS J 169 -48.29 9.89 -0.88
C HIS J 169 -49.68 10.34 -1.27
N THR J 170 -50.60 9.39 -1.39
CA THR J 170 -51.96 9.72 -1.70
C THR J 170 -52.70 9.29 -0.46
N PHE J 171 -53.15 10.27 0.30
CA PHE J 171 -53.85 10.01 1.54
C PHE J 171 -55.25 9.55 1.21
N PRO J 172 -55.73 8.52 1.91
CA PRO J 172 -57.07 7.95 1.70
C PRO J 172 -58.22 8.95 1.78
N ALA J 173 -59.26 8.71 0.97
CA ALA J 173 -60.43 9.58 0.93
C ALA J 173 -61.14 9.52 2.26
N VAL J 174 -61.53 10.68 2.77
CA VAL J 174 -62.25 10.81 4.01
C VAL J 174 -63.61 11.42 3.70
N LEU J 175 -64.68 10.73 4.09
CA LEU J 175 -66.05 11.22 3.88
C LEU J 175 -66.50 12.18 4.94
N GLN J 176 -66.87 13.38 4.54
CA GLN J 176 -67.38 14.37 5.48
C GLN J 176 -68.70 14.83 4.85
N SER J 177 -69.79 14.63 5.57
CA SER J 177 -71.14 14.94 5.09
C SER J 177 -71.41 13.72 4.22
N ASP J 178 -71.52 13.90 2.91
CA ASP J 178 -71.70 12.78 2.03
C ASP J 178 -70.86 12.98 0.79
N LEU J 179 -69.68 13.55 1.01
CA LEU J 179 -68.73 13.83 -0.06
C LEU J 179 -67.34 13.42 0.41
N TYR J 180 -66.45 13.13 -0.52
CA TYR J 180 -65.09 12.74 -0.19
C TYR J 180 -64.07 13.82 -0.52
N THR J 181 -62.94 13.77 0.18
CA THR J 181 -61.82 14.69 -0.05
C THR J 181 -60.61 13.78 0.01
N LEU J 182 -59.70 13.97 -0.94
CA LEU J 182 -58.48 13.17 -1.05
C LEU J 182 -57.42 14.19 -1.39
N SER J 183 -56.16 13.83 -1.19
CA SER J 183 -55.07 14.73 -1.51
C SER J 183 -53.81 13.92 -1.65
N SER J 184 -52.94 14.36 -2.55
CA SER J 184 -51.69 13.67 -2.78
C SER J 184 -50.64 14.73 -2.75
N SER J 185 -49.48 14.36 -2.20
CA SER J 185 -48.32 15.23 -2.10
C SER J 185 -47.23 14.53 -2.88
N VAL J 186 -46.36 15.29 -3.55
CA VAL J 186 -45.23 14.70 -4.28
C VAL J 186 -43.97 15.48 -3.89
N THR J 187 -42.87 14.77 -3.72
CA THR J 187 -41.60 15.40 -3.33
C THR J 187 -40.55 15.22 -4.42
N VAL J 188 -40.22 16.31 -5.07
CA VAL J 188 -39.23 16.30 -6.14
C VAL J 188 -38.04 17.10 -5.62
N THR J 189 -36.98 17.12 -6.42
CA THR J 189 -35.78 17.87 -6.05
C THR J 189 -36.02 19.33 -6.38
N SER J 190 -35.40 20.20 -5.61
CA SER J 190 -35.51 21.62 -5.81
C SER J 190 -35.15 21.98 -7.25
N SER J 191 -34.38 21.08 -7.87
CA SER J 191 -33.91 21.20 -9.25
C SER J 191 -34.96 20.83 -10.31
N THR J 192 -35.88 19.94 -9.96
CA THR J 192 -36.94 19.53 -10.88
C THR J 192 -38.02 20.61 -11.11
N TRP J 193 -38.63 21.10 -10.03
CA TRP J 193 -39.69 22.12 -10.12
C TRP J 193 -39.15 23.50 -9.76
N PRO J 194 -39.59 24.55 -10.46
CA PRO J 194 -40.55 24.68 -11.56
C PRO J 194 -40.14 24.24 -12.95
N SER J 195 -38.86 23.97 -13.16
CA SER J 195 -38.36 23.58 -14.46
C SER J 195 -39.18 22.48 -15.14
N GLN J 196 -39.05 21.24 -14.70
CA GLN J 196 -39.83 20.14 -15.27
C GLN J 196 -41.26 20.35 -14.83
N SER J 197 -42.18 20.27 -15.79
CA SER J 197 -43.61 20.43 -15.53
C SER J 197 -44.21 19.26 -14.74
N ILE J 198 -44.83 19.57 -13.60
CA ILE J 198 -45.43 18.52 -12.79
C ILE J 198 -46.92 18.79 -12.81
N THR J 199 -47.65 17.74 -13.18
CA THR J 199 -49.07 17.85 -13.30
C THR J 199 -49.67 16.82 -12.40
N CYS J 200 -50.91 17.11 -12.02
CA CYS J 200 -51.67 16.22 -11.16
C CYS J 200 -52.79 15.76 -12.06
N ASN J 201 -52.92 14.44 -12.20
CA ASN J 201 -53.95 13.87 -13.04
C ASN J 201 -55.00 13.23 -12.15
N VAL J 202 -56.25 13.61 -12.34
CA VAL J 202 -57.35 13.06 -11.56
C VAL J 202 -58.47 12.55 -12.44
N ALA J 203 -58.96 11.35 -12.12
CA ALA J 203 -60.04 10.68 -12.86
C ALA J 203 -61.05 10.07 -11.91
N HIS J 204 -62.28 10.59 -11.96
CA HIS J 204 -63.40 10.10 -11.14
C HIS J 204 -64.37 9.44 -12.09
N PRO J 205 -64.08 8.18 -12.46
CA PRO J 205 -64.85 7.35 -13.39
C PRO J 205 -66.36 7.52 -13.25
N ALA J 206 -66.82 7.40 -12.01
CA ALA J 206 -68.23 7.48 -11.68
C ALA J 206 -68.96 8.71 -12.19
N SER J 207 -68.24 9.65 -12.82
CA SER J 207 -68.86 10.87 -13.32
C SER J 207 -68.19 11.31 -14.60
N SER J 208 -67.33 10.47 -15.15
CA SER J 208 -66.65 10.80 -16.39
C SER J 208 -65.80 12.06 -16.28
N THR J 209 -65.33 12.35 -15.07
CA THR J 209 -64.49 13.50 -14.84
C THR J 209 -63.05 13.10 -15.03
N LYS J 210 -62.28 13.93 -15.72
CA LYS J 210 -60.86 13.66 -15.91
C LYS J 210 -60.17 15.01 -16.02
N VAL J 211 -59.44 15.38 -14.97
CA VAL J 211 -58.75 16.67 -15.00
C VAL J 211 -57.27 16.54 -14.74
N ASP J 212 -56.51 17.39 -15.43
CA ASP J 212 -55.08 17.46 -15.28
C ASP J 212 -54.80 18.87 -14.79
N LYS J 213 -54.17 18.99 -13.64
CA LYS J 213 -53.85 20.29 -13.07
C LYS J 213 -52.33 20.44 -12.93
N LYS J 214 -51.75 21.40 -13.66
CA LYS J 214 -50.30 21.64 -13.59
C LYS J 214 -50.02 22.56 -12.43
N ILE J 215 -49.11 22.15 -11.56
CA ILE J 215 -48.74 22.94 -10.40
C ILE J 215 -47.71 23.98 -10.82
N GLU J 216 -48.04 25.25 -10.59
CA GLU J 216 -47.16 26.34 -10.96
C GLU J 216 -46.79 27.17 -9.75
N PRO J 217 -45.62 27.80 -9.79
CA PRO J 217 -45.11 28.62 -8.71
C PRO J 217 -46.01 29.72 -8.17
N ARG J 218 -45.90 29.87 -6.84
CA ARG J 218 -46.59 30.79 -5.95
C ARG J 218 -47.01 29.87 -4.80
N GLY J 219 -48.23 30.00 -4.26
CA GLY J 219 -48.60 29.11 -3.17
C GLY J 219 -50.07 28.83 -2.89
N GLN K 1 -60.06 23.53 -46.86
CA GLN K 1 -61.46 23.09 -47.12
C GLN K 1 -61.80 23.09 -48.62
N ILE K 2 -60.77 22.78 -49.38
CA ILE K 2 -60.85 22.67 -50.81
C ILE K 2 -61.24 21.20 -50.94
N GLN K 3 -62.07 20.86 -51.91
CA GLN K 3 -62.44 19.47 -52.06
C GLN K 3 -61.53 18.86 -53.11
N MET K 4 -61.01 17.68 -52.79
CA MET K 4 -60.10 16.94 -53.66
C MET K 4 -60.84 15.74 -54.23
N THR K 5 -61.01 15.69 -55.54
CA THR K 5 -61.72 14.59 -56.16
C THR K 5 -60.71 13.67 -56.78
N GLN K 6 -60.66 12.44 -56.29
CA GLN K 6 -59.73 11.43 -56.80
C GLN K 6 -60.40 10.34 -57.60
N SER K 7 -59.76 9.97 -58.69
CA SER K 7 -60.29 8.91 -59.55
C SER K 7 -59.15 8.09 -60.12
N PRO K 8 -59.34 6.77 -60.33
CA PRO K 8 -60.56 6.00 -60.04
C PRO K 8 -60.65 5.63 -58.54
N SER K 9 -61.81 5.20 -58.09
CA SER K 9 -61.99 4.83 -56.71
C SER K 9 -61.31 3.53 -56.43
N SER K 10 -61.28 2.67 -57.45
CA SER K 10 -60.62 1.38 -57.33
C SER K 10 -60.21 0.86 -58.70
N LEU K 11 -59.28 -0.10 -58.72
CA LEU K 11 -58.81 -0.67 -59.96
C LEU K 11 -57.96 -1.91 -59.76
N SER K 12 -58.04 -2.84 -60.71
CA SER K 12 -57.22 -4.03 -60.67
C SER K 12 -56.27 -3.79 -61.81
N ALA K 13 -54.99 -4.10 -61.60
CA ALA K 13 -54.02 -3.90 -62.64
C ALA K 13 -53.09 -5.04 -62.52
N SER K 14 -52.56 -5.50 -63.65
CA SER K 14 -51.62 -6.58 -63.64
C SER K 14 -50.29 -5.93 -63.35
N LEU K 15 -49.39 -6.63 -62.69
CA LEU K 15 -48.08 -6.05 -62.41
C LEU K 15 -47.48 -5.71 -63.78
N GLY K 16 -46.64 -4.69 -63.85
CA GLY K 16 -46.05 -4.34 -65.12
C GLY K 16 -46.87 -3.32 -65.86
N GLU K 17 -48.11 -3.11 -65.42
CA GLU K 17 -49.01 -2.15 -66.05
C GLU K 17 -48.78 -0.77 -65.54
N ARG K 18 -49.25 0.21 -66.32
CA ARG K 18 -49.14 1.63 -65.99
C ARG K 18 -50.41 2.02 -65.32
N VAL K 19 -50.31 2.79 -64.25
CA VAL K 19 -51.49 3.20 -63.53
C VAL K 19 -51.39 4.72 -63.43
N SER K 20 -52.51 5.41 -63.58
CA SER K 20 -52.53 6.85 -63.46
C SER K 20 -53.71 7.27 -62.60
N LEU K 21 -53.43 7.75 -61.41
CA LEU K 21 -54.45 8.23 -60.48
C LEU K 21 -54.52 9.73 -60.71
N THR K 22 -55.69 10.31 -60.61
CA THR K 22 -55.84 11.72 -60.86
C THR K 22 -56.55 12.38 -59.67
N CYS K 23 -56.20 13.62 -59.38
CA CYS K 23 -56.80 14.36 -58.30
C CYS K 23 -56.98 15.76 -58.77
N ARG K 24 -58.11 16.32 -58.42
CA ARG K 24 -58.45 17.67 -58.81
C ARG K 24 -58.86 18.45 -57.58
N ALA K 25 -58.65 19.75 -57.64
CA ALA K 25 -59.00 20.60 -56.51
C ALA K 25 -60.17 21.50 -56.82
N SER K 26 -61.02 21.73 -55.82
CA SER K 26 -62.20 22.58 -55.98
C SER K 26 -61.82 24.05 -56.21
N GLN K 27 -60.58 24.40 -55.88
CA GLN K 27 -60.10 25.76 -56.11
C GLN K 27 -58.60 25.67 -56.13
N GLU K 28 -57.93 26.66 -56.72
CA GLU K 28 -56.47 26.66 -56.86
C GLU K 28 -55.62 26.32 -55.62
N ILE K 29 -54.63 25.44 -55.79
CA ILE K 29 -53.81 25.06 -54.66
C ILE K 29 -52.34 25.26 -54.97
N SER K 30 -52.06 25.74 -56.18
CA SER K 30 -50.68 26.04 -56.59
C SER K 30 -49.68 24.88 -56.44
N GLY K 31 -50.10 23.66 -56.74
CA GLY K 31 -49.17 22.56 -56.65
C GLY K 31 -48.88 22.01 -55.27
N TYR K 32 -49.48 22.58 -54.24
CA TYR K 32 -49.29 22.04 -52.91
C TYR K 32 -50.15 20.79 -52.73
N LEU K 33 -49.72 19.72 -53.37
CA LEU K 33 -50.45 18.47 -53.38
C LEU K 33 -49.44 17.35 -53.23
N SER K 34 -49.76 16.43 -52.32
CA SER K 34 -48.90 15.28 -52.04
C SER K 34 -49.67 14.02 -52.36
N TRP K 35 -48.93 12.95 -52.59
CA TRP K 35 -49.49 11.65 -52.92
C TRP K 35 -48.89 10.68 -51.93
N LEU K 36 -49.74 10.13 -51.08
CA LEU K 36 -49.31 9.17 -50.07
C LEU K 36 -49.85 7.76 -50.38
N GLN K 37 -49.21 6.76 -49.81
CA GLN K 37 -49.64 5.39 -49.99
C GLN K 37 -49.77 4.78 -48.62
N GLN K 38 -50.99 4.32 -48.32
CA GLN K 38 -51.27 3.68 -47.05
C GLN K 38 -51.14 2.19 -47.25
N LYS K 39 -49.98 1.70 -46.82
CA LYS K 39 -49.63 0.30 -46.93
C LYS K 39 -50.65 -0.55 -46.17
N PRO K 40 -50.73 -1.84 -46.50
CA PRO K 40 -51.67 -2.77 -45.86
C PRO K 40 -51.62 -2.82 -44.33
N ASP K 41 -50.47 -2.47 -43.73
CA ASP K 41 -50.30 -2.49 -42.26
C ASP K 41 -50.76 -1.23 -41.57
N GLY K 42 -51.27 -0.27 -42.32
CA GLY K 42 -51.73 0.96 -41.72
C GLY K 42 -50.79 2.11 -41.99
N THR K 43 -49.53 1.79 -42.26
CA THR K 43 -48.51 2.77 -42.56
C THR K 43 -48.82 3.77 -43.68
N ILE K 44 -48.83 5.06 -43.36
CA ILE K 44 -49.06 6.11 -44.38
C ILE K 44 -47.65 6.54 -44.75
N LYS K 45 -47.38 6.71 -46.04
CA LYS K 45 -46.03 7.06 -46.46
C LYS K 45 -46.09 7.99 -47.67
N ARG K 46 -45.55 9.20 -47.52
CA ARG K 46 -45.56 10.20 -48.62
C ARG K 46 -44.61 9.79 -49.75
N LEU K 47 -45.10 9.88 -50.97
CA LEU K 47 -44.35 9.50 -52.15
C LEU K 47 -43.89 10.70 -52.93
N ILE K 48 -44.75 11.70 -53.01
CA ILE K 48 -44.50 12.93 -53.77
C ILE K 48 -44.99 14.17 -53.05
N TYR K 49 -44.24 15.25 -53.14
CA TYR K 49 -44.70 16.50 -52.54
C TYR K 49 -44.53 17.59 -53.59
N ALA K 50 -45.20 18.72 -53.37
CA ALA K 50 -45.15 19.82 -54.30
C ALA K 50 -45.53 19.31 -55.68
N ALA K 51 -46.61 18.54 -55.74
CA ALA K 51 -47.16 17.97 -56.97
C ALA K 51 -46.31 17.04 -57.79
N SER K 52 -45.00 17.18 -57.77
CA SER K 52 -44.19 16.30 -58.58
C SER K 52 -42.78 15.98 -58.07
N THR K 53 -42.48 16.37 -56.83
CA THR K 53 -41.16 16.10 -56.30
C THR K 53 -41.21 14.83 -55.50
N LEU K 54 -40.41 13.84 -55.89
CA LEU K 54 -40.33 12.56 -55.21
C LEU K 54 -39.65 12.70 -53.84
N ASP K 55 -40.19 12.06 -52.80
CA ASP K 55 -39.48 12.14 -51.54
C ASP K 55 -38.30 11.24 -51.74
N SER K 56 -37.29 11.35 -50.89
CA SER K 56 -36.14 10.49 -51.08
C SER K 56 -36.47 9.02 -50.92
N GLY K 57 -35.74 8.15 -51.59
CA GLY K 57 -36.01 6.74 -51.44
C GLY K 57 -37.22 6.25 -52.22
N VAL K 58 -38.06 7.17 -52.69
CA VAL K 58 -39.24 6.76 -53.45
C VAL K 58 -38.76 6.37 -54.85
N PRO K 59 -39.04 5.12 -55.27
CA PRO K 59 -38.68 4.54 -56.56
C PRO K 59 -38.92 5.48 -57.72
N LYS K 60 -38.02 5.44 -58.69
CA LYS K 60 -38.15 6.31 -59.83
C LYS K 60 -39.35 6.00 -60.74
N ARG K 61 -40.04 4.90 -60.53
CA ARG K 61 -41.19 4.58 -61.36
C ARG K 61 -42.49 5.35 -60.99
N PHE K 62 -42.40 6.21 -59.96
CA PHE K 62 -43.51 7.05 -59.53
C PHE K 62 -43.16 8.44 -60.00
N SER K 63 -44.17 9.23 -60.37
CA SER K 63 -43.96 10.60 -60.83
C SER K 63 -45.24 11.33 -60.73
N GLY K 64 -45.14 12.64 -60.51
CA GLY K 64 -46.33 13.47 -60.43
C GLY K 64 -46.30 14.48 -61.58
N SER K 65 -47.47 14.96 -61.97
CA SER K 65 -47.63 15.93 -63.04
C SER K 65 -48.88 16.80 -62.79
N ARG K 66 -48.92 18.00 -63.33
CA ARG K 66 -50.07 18.88 -63.18
C ARG K 66 -50.56 19.27 -64.58
N SER K 67 -51.82 19.02 -64.88
CA SER K 67 -52.35 19.37 -66.16
C SER K 67 -53.54 20.23 -65.81
N GLY K 68 -53.26 21.52 -65.63
CA GLY K 68 -54.34 22.43 -65.32
C GLY K 68 -54.92 22.06 -63.99
N SER K 69 -56.19 21.69 -63.96
CA SER K 69 -56.86 21.29 -62.71
C SER K 69 -56.40 19.90 -62.20
N ASP K 70 -56.08 19.02 -63.15
CA ASP K 70 -55.67 17.66 -62.88
C ASP K 70 -54.27 17.55 -62.34
N TYR K 71 -54.12 16.77 -61.28
CA TYR K 71 -52.83 16.47 -60.67
C TYR K 71 -52.81 14.97 -60.81
N SER K 72 -51.76 14.44 -61.45
CA SER K 72 -51.65 13.02 -61.77
C SER K 72 -50.46 12.22 -61.25
N LEU K 73 -50.74 11.07 -60.64
CA LEU K 73 -49.68 10.21 -60.18
C LEU K 73 -49.62 9.11 -61.22
N THR K 74 -48.44 8.86 -61.75
CA THR K 74 -48.28 7.81 -62.74
C THR K 74 -47.34 6.74 -62.20
N ILE K 75 -47.78 5.50 -62.19
CA ILE K 75 -46.90 4.44 -61.75
C ILE K 75 -46.63 3.81 -63.10
N SER K 76 -45.39 3.86 -63.56
CA SER K 76 -45.05 3.21 -64.82
C SER K 76 -44.62 1.83 -64.40
N SER K 77 -45.36 0.79 -64.74
CA SER K 77 -45.00 -0.58 -64.35
C SER K 77 -45.21 -0.87 -62.86
N LEU K 78 -46.36 -1.48 -62.56
CA LEU K 78 -46.73 -1.87 -61.21
C LEU K 78 -45.86 -2.99 -60.70
N GLU K 79 -45.35 -2.84 -59.48
CA GLU K 79 -44.54 -3.86 -58.83
C GLU K 79 -45.44 -4.38 -57.75
N SER K 80 -45.15 -5.59 -57.28
CA SER K 80 -45.95 -6.21 -56.23
C SER K 80 -45.85 -5.42 -54.96
N GLU K 81 -44.73 -4.69 -54.79
CA GLU K 81 -44.52 -3.88 -53.59
C GLU K 81 -45.38 -2.63 -53.56
N ASP K 82 -46.04 -2.30 -54.66
CA ASP K 82 -46.88 -1.12 -54.72
C ASP K 82 -48.34 -1.41 -54.29
N PHE K 83 -48.60 -2.63 -53.84
CA PHE K 83 -49.93 -3.00 -53.40
C PHE K 83 -50.29 -2.15 -52.17
N ALA K 84 -51.19 -1.18 -52.37
CA ALA K 84 -51.62 -0.33 -51.29
C ALA K 84 -52.83 0.49 -51.74
N ASP K 85 -53.19 1.49 -50.92
CA ASP K 85 -54.28 2.41 -51.21
C ASP K 85 -53.49 3.67 -51.40
N TYR K 86 -53.93 4.50 -52.34
CA TYR K 86 -53.25 5.75 -52.60
C TYR K 86 -54.24 6.87 -52.40
N TYR K 87 -53.77 7.98 -51.85
CA TYR K 87 -54.62 9.13 -51.60
C TYR K 87 -53.78 10.34 -51.99
N CYS K 88 -54.43 11.45 -52.31
CA CYS K 88 -53.72 12.67 -52.61
C CYS K 88 -54.15 13.63 -51.52
N LEU K 89 -53.29 14.56 -51.17
CA LEU K 89 -53.58 15.54 -50.12
C LEU K 89 -53.23 16.95 -50.59
N GLN K 90 -54.05 17.90 -50.21
CA GLN K 90 -53.83 19.28 -50.53
C GLN K 90 -53.36 19.89 -49.22
N TYR K 91 -52.23 20.59 -49.25
CA TYR K 91 -51.70 21.27 -48.07
C TYR K 91 -51.51 22.73 -48.38
N ALA K 92 -52.44 23.28 -49.14
CA ALA K 92 -52.40 24.66 -49.52
C ALA K 92 -53.20 25.49 -48.53
N SER K 93 -54.37 25.02 -48.16
CA SER K 93 -55.25 25.76 -47.25
C SER K 93 -55.37 25.10 -45.89
N SER K 94 -55.38 25.97 -44.89
CA SER K 94 -55.43 25.67 -43.46
C SER K 94 -56.13 24.41 -43.01
N PRO K 95 -57.20 23.98 -43.74
CA PRO K 95 -57.93 22.72 -43.41
C PRO K 95 -57.58 21.77 -44.57
N TYR K 96 -56.54 20.95 -44.36
CA TYR K 96 -56.04 20.02 -45.38
C TYR K 96 -57.06 18.95 -45.62
N THR K 97 -57.15 18.54 -46.89
CA THR K 97 -58.11 17.55 -47.29
C THR K 97 -57.47 16.48 -48.17
N PHE K 98 -57.90 15.23 -47.98
CA PHE K 98 -57.41 14.10 -48.75
C PHE K 98 -58.42 13.82 -49.83
N GLY K 99 -57.98 13.10 -50.83
CA GLY K 99 -58.88 12.69 -51.89
C GLY K 99 -59.59 11.44 -51.36
N GLY K 100 -60.60 11.01 -52.08
CA GLY K 100 -61.31 9.83 -51.65
C GLY K 100 -60.47 8.57 -51.65
N GLY K 101 -59.34 8.58 -52.33
CA GLY K 101 -58.47 7.42 -52.36
C GLY K 101 -58.68 6.49 -53.52
N THR K 102 -57.81 5.51 -53.67
CA THR K 102 -57.91 4.53 -54.73
C THR K 102 -57.48 3.18 -54.20
N LYS K 103 -58.43 2.25 -54.14
CA LYS K 103 -58.15 0.93 -53.67
C LYS K 103 -57.56 0.17 -54.86
N LEU K 104 -56.29 -0.21 -54.77
CA LEU K 104 -55.64 -0.94 -55.85
C LEU K 104 -55.58 -2.44 -55.57
N GLU K 105 -56.19 -3.21 -56.45
CA GLU K 105 -56.21 -4.67 -56.36
C GLU K 105 -55.25 -5.18 -57.44
N ILE K 106 -54.39 -6.12 -57.10
CA ILE K 106 -53.49 -6.66 -58.09
C ILE K 106 -54.11 -7.85 -58.86
N LEU K 107 -54.34 -7.63 -60.15
CA LEU K 107 -54.91 -8.62 -61.07
C LEU K 107 -54.06 -9.89 -61.08
N ARG K 108 -54.72 -11.04 -61.05
CA ARG K 108 -54.01 -12.31 -60.93
C ARG K 108 -54.65 -13.57 -61.56
N GLY K 109 -53.85 -14.61 -61.71
CA GLY K 109 -54.36 -15.85 -62.28
C GLY K 109 -55.50 -16.42 -61.47
N GLY K 110 -56.39 -17.14 -62.13
CA GLY K 110 -57.52 -17.75 -61.42
C GLY K 110 -56.93 -18.70 -60.39
N ALA K 111 -57.58 -18.76 -59.23
CA ALA K 111 -57.18 -19.65 -58.13
C ALA K 111 -58.45 -20.23 -57.54
N ALA K 112 -58.48 -21.55 -57.40
CA ALA K 112 -59.67 -22.21 -56.85
C ALA K 112 -59.62 -22.24 -55.31
N PRO K 113 -60.78 -22.01 -54.65
CA PRO K 113 -60.73 -22.05 -53.20
C PRO K 113 -60.46 -23.46 -52.69
N THR K 114 -59.91 -23.53 -51.49
CA THR K 114 -59.66 -24.79 -50.83
C THR K 114 -60.67 -24.73 -49.71
N VAL K 115 -61.75 -25.50 -49.85
CA VAL K 115 -62.84 -25.51 -48.87
C VAL K 115 -62.64 -26.51 -47.74
N SER K 116 -63.12 -26.17 -46.54
CA SER K 116 -63.04 -27.00 -45.33
C SER K 116 -64.24 -26.66 -44.48
N ILE K 117 -64.79 -27.68 -43.83
CA ILE K 117 -65.95 -27.49 -42.96
C ILE K 117 -65.55 -27.96 -41.55
N PHE K 118 -66.16 -27.34 -40.55
CA PHE K 118 -65.85 -27.67 -39.15
C PHE K 118 -67.15 -27.74 -38.37
N PRO K 119 -67.45 -28.89 -37.80
CA PRO K 119 -68.67 -29.06 -37.02
C PRO K 119 -68.51 -28.24 -35.74
N PRO K 120 -69.62 -28.02 -35.00
CA PRO K 120 -69.61 -27.25 -33.75
C PRO K 120 -68.70 -27.88 -32.70
N SER K 121 -68.12 -27.07 -31.84
CA SER K 121 -67.23 -27.60 -30.82
C SER K 121 -68.07 -28.05 -29.65
N SER K 122 -67.53 -28.99 -28.86
CA SER K 122 -68.22 -29.50 -27.68
C SER K 122 -68.49 -28.37 -26.68
N GLU K 123 -67.58 -27.42 -26.59
CA GLU K 123 -67.77 -26.31 -25.67
C GLU K 123 -68.94 -25.42 -26.04
N GLN K 124 -69.17 -25.23 -27.33
CA GLN K 124 -70.27 -24.37 -27.74
C GLN K 124 -71.59 -25.08 -27.51
N LEU K 125 -71.62 -26.36 -27.88
CA LEU K 125 -72.83 -27.14 -27.75
C LEU K 125 -73.33 -27.08 -26.33
N THR K 126 -72.46 -27.33 -25.37
CA THR K 126 -72.84 -27.26 -23.97
C THR K 126 -73.36 -25.85 -23.61
N SER K 127 -72.94 -24.84 -24.38
CA SER K 127 -73.38 -23.47 -24.18
C SER K 127 -74.76 -23.28 -24.75
N GLY K 128 -75.22 -24.23 -25.54
CA GLY K 128 -76.56 -24.11 -26.09
C GLY K 128 -76.59 -23.66 -27.52
N GLY K 129 -75.44 -23.67 -28.17
CA GLY K 129 -75.41 -23.20 -29.54
C GLY K 129 -74.67 -24.14 -30.44
N ALA K 130 -74.68 -23.87 -31.74
CA ALA K 130 -73.97 -24.69 -32.72
C ALA K 130 -73.63 -23.86 -33.95
N SER K 131 -72.33 -23.68 -34.17
CA SER K 131 -71.82 -22.92 -35.32
C SER K 131 -71.08 -23.92 -36.17
N VAL K 132 -71.38 -23.91 -37.44
CA VAL K 132 -70.73 -24.76 -38.40
C VAL K 132 -69.93 -23.76 -39.23
N VAL K 133 -68.62 -23.92 -39.26
CA VAL K 133 -67.78 -22.98 -40.01
C VAL K 133 -67.26 -23.63 -41.27
N CYS K 134 -67.11 -22.82 -42.31
CA CYS K 134 -66.56 -23.30 -43.56
C CYS K 134 -65.60 -22.23 -44.04
N PHE K 135 -64.34 -22.59 -44.25
CA PHE K 135 -63.32 -21.65 -44.72
C PHE K 135 -63.03 -21.88 -46.20
N LEU K 136 -63.19 -20.86 -47.03
CA LEU K 136 -62.88 -21.00 -48.46
C LEU K 136 -61.55 -20.24 -48.61
N ASN K 137 -60.44 -20.94 -48.76
CA ASN K 137 -59.16 -20.25 -48.82
C ASN K 137 -58.36 -20.15 -50.10
N ASN K 138 -57.59 -19.07 -50.17
CA ASN K 138 -56.71 -18.76 -51.28
C ASN K 138 -57.25 -18.81 -52.70
N PHE K 139 -58.36 -18.11 -52.92
CA PHE K 139 -58.94 -18.09 -54.24
C PHE K 139 -58.86 -16.74 -54.94
N TYR K 140 -59.15 -16.73 -56.23
CA TYR K 140 -59.14 -15.53 -57.05
C TYR K 140 -59.94 -15.86 -58.34
N PRO K 141 -60.85 -14.97 -58.78
CA PRO K 141 -61.23 -13.67 -58.21
C PRO K 141 -61.98 -13.77 -56.88
N LYS K 142 -62.28 -12.57 -56.35
CA LYS K 142 -62.92 -12.38 -55.05
C LYS K 142 -64.30 -12.93 -55.08
N ASP K 143 -64.88 -12.85 -56.27
CA ASP K 143 -66.23 -13.32 -56.49
C ASP K 143 -66.36 -14.84 -56.23
N ILE K 144 -67.14 -15.19 -55.21
CA ILE K 144 -67.40 -16.55 -54.85
C ILE K 144 -68.78 -16.57 -54.27
N ASN K 145 -69.42 -17.74 -54.31
CA ASN K 145 -70.77 -17.92 -53.79
C ASN K 145 -70.87 -19.17 -52.92
N VAL K 146 -71.31 -18.97 -51.68
CA VAL K 146 -71.42 -20.07 -50.70
C VAL K 146 -72.84 -20.31 -50.26
N LYS K 147 -73.27 -21.55 -50.35
CA LYS K 147 -74.64 -21.91 -49.97
C LYS K 147 -74.54 -22.90 -48.84
N TRP K 148 -75.43 -22.75 -47.90
CA TRP K 148 -75.46 -23.68 -46.80
C TRP K 148 -76.70 -24.54 -47.05
N LYS K 149 -76.64 -25.79 -46.63
CA LYS K 149 -77.78 -26.68 -46.80
C LYS K 149 -77.86 -27.60 -45.61
N ILE K 150 -78.95 -27.50 -44.86
CA ILE K 150 -79.12 -28.41 -43.76
C ILE K 150 -79.90 -29.54 -44.38
N ASP K 151 -79.35 -30.75 -44.24
CA ASP K 151 -79.88 -31.94 -44.89
C ASP K 151 -79.91 -31.56 -46.36
N GLY K 152 -81.08 -31.55 -46.99
CA GLY K 152 -81.08 -31.16 -48.38
C GLY K 152 -81.32 -29.67 -48.58
N SER K 153 -82.20 -29.12 -47.74
CA SER K 153 -82.60 -27.73 -47.80
C SER K 153 -81.53 -26.70 -47.61
N GLU K 154 -81.59 -25.66 -48.43
CA GLU K 154 -80.65 -24.56 -48.37
C GLU K 154 -81.08 -23.64 -47.23
N ARG K 155 -80.14 -23.27 -46.39
CA ARG K 155 -80.44 -22.38 -45.26
C ARG K 155 -79.82 -21.03 -45.59
N GLN K 156 -80.62 -19.98 -45.45
CA GLN K 156 -80.16 -18.63 -45.75
C GLN K 156 -80.03 -17.78 -44.50
N ASN K 157 -80.79 -18.15 -43.48
CA ASN K 157 -80.77 -17.43 -42.21
C ASN K 157 -79.68 -17.93 -41.29
N GLY K 158 -79.05 -16.99 -40.59
CA GLY K 158 -77.99 -17.37 -39.66
C GLY K 158 -76.58 -17.46 -40.20
N VAL K 159 -76.40 -17.11 -41.48
CA VAL K 159 -75.07 -17.13 -42.07
C VAL K 159 -74.41 -15.78 -41.86
N LEU K 160 -73.10 -15.84 -41.66
CA LEU K 160 -72.30 -14.65 -41.39
C LEU K 160 -71.01 -14.85 -42.17
N ASN K 161 -70.82 -14.08 -43.22
CA ASN K 161 -69.61 -14.17 -44.03
C ASN K 161 -68.59 -13.08 -43.76
N SER K 162 -67.36 -13.31 -44.23
CA SER K 162 -66.31 -12.34 -44.01
C SER K 162 -65.19 -12.59 -44.99
N TRP K 163 -64.84 -11.57 -45.77
CA TRP K 163 -63.76 -11.69 -46.73
C TRP K 163 -62.47 -11.14 -46.21
N THR K 164 -61.43 -11.63 -46.82
CA THR K 164 -60.07 -11.28 -46.52
C THR K 164 -59.70 -10.23 -47.58
N ASP K 165 -58.95 -9.20 -47.20
CA ASP K 165 -58.50 -8.22 -48.19
C ASP K 165 -57.50 -9.00 -49.02
N GLN K 166 -57.29 -8.61 -50.26
CA GLN K 166 -56.34 -9.33 -51.11
C GLN K 166 -54.99 -9.53 -50.41
N ASP K 167 -54.56 -10.77 -50.27
CA ASP K 167 -53.29 -11.07 -49.64
C ASP K 167 -52.13 -10.38 -50.34
N SER K 168 -51.40 -9.58 -49.59
CA SER K 168 -50.24 -8.87 -50.13
C SER K 168 -49.13 -9.77 -50.67
N LYS K 169 -49.13 -11.04 -50.32
CA LYS K 169 -48.09 -11.94 -50.79
C LYS K 169 -48.46 -12.79 -52.01
N ASP K 170 -49.67 -13.36 -52.06
CA ASP K 170 -50.06 -14.18 -53.20
C ASP K 170 -51.29 -13.71 -53.96
N SER K 171 -51.80 -12.54 -53.60
CA SER K 171 -52.90 -11.92 -54.30
C SER K 171 -54.19 -12.70 -54.32
N THR K 172 -54.39 -13.50 -53.29
CA THR K 172 -55.59 -14.30 -53.19
C THR K 172 -56.47 -13.85 -52.03
N TYR K 173 -57.75 -14.15 -52.12
CA TYR K 173 -58.67 -13.84 -51.04
C TYR K 173 -59.03 -15.13 -50.29
N SER K 174 -59.72 -14.96 -49.20
CA SER K 174 -60.14 -16.10 -48.42
C SER K 174 -61.46 -15.66 -47.79
N MET K 175 -62.28 -16.65 -47.49
CA MET K 175 -63.57 -16.39 -46.93
C MET K 175 -63.83 -17.29 -45.74
N SER K 176 -64.81 -16.88 -44.95
CA SER K 176 -65.19 -17.63 -43.80
C SER K 176 -66.69 -17.46 -43.73
N SER K 177 -67.37 -18.61 -43.76
CA SER K 177 -68.82 -18.67 -43.69
C SER K 177 -69.17 -19.41 -42.40
N THR K 178 -70.12 -18.87 -41.63
CA THR K 178 -70.54 -19.47 -40.37
C THR K 178 -72.07 -19.53 -40.26
N LEU K 179 -72.61 -20.73 -40.14
CA LEU K 179 -74.04 -20.89 -39.97
C LEU K 179 -74.24 -21.11 -38.47
N THR K 180 -75.02 -20.28 -37.82
CA THR K 180 -75.18 -20.47 -36.41
C THR K 180 -76.61 -20.79 -36.08
N LEU K 181 -76.80 -21.95 -35.45
CA LEU K 181 -78.11 -22.41 -35.05
C LEU K 181 -78.10 -22.63 -33.57
N THR K 182 -79.25 -22.94 -33.00
CA THR K 182 -79.31 -23.25 -31.58
C THR K 182 -78.86 -24.72 -31.51
N LYS K 183 -78.51 -25.21 -30.33
CA LYS K 183 -78.12 -26.62 -30.22
C LYS K 183 -79.28 -27.55 -30.65
N ASP K 184 -80.51 -27.18 -30.28
CA ASP K 184 -81.70 -27.98 -30.60
C ASP K 184 -81.94 -28.22 -32.09
N GLU K 185 -81.73 -27.23 -32.94
CA GLU K 185 -81.91 -27.42 -34.38
C GLU K 185 -80.77 -28.29 -34.90
N TYR K 186 -79.55 -27.97 -34.48
CA TYR K 186 -78.43 -28.74 -34.95
C TYR K 186 -78.72 -30.19 -34.56
N GLU K 187 -79.21 -30.32 -33.33
CA GLU K 187 -79.54 -31.58 -32.66
C GLU K 187 -80.56 -32.45 -33.38
N ARG K 188 -81.12 -31.96 -34.46
CA ARG K 188 -82.12 -32.73 -35.13
C ARG K 188 -82.09 -32.79 -36.65
N HIS K 189 -80.91 -32.68 -37.23
CA HIS K 189 -80.77 -32.79 -38.67
C HIS K 189 -79.55 -33.65 -38.78
N ASN K 190 -79.15 -34.03 -39.98
CA ASN K 190 -78.00 -34.93 -40.10
C ASN K 190 -76.84 -34.42 -40.92
N SER K 191 -77.04 -34.06 -42.18
CA SER K 191 -75.92 -33.58 -42.95
C SER K 191 -75.88 -32.06 -42.95
N TYR K 192 -74.67 -31.50 -42.93
CA TYR K 192 -74.47 -30.06 -42.99
C TYR K 192 -73.52 -29.83 -44.16
N THR K 193 -74.03 -29.16 -45.18
CA THR K 193 -73.26 -28.90 -46.38
C THR K 193 -72.95 -27.45 -46.64
N CYS K 194 -71.72 -27.21 -47.08
CA CYS K 194 -71.25 -25.89 -47.42
C CYS K 194 -70.77 -26.09 -48.85
N GLU K 195 -71.48 -25.52 -49.81
CA GLU K 195 -71.07 -25.66 -51.21
C GLU K 195 -70.79 -24.31 -51.85
N ALA K 196 -69.59 -24.16 -52.40
CA ALA K 196 -69.16 -22.93 -53.03
C ALA K 196 -69.13 -22.98 -54.56
N THR K 197 -69.46 -21.87 -55.21
CA THR K 197 -69.44 -21.82 -56.66
C THR K 197 -68.51 -20.67 -56.98
N HIS K 198 -67.40 -20.98 -57.65
CA HIS K 198 -66.43 -19.95 -57.99
C HIS K 198 -66.16 -20.01 -59.50
N LYS K 199 -65.78 -18.88 -60.08
CA LYS K 199 -65.47 -18.79 -61.51
C LYS K 199 -64.57 -19.94 -61.97
N THR K 200 -63.65 -20.36 -61.11
CA THR K 200 -62.73 -21.43 -61.49
C THR K 200 -63.36 -22.80 -61.81
N SER K 201 -64.61 -23.02 -61.45
CA SER K 201 -65.24 -24.32 -61.68
C SER K 201 -66.68 -24.24 -62.15
N THR K 202 -67.10 -25.32 -62.82
CA THR K 202 -68.46 -25.44 -63.34
C THR K 202 -69.38 -26.01 -62.25
N SER K 203 -68.84 -27.00 -61.54
CA SER K 203 -69.54 -27.69 -60.47
C SER K 203 -69.17 -27.07 -59.11
N PRO K 204 -70.13 -26.99 -58.18
CA PRO K 204 -69.94 -26.42 -56.84
C PRO K 204 -68.97 -27.26 -56.03
N ILE K 205 -68.08 -26.61 -55.30
CA ILE K 205 -67.18 -27.32 -54.42
C ILE K 205 -68.10 -27.61 -53.25
N VAL K 206 -68.16 -28.86 -52.84
CA VAL K 206 -69.04 -29.26 -51.77
C VAL K 206 -68.28 -29.97 -50.66
N LYS K 207 -68.56 -29.56 -49.43
CA LYS K 207 -67.97 -30.16 -48.26
C LYS K 207 -69.11 -30.36 -47.28
N SER K 208 -69.17 -31.53 -46.68
CA SER K 208 -70.24 -31.83 -45.73
C SER K 208 -69.79 -32.77 -44.65
N PHE K 209 -70.70 -33.05 -43.74
CA PHE K 209 -70.42 -33.98 -42.68
C PHE K 209 -71.75 -34.34 -42.07
N ASN K 210 -71.91 -35.59 -41.69
CA ASN K 210 -73.16 -35.94 -41.06
C ASN K 210 -72.81 -35.95 -39.59
N ARG K 211 -73.65 -35.35 -38.78
CA ARG K 211 -73.40 -35.40 -37.35
C ARG K 211 -73.73 -36.83 -36.95
N ASN K 212 -74.37 -37.02 -35.80
CA ASN K 212 -74.72 -38.37 -35.35
C ASN K 212 -73.51 -39.26 -35.05
N GLU K 213 -73.62 -39.91 -33.88
CA GLU K 213 -72.65 -40.84 -33.30
C GLU K 213 -71.46 -40.15 -32.61
N CYS K 214 -71.77 -39.03 -31.93
CA CYS K 214 -70.81 -38.22 -31.19
C CYS K 214 -69.52 -37.83 -31.95
N ASP L 1 -35.02 3.55 -37.33
CA ASP L 1 -35.65 4.57 -38.22
C ASP L 1 -36.66 5.28 -37.33
N VAL L 2 -37.54 6.10 -37.92
CA VAL L 2 -38.54 6.79 -37.12
C VAL L 2 -39.67 5.81 -36.81
N LYS L 3 -40.08 5.79 -35.54
CA LYS L 3 -41.15 4.93 -35.02
C LYS L 3 -42.16 5.85 -34.37
N LEU L 4 -43.44 5.53 -34.55
CA LEU L 4 -44.51 6.35 -34.02
C LEU L 4 -45.58 5.43 -33.47
N VAL L 5 -45.80 5.47 -32.16
CA VAL L 5 -46.78 4.60 -31.54
C VAL L 5 -48.02 5.27 -30.96
N GLU L 6 -49.13 5.07 -31.63
CA GLU L 6 -50.40 5.64 -31.22
C GLU L 6 -50.87 4.69 -30.12
N SER L 7 -51.65 5.21 -29.16
CA SER L 7 -52.15 4.36 -28.09
C SER L 7 -53.17 4.91 -27.09
N GLY L 8 -54.22 5.57 -27.55
CA GLY L 8 -55.22 5.99 -26.57
C GLY L 8 -56.25 4.86 -26.67
N GLY L 9 -57.27 5.12 -27.47
CA GLY L 9 -58.32 4.19 -27.83
C GLY L 9 -59.03 3.20 -26.96
N GLY L 10 -60.28 3.00 -27.29
CA GLY L 10 -61.11 2.09 -26.55
C GLY L 10 -62.56 2.49 -26.70
N LEU L 11 -63.42 1.82 -25.95
CA LEU L 11 -64.82 2.15 -26.04
C LEU L 11 -65.06 3.45 -25.27
N VAL L 12 -65.96 4.26 -25.79
CA VAL L 12 -66.30 5.50 -25.15
C VAL L 12 -67.80 5.64 -25.34
N GLN L 13 -68.46 6.14 -24.31
CA GLN L 13 -69.89 6.38 -24.34
C GLN L 13 -70.10 7.65 -25.15
N PRO L 14 -71.14 7.69 -26.00
CA PRO L 14 -71.36 8.90 -26.79
C PRO L 14 -71.46 10.07 -25.84
N GLY L 15 -70.78 11.16 -26.21
CA GLY L 15 -70.73 12.36 -25.40
C GLY L 15 -69.49 12.33 -24.51
N GLY L 16 -68.95 11.13 -24.28
CA GLY L 16 -67.78 10.98 -23.45
C GLY L 16 -66.54 11.49 -24.14
N SER L 17 -65.39 11.35 -23.46
CA SER L 17 -64.11 11.81 -23.99
C SER L 17 -63.03 10.74 -23.94
N ARG L 18 -61.88 11.07 -24.54
CA ARG L 18 -60.72 10.19 -24.63
C ARG L 18 -59.54 11.09 -24.94
N LYS L 19 -58.33 10.62 -24.66
CA LYS L 19 -57.09 11.35 -24.91
C LYS L 19 -56.07 10.37 -25.47
N LEU L 20 -55.80 10.46 -26.75
CA LEU L 20 -54.86 9.54 -27.38
C LEU L 20 -53.46 10.05 -27.19
N SER L 21 -52.49 9.16 -27.42
CA SER L 21 -51.08 9.50 -27.30
C SER L 21 -50.38 8.92 -28.51
N CYS L 22 -49.28 9.56 -28.88
CA CYS L 22 -48.47 9.14 -30.00
C CYS L 22 -47.03 9.36 -29.55
N ALA L 23 -46.33 8.25 -29.31
CA ALA L 23 -44.94 8.29 -28.85
C ALA L 23 -43.97 8.33 -30.00
N ALA L 24 -43.44 9.52 -30.26
CA ALA L 24 -42.50 9.71 -31.34
C ALA L 24 -41.10 9.31 -30.89
N SER L 25 -40.33 8.68 -31.79
CA SER L 25 -38.94 8.29 -31.53
C SER L 25 -38.26 8.02 -32.84
N GLY L 26 -36.95 8.11 -32.85
CA GLY L 26 -36.22 7.87 -34.08
C GLY L 26 -35.87 9.14 -34.80
N PHE L 27 -36.38 10.26 -34.29
CA PHE L 27 -36.08 11.55 -34.91
C PHE L 27 -36.14 12.69 -33.90
N THR L 28 -35.76 13.89 -34.31
CA THR L 28 -35.80 15.04 -33.41
C THR L 28 -37.21 15.63 -33.38
N PHE L 29 -38.00 15.10 -32.46
CA PHE L 29 -39.39 15.47 -32.26
C PHE L 29 -39.65 16.98 -32.28
N SER L 30 -38.84 17.70 -31.52
CA SER L 30 -38.93 19.14 -31.37
C SER L 30 -38.77 19.95 -32.67
N SER L 31 -38.26 19.36 -33.74
CA SER L 31 -38.13 20.15 -34.96
C SER L 31 -39.19 19.84 -36.03
N PHE L 32 -40.22 19.06 -35.66
CA PHE L 32 -41.25 18.68 -36.61
C PHE L 32 -42.64 18.92 -36.16
N GLY L 33 -43.49 19.28 -37.11
CA GLY L 33 -44.89 19.51 -36.83
C GLY L 33 -45.48 18.13 -36.88
N MET L 34 -46.66 17.93 -36.32
CA MET L 34 -47.21 16.61 -36.33
C MET L 34 -48.65 16.67 -36.77
N HIS L 35 -49.18 15.53 -37.19
CA HIS L 35 -50.57 15.45 -37.61
C HIS L 35 -51.30 14.32 -36.89
N TRP L 36 -52.61 14.36 -36.99
CA TRP L 36 -53.51 13.36 -36.48
C TRP L 36 -54.44 13.19 -37.66
N VAL L 37 -54.48 11.98 -38.15
CA VAL L 37 -55.29 11.59 -39.27
C VAL L 37 -56.17 10.49 -38.67
N ARG L 38 -57.35 10.29 -39.20
CA ARG L 38 -58.24 9.24 -38.73
C ARG L 38 -58.83 8.56 -39.96
N GLN L 39 -59.42 7.39 -39.77
CA GLN L 39 -60.08 6.69 -40.86
C GLN L 39 -61.24 5.85 -40.36
N ALA L 40 -62.44 6.28 -40.74
CA ALA L 40 -63.67 5.63 -40.34
C ALA L 40 -63.67 4.30 -41.03
N PRO L 41 -64.39 3.30 -40.46
CA PRO L 41 -64.54 1.92 -40.93
C PRO L 41 -64.57 1.66 -42.44
N GLU L 42 -65.66 2.02 -43.10
CA GLU L 42 -65.71 1.80 -44.52
C GLU L 42 -65.39 3.09 -45.29
N LYS L 43 -64.68 3.99 -44.65
CA LYS L 43 -64.33 5.25 -45.28
C LYS L 43 -62.82 5.35 -45.49
N GLY L 44 -62.36 6.42 -46.14
CA GLY L 44 -60.94 6.58 -46.35
C GLY L 44 -60.35 7.53 -45.32
N LEU L 45 -59.06 7.85 -45.45
CA LEU L 45 -58.35 8.76 -44.54
C LEU L 45 -58.96 10.13 -44.50
N GLU L 46 -58.86 10.78 -43.35
CA GLU L 46 -59.39 12.11 -43.13
C GLU L 46 -58.43 12.83 -42.18
N TRP L 47 -57.91 13.97 -42.60
CA TRP L 47 -56.97 14.72 -41.79
C TRP L 47 -57.72 15.26 -40.57
N VAL L 48 -57.07 15.31 -39.41
CA VAL L 48 -57.70 15.77 -38.16
C VAL L 48 -57.20 17.09 -37.56
N ALA L 49 -55.90 17.15 -37.33
CA ALA L 49 -55.31 18.32 -36.70
C ALA L 49 -53.83 18.42 -36.99
N TYR L 50 -53.27 19.59 -36.76
CA TYR L 50 -51.86 19.82 -36.99
C TYR L 50 -51.33 20.72 -35.89
N ILE L 51 -50.11 20.45 -35.45
CA ILE L 51 -49.50 21.27 -34.42
C ILE L 51 -48.04 21.46 -34.78
N SER L 52 -47.61 22.72 -34.77
CA SER L 52 -46.20 23.07 -35.04
C SER L 52 -45.35 22.55 -33.86
N SER L 53 -44.03 22.39 -34.04
CA SER L 53 -43.20 21.93 -32.91
C SER L 53 -43.25 22.95 -31.76
N GLY L 54 -43.55 24.20 -32.10
CA GLY L 54 -43.62 25.25 -31.10
C GLY L 54 -44.99 25.35 -30.47
N SER L 55 -45.92 24.54 -30.99
CA SER L 55 -47.31 24.52 -30.52
C SER L 55 -47.89 25.92 -30.77
N SER L 56 -47.21 26.69 -31.58
CA SER L 56 -47.64 28.04 -31.87
C SER L 56 -48.67 28.06 -32.96
N THR L 57 -48.70 27.00 -33.77
CA THR L 57 -49.66 26.89 -34.85
C THR L 57 -50.40 25.58 -34.62
N ILE L 58 -51.72 25.65 -34.71
CA ILE L 58 -52.58 24.49 -34.49
C ILE L 58 -53.71 24.56 -35.50
N TYR L 59 -53.95 23.50 -36.27
CA TYR L 59 -55.05 23.47 -37.24
C TYR L 59 -55.96 22.32 -36.86
N TYR L 60 -57.28 22.52 -36.98
CA TYR L 60 -58.28 21.48 -36.68
C TYR L 60 -59.24 21.30 -37.86
N ALA L 61 -59.63 20.07 -38.13
CA ALA L 61 -60.58 19.80 -39.21
C ALA L 61 -61.89 20.38 -38.74
N ASP L 62 -62.73 20.85 -39.65
CA ASP L 62 -64.02 21.46 -39.27
C ASP L 62 -64.83 20.52 -38.39
N THR L 63 -64.74 19.24 -38.73
CA THR L 63 -65.40 18.15 -38.06
C THR L 63 -65.11 18.07 -36.56
N VAL L 64 -63.84 18.18 -36.19
CA VAL L 64 -63.45 18.09 -34.81
C VAL L 64 -63.16 19.46 -34.23
N LYS L 65 -63.35 20.50 -35.03
CA LYS L 65 -63.06 21.83 -34.53
C LYS L 65 -63.90 22.13 -33.32
N GLY L 66 -63.23 22.34 -32.19
CA GLY L 66 -63.97 22.69 -31.01
C GLY L 66 -64.30 21.57 -30.10
N ARG L 67 -63.94 20.34 -30.48
CA ARG L 67 -64.20 19.17 -29.62
C ARG L 67 -62.90 18.41 -29.35
N PHE L 68 -61.93 18.62 -30.23
CA PHE L 68 -60.62 18.03 -30.11
C PHE L 68 -59.59 19.15 -29.83
N THR L 69 -58.56 18.85 -29.05
CA THR L 69 -57.48 19.76 -28.72
C THR L 69 -56.19 19.00 -28.89
N ILE L 70 -55.38 19.44 -29.84
CA ILE L 70 -54.12 18.77 -30.09
C ILE L 70 -53.06 19.44 -29.23
N SER L 71 -52.14 18.63 -28.71
CA SER L 71 -51.04 19.09 -27.87
C SER L 71 -49.87 18.15 -28.04
N ARG L 72 -48.73 18.54 -27.48
CA ARG L 72 -47.51 17.74 -27.57
C ARG L 72 -46.63 18.03 -26.33
N ASP L 73 -45.73 17.12 -26.01
CA ASP L 73 -44.85 17.27 -24.88
C ASP L 73 -43.47 17.01 -25.46
N ASN L 74 -42.87 18.08 -25.96
CA ASN L 74 -41.56 17.99 -26.59
C ASN L 74 -40.44 17.22 -25.90
N PRO L 75 -40.21 17.46 -24.59
CA PRO L 75 -39.13 16.73 -23.89
C PRO L 75 -39.53 15.31 -23.58
N LYS L 76 -40.82 15.05 -23.76
CA LYS L 76 -41.39 13.76 -23.49
C LYS L 76 -41.75 13.00 -24.78
N ASN L 77 -41.27 13.50 -25.93
CA ASN L 77 -41.49 12.92 -27.26
C ASN L 77 -42.91 12.41 -27.58
N THR L 78 -43.91 13.12 -27.08
CA THR L 78 -45.27 12.67 -27.23
C THR L 78 -46.22 13.71 -27.76
N LEU L 79 -47.14 13.25 -28.58
CA LEU L 79 -48.19 14.10 -29.15
C LEU L 79 -49.45 13.59 -28.49
N PHE L 80 -50.45 14.45 -28.34
CA PHE L 80 -51.72 14.09 -27.71
C PHE L 80 -52.86 14.61 -28.54
N LEU L 81 -54.03 14.01 -28.32
CA LEU L 81 -55.26 14.43 -29.00
C LEU L 81 -56.38 14.21 -28.00
N GLN L 82 -56.82 15.30 -27.38
CA GLN L 82 -57.89 15.25 -26.42
C GLN L 82 -59.21 15.30 -27.19
N MET L 83 -59.94 14.22 -27.13
CA MET L 83 -61.23 14.11 -27.78
C MET L 83 -62.23 14.42 -26.69
N THR L 84 -63.37 14.95 -27.13
CA THR L 84 -64.44 15.40 -26.24
C THR L 84 -65.76 15.42 -27.04
N SER L 85 -66.88 15.31 -26.32
CA SER L 85 -68.21 15.30 -26.95
C SER L 85 -68.21 14.33 -28.11
N LEU L 86 -67.65 13.16 -27.86
CA LEU L 86 -67.51 12.12 -28.87
C LEU L 86 -68.84 11.61 -29.43
N ARG L 87 -69.02 11.84 -30.72
CA ARG L 87 -70.18 11.40 -31.43
C ARG L 87 -69.71 10.17 -32.15
N SER L 88 -70.65 9.35 -32.57
CA SER L 88 -70.35 8.11 -33.27
C SER L 88 -69.47 8.30 -34.49
N GLU L 89 -69.63 9.43 -35.15
CA GLU L 89 -68.83 9.75 -36.33
C GLU L 89 -67.32 9.79 -36.03
N ASP L 90 -66.98 9.86 -34.74
CA ASP L 90 -65.59 9.93 -34.32
C ASP L 90 -64.98 8.53 -34.19
N THR L 91 -65.83 7.51 -34.26
CA THR L 91 -65.41 6.10 -34.19
C THR L 91 -64.52 5.81 -35.41
N ALA L 92 -63.24 5.61 -35.16
CA ALA L 92 -62.35 5.37 -36.27
C ALA L 92 -60.97 4.99 -35.73
N MET L 93 -60.07 4.66 -36.66
CA MET L 93 -58.72 4.31 -36.32
C MET L 93 -57.93 5.59 -36.43
N TYR L 94 -57.33 6.04 -35.34
CA TYR L 94 -56.54 7.27 -35.31
C TYR L 94 -55.05 6.99 -35.46
N TYR L 95 -54.39 7.74 -36.34
CA TYR L 95 -52.96 7.63 -36.57
C TYR L 95 -52.28 9.00 -36.48
N CYS L 96 -51.16 9.09 -35.76
CA CYS L 96 -50.41 10.33 -35.70
C CYS L 96 -49.41 10.23 -36.85
N ALA L 97 -48.87 11.34 -37.31
CA ALA L 97 -47.94 11.29 -38.44
C ALA L 97 -47.02 12.48 -38.33
N ARG L 98 -45.78 12.31 -38.80
CA ARG L 98 -44.82 13.42 -38.78
C ARG L 98 -45.26 14.45 -39.80
N GLY L 99 -44.96 15.72 -39.58
CA GLY L 99 -45.38 16.74 -40.52
C GLY L 99 -45.21 16.47 -42.00
N ASP L 100 -44.19 15.71 -42.38
CA ASP L 100 -43.95 15.41 -43.78
C ASP L 100 -44.42 14.02 -44.21
N TYR L 101 -45.19 13.40 -43.33
CA TYR L 101 -45.74 12.08 -43.56
C TYR L 101 -44.71 11.05 -43.87
N TYR L 102 -43.58 11.14 -43.18
CA TYR L 102 -42.50 10.17 -43.39
C TYR L 102 -43.03 8.79 -43.00
N GLY L 103 -42.83 7.82 -43.87
CA GLY L 103 -43.29 6.46 -43.61
C GLY L 103 -42.61 5.94 -42.36
N SER L 104 -43.39 5.79 -41.30
CA SER L 104 -42.83 5.37 -40.03
C SER L 104 -43.11 3.94 -39.59
N ARG L 105 -42.19 3.36 -38.83
CA ARG L 105 -42.35 2.03 -38.29
C ARG L 105 -43.28 2.21 -37.09
N GLY L 106 -44.14 1.23 -36.85
CA GLY L 106 -45.08 1.32 -35.74
C GLY L 106 -44.73 0.44 -34.57
N ALA L 107 -45.76 0.03 -33.83
CA ALA L 107 -45.56 -0.83 -32.67
C ALA L 107 -45.50 -2.28 -33.13
N TYR L 108 -45.06 -3.17 -32.25
CA TYR L 108 -44.97 -4.59 -32.59
C TYR L 108 -46.37 -5.12 -32.91
N TRP L 109 -47.36 -4.50 -32.27
CA TRP L 109 -48.77 -4.85 -32.43
C TRP L 109 -49.42 -4.33 -33.71
N GLY L 110 -49.04 -3.14 -34.16
CA GLY L 110 -49.65 -2.63 -35.38
C GLY L 110 -49.45 -1.16 -35.59
N GLN L 111 -50.44 -0.54 -36.21
CA GLN L 111 -50.38 0.86 -36.53
C GLN L 111 -51.74 1.53 -36.23
N GLY L 112 -51.73 2.71 -35.62
CA GLY L 112 -52.97 3.41 -35.31
C GLY L 112 -53.60 2.98 -34.01
N THR L 113 -54.76 3.56 -33.69
CA THR L 113 -55.45 3.18 -32.47
C THR L 113 -56.93 3.38 -32.70
N LEU L 114 -57.70 2.33 -32.46
CA LEU L 114 -59.13 2.36 -32.65
C LEU L 114 -59.90 2.89 -31.44
N VAL L 115 -60.83 3.79 -31.72
CA VAL L 115 -61.72 4.33 -30.71
C VAL L 115 -63.16 4.26 -31.25
N THR L 116 -63.95 3.48 -30.52
CA THR L 116 -65.35 3.18 -30.76
C THR L 116 -66.19 3.97 -29.77
N VAL L 117 -67.19 4.67 -30.27
CA VAL L 117 -68.09 5.46 -29.47
C VAL L 117 -69.38 4.66 -29.51
N SER L 118 -69.67 3.95 -28.41
CA SER L 118 -70.86 3.10 -28.34
C SER L 118 -71.28 2.62 -26.95
N ALA L 119 -71.96 1.45 -26.95
CA ALA L 119 -72.52 0.76 -25.78
C ALA L 119 -71.69 -0.15 -24.83
N LYS L 120 -71.96 -1.46 -24.82
CA LYS L 120 -71.35 -2.38 -23.81
C LYS L 120 -70.27 -3.43 -24.11
N THR L 121 -69.25 -3.47 -23.25
CA THR L 121 -68.16 -4.43 -23.38
C THR L 121 -68.64 -5.84 -23.00
N THR L 122 -68.25 -6.83 -23.81
CA THR L 122 -68.64 -8.23 -23.62
C THR L 122 -67.44 -9.03 -24.03
N ALA L 123 -67.08 -10.01 -23.22
CA ALA L 123 -65.94 -10.86 -23.50
C ALA L 123 -66.30 -11.86 -24.59
N PRO L 124 -65.31 -12.29 -25.36
CA PRO L 124 -65.61 -13.24 -26.42
C PRO L 124 -65.68 -14.63 -25.90
N SER L 125 -66.15 -15.55 -26.72
CA SER L 125 -66.15 -16.96 -26.38
C SER L 125 -65.22 -17.61 -27.45
N VAL L 126 -64.11 -18.16 -27.01
CA VAL L 126 -63.15 -18.76 -27.92
C VAL L 126 -63.41 -20.23 -28.05
N TYR L 127 -63.65 -20.68 -29.28
CA TYR L 127 -63.93 -22.09 -29.56
C TYR L 127 -62.90 -22.63 -30.57
N PRO L 128 -62.41 -23.86 -30.34
CA PRO L 128 -61.42 -24.52 -31.21
C PRO L 128 -62.14 -25.24 -32.33
N LEU L 129 -61.67 -25.08 -33.57
CA LEU L 129 -62.28 -25.73 -34.72
C LEU L 129 -61.34 -26.82 -35.18
N ALA L 130 -61.69 -28.04 -34.85
CA ALA L 130 -60.87 -29.19 -35.21
C ALA L 130 -61.50 -29.86 -36.41
N PRO L 131 -60.69 -30.60 -37.18
CA PRO L 131 -61.20 -31.28 -38.36
C PRO L 131 -62.33 -32.29 -38.22
N VAL L 132 -62.00 -33.57 -38.11
CA VAL L 132 -62.93 -34.73 -38.08
C VAL L 132 -63.35 -34.84 -39.51
N CYS L 133 -63.64 -33.66 -40.08
CA CYS L 133 -63.98 -33.43 -41.48
C CYS L 133 -62.98 -32.32 -41.83
N GLY L 134 -63.02 -31.19 -41.07
CA GLY L 134 -62.13 -30.03 -41.26
C GLY L 134 -61.17 -30.16 -42.42
N ASP L 135 -61.81 -30.37 -43.57
CA ASP L 135 -61.25 -30.63 -44.88
C ASP L 135 -59.89 -30.13 -45.41
N THR L 136 -58.87 -30.40 -44.60
CA THR L 136 -57.47 -30.11 -44.93
C THR L 136 -57.16 -29.07 -46.02
N THR L 137 -56.50 -29.53 -47.08
CA THR L 137 -56.07 -28.75 -48.23
C THR L 137 -55.53 -29.80 -49.23
N GLY L 138 -54.89 -30.81 -48.65
CA GLY L 138 -54.31 -31.90 -49.40
C GLY L 138 -53.58 -32.66 -48.31
N SER L 139 -52.28 -32.83 -48.46
CA SER L 139 -51.49 -33.51 -47.42
C SER L 139 -51.28 -32.50 -46.29
N SER L 140 -52.03 -31.40 -46.36
CA SER L 140 -51.98 -30.32 -45.40
C SER L 140 -53.34 -30.26 -44.71
N VAL L 141 -53.32 -30.10 -43.38
CA VAL L 141 -54.53 -30.02 -42.55
C VAL L 141 -54.80 -28.62 -42.01
N THR L 142 -56.02 -28.12 -42.16
CA THR L 142 -56.31 -26.79 -41.64
C THR L 142 -57.15 -26.87 -40.38
N LEU L 143 -56.80 -26.05 -39.40
CA LEU L 143 -57.53 -25.97 -38.14
C LEU L 143 -58.06 -24.53 -38.01
N GLY L 144 -58.88 -24.30 -37.00
CA GLY L 144 -59.43 -22.97 -36.85
C GLY L 144 -59.76 -22.58 -35.43
N CYS L 145 -60.19 -21.34 -35.28
CA CYS L 145 -60.52 -20.84 -33.97
C CYS L 145 -61.66 -19.83 -34.17
N LEU L 146 -62.67 -19.92 -33.33
CA LEU L 146 -63.82 -19.04 -33.44
C LEU L 146 -63.97 -18.18 -32.18
N VAL L 147 -63.86 -16.88 -32.39
CA VAL L 147 -63.96 -15.89 -31.35
C VAL L 147 -65.30 -15.25 -31.58
N LYS L 148 -66.30 -15.61 -30.82
CA LYS L 148 -67.59 -15.04 -31.06
C LYS L 148 -68.23 -14.38 -29.89
N GLY L 149 -69.02 -13.36 -30.18
CA GLY L 149 -69.77 -12.64 -29.18
C GLY L 149 -69.05 -11.63 -28.33
N TYR L 150 -68.27 -10.75 -28.96
CA TYR L 150 -67.53 -9.77 -28.18
C TYR L 150 -67.81 -8.32 -28.52
N PHE L 151 -67.40 -7.43 -27.64
CA PHE L 151 -67.56 -6.00 -27.89
C PHE L 151 -66.77 -5.23 -26.88
N PRO L 152 -66.02 -4.18 -27.33
CA PRO L 152 -65.87 -3.67 -28.70
C PRO L 152 -64.61 -4.29 -29.34
N GLU L 153 -64.28 -3.94 -30.59
CA GLU L 153 -63.06 -4.44 -31.23
C GLU L 153 -61.94 -3.60 -30.63
N PRO L 154 -60.70 -4.06 -30.67
CA PRO L 154 -60.21 -5.30 -31.21
C PRO L 154 -60.00 -6.47 -30.23
N VAL L 155 -59.54 -7.55 -30.85
CA VAL L 155 -59.22 -8.83 -30.26
C VAL L 155 -57.91 -9.17 -30.96
N THR L 156 -56.97 -9.72 -30.20
CA THR L 156 -55.70 -10.10 -30.76
C THR L 156 -55.69 -11.60 -30.77
N LEU L 157 -55.37 -12.18 -31.92
CA LEU L 157 -55.34 -13.62 -32.04
C LEU L 157 -54.06 -14.06 -32.70
N THR L 158 -53.40 -15.00 -32.05
CA THR L 158 -52.15 -15.58 -32.55
C THR L 158 -52.23 -17.09 -32.44
N TRP L 159 -51.33 -17.77 -33.14
CA TRP L 159 -51.30 -19.21 -33.08
C TRP L 159 -49.94 -19.55 -32.51
N ASN L 160 -49.92 -20.36 -31.45
CA ASN L 160 -48.66 -20.73 -30.81
C ASN L 160 -47.82 -19.51 -30.47
N SER L 161 -48.46 -18.63 -29.73
CA SER L 161 -47.90 -17.37 -29.27
C SER L 161 -47.15 -16.57 -30.33
N GLY L 162 -47.61 -16.69 -31.58
CA GLY L 162 -47.00 -15.98 -32.68
C GLY L 162 -46.01 -16.78 -33.46
N SER L 163 -45.63 -17.93 -32.94
CA SER L 163 -44.66 -18.79 -33.61
C SER L 163 -45.19 -19.23 -34.96
N LEU L 164 -46.47 -19.57 -34.95
CA LEU L 164 -47.14 -20.03 -36.14
C LEU L 164 -47.73 -18.80 -36.89
N SER L 165 -47.00 -18.36 -37.89
CA SER L 165 -47.38 -17.19 -38.66
C SER L 165 -47.70 -17.46 -40.13
N SER L 166 -47.07 -18.47 -40.70
CA SER L 166 -47.32 -18.78 -42.09
C SER L 166 -48.60 -19.63 -42.19
N GLY L 167 -49.36 -19.41 -43.27
CA GLY L 167 -50.58 -20.16 -43.48
C GLY L 167 -51.79 -19.78 -42.64
N VAL L 168 -51.74 -18.66 -41.92
CA VAL L 168 -52.89 -18.26 -41.14
C VAL L 168 -53.66 -17.10 -41.76
N HIS L 169 -54.99 -17.20 -41.71
CA HIS L 169 -55.88 -16.18 -42.24
C HIS L 169 -56.78 -15.82 -41.08
N THR L 170 -56.81 -14.55 -40.72
CA THR L 170 -57.67 -14.09 -39.67
C THR L 170 -58.61 -13.22 -40.42
N PHE L 171 -59.85 -13.68 -40.53
CA PHE L 171 -60.84 -12.93 -41.24
C PHE L 171 -61.33 -11.78 -40.35
N PRO L 172 -61.59 -10.63 -40.96
CA PRO L 172 -62.06 -9.47 -40.22
C PRO L 172 -63.34 -9.73 -39.45
N ALA L 173 -63.45 -9.11 -38.28
CA ALA L 173 -64.62 -9.25 -37.43
C ALA L 173 -65.82 -8.71 -38.15
N VAL L 174 -66.96 -9.35 -37.94
CA VAL L 174 -68.20 -8.89 -38.53
C VAL L 174 -69.20 -8.66 -37.38
N LEU L 175 -69.73 -7.44 -37.29
CA LEU L 175 -70.69 -7.07 -36.24
C LEU L 175 -72.09 -7.51 -36.63
N GLN L 176 -72.69 -8.34 -35.80
CA GLN L 176 -74.05 -8.82 -36.03
C GLN L 176 -74.71 -8.49 -34.70
N SER L 177 -75.81 -7.75 -34.75
CA SER L 177 -76.53 -7.30 -33.55
C SER L 177 -75.59 -6.22 -33.02
N ASP L 178 -75.04 -6.42 -31.84
CA ASP L 178 -74.08 -5.47 -31.31
C ASP L 178 -72.93 -6.23 -30.66
N LEU L 179 -72.46 -7.24 -31.40
CA LEU L 179 -71.37 -8.11 -31.00
C LEU L 179 -70.61 -8.54 -32.25
N TYR L 180 -69.34 -8.83 -32.08
CA TYR L 180 -68.46 -9.21 -33.17
C TYR L 180 -68.08 -10.68 -33.08
N THR L 181 -67.79 -11.24 -34.24
CA THR L 181 -67.37 -12.62 -34.35
C THR L 181 -66.16 -12.55 -35.27
N LEU L 182 -65.16 -13.35 -34.95
CA LEU L 182 -63.95 -13.40 -35.73
C LEU L 182 -63.52 -14.86 -35.72
N SER L 183 -62.66 -15.23 -36.64
CA SER L 183 -62.23 -16.58 -36.72
C SER L 183 -60.95 -16.59 -37.47
N SER L 184 -60.08 -17.51 -37.13
CA SER L 184 -58.80 -17.65 -37.81
C SER L 184 -58.64 -19.11 -38.21
N SER L 185 -57.98 -19.32 -39.35
CA SER L 185 -57.73 -20.63 -39.88
C SER L 185 -56.20 -20.74 -39.96
N VAL L 186 -55.67 -21.93 -39.68
CA VAL L 186 -54.23 -22.20 -39.81
C VAL L 186 -53.97 -23.51 -40.58
N THR L 187 -53.11 -23.42 -41.58
CA THR L 187 -52.82 -24.58 -42.41
C THR L 187 -51.40 -25.09 -42.14
N VAL L 188 -51.33 -26.26 -41.51
CA VAL L 188 -50.06 -26.89 -41.19
C VAL L 188 -49.92 -28.13 -42.05
N THR L 189 -48.81 -28.84 -41.92
CA THR L 189 -48.60 -30.07 -42.68
C THR L 189 -49.25 -31.17 -41.89
N SER L 190 -49.76 -32.15 -42.61
CA SER L 190 -50.43 -33.31 -42.02
C SER L 190 -49.57 -33.91 -40.91
N SER L 191 -48.28 -33.70 -41.05
CA SER L 191 -47.25 -34.20 -40.13
C SER L 191 -47.19 -33.44 -38.78
N THR L 192 -47.40 -32.13 -38.83
CA THR L 192 -47.36 -31.29 -37.64
C THR L 192 -48.40 -31.63 -36.61
N TRP L 193 -49.68 -31.49 -36.99
CA TRP L 193 -50.80 -31.78 -36.08
C TRP L 193 -51.27 -33.21 -36.31
N PRO L 194 -51.66 -33.91 -35.25
CA PRO L 194 -51.74 -33.54 -33.84
C PRO L 194 -50.44 -33.56 -33.06
N SER L 195 -49.37 -34.03 -33.66
CA SER L 195 -48.08 -34.13 -32.98
C SER L 195 -47.66 -32.84 -32.24
N GLN L 196 -47.29 -31.81 -33.00
CA GLN L 196 -46.91 -30.52 -32.41
C GLN L 196 -48.21 -29.86 -32.00
N SER L 197 -48.28 -29.47 -30.72
CA SER L 197 -49.44 -28.79 -30.15
C SER L 197 -49.70 -27.43 -30.76
N ILE L 198 -50.91 -27.25 -31.29
CA ILE L 198 -51.28 -25.99 -31.90
C ILE L 198 -52.35 -25.36 -31.02
N THR L 199 -52.07 -24.14 -30.60
CA THR L 199 -52.98 -23.42 -29.75
C THR L 199 -53.40 -22.11 -30.41
N CYS L 200 -54.53 -21.61 -29.96
CA CYS L 200 -55.07 -20.40 -30.46
C CYS L 200 -54.96 -19.50 -29.28
N ASN L 201 -54.38 -18.34 -29.46
CA ASN L 201 -54.26 -17.42 -28.35
C ASN L 201 -55.14 -16.22 -28.69
N VAL L 202 -56.10 -15.93 -27.81
CA VAL L 202 -57.00 -14.81 -28.02
C VAL L 202 -56.98 -13.85 -26.84
N ALA L 203 -56.87 -12.56 -27.16
CA ALA L 203 -56.83 -11.52 -26.15
C ALA L 203 -57.78 -10.39 -26.51
N HIS L 204 -58.76 -10.14 -25.65
CA HIS L 204 -59.71 -9.06 -25.84
C HIS L 204 -59.38 -8.04 -24.75
N PRO L 205 -58.42 -7.15 -25.05
CA PRO L 205 -57.99 -6.14 -24.10
C PRO L 205 -59.12 -5.44 -23.40
N ALA L 206 -60.05 -4.91 -24.16
CA ALA L 206 -61.19 -4.17 -23.61
C ALA L 206 -61.91 -4.81 -22.42
N SER L 207 -61.66 -6.09 -22.17
CA SER L 207 -62.33 -6.78 -21.09
C SER L 207 -61.38 -7.59 -20.24
N SER L 208 -60.09 -7.46 -20.51
CA SER L 208 -59.04 -8.16 -19.77
C SER L 208 -59.11 -9.67 -19.94
N THR L 209 -59.66 -10.10 -21.07
CA THR L 209 -59.81 -11.51 -21.38
C THR L 209 -58.57 -11.94 -22.13
N LYS L 210 -58.12 -13.16 -21.86
CA LYS L 210 -56.98 -13.72 -22.54
C LYS L 210 -57.15 -15.21 -22.37
N VAL L 211 -57.39 -15.88 -23.50
CA VAL L 211 -57.60 -17.31 -23.48
C VAL L 211 -56.73 -18.01 -24.49
N ASP L 212 -56.26 -19.17 -24.11
CA ASP L 212 -55.46 -19.99 -24.98
C ASP L 212 -56.27 -21.24 -25.11
N LYS L 213 -56.54 -21.65 -26.35
CA LYS L 213 -57.34 -22.82 -26.63
C LYS L 213 -56.52 -23.75 -27.52
N LYS L 214 -56.20 -24.94 -27.01
CA LYS L 214 -55.42 -25.90 -27.78
C LYS L 214 -56.37 -26.72 -28.66
N ILE L 215 -56.08 -26.80 -29.95
CA ILE L 215 -56.93 -27.55 -30.85
C ILE L 215 -56.49 -29.00 -30.75
N GLU L 216 -57.46 -29.87 -30.49
CA GLU L 216 -57.20 -31.30 -30.37
C GLU L 216 -58.08 -32.10 -31.32
N PRO L 217 -57.59 -33.25 -31.79
CA PRO L 217 -58.27 -34.16 -32.72
C PRO L 217 -59.71 -34.48 -32.40
N ARG L 218 -60.48 -34.62 -33.50
CA ARG L 218 -61.92 -34.89 -33.58
C ARG L 218 -62.41 -33.79 -34.51
N GLY L 219 -63.55 -33.15 -34.23
CA GLY L 219 -64.01 -32.10 -35.14
C GLY L 219 -65.05 -31.12 -34.64
N GLN M 1 -34.83 -33.41 -10.00
CA GLN M 1 -35.45 -32.37 -9.11
C GLN M 1 -34.93 -32.51 -7.68
N ILE M 2 -33.71 -33.03 -7.63
CA ILE M 2 -32.97 -33.23 -6.41
C ILE M 2 -32.32 -31.85 -6.20
N GLN M 3 -32.29 -31.37 -4.96
CA GLN M 3 -31.65 -30.08 -4.72
C GLN M 3 -30.18 -30.31 -4.37
N MET M 4 -29.30 -29.58 -5.07
CA MET M 4 -27.85 -29.65 -4.89
C MET M 4 -27.39 -28.49 -4.07
N THR M 5 -26.88 -28.71 -2.88
CA THR M 5 -26.41 -27.58 -2.08
C THR M 5 -24.89 -27.39 -2.24
N GLN M 6 -24.50 -26.28 -2.85
CA GLN M 6 -23.06 -25.98 -3.04
C GLN M 6 -22.49 -24.99 -2.02
N SER M 7 -21.27 -25.26 -1.62
CA SER M 7 -20.57 -24.38 -0.67
C SER M 7 -19.06 -24.38 -0.98
N PRO M 8 -18.37 -23.23 -0.77
CA PRO M 8 -18.91 -21.96 -0.28
C PRO M 8 -19.49 -21.21 -1.48
N SER M 9 -20.32 -20.21 -1.23
CA SER M 9 -20.91 -19.43 -2.36
C SER M 9 -19.86 -18.63 -3.13
N SER M 10 -18.81 -18.24 -2.43
CA SER M 10 -17.71 -17.49 -3.01
C SER M 10 -16.51 -17.56 -2.07
N LEU M 11 -15.34 -17.25 -2.63
CA LEU M 11 -14.09 -17.26 -1.88
C LEU M 11 -12.97 -16.57 -2.69
N SER M 12 -12.00 -16.00 -1.98
CA SER M 12 -10.83 -15.40 -2.59
C SER M 12 -9.73 -16.35 -2.16
N ALA M 13 -8.90 -16.79 -3.09
CA ALA M 13 -7.80 -17.68 -2.73
C ALA M 13 -6.57 -17.19 -3.45
N SER M 14 -5.43 -17.28 -2.78
CA SER M 14 -4.16 -16.85 -3.38
C SER M 14 -3.79 -17.98 -4.28
N LEU M 15 -3.19 -17.69 -5.41
CA LEU M 15 -2.74 -18.77 -6.31
C LEU M 15 -1.85 -19.75 -5.51
N GLY M 16 -1.88 -21.01 -5.92
CA GLY M 16 -1.08 -22.02 -5.26
C GLY M 16 -1.78 -22.58 -4.04
N GLU M 17 -2.92 -22.00 -3.71
CA GLU M 17 -3.71 -22.45 -2.59
C GLU M 17 -4.63 -23.61 -3.00
N ARG M 18 -4.99 -24.41 -2.00
CA ARG M 18 -5.90 -25.54 -2.15
C ARG M 18 -7.32 -24.96 -2.03
N VAL M 19 -8.23 -25.47 -2.84
CA VAL M 19 -9.59 -25.00 -2.83
C VAL M 19 -10.43 -26.27 -2.84
N SER M 20 -11.43 -26.34 -1.95
CA SER M 20 -12.32 -27.49 -1.88
C SER M 20 -13.77 -26.99 -1.86
N LEU M 21 -14.46 -27.23 -2.97
CA LEU M 21 -15.85 -26.84 -3.10
C LEU M 21 -16.64 -28.14 -2.80
N THR M 22 -17.76 -28.00 -2.10
CA THR M 22 -18.55 -29.14 -1.72
C THR M 22 -19.97 -29.07 -2.27
N CYS M 23 -20.55 -30.24 -2.53
CA CYS M 23 -21.92 -30.35 -3.02
C CYS M 23 -22.61 -31.51 -2.35
N ARG M 24 -23.81 -31.21 -1.87
CA ARG M 24 -24.68 -32.17 -1.22
C ARG M 24 -25.91 -32.33 -2.13
N ALA M 25 -26.48 -33.53 -2.19
CA ALA M 25 -27.70 -33.80 -2.98
C ALA M 25 -28.83 -34.11 -1.99
N SER M 26 -30.05 -33.63 -2.25
CA SER M 26 -31.17 -33.85 -1.32
C SER M 26 -31.61 -35.30 -1.21
N GLN M 27 -31.14 -36.14 -2.13
CA GLN M 27 -31.45 -37.55 -2.14
C GLN M 27 -30.40 -38.21 -2.98
N GLU M 28 -30.13 -39.48 -2.70
CA GLU M 28 -29.09 -40.26 -3.36
C GLU M 28 -28.99 -40.12 -4.87
N ILE M 29 -27.77 -39.90 -5.36
CA ILE M 29 -27.55 -39.76 -6.78
C ILE M 29 -26.53 -40.74 -7.32
N SER M 30 -25.99 -41.57 -6.44
CA SER M 30 -25.03 -42.60 -6.83
C SER M 30 -23.83 -42.08 -7.65
N GLY M 31 -23.29 -40.93 -7.27
CA GLY M 31 -22.13 -40.45 -8.02
C GLY M 31 -22.35 -39.82 -9.39
N TYR M 32 -23.60 -39.71 -9.84
CA TYR M 32 -23.86 -39.07 -11.12
C TYR M 32 -23.89 -37.60 -10.77
N LEU M 33 -22.71 -37.00 -10.74
CA LEU M 33 -22.51 -35.61 -10.39
C LEU M 33 -21.31 -35.14 -11.20
N SER M 34 -21.45 -33.97 -11.84
CA SER M 34 -20.39 -33.37 -12.65
C SER M 34 -20.00 -32.02 -12.03
N TRP M 35 -18.80 -31.57 -12.35
CA TRP M 35 -18.28 -30.29 -11.86
C TRP M 35 -17.88 -29.58 -13.11
N LEU M 36 -18.50 -28.42 -13.35
CA LEU M 36 -18.21 -27.63 -14.54
C LEU M 36 -17.70 -26.28 -14.10
N GLN M 37 -16.94 -25.67 -14.97
CA GLN M 37 -16.41 -24.34 -14.74
C GLN M 37 -16.91 -23.45 -15.85
N GLN M 38 -17.58 -22.38 -15.46
CA GLN M 38 -18.05 -21.40 -16.42
C GLN M 38 -17.01 -20.28 -16.49
N LYS M 39 -16.23 -20.31 -17.57
CA LYS M 39 -15.18 -19.33 -17.79
C LYS M 39 -15.76 -17.92 -17.93
N PRO M 40 -14.95 -16.86 -17.65
CA PRO M 40 -15.37 -15.45 -17.75
C PRO M 40 -16.07 -14.99 -19.05
N ASP M 41 -15.87 -15.72 -20.14
CA ASP M 41 -16.51 -15.38 -21.42
C ASP M 41 -17.83 -16.14 -21.63
N GLY M 42 -18.42 -16.66 -20.57
CA GLY M 42 -19.67 -17.38 -20.70
C GLY M 42 -19.48 -18.87 -20.85
N THR M 43 -18.38 -19.28 -21.48
CA THR M 43 -18.04 -20.68 -21.73
C THR M 43 -18.19 -21.65 -20.57
N ILE M 44 -19.00 -22.69 -20.76
CA ILE M 44 -19.20 -23.73 -19.75
C ILE M 44 -18.32 -24.90 -20.22
N LYS M 45 -17.69 -25.54 -19.23
CA LYS M 45 -16.78 -26.63 -19.53
C LYS M 45 -16.81 -27.67 -18.41
N ARG M 46 -17.04 -28.92 -18.77
CA ARG M 46 -17.10 -29.99 -17.78
C ARG M 46 -15.70 -30.40 -17.40
N LEU M 47 -15.48 -30.45 -16.10
CA LEU M 47 -14.20 -30.79 -15.53
C LEU M 47 -14.16 -32.26 -15.11
N ILE M 48 -15.18 -32.64 -14.35
CA ILE M 48 -15.30 -33.98 -13.80
C ILE M 48 -16.71 -34.60 -13.94
N TYR M 49 -16.78 -35.83 -14.42
CA TYR M 49 -18.07 -36.53 -14.50
C TYR M 49 -17.98 -37.76 -13.59
N ALA M 50 -19.12 -38.41 -13.38
CA ALA M 50 -19.16 -39.59 -12.54
C ALA M 50 -18.48 -39.29 -11.20
N ALA M 51 -18.73 -38.08 -10.69
CA ALA M 51 -18.22 -37.65 -9.40
C ALA M 51 -16.70 -37.47 -9.19
N SER M 52 -15.87 -38.23 -9.92
CA SER M 52 -14.42 -38.15 -9.76
C SER M 52 -13.60 -38.47 -10.99
N THR M 53 -14.25 -38.74 -12.12
CA THR M 53 -13.51 -39.02 -13.35
C THR M 53 -13.23 -37.68 -14.05
N LEU M 54 -11.96 -37.42 -14.33
CA LEU M 54 -11.59 -36.18 -14.99
C LEU M 54 -11.88 -36.27 -16.47
N ASP M 55 -12.43 -35.22 -17.07
CA ASP M 55 -12.66 -35.30 -18.49
C ASP M 55 -11.27 -35.21 -19.07
N SER M 56 -11.09 -35.55 -20.35
CA SER M 56 -9.76 -35.47 -20.94
C SER M 56 -9.27 -34.01 -21.02
N GLY M 57 -7.95 -33.83 -21.00
CA GLY M 57 -7.40 -32.50 -21.08
C GLY M 57 -7.55 -31.71 -19.79
N VAL M 58 -8.39 -32.16 -18.87
CA VAL M 58 -8.55 -31.45 -17.62
C VAL M 58 -7.29 -31.72 -16.80
N PRO M 59 -6.60 -30.65 -16.33
CA PRO M 59 -5.36 -30.65 -15.52
C PRO M 59 -5.52 -31.58 -14.34
N LYS M 60 -4.45 -32.33 -14.09
CA LYS M 60 -4.46 -33.31 -13.03
C LYS M 60 -4.71 -32.72 -11.65
N ARG M 61 -4.54 -31.39 -11.47
CA ARG M 61 -4.73 -30.74 -10.14
C ARG M 61 -6.19 -30.67 -9.63
N PHE M 62 -7.12 -31.11 -10.48
CA PHE M 62 -8.50 -31.13 -10.14
C PHE M 62 -8.81 -32.58 -9.81
N SER M 63 -9.65 -32.78 -8.81
CA SER M 63 -10.02 -34.14 -8.44
C SER M 63 -11.30 -34.11 -7.66
N GLY M 64 -12.12 -35.13 -7.82
CA GLY M 64 -13.35 -35.17 -7.10
C GLY M 64 -13.30 -36.36 -6.18
N SER M 65 -14.14 -36.31 -5.15
CA SER M 65 -14.26 -37.38 -4.17
C SER M 65 -15.65 -37.35 -3.59
N ARG M 66 -16.04 -38.42 -2.93
CA ARG M 66 -17.37 -38.47 -2.33
C ARG M 66 -17.09 -38.86 -0.90
N SER M 67 -17.85 -38.31 0.04
CA SER M 67 -17.68 -38.63 1.46
C SER M 67 -19.06 -38.68 2.06
N GLY M 68 -19.74 -39.78 1.79
CA GLY M 68 -21.10 -39.97 2.23
C GLY M 68 -21.95 -39.10 1.32
N SER M 69 -22.51 -38.06 1.93
CA SER M 69 -23.38 -37.13 1.24
C SER M 69 -22.59 -36.17 0.40
N ASP M 70 -21.47 -35.76 0.99
CA ASP M 70 -20.54 -34.77 0.43
C ASP M 70 -19.80 -35.15 -0.82
N TYR M 71 -19.94 -34.35 -1.88
CA TYR M 71 -19.19 -34.60 -3.08
C TYR M 71 -18.25 -33.41 -3.07
N SER M 72 -16.95 -33.65 -3.25
CA SER M 72 -15.95 -32.58 -3.16
C SER M 72 -15.04 -32.41 -4.33
N LEU M 73 -14.90 -31.17 -4.81
CA LEU M 73 -13.95 -30.86 -5.89
C LEU M 73 -12.79 -30.26 -5.15
N THR M 74 -11.60 -30.74 -5.45
CA THR M 74 -10.40 -30.20 -4.84
C THR M 74 -9.50 -29.69 -5.93
N ILE M 75 -9.01 -28.47 -5.75
CA ILE M 75 -8.06 -27.88 -6.66
C ILE M 75 -6.87 -27.78 -5.72
N SER M 76 -5.86 -28.59 -6.00
CA SER M 76 -4.62 -28.56 -5.22
C SER M 76 -3.80 -27.51 -5.95
N SER M 77 -3.62 -26.35 -5.33
CA SER M 77 -2.85 -25.30 -5.98
C SER M 77 -3.59 -24.60 -7.09
N LEU M 78 -4.10 -23.41 -6.78
CA LEU M 78 -4.81 -22.59 -7.74
C LEU M 78 -3.86 -22.00 -8.76
N GLU M 79 -4.27 -21.97 -10.02
CA GLU M 79 -3.49 -21.37 -11.08
C GLU M 79 -4.37 -20.22 -11.53
N SER M 80 -3.75 -19.21 -12.11
CA SER M 80 -4.46 -18.03 -12.60
C SER M 80 -5.49 -18.46 -13.65
N GLU M 81 -5.18 -19.52 -14.40
CA GLU M 81 -6.09 -20.04 -15.41
C GLU M 81 -7.36 -20.70 -14.87
N ASP M 82 -7.46 -20.88 -13.56
CA ASP M 82 -8.65 -21.50 -12.97
C ASP M 82 -9.65 -20.44 -12.54
N PHE M 83 -9.36 -19.19 -12.88
CA PHE M 83 -10.27 -18.08 -12.55
C PHE M 83 -11.57 -18.34 -13.32
N ALA M 84 -12.62 -18.66 -12.57
CA ALA M 84 -13.92 -18.94 -13.16
C ALA M 84 -14.94 -19.08 -12.06
N ASP M 85 -16.14 -19.56 -12.44
CA ASP M 85 -17.26 -19.83 -11.51
C ASP M 85 -17.42 -21.30 -11.64
N TYR M 86 -17.59 -21.96 -10.50
CA TYR M 86 -17.73 -23.42 -10.48
C TYR M 86 -19.11 -23.85 -10.01
N TYR M 87 -19.65 -24.86 -10.66
CA TYR M 87 -20.95 -25.36 -10.27
C TYR M 87 -20.85 -26.88 -10.28
N CYS M 88 -21.72 -27.54 -9.54
CA CYS M 88 -21.79 -28.99 -9.58
C CYS M 88 -23.18 -29.31 -10.18
N LEU M 89 -23.31 -30.45 -10.84
CA LEU M 89 -24.55 -30.82 -11.50
C LEU M 89 -24.88 -32.27 -11.19
N GLN M 90 -26.16 -32.60 -11.04
CA GLN M 90 -26.56 -33.97 -10.84
C GLN M 90 -27.28 -34.40 -12.12
N TYR M 91 -26.90 -35.55 -12.67
CA TYR M 91 -27.55 -36.05 -13.87
C TYR M 91 -28.06 -37.43 -13.58
N ALA M 92 -28.54 -37.54 -12.36
CA ALA M 92 -29.08 -38.76 -11.89
C ALA M 92 -30.57 -38.81 -12.20
N SER M 93 -31.25 -37.68 -11.96
CA SER M 93 -32.70 -37.63 -12.14
C SER M 93 -33.10 -36.78 -13.30
N SER M 94 -34.11 -37.27 -14.03
CA SER M 94 -34.70 -36.64 -15.23
C SER M 94 -34.63 -35.11 -15.34
N PRO M 95 -34.87 -34.37 -14.24
CA PRO M 95 -34.80 -32.88 -14.24
C PRO M 95 -33.44 -32.54 -13.56
N TYR M 96 -32.38 -32.39 -14.37
CA TYR M 96 -31.03 -32.10 -13.87
C TYR M 96 -30.97 -30.79 -13.13
N THR M 97 -30.22 -30.77 -12.03
CA THR M 97 -30.13 -29.59 -11.22
C THR M 97 -28.68 -29.20 -10.98
N PHE M 98 -28.42 -27.90 -11.00
CA PHE M 98 -27.09 -27.35 -10.78
C PHE M 98 -27.02 -26.94 -9.32
N GLY M 99 -25.82 -26.72 -8.84
CA GLY M 99 -25.71 -26.25 -7.48
C GLY M 99 -25.71 -24.75 -7.59
N GLY M 100 -25.80 -24.09 -6.44
CA GLY M 100 -25.79 -22.64 -6.37
C GLY M 100 -24.58 -21.94 -6.99
N GLY M 101 -23.47 -22.64 -7.14
CA GLY M 101 -22.28 -22.06 -7.73
C GLY M 101 -21.33 -21.48 -6.71
N THR M 102 -20.08 -21.30 -7.13
CA THR M 102 -19.03 -20.72 -6.30
C THR M 102 -18.31 -19.70 -7.16
N LYS M 103 -18.36 -18.44 -6.72
CA LYS M 103 -17.71 -17.33 -7.41
C LYS M 103 -16.31 -17.24 -6.82
N LEU M 104 -15.33 -17.60 -7.63
CA LEU M 104 -13.95 -17.58 -7.17
C LEU M 104 -13.22 -16.29 -7.52
N GLU M 105 -12.69 -15.63 -6.49
CA GLU M 105 -11.93 -14.39 -6.66
C GLU M 105 -10.50 -14.69 -6.29
N ILE M 106 -9.57 -14.25 -7.11
CA ILE M 106 -8.17 -14.46 -6.86
C ILE M 106 -7.53 -13.39 -5.94
N LEU M 107 -7.10 -13.83 -4.76
CA LEU M 107 -6.47 -12.96 -3.75
C LEU M 107 -5.24 -12.32 -4.36
N ARG M 108 -5.00 -11.05 -4.04
CA ARG M 108 -3.87 -10.33 -4.66
C ARG M 108 -3.32 -9.09 -3.89
N GLY M 109 -2.15 -8.59 -4.30
CA GLY M 109 -1.55 -7.44 -3.65
C GLY M 109 -2.42 -6.19 -3.69
N GLY M 110 -2.39 -5.37 -2.63
CA GLY M 110 -3.15 -4.13 -2.61
C GLY M 110 -2.73 -3.32 -3.83
N ALA M 111 -3.68 -2.66 -4.48
CA ALA M 111 -3.40 -1.83 -5.67
C ALA M 111 -4.27 -0.59 -5.53
N ALA M 112 -3.65 0.57 -5.72
CA ALA M 112 -4.39 1.81 -5.56
C ALA M 112 -5.06 2.20 -6.88
N PRO M 113 -6.30 2.72 -6.80
CA PRO M 113 -6.99 3.10 -8.03
C PRO M 113 -6.30 4.27 -8.69
N THR M 114 -6.53 4.40 -9.98
CA THR M 114 -6.02 5.48 -10.79
C THR M 114 -7.30 6.24 -11.13
N VAL M 115 -7.54 7.32 -10.40
CA VAL M 115 -8.73 8.15 -10.59
C VAL M 115 -8.60 9.16 -11.73
N SER M 116 -9.68 9.37 -12.49
CA SER M 116 -9.75 10.30 -13.63
C SER M 116 -11.16 10.85 -13.64
N ILE M 117 -11.29 12.16 -13.83
CA ILE M 117 -12.60 12.81 -13.85
C ILE M 117 -12.84 13.40 -15.23
N PHE M 118 -14.09 13.33 -15.71
CA PHE M 118 -14.46 13.88 -17.01
C PHE M 118 -15.64 14.87 -16.91
N PRO M 119 -15.46 16.09 -17.41
CA PRO M 119 -16.57 17.05 -17.34
C PRO M 119 -17.57 16.65 -18.43
N PRO M 120 -18.80 17.18 -18.39
CA PRO M 120 -19.83 16.86 -19.39
C PRO M 120 -19.39 17.21 -20.80
N SER M 121 -19.86 16.43 -21.78
CA SER M 121 -19.52 16.69 -23.17
C SER M 121 -20.42 17.81 -23.71
N SER M 122 -19.94 18.56 -24.70
CA SER M 122 -20.72 19.62 -25.31
C SER M 122 -22.04 19.06 -25.84
N GLU M 123 -22.01 17.88 -26.45
CA GLU M 123 -23.24 17.26 -26.99
C GLU M 123 -24.34 17.05 -25.95
N GLN M 124 -23.94 16.62 -24.77
CA GLN M 124 -24.90 16.35 -23.72
C GLN M 124 -25.51 17.63 -23.17
N LEU M 125 -24.69 18.66 -23.05
CA LEU M 125 -25.14 19.93 -22.54
C LEU M 125 -26.21 20.53 -23.44
N THR M 126 -25.99 20.45 -24.75
CA THR M 126 -26.96 20.98 -25.70
C THR M 126 -28.23 20.18 -25.57
N SER M 127 -28.11 18.97 -25.03
CA SER M 127 -29.25 18.09 -24.84
C SER M 127 -29.96 18.42 -23.53
N GLY M 128 -29.41 19.32 -22.75
CA GLY M 128 -30.07 19.69 -21.51
C GLY M 128 -29.62 18.98 -20.24
N GLY M 129 -28.67 18.06 -20.36
CA GLY M 129 -28.20 17.35 -19.18
C GLY M 129 -26.72 17.55 -18.94
N ALA M 130 -26.25 17.04 -17.80
CA ALA M 130 -24.82 17.13 -17.47
C ALA M 130 -24.32 15.93 -16.68
N SER M 131 -23.55 15.05 -17.32
CA SER M 131 -22.98 13.92 -16.63
C SER M 131 -21.49 14.13 -16.37
N VAL M 132 -21.10 14.02 -15.11
CA VAL M 132 -19.72 14.14 -14.71
C VAL M 132 -19.26 12.70 -14.37
N VAL M 133 -18.31 12.16 -15.14
CA VAL M 133 -17.86 10.80 -14.94
C VAL M 133 -16.48 10.74 -14.31
N CYS M 134 -16.31 9.79 -13.40
CA CYS M 134 -15.05 9.57 -12.72
C CYS M 134 -14.78 8.06 -12.85
N PHE M 135 -13.60 7.69 -13.30
CA PHE M 135 -13.24 6.27 -13.43
C PHE M 135 -12.19 5.94 -12.38
N LEU M 136 -12.39 4.90 -11.59
CA LEU M 136 -11.38 4.52 -10.60
C LEU M 136 -10.80 3.20 -11.14
N ASN M 137 -9.64 3.22 -11.77
CA ASN M 137 -9.15 1.98 -12.36
C ASN M 137 -8.07 1.18 -11.69
N ASN M 138 -8.04 -0.09 -12.06
CA ASN M 138 -7.07 -1.09 -11.58
C ASN M 138 -6.66 -1.14 -10.10
N PHE M 139 -7.66 -1.22 -9.23
CA PHE M 139 -7.40 -1.29 -7.81
C PHE M 139 -7.72 -2.67 -7.21
N TYR M 140 -7.31 -2.85 -5.97
CA TYR M 140 -7.52 -4.09 -5.24
C TYR M 140 -7.23 -3.75 -3.75
N PRO M 141 -8.13 -4.16 -2.82
CA PRO M 141 -9.37 -4.89 -3.04
C PRO M 141 -10.45 -4.08 -3.75
N LYS M 142 -11.56 -4.78 -4.02
CA LYS M 142 -12.74 -4.24 -4.68
C LYS M 142 -13.37 -3.11 -3.84
N ASP M 143 -13.29 -3.23 -2.50
CA ASP M 143 -13.86 -2.26 -1.57
C ASP M 143 -13.21 -0.91 -1.78
N ILE M 144 -14.03 0.06 -2.19
CA ILE M 144 -13.60 1.42 -2.45
C ILE M 144 -14.78 2.32 -2.17
N ASN M 145 -14.55 3.59 -1.89
CA ASN M 145 -15.65 4.47 -1.57
C ASN M 145 -15.51 5.77 -2.28
N VAL M 146 -16.48 6.13 -3.10
CA VAL M 146 -16.41 7.36 -3.86
C VAL M 146 -17.41 8.40 -3.40
N LYS M 147 -16.92 9.63 -3.20
CA LYS M 147 -17.76 10.76 -2.80
C LYS M 147 -17.76 11.84 -3.90
N TRP M 148 -18.94 12.39 -4.17
CA TRP M 148 -19.06 13.45 -5.15
C TRP M 148 -19.31 14.72 -4.35
N LYS M 149 -18.67 15.81 -4.75
CA LYS M 149 -18.84 17.08 -4.08
C LYS M 149 -18.98 18.15 -5.14
N ILE M 150 -20.10 18.86 -5.05
CA ILE M 150 -20.35 19.96 -5.96
C ILE M 150 -19.92 21.09 -5.08
N ASP M 151 -18.98 21.89 -5.58
CA ASP M 151 -18.39 23.01 -4.84
C ASP M 151 -17.86 22.38 -3.56
N GLY M 152 -18.38 22.77 -2.41
CA GLY M 152 -17.91 22.13 -1.20
C GLY M 152 -18.72 20.90 -0.78
N SER M 153 -20.05 21.03 -0.88
CA SER M 153 -20.99 20.01 -0.52
C SER M 153 -20.91 18.68 -1.26
N GLU M 154 -21.17 17.63 -0.50
CA GLU M 154 -21.17 16.26 -1.00
C GLU M 154 -22.54 15.96 -1.57
N ARG M 155 -22.58 15.49 -2.81
CA ARG M 155 -23.82 15.17 -3.48
C ARG M 155 -24.01 13.67 -3.46
N GLN M 156 -25.18 13.24 -3.02
CA GLN M 156 -25.49 11.82 -2.94
C GLN M 156 -26.51 11.42 -4.00
N ASN M 157 -27.37 12.35 -4.39
CA ASN M 157 -28.38 12.04 -5.40
C ASN M 157 -27.81 12.13 -6.80
N GLY M 158 -28.26 11.21 -7.66
CA GLY M 158 -27.82 11.23 -9.05
C GLY M 158 -26.56 10.46 -9.38
N VAL M 159 -26.01 9.76 -8.39
CA VAL M 159 -24.79 8.99 -8.61
C VAL M 159 -25.17 7.58 -9.04
N LEU M 160 -24.47 7.08 -10.06
CA LEU M 160 -24.72 5.77 -10.64
C LEU M 160 -23.38 5.11 -10.75
N ASN M 161 -23.12 4.08 -9.95
CA ASN M 161 -21.83 3.39 -9.98
C ASN M 161 -21.87 2.07 -10.72
N SER M 162 -20.71 1.50 -10.97
CA SER M 162 -20.67 0.21 -11.60
C SER M 162 -19.29 -0.40 -11.52
N TRP M 163 -19.21 -1.59 -10.93
CA TRP M 163 -17.95 -2.25 -10.79
C TRP M 163 -17.67 -3.20 -11.90
N THR M 164 -16.41 -3.51 -12.01
CA THR M 164 -15.90 -4.43 -13.00
C THR M 164 -15.73 -5.77 -12.24
N ASP M 165 -15.94 -6.88 -12.92
CA ASP M 165 -15.71 -8.16 -12.28
C ASP M 165 -14.18 -8.24 -12.20
N GLN M 166 -13.61 -8.99 -11.27
CA GLN M 166 -12.16 -9.07 -11.22
C GLN M 166 -11.55 -9.33 -12.63
N ASP M 167 -10.56 -8.53 -13.02
CA ASP M 167 -9.91 -8.70 -14.32
C ASP M 167 -9.15 -10.01 -14.39
N SER M 168 -9.51 -10.84 -15.36
CA SER M 168 -8.87 -12.14 -15.49
C SER M 168 -7.36 -12.13 -15.73
N LYS M 169 -6.82 -10.96 -16.09
CA LYS M 169 -5.39 -10.85 -16.36
C LYS M 169 -4.54 -10.28 -15.24
N ASP M 170 -5.02 -9.24 -14.56
CA ASP M 170 -4.25 -8.66 -13.46
C ASP M 170 -4.96 -8.65 -12.09
N SER M 171 -6.09 -9.34 -12.03
CA SER M 171 -6.87 -9.49 -10.80
C SER M 171 -7.25 -8.22 -10.11
N THR M 172 -7.48 -7.19 -10.91
CA THR M 172 -7.87 -5.90 -10.35
C THR M 172 -9.32 -5.54 -10.73
N TYR M 173 -9.93 -4.59 -10.03
CA TYR M 173 -11.27 -4.16 -10.39
C TYR M 173 -11.16 -2.71 -10.85
N SER M 174 -12.21 -2.21 -11.46
CA SER M 174 -12.24 -0.82 -11.89
C SER M 174 -13.67 -0.40 -11.63
N MET M 175 -13.85 0.90 -11.43
CA MET M 175 -15.16 1.42 -11.15
C MET M 175 -15.43 2.61 -12.07
N SER M 176 -16.70 2.98 -12.15
CA SER M 176 -17.13 4.10 -12.94
C SER M 176 -18.21 4.67 -12.09
N SER M 177 -18.12 5.96 -11.85
CA SER M 177 -19.08 6.67 -11.02
C SER M 177 -19.56 7.86 -11.85
N THR M 178 -20.88 8.06 -11.93
CA THR M 178 -21.43 9.15 -12.73
C THR M 178 -22.47 9.94 -11.98
N LEU M 179 -22.22 11.24 -11.89
CA LEU M 179 -23.12 12.16 -11.25
C LEU M 179 -23.88 12.85 -12.40
N THR M 180 -25.19 12.68 -12.49
CA THR M 180 -25.93 13.32 -13.57
C THR M 180 -26.85 14.41 -13.04
N LEU M 181 -26.69 15.61 -13.56
CA LEU M 181 -27.53 16.73 -13.17
C LEU M 181 -28.06 17.33 -14.45
N THR M 182 -28.98 18.29 -14.28
CA THR M 182 -29.54 19.02 -15.41
C THR M 182 -28.48 20.05 -15.80
N LYS M 183 -28.54 20.57 -17.03
CA LYS M 183 -27.57 21.57 -17.47
C LYS M 183 -27.61 22.81 -16.56
N ASP M 184 -28.81 23.20 -16.14
CA ASP M 184 -28.96 24.37 -15.29
C ASP M 184 -28.22 24.29 -13.97
N GLU M 185 -28.28 23.14 -13.29
CA GLU M 185 -27.59 22.98 -12.00
C GLU M 185 -26.09 22.99 -12.24
N TYR M 186 -25.65 22.24 -13.25
CA TYR M 186 -24.21 22.19 -13.56
C TYR M 186 -23.70 23.62 -13.80
N GLU M 187 -24.46 24.31 -14.64
CA GLU M 187 -24.21 25.67 -15.06
C GLU M 187 -24.01 26.63 -13.93
N ARG M 188 -24.39 26.26 -12.72
CA ARG M 188 -24.30 27.22 -11.62
C ARG M 188 -23.50 26.92 -10.37
N HIS M 189 -22.49 26.10 -10.53
CA HIS M 189 -21.60 25.70 -9.45
C HIS M 189 -20.25 25.75 -10.11
N ASN M 190 -19.17 25.46 -9.38
CA ASN M 190 -17.85 25.62 -10.01
C ASN M 190 -16.95 24.42 -10.10
N SER M 191 -16.53 23.93 -8.95
CA SER M 191 -15.68 22.78 -8.86
C SER M 191 -16.52 21.51 -8.71
N TYR M 192 -16.14 20.46 -9.45
CA TYR M 192 -16.82 19.18 -9.41
C TYR M 192 -15.80 18.15 -8.96
N THR M 193 -15.97 17.66 -7.75
CA THR M 193 -14.99 16.73 -7.20
C THR M 193 -15.47 15.29 -7.01
N CYS M 194 -14.56 14.38 -7.31
CA CYS M 194 -14.78 12.97 -7.16
C CYS M 194 -13.67 12.50 -6.27
N GLU M 195 -13.97 12.19 -5.02
CA GLU M 195 -12.93 11.73 -4.12
C GLU M 195 -13.16 10.30 -3.65
N ALA M 196 -12.14 9.46 -3.87
CA ALA M 196 -12.13 8.05 -3.53
C ALA M 196 -11.35 7.72 -2.24
N THR M 197 -11.84 6.75 -1.47
CA THR M 197 -11.16 6.30 -0.27
C THR M 197 -11.00 4.82 -0.45
N HIS M 198 -9.75 4.39 -0.53
CA HIS M 198 -9.45 2.97 -0.71
C HIS M 198 -8.48 2.50 0.38
N LYS M 199 -8.56 1.21 0.71
CA LYS M 199 -7.70 0.58 1.73
C LYS M 199 -6.23 0.93 1.56
N THR M 200 -5.79 1.12 0.31
CA THR M 200 -4.41 1.45 0.01
C THR M 200 -3.92 2.82 0.49
N SER M 201 -4.82 3.69 0.93
CA SER M 201 -4.43 5.03 1.37
C SER M 201 -5.18 5.50 2.59
N THR M 202 -4.58 6.46 3.28
CA THR M 202 -5.14 7.10 4.47
C THR M 202 -5.95 8.34 4.06
N SER M 203 -5.42 9.06 3.06
CA SER M 203 -6.04 10.25 2.52
C SER M 203 -6.83 9.88 1.26
N PRO M 204 -7.98 10.58 1.01
CA PRO M 204 -8.85 10.35 -0.16
C PRO M 204 -8.17 10.77 -1.45
N ILE M 205 -8.35 9.99 -2.51
CA ILE M 205 -7.77 10.37 -3.79
C ILE M 205 -8.80 11.38 -4.29
N VAL M 206 -8.32 12.56 -4.65
CA VAL M 206 -9.22 13.59 -5.10
C VAL M 206 -8.88 14.03 -6.51
N LYS M 207 -9.92 14.23 -7.30
CA LYS M 207 -9.76 14.72 -8.63
C LYS M 207 -10.88 15.75 -8.81
N SER M 208 -10.53 16.91 -9.35
CA SER M 208 -11.52 17.93 -9.55
C SER M 208 -11.28 18.72 -10.81
N PHE M 209 -12.19 19.65 -11.05
CA PHE M 209 -12.07 20.56 -12.18
C PHE M 209 -13.09 21.64 -11.88
N ASN M 210 -12.77 22.85 -12.31
CA ASN M 210 -13.70 23.95 -12.12
C ASN M 210 -14.22 24.12 -13.49
N ARG M 211 -15.52 24.31 -13.65
CA ARG M 211 -16.03 24.54 -14.98
C ARG M 211 -15.71 26.01 -15.20
N ASN M 212 -16.56 26.76 -15.90
CA ASN M 212 -16.31 28.19 -16.14
C ASN M 212 -15.18 28.44 -17.12
N GLU M 213 -15.49 29.31 -18.08
CA GLU M 213 -14.59 29.74 -19.16
C GLU M 213 -14.54 28.77 -20.35
N CYS M 214 -15.71 28.18 -20.64
CA CYS M 214 -15.93 27.20 -21.72
C CYS M 214 -14.88 26.06 -21.86
N ASP N 1 -11.96 -26.79 -33.53
CA ASP N 1 -12.60 -27.55 -32.41
C ASP N 1 -14.14 -27.31 -32.42
N VAL N 2 -14.87 -27.77 -31.40
CA VAL N 2 -16.30 -27.57 -31.39
C VAL N 2 -16.64 -26.11 -31.14
N LYS N 3 -17.57 -25.62 -31.94
CA LYS N 3 -18.06 -24.25 -31.91
C LYS N 3 -19.58 -24.38 -31.80
N LEU N 4 -20.20 -23.55 -30.97
CA LEU N 4 -21.63 -23.61 -30.75
C LEU N 4 -22.12 -22.19 -30.62
N VAL N 5 -22.84 -21.72 -31.65
CA VAL N 5 -23.34 -20.35 -31.69
C VAL N 5 -24.82 -20.15 -31.38
N GLU N 6 -25.13 -19.60 -30.20
CA GLU N 6 -26.49 -19.34 -29.77
C GLU N 6 -26.91 -18.09 -30.53
N SER N 7 -28.22 -17.90 -30.79
CA SER N 7 -28.64 -16.68 -31.49
C SER N 7 -30.09 -16.33 -31.74
N GLY N 8 -30.94 -16.42 -30.73
CA GLY N 8 -32.31 -15.98 -30.96
C GLY N 8 -32.26 -14.61 -30.36
N GLY N 9 -32.61 -14.55 -29.09
CA GLY N 9 -32.58 -13.36 -28.25
C GLY N 9 -32.98 -11.98 -28.68
N GLY N 10 -33.73 -11.32 -27.80
CA GLY N 10 -34.17 -9.98 -28.07
C GLY N 10 -35.20 -9.63 -27.03
N LEU N 11 -35.78 -8.43 -27.17
CA LEU N 11 -36.79 -7.96 -26.25
C LEU N 11 -38.03 -8.71 -26.69
N VAL N 12 -38.87 -9.06 -25.71
CA VAL N 12 -40.10 -9.75 -25.99
C VAL N 12 -41.05 -9.25 -24.93
N GLN N 13 -42.28 -9.00 -25.37
CA GLN N 13 -43.33 -8.54 -24.51
C GLN N 13 -43.71 -9.70 -23.58
N PRO N 14 -44.01 -9.40 -22.31
CA PRO N 14 -44.37 -10.53 -21.46
C PRO N 14 -45.59 -11.23 -22.06
N GLY N 15 -45.48 -12.54 -22.18
CA GLY N 15 -46.57 -13.33 -22.71
C GLY N 15 -46.24 -13.75 -24.13
N GLY N 16 -45.37 -12.98 -24.75
CA GLY N 16 -44.99 -13.26 -26.13
C GLY N 16 -44.07 -14.43 -26.26
N SER N 17 -43.58 -14.66 -27.46
CA SER N 17 -42.70 -15.80 -27.72
C SER N 17 -41.38 -15.48 -28.43
N ARG N 18 -40.50 -16.47 -28.44
CA ARG N 18 -39.16 -16.35 -29.04
C ARG N 18 -38.69 -17.76 -29.40
N LYS N 19 -37.81 -17.84 -30.40
CA LYS N 19 -37.27 -19.11 -30.82
C LYS N 19 -35.77 -18.93 -31.06
N LEU N 20 -35.00 -19.52 -30.15
CA LEU N 20 -33.55 -19.45 -30.16
C LEU N 20 -32.95 -20.47 -31.11
N SER N 21 -31.72 -20.21 -31.52
CA SER N 21 -30.98 -21.13 -32.38
C SER N 21 -29.58 -21.32 -31.79
N CYS N 22 -29.01 -22.49 -32.05
CA CYS N 22 -27.69 -22.83 -31.63
C CYS N 22 -27.10 -23.55 -32.82
N ALA N 23 -26.15 -22.95 -33.49
CA ALA N 23 -25.55 -23.61 -34.63
C ALA N 23 -24.34 -24.36 -34.16
N ALA N 24 -24.46 -25.68 -34.18
CA ALA N 24 -23.38 -26.56 -33.75
C ALA N 24 -22.43 -26.86 -34.92
N SER N 25 -21.13 -26.89 -34.67
CA SER N 25 -20.21 -27.26 -35.73
C SER N 25 -18.95 -27.75 -35.05
N GLY N 26 -18.11 -28.47 -35.78
CA GLY N 26 -16.91 -28.96 -35.18
C GLY N 26 -17.04 -30.37 -34.67
N PHE N 27 -18.24 -30.91 -34.73
CA PHE N 27 -18.45 -32.29 -34.29
C PHE N 27 -19.66 -32.85 -35.00
N THR N 28 -19.83 -34.18 -34.88
CA THR N 28 -20.96 -34.90 -35.48
C THR N 28 -22.20 -34.67 -34.63
N PHE N 29 -22.91 -33.61 -34.97
CA PHE N 29 -24.13 -33.18 -34.28
C PHE N 29 -25.09 -34.34 -33.97
N SER N 30 -25.37 -35.10 -35.02
CA SER N 30 -26.29 -36.22 -34.99
C SER N 30 -26.02 -37.29 -33.98
N SER N 31 -24.84 -37.31 -33.38
CA SER N 31 -24.54 -38.33 -32.38
C SER N 31 -24.58 -37.86 -30.94
N PHE N 32 -25.07 -36.66 -30.69
CA PHE N 32 -25.03 -36.18 -29.33
C PHE N 32 -26.35 -35.63 -28.85
N GLY N 33 -26.56 -35.69 -27.54
CA GLY N 33 -27.75 -35.13 -26.95
C GLY N 33 -27.38 -33.67 -26.75
N MET N 34 -28.34 -32.77 -26.59
CA MET N 34 -27.99 -31.38 -26.40
C MET N 34 -28.79 -30.81 -25.28
N HIS N 35 -28.28 -29.71 -24.70
CA HIS N 35 -28.96 -29.05 -23.60
C HIS N 35 -29.13 -27.59 -23.83
N TRP N 36 -30.04 -27.02 -23.06
CA TRP N 36 -30.28 -25.63 -23.04
C TRP N 36 -30.18 -25.35 -21.58
N VAL N 37 -29.31 -24.39 -21.27
CA VAL N 37 -29.02 -23.92 -19.92
C VAL N 37 -29.25 -22.41 -20.04
N ARG N 38 -29.69 -21.78 -18.97
CA ARG N 38 -29.93 -20.33 -18.97
C ARG N 38 -29.37 -19.79 -17.68
N GLN N 39 -29.16 -18.47 -17.64
CA GLN N 39 -28.66 -17.81 -16.45
C GLN N 39 -29.27 -16.44 -16.25
N ALA N 40 -30.10 -16.30 -15.22
CA ALA N 40 -30.76 -15.05 -14.89
C ALA N 40 -29.68 -14.12 -14.40
N PRO N 41 -29.89 -12.80 -14.54
CA PRO N 41 -28.97 -11.74 -14.13
C PRO N 41 -28.16 -11.95 -12.84
N GLU N 42 -28.78 -11.81 -11.70
CA GLU N 42 -28.01 -11.99 -10.49
C GLU N 42 -28.15 -13.42 -9.94
N LYS N 43 -28.36 -14.37 -10.83
CA LYS N 43 -28.55 -15.78 -10.46
C LYS N 43 -27.58 -16.68 -11.17
N GLY N 44 -27.45 -17.91 -10.69
CA GLY N 44 -26.52 -18.84 -11.33
C GLY N 44 -27.15 -19.68 -12.45
N LEU N 45 -26.33 -20.46 -13.16
CA LEU N 45 -26.79 -21.34 -14.24
C LEU N 45 -27.98 -22.19 -13.81
N GLU N 46 -28.85 -22.48 -14.75
CA GLU N 46 -30.03 -23.29 -14.49
C GLU N 46 -30.25 -24.12 -15.73
N TRP N 47 -30.45 -25.41 -15.52
CA TRP N 47 -30.68 -26.30 -16.64
C TRP N 47 -32.09 -26.07 -17.18
N VAL N 48 -32.22 -26.14 -18.50
CA VAL N 48 -33.50 -25.90 -19.12
C VAL N 48 -34.19 -27.11 -19.78
N ALA N 49 -33.49 -27.76 -20.70
CA ALA N 49 -34.09 -28.85 -21.46
C ALA N 49 -33.03 -29.73 -22.15
N TYR N 50 -33.39 -30.99 -22.38
CA TYR N 50 -32.48 -31.91 -23.01
C TYR N 50 -33.17 -32.61 -24.17
N ILE N 51 -32.45 -32.90 -25.24
CA ILE N 51 -33.02 -33.59 -26.38
C ILE N 51 -31.98 -34.57 -26.94
N SER N 52 -32.37 -35.84 -27.06
CA SER N 52 -31.47 -36.88 -27.57
C SER N 52 -31.21 -36.59 -29.04
N SER N 53 -30.19 -37.19 -29.64
CA SER N 53 -29.92 -36.93 -31.05
C SER N 53 -31.07 -37.42 -31.91
N GLY N 54 -31.82 -38.37 -31.37
CA GLY N 54 -32.94 -38.91 -32.09
C GLY N 54 -34.20 -38.14 -31.81
N SER N 55 -34.11 -37.15 -30.94
CA SER N 55 -35.26 -36.32 -30.55
C SER N 55 -36.34 -37.22 -29.97
N SER N 56 -35.94 -38.43 -29.59
CA SER N 56 -36.83 -39.42 -29.00
C SER N 56 -36.98 -39.21 -27.52
N THR N 57 -35.99 -38.61 -26.90
CA THR N 57 -36.05 -38.28 -25.47
C THR N 57 -35.91 -36.77 -25.33
N ILE N 58 -36.78 -36.22 -24.50
CA ILE N 58 -36.82 -34.80 -24.31
C ILE N 58 -37.13 -34.51 -22.88
N TYR N 59 -36.28 -33.74 -22.20
CA TYR N 59 -36.49 -33.37 -20.80
C TYR N 59 -36.66 -31.88 -20.74
N TYR N 60 -37.48 -31.41 -19.80
CA TYR N 60 -37.76 -29.99 -19.58
C TYR N 60 -37.73 -29.70 -18.10
N ALA N 61 -37.19 -28.55 -17.74
CA ALA N 61 -37.12 -28.12 -16.36
C ALA N 61 -38.57 -27.88 -15.96
N ASP N 62 -38.91 -28.05 -14.69
CA ASP N 62 -40.29 -27.81 -14.25
C ASP N 62 -40.70 -26.38 -14.58
N THR N 63 -39.72 -25.49 -14.48
CA THR N 63 -39.92 -24.08 -14.76
C THR N 63 -40.41 -23.80 -16.20
N VAL N 64 -39.84 -24.45 -17.20
CA VAL N 64 -40.23 -24.18 -18.58
C VAL N 64 -41.08 -25.30 -19.14
N LYS N 65 -41.39 -26.27 -18.30
CA LYS N 65 -42.18 -27.40 -18.76
C LYS N 65 -43.50 -26.90 -19.25
N GLY N 66 -43.77 -27.15 -20.53
CA GLY N 66 -45.05 -26.73 -21.07
C GLY N 66 -45.11 -25.39 -21.79
N ARG N 67 -44.03 -24.58 -21.70
CA ARG N 67 -43.97 -23.29 -22.38
C ARG N 67 -42.81 -23.26 -23.36
N PHE N 68 -41.85 -24.15 -23.17
CA PHE N 68 -40.69 -24.21 -24.04
C PHE N 68 -40.71 -25.57 -24.75
N THR N 69 -40.21 -25.60 -25.97
CA THR N 69 -40.18 -26.82 -26.78
C THR N 69 -38.81 -26.94 -27.41
N ILE N 70 -38.07 -27.98 -27.00
CA ILE N 70 -36.75 -28.17 -27.57
C ILE N 70 -36.88 -28.99 -28.84
N SER N 71 -36.02 -28.67 -29.80
CA SER N 71 -36.03 -29.35 -31.09
C SER N 71 -34.62 -29.22 -31.71
N ARG N 72 -34.37 -29.91 -32.81
CA ARG N 72 -33.06 -29.85 -33.47
C ARG N 72 -33.23 -30.25 -34.93
N ASP N 73 -32.36 -29.78 -35.81
CA ASP N 73 -32.46 -30.13 -37.23
C ASP N 73 -31.13 -30.76 -37.58
N ASN N 74 -31.05 -32.06 -37.51
CA ASN N 74 -29.78 -32.74 -37.72
C ASN N 74 -28.96 -32.48 -38.98
N PRO N 75 -29.60 -32.39 -40.16
CA PRO N 75 -28.81 -32.13 -41.40
C PRO N 75 -28.44 -30.67 -41.57
N LYS N 76 -28.96 -29.87 -40.65
CA LYS N 76 -28.79 -28.44 -40.65
C LYS N 76 -28.01 -28.03 -39.41
N ASN N 77 -27.47 -29.01 -38.70
CA ASN N 77 -26.66 -28.80 -37.46
C ASN N 77 -27.15 -27.77 -36.45
N THR N 78 -28.46 -27.69 -36.28
CA THR N 78 -29.03 -26.71 -35.40
C THR N 78 -29.90 -27.28 -34.27
N LEU N 79 -29.96 -26.55 -33.18
CA LEU N 79 -30.78 -26.88 -32.02
C LEU N 79 -31.65 -25.63 -31.91
N PHE N 80 -32.88 -25.79 -31.45
CA PHE N 80 -33.80 -24.70 -31.28
C PHE N 80 -34.44 -24.80 -29.93
N LEU N 81 -35.01 -23.69 -29.49
CA LEU N 81 -35.69 -23.64 -28.22
C LEU N 81 -36.79 -22.62 -28.45
N GLN N 82 -38.01 -23.14 -28.57
CA GLN N 82 -39.18 -22.32 -28.80
C GLN N 82 -39.74 -21.89 -27.48
N MET N 83 -39.58 -20.62 -27.19
CA MET N 83 -40.10 -20.04 -25.97
C MET N 83 -41.53 -19.59 -26.25
N THR N 84 -42.35 -19.51 -25.20
CA THR N 84 -43.76 -19.15 -25.30
C THR N 84 -44.22 -18.79 -23.92
N SER N 85 -45.25 -17.96 -23.84
CA SER N 85 -45.82 -17.53 -22.54
C SER N 85 -44.69 -16.99 -21.70
N LEU N 86 -43.86 -16.19 -22.35
CA LEU N 86 -42.69 -15.63 -21.72
C LEU N 86 -42.98 -14.73 -20.55
N ARG N 87 -42.60 -15.20 -19.37
CA ARG N 87 -42.78 -14.40 -18.18
C ARG N 87 -41.44 -13.71 -17.97
N SER N 88 -41.39 -12.77 -17.05
CA SER N 88 -40.18 -12.03 -16.78
C SER N 88 -39.08 -12.95 -16.28
N GLU N 89 -39.46 -13.99 -15.51
CA GLU N 89 -38.52 -14.96 -14.94
C GLU N 89 -37.71 -15.65 -16.02
N ASP N 90 -38.15 -15.51 -17.26
CA ASP N 90 -37.47 -16.14 -18.38
C ASP N 90 -36.37 -15.26 -18.93
N THR N 91 -36.29 -14.02 -18.44
CA THR N 91 -35.27 -13.07 -18.87
C THR N 91 -33.94 -13.63 -18.38
N ALA N 92 -33.06 -13.98 -19.32
CA ALA N 92 -31.78 -14.53 -18.95
C ALA N 92 -30.93 -14.76 -20.18
N MET N 93 -29.69 -15.17 -19.96
CA MET N 93 -28.80 -15.46 -21.07
C MET N 93 -28.95 -16.96 -21.38
N TYR N 94 -29.23 -17.27 -22.64
CA TYR N 94 -29.45 -18.64 -23.02
C TYR N 94 -28.25 -19.26 -23.71
N TYR N 95 -27.79 -20.39 -23.19
CA TYR N 95 -26.63 -21.09 -23.76
C TYR N 95 -27.00 -22.52 -24.10
N CYS N 96 -26.62 -22.94 -25.30
CA CYS N 96 -26.85 -24.31 -25.71
C CYS N 96 -25.54 -25.02 -25.33
N ALA N 97 -25.58 -26.34 -25.12
CA ALA N 97 -24.41 -27.10 -24.69
C ALA N 97 -24.48 -28.51 -25.24
N ARG N 98 -23.33 -29.10 -25.55
CA ARG N 98 -23.31 -30.47 -26.04
C ARG N 98 -23.69 -31.32 -24.85
N GLY N 99 -24.20 -32.52 -25.06
CA GLY N 99 -24.62 -33.37 -23.94
C GLY N 99 -23.62 -33.60 -22.81
N ASP N 100 -22.33 -33.61 -23.16
CA ASP N 100 -21.29 -33.85 -22.20
C ASP N 100 -20.64 -32.56 -21.75
N TYR N 101 -21.27 -31.43 -22.06
CA TYR N 101 -20.76 -30.09 -21.71
C TYR N 101 -19.34 -29.82 -22.13
N TYR N 102 -18.95 -30.33 -23.28
CA TYR N 102 -17.61 -30.11 -23.79
C TYR N 102 -17.43 -28.61 -23.93
N GLY N 103 -16.30 -28.12 -23.44
CA GLY N 103 -16.00 -26.70 -23.52
C GLY N 103 -15.90 -26.35 -24.99
N SER N 104 -16.84 -25.53 -25.45
CA SER N 104 -16.91 -25.15 -26.84
C SER N 104 -16.55 -23.71 -27.14
N ARG N 105 -15.96 -23.49 -28.31
CA ARG N 105 -15.63 -22.15 -28.72
C ARG N 105 -16.96 -21.52 -29.14
N GLY N 106 -17.10 -20.21 -28.93
CA GLY N 106 -18.33 -19.53 -29.31
C GLY N 106 -18.24 -18.71 -30.60
N ALA N 107 -18.96 -17.59 -30.61
CA ALA N 107 -18.95 -16.71 -31.76
C ALA N 107 -17.92 -15.62 -31.54
N TYR N 108 -17.54 -14.94 -32.61
CA TYR N 108 -16.57 -13.85 -32.51
C TYR N 108 -17.08 -12.80 -31.52
N TRP N 109 -18.40 -12.68 -31.43
CA TRP N 109 -19.01 -11.72 -30.53
C TRP N 109 -19.05 -12.14 -29.09
N GLY N 110 -19.15 -13.45 -28.85
CA GLY N 110 -19.22 -13.93 -27.48
C GLY N 110 -19.90 -15.27 -27.30
N GLN N 111 -20.54 -15.44 -26.16
CA GLN N 111 -21.19 -16.70 -25.80
C GLN N 111 -22.60 -16.48 -25.23
N GLY N 112 -23.56 -17.28 -25.67
CA GLY N 112 -24.93 -17.21 -25.19
C GLY N 112 -25.81 -16.30 -26.00
N THR N 113 -27.00 -16.00 -25.47
CA THR N 113 -27.90 -15.09 -26.14
C THR N 113 -28.97 -14.62 -25.17
N LEU N 114 -28.95 -13.32 -24.95
CA LEU N 114 -29.84 -12.65 -24.00
C LEU N 114 -31.23 -12.38 -24.52
N VAL N 115 -32.23 -12.65 -23.69
CA VAL N 115 -33.58 -12.34 -24.09
C VAL N 115 -34.16 -11.69 -22.83
N THR N 116 -34.73 -10.51 -23.07
CA THR N 116 -35.33 -9.69 -22.04
C THR N 116 -36.82 -9.75 -22.32
N VAL N 117 -37.63 -9.92 -21.28
CA VAL N 117 -39.07 -9.97 -21.43
C VAL N 117 -39.53 -8.68 -20.74
N SER N 118 -39.84 -7.65 -21.54
CA SER N 118 -40.20 -6.35 -20.99
C SER N 118 -40.93 -5.35 -21.93
N ALA N 119 -40.76 -4.05 -21.64
CA ALA N 119 -41.37 -2.92 -22.34
C ALA N 119 -40.74 -2.29 -23.61
N LYS N 120 -40.22 -1.06 -23.53
CA LYS N 120 -39.75 -0.35 -24.74
C LYS N 120 -38.31 -0.11 -25.18
N THR N 121 -38.04 -0.36 -26.46
CA THR N 121 -36.70 -0.14 -26.98
C THR N 121 -36.42 1.35 -26.96
N THR N 122 -35.16 1.72 -26.79
CA THR N 122 -34.76 3.11 -26.75
C THR N 122 -33.32 3.14 -27.19
N ALA N 123 -32.98 4.09 -28.07
CA ALA N 123 -31.63 4.19 -28.58
C ALA N 123 -30.77 4.95 -27.58
N PRO N 124 -29.50 4.54 -27.44
CA PRO N 124 -28.63 5.20 -26.49
C PRO N 124 -28.21 6.49 -27.09
N SER N 125 -27.52 7.26 -26.27
CA SER N 125 -26.92 8.51 -26.69
C SER N 125 -25.48 8.29 -26.29
N VAL N 126 -24.61 8.24 -27.29
CA VAL N 126 -23.19 8.05 -27.09
C VAL N 126 -22.51 9.42 -26.95
N TYR N 127 -21.80 9.60 -25.85
CA TYR N 127 -21.08 10.84 -25.62
C TYR N 127 -19.58 10.55 -25.43
N PRO N 128 -18.73 11.41 -25.99
CA PRO N 128 -17.28 11.24 -25.86
C PRO N 128 -16.74 11.93 -24.60
N LEU N 129 -15.93 11.23 -23.82
CA LEU N 129 -15.34 11.80 -22.61
C LEU N 129 -13.88 12.12 -22.89
N ALA N 130 -13.55 13.38 -23.04
CA ALA N 130 -12.17 13.74 -23.32
C ALA N 130 -11.64 14.28 -22.03
N PRO N 131 -10.32 14.35 -21.88
CA PRO N 131 -9.73 14.87 -20.66
C PRO N 131 -9.99 16.31 -20.21
N VAL N 132 -9.10 17.24 -20.59
CA VAL N 132 -9.09 18.67 -20.17
C VAL N 132 -8.58 18.59 -18.77
N CYS N 133 -9.18 17.65 -18.05
CA CYS N 133 -8.84 17.24 -16.71
C CYS N 133 -8.62 15.71 -16.89
N GLY N 134 -9.61 15.00 -17.46
CA GLY N 134 -9.56 13.55 -17.73
C GLY N 134 -8.27 12.85 -17.32
N ASP N 135 -8.03 13.00 -16.02
CA ASP N 135 -6.86 12.60 -15.26
C ASP N 135 -5.89 11.43 -15.52
N THR N 136 -5.51 11.32 -16.80
CA THR N 136 -4.53 10.36 -17.30
C THR N 136 -4.34 9.03 -16.54
N THR N 137 -3.13 8.82 -16.05
CA THR N 137 -2.71 7.63 -15.28
C THR N 137 -1.27 7.97 -14.83
N GLY N 138 -0.56 8.64 -15.73
CA GLY N 138 0.82 9.05 -15.51
C GLY N 138 1.16 9.63 -16.87
N SER N 139 2.19 9.10 -17.53
CA SER N 139 2.54 9.58 -18.86
C SER N 139 1.58 8.89 -19.83
N SER N 140 0.49 8.40 -19.28
CA SER N 140 -0.55 7.69 -20.00
C SER N 140 -1.83 8.50 -19.80
N VAL N 141 -2.56 8.74 -20.89
CA VAL N 141 -3.81 9.48 -20.86
C VAL N 141 -5.00 8.55 -21.02
N THR N 142 -6.07 8.75 -20.23
CA THR N 142 -7.25 7.91 -20.37
C THR N 142 -8.39 8.71 -20.97
N LEU N 143 -9.15 8.06 -21.83
CA LEU N 143 -10.30 8.70 -22.46
C LEU N 143 -11.51 7.82 -22.15
N GLY N 144 -12.71 8.35 -22.37
CA GLY N 144 -13.90 7.60 -22.10
C GLY N 144 -14.99 7.75 -23.15
N CYS N 145 -16.06 6.99 -22.95
CA CYS N 145 -17.21 7.04 -23.83
C CYS N 145 -18.35 6.65 -22.92
N LEU N 146 -19.45 7.40 -22.99
CA LEU N 146 -20.63 7.18 -22.17
C LEU N 146 -21.81 6.89 -23.07
N VAL N 147 -22.39 5.73 -22.88
CA VAL N 147 -23.55 5.27 -23.65
C VAL N 147 -24.68 5.35 -22.65
N LYS N 148 -25.55 6.34 -22.75
CA LYS N 148 -26.61 6.39 -21.76
C LYS N 148 -27.99 6.40 -22.34
N GLY N 149 -28.94 6.03 -21.50
CA GLY N 149 -30.34 5.99 -21.87
C GLY N 149 -30.76 5.00 -22.93
N TYR N 150 -30.47 3.72 -22.78
CA TYR N 150 -30.89 2.76 -23.80
C TYR N 150 -31.64 1.59 -23.24
N PHE N 151 -32.35 0.90 -24.13
CA PHE N 151 -33.09 -0.31 -23.77
C PHE N 151 -33.47 -1.07 -25.03
N PRO N 152 -33.35 -2.40 -25.00
CA PRO N 152 -32.88 -3.21 -23.86
C PRO N 152 -31.38 -3.50 -24.06
N GLU N 153 -30.79 -4.35 -23.21
CA GLU N 153 -29.38 -4.72 -23.39
C GLU N 153 -29.41 -5.74 -24.52
N PRO N 154 -28.29 -5.96 -25.20
CA PRO N 154 -26.96 -5.38 -25.06
C PRO N 154 -26.57 -4.29 -26.07
N VAL N 155 -25.44 -3.67 -25.79
CA VAL N 155 -24.88 -2.65 -26.63
C VAL N 155 -23.45 -3.15 -26.85
N THR N 156 -22.94 -3.00 -28.06
CA THR N 156 -21.60 -3.43 -28.37
C THR N 156 -20.77 -2.18 -28.45
N LEU N 157 -19.65 -2.18 -27.75
CA LEU N 157 -18.79 -1.01 -27.77
C LEU N 157 -17.36 -1.46 -28.01
N THR N 158 -16.68 -0.80 -28.95
CA THR N 158 -15.28 -1.11 -29.27
C THR N 158 -14.57 0.21 -29.44
N TRP N 159 -13.25 0.16 -29.51
CA TRP N 159 -12.47 1.36 -29.69
C TRP N 159 -11.70 1.11 -30.96
N ASN N 160 -11.79 2.05 -31.88
CA ASN N 160 -11.08 1.92 -33.13
C ASN N 160 -11.38 0.56 -33.76
N SER N 161 -12.68 0.31 -33.90
CA SER N 161 -13.22 -0.90 -34.48
C SER N 161 -12.57 -2.19 -34.01
N GLY N 162 -12.21 -2.24 -32.75
CA GLY N 162 -11.61 -3.46 -32.24
C GLY N 162 -10.10 -3.45 -32.25
N SER N 163 -9.47 -2.54 -32.97
CA SER N 163 -8.01 -2.47 -32.98
C SER N 163 -7.46 -2.18 -31.60
N LEU N 164 -8.10 -1.26 -30.91
CA LEU N 164 -7.66 -0.88 -29.58
C LEU N 164 -8.37 -1.79 -28.59
N SER N 165 -7.60 -2.73 -28.06
CA SER N 165 -8.11 -3.73 -27.14
C SER N 165 -7.44 -3.76 -25.77
N SER N 166 -6.20 -3.29 -25.70
CA SER N 166 -5.48 -3.28 -24.42
C SER N 166 -5.79 -2.01 -23.65
N GLY N 167 -5.97 -2.15 -22.33
CA GLY N 167 -6.24 -0.99 -21.51
C GLY N 167 -7.67 -0.45 -21.46
N VAL N 168 -8.61 -1.20 -22.03
CA VAL N 168 -10.00 -0.76 -22.03
C VAL N 168 -10.81 -1.51 -20.99
N HIS N 169 -11.68 -0.77 -20.32
CA HIS N 169 -12.58 -1.33 -19.31
C HIS N 169 -13.97 -0.85 -19.72
N THR N 170 -14.88 -1.79 -19.90
CA THR N 170 -16.24 -1.46 -20.24
C THR N 170 -17.04 -1.85 -19.02
N PHE N 171 -17.48 -0.87 -18.26
CA PHE N 171 -18.19 -1.18 -17.06
C PHE N 171 -19.58 -1.69 -17.42
N PRO N 172 -20.05 -2.76 -16.76
CA PRO N 172 -21.36 -3.34 -17.00
C PRO N 172 -22.50 -2.32 -16.96
N ALA N 173 -23.51 -2.51 -17.81
CA ALA N 173 -24.63 -1.57 -17.86
C ALA N 173 -25.36 -1.56 -16.53
N VAL N 174 -25.87 -0.41 -16.15
CA VAL N 174 -26.64 -0.30 -14.92
C VAL N 174 -28.00 0.30 -15.28
N LEU N 175 -29.07 -0.44 -14.96
CA LEU N 175 -30.44 -0.03 -15.22
C LEU N 175 -30.97 0.92 -14.16
N GLN N 176 -31.22 2.15 -14.55
CA GLN N 176 -31.77 3.17 -13.65
C GLN N 176 -33.07 3.57 -14.35
N SER N 177 -34.18 3.49 -13.60
CA SER N 177 -35.53 3.77 -14.13
C SER N 177 -35.75 2.53 -14.98
N ASP N 178 -35.87 2.69 -16.30
CA ASP N 178 -36.03 1.54 -17.16
C ASP N 178 -35.14 1.73 -18.39
N LEU N 179 -33.98 2.30 -18.10
CA LEU N 179 -32.98 2.57 -19.11
C LEU N 179 -31.58 2.20 -18.60
N TYR N 180 -30.70 1.85 -19.51
CA TYR N 180 -29.33 1.48 -19.20
C TYR N 180 -28.32 2.55 -19.63
N THR N 181 -27.22 2.60 -18.88
CA THR N 181 -26.14 3.49 -19.16
C THR N 181 -24.92 2.61 -19.03
N LEU N 182 -23.97 2.83 -19.91
CA LEU N 182 -22.77 2.07 -19.91
C LEU N 182 -21.65 3.05 -20.27
N SER N 183 -20.41 2.67 -19.98
CA SER N 183 -19.29 3.53 -20.25
C SER N 183 -18.04 2.70 -20.39
N SER N 184 -17.12 3.20 -21.18
CA SER N 184 -15.88 2.49 -21.37
C SER N 184 -14.76 3.52 -21.28
N SER N 185 -13.70 3.14 -20.58
CA SER N 185 -12.54 4.00 -20.45
C SER N 185 -11.47 3.27 -21.23
N VAL N 186 -10.56 4.01 -21.89
CA VAL N 186 -9.42 3.42 -22.60
C VAL N 186 -8.14 4.19 -22.20
N THR N 187 -7.06 3.47 -21.94
CA THR N 187 -5.80 4.14 -21.56
C THR N 187 -4.75 3.96 -22.63
N VAL N 188 -4.35 5.05 -23.24
CA VAL N 188 -3.36 5.00 -24.28
C VAL N 188 -2.15 5.79 -23.77
N THR N 189 -1.07 5.80 -24.54
CA THR N 189 0.11 6.52 -24.12
C THR N 189 -0.11 7.98 -24.47
N SER N 190 0.50 8.85 -23.68
CA SER N 190 0.42 10.28 -23.89
C SER N 190 0.83 10.61 -25.31
N SER N 191 1.62 9.73 -25.91
CA SER N 191 2.13 9.89 -27.28
C SER N 191 1.09 9.51 -28.36
N THR N 192 0.18 8.59 -28.04
CA THR N 192 -0.84 8.16 -28.98
C THR N 192 -1.88 9.24 -29.26
N TRP N 193 -2.54 9.72 -28.21
CA TRP N 193 -3.59 10.73 -28.36
C TRP N 193 -3.02 12.10 -28.02
N PRO N 194 -3.47 13.16 -28.73
CA PRO N 194 -4.45 13.23 -29.83
C PRO N 194 -3.98 12.81 -31.22
N SER N 195 -2.68 12.57 -31.38
CA SER N 195 -2.13 12.17 -32.68
C SER N 195 -2.94 11.07 -33.38
N GLN N 196 -2.82 9.83 -32.91
CA GLN N 196 -3.59 8.74 -33.51
C GLN N 196 -5.04 8.95 -33.10
N SER N 197 -5.93 8.91 -34.08
CA SER N 197 -7.36 9.08 -33.83
C SER N 197 -7.95 7.90 -33.04
N ILE N 198 -8.63 8.22 -31.95
CA ILE N 198 -9.28 7.20 -31.14
C ILE N 198 -10.76 7.49 -31.24
N THR N 199 -11.51 6.45 -31.57
CA THR N 199 -12.93 6.55 -31.76
C THR N 199 -13.60 5.54 -30.89
N CYS N 200 -14.84 5.84 -30.54
CA CYS N 200 -15.65 4.97 -29.74
C CYS N 200 -16.68 4.45 -30.72
N ASN N 201 -16.82 3.14 -30.80
CA ASN N 201 -17.78 2.54 -31.71
C ASN N 201 -18.84 1.89 -30.85
N VAL N 202 -20.08 2.33 -31.03
CA VAL N 202 -21.22 1.77 -30.28
C VAL N 202 -22.28 1.25 -31.24
N ALA N 203 -22.87 0.11 -30.87
CA ALA N 203 -23.90 -0.54 -31.68
C ALA N 203 -24.96 -1.12 -30.76
N HIS N 204 -26.17 -0.62 -30.91
CA HIS N 204 -27.31 -1.12 -30.13
C HIS N 204 -28.22 -1.82 -31.14
N PRO N 205 -27.88 -3.09 -31.50
CA PRO N 205 -28.63 -3.92 -32.45
C PRO N 205 -30.14 -3.77 -32.28
N ALA N 206 -30.61 -3.87 -31.03
CA ALA N 206 -32.03 -3.78 -30.69
C ALA N 206 -32.77 -2.58 -31.26
N SER N 207 -32.05 -1.64 -31.86
CA SER N 207 -32.69 -0.45 -32.42
C SER N 207 -31.99 -0.03 -33.72
N SER N 208 -31.05 -0.84 -34.17
CA SER N 208 -30.31 -0.57 -35.39
C SER N 208 -29.54 0.73 -35.27
N THR N 209 -29.07 1.00 -34.07
CA THR N 209 -28.28 2.19 -33.80
C THR N 209 -26.81 1.77 -33.99
N LYS N 210 -26.03 2.63 -34.60
CA LYS N 210 -24.62 2.32 -34.74
C LYS N 210 -23.96 3.67 -34.88
N VAL N 211 -23.26 4.08 -33.82
CA VAL N 211 -22.57 5.37 -33.82
C VAL N 211 -21.09 5.26 -33.55
N ASP N 212 -20.34 6.11 -34.21
CA ASP N 212 -18.91 6.15 -34.01
C ASP N 212 -18.67 7.56 -33.50
N LYS N 213 -17.99 7.67 -32.36
CA LYS N 213 -17.70 8.96 -31.74
C LYS N 213 -16.21 9.15 -31.51
N LYS N 214 -15.59 10.10 -32.22
CA LYS N 214 -14.15 10.35 -32.09
C LYS N 214 -13.91 11.25 -30.90
N ILE N 215 -12.99 10.84 -30.04
CA ILE N 215 -12.67 11.65 -28.87
C ILE N 215 -11.65 12.67 -29.33
N GLU N 216 -11.97 13.93 -29.08
CA GLU N 216 -11.10 15.03 -29.46
C GLU N 216 -10.77 15.89 -28.27
N PRO N 217 -9.56 16.47 -28.26
CA PRO N 217 -9.08 17.33 -27.19
C PRO N 217 -10.01 18.39 -26.68
N ARG N 218 -9.91 18.56 -25.37
CA ARG N 218 -10.63 19.48 -24.49
C ARG N 218 -11.06 18.58 -23.34
N GLY N 219 -12.29 18.72 -22.82
CA GLY N 219 -12.71 17.85 -21.73
C GLY N 219 -14.19 17.53 -21.57
N GLN O 1 -22.99 11.91 -64.60
CA GLN O 1 -24.42 11.51 -64.73
C GLN O 1 -24.87 11.56 -66.20
N ILE O 2 -23.89 11.33 -67.07
CA ILE O 2 -24.07 11.28 -68.51
C ILE O 2 -24.42 9.81 -68.71
N GLN O 3 -25.34 9.52 -69.61
CA GLN O 3 -25.71 8.12 -69.78
C GLN O 3 -24.91 7.53 -70.93
N MET O 4 -24.30 6.37 -70.66
CA MET O 4 -23.50 5.65 -71.66
C MET O 4 -24.29 4.49 -72.25
N THR O 5 -24.46 4.46 -73.55
CA THR O 5 -25.22 3.40 -74.16
C THR O 5 -24.23 2.46 -74.82
N GLN O 6 -24.31 1.18 -74.45
CA GLN O 6 -23.42 0.14 -74.97
C GLN O 6 -24.16 -0.86 -75.82
N SER O 7 -23.53 -1.26 -76.91
CA SER O 7 -24.10 -2.23 -77.82
C SER O 7 -22.95 -3.01 -78.42
N PRO O 8 -23.13 -4.34 -78.64
CA PRO O 8 -24.35 -5.09 -78.34
C PRO O 8 -24.39 -5.54 -76.88
N SER O 9 -25.57 -5.90 -76.37
CA SER O 9 -25.70 -6.36 -75.01
C SER O 9 -24.99 -7.68 -74.82
N SER O 10 -24.96 -8.49 -75.88
CA SER O 10 -24.28 -9.77 -75.80
C SER O 10 -23.96 -10.23 -77.20
N LEU O 11 -23.09 -11.23 -77.34
CA LEU O 11 -22.72 -11.75 -78.64
C LEU O 11 -21.89 -13.02 -78.52
N SER O 12 -21.98 -13.88 -79.52
CA SER O 12 -21.20 -15.11 -79.59
C SER O 12 -20.32 -14.87 -80.79
N ALA O 13 -19.04 -15.13 -80.63
CA ALA O 13 -18.11 -14.95 -81.71
C ALA O 13 -17.11 -16.07 -81.65
N SER O 14 -16.77 -16.58 -82.83
CA SER O 14 -15.80 -17.64 -82.95
C SER O 14 -14.45 -16.98 -82.76
N LEU O 15 -13.53 -17.69 -82.10
CA LEU O 15 -12.17 -17.18 -81.87
C LEU O 15 -11.58 -16.77 -83.22
N GLY O 16 -10.78 -15.73 -83.23
CA GLY O 16 -10.20 -15.28 -84.48
C GLY O 16 -11.09 -14.26 -85.15
N GLU O 17 -12.31 -14.11 -84.65
CA GLU O 17 -13.21 -13.13 -85.24
C GLU O 17 -12.93 -11.78 -84.64
N ARG O 18 -13.26 -10.73 -85.41
CA ARG O 18 -13.14 -9.32 -85.02
C ARG O 18 -14.45 -9.01 -84.26
N VAL O 19 -14.33 -8.21 -83.21
CA VAL O 19 -15.48 -7.86 -82.42
C VAL O 19 -15.36 -6.35 -82.29
N SER O 20 -16.50 -5.64 -82.28
CA SER O 20 -16.48 -4.19 -82.09
C SER O 20 -17.62 -3.78 -81.17
N LEU O 21 -17.27 -3.40 -79.94
CA LEU O 21 -18.28 -2.95 -78.99
C LEU O 21 -18.31 -1.41 -79.15
N THR O 22 -19.51 -0.80 -79.01
CA THR O 22 -19.65 0.63 -79.21
C THR O 22 -20.31 1.23 -78.01
N CYS O 23 -19.87 2.44 -77.64
CA CYS O 23 -20.40 3.20 -76.52
C CYS O 23 -20.66 4.63 -76.94
N ARG O 24 -21.83 5.12 -76.54
CA ARG O 24 -22.28 6.47 -76.85
C ARG O 24 -22.72 7.21 -75.59
N ALA O 25 -22.20 8.42 -75.42
CA ALA O 25 -22.52 9.25 -74.25
C ALA O 25 -23.71 10.17 -74.50
N SER O 26 -24.47 10.48 -73.44
CA SER O 26 -25.61 11.34 -73.56
C SER O 26 -25.22 12.80 -73.81
N GLN O 27 -23.98 13.15 -73.52
CA GLN O 27 -23.50 14.51 -73.75
C GLN O 27 -22.00 14.36 -73.88
N GLU O 28 -21.34 15.35 -74.47
CA GLU O 28 -19.90 15.29 -74.69
C GLU O 28 -19.04 14.89 -73.48
N ILE O 29 -18.02 14.08 -73.75
CA ILE O 29 -17.13 13.64 -72.70
C ILE O 29 -15.66 13.82 -73.09
N SER O 30 -15.41 14.41 -74.27
CA SER O 30 -14.04 14.68 -74.70
C SER O 30 -13.03 13.52 -74.67
N GLY O 31 -13.50 12.30 -74.92
CA GLY O 31 -12.59 11.15 -74.91
C GLY O 31 -12.29 10.55 -73.56
N TYR O 32 -12.83 11.11 -72.50
CA TYR O 32 -12.61 10.55 -71.16
C TYR O 32 -13.49 9.31 -70.98
N LEU O 33 -13.12 8.26 -71.69
CA LEU O 33 -13.83 7.00 -71.73
C LEU O 33 -12.81 5.85 -71.63
N SER O 34 -13.08 4.90 -70.74
CA SER O 34 -12.23 3.73 -70.57
C SER O 34 -13.06 2.51 -70.84
N TRP O 35 -12.36 1.45 -71.24
CA TRP O 35 -12.97 0.16 -71.56
C TRP O 35 -12.34 -0.78 -70.58
N LEU O 36 -13.17 -1.46 -69.82
CA LEU O 36 -12.71 -2.44 -68.85
C LEU O 36 -13.27 -3.83 -69.23
N GLN O 37 -12.64 -4.89 -68.73
CA GLN O 37 -13.11 -6.23 -68.99
C GLN O 37 -13.20 -6.87 -67.65
N GLN O 38 -14.41 -7.31 -67.29
CA GLN O 38 -14.62 -8.02 -66.01
C GLN O 38 -14.47 -9.51 -66.22
N LYS O 39 -13.30 -10.02 -65.83
CA LYS O 39 -12.94 -11.43 -65.95
C LYS O 39 -13.93 -12.32 -65.20
N PRO O 40 -14.09 -13.55 -65.67
CA PRO O 40 -15.02 -14.49 -65.03
C PRO O 40 -14.88 -14.62 -63.52
N ASP O 41 -13.72 -14.26 -62.95
CA ASP O 41 -13.47 -14.35 -61.50
C ASP O 41 -13.90 -13.11 -60.70
N GLY O 42 -14.38 -12.08 -61.39
CA GLY O 42 -14.81 -10.88 -60.70
C GLY O 42 -13.79 -9.77 -60.87
N THR O 43 -12.69 -10.11 -61.50
CA THR O 43 -11.61 -9.16 -61.74
C THR O 43 -11.89 -8.11 -62.84
N ILE O 44 -11.96 -6.84 -62.44
CA ILE O 44 -12.17 -5.72 -63.35
C ILE O 44 -10.76 -5.26 -63.76
N LYS O 45 -10.56 -4.96 -65.01
CA LYS O 45 -9.24 -4.63 -65.45
C LYS O 45 -9.39 -3.66 -66.59
N ARG O 46 -8.76 -2.51 -66.47
CA ARG O 46 -8.82 -1.48 -67.51
C ARG O 46 -7.97 -1.90 -68.68
N LEU O 47 -8.53 -1.75 -69.87
CA LEU O 47 -7.86 -2.14 -71.08
C LEU O 47 -7.43 -0.92 -71.84
N ILE O 48 -8.32 0.07 -71.86
CA ILE O 48 -8.07 1.32 -72.60
C ILE O 48 -8.54 2.55 -71.81
N TYR O 49 -7.75 3.62 -71.87
CA TYR O 49 -8.14 4.88 -71.22
C TYR O 49 -7.98 5.99 -72.24
N ALA O 50 -8.57 7.15 -71.93
CA ALA O 50 -8.53 8.28 -72.83
C ALA O 50 -8.95 7.79 -74.22
N ALA O 51 -10.05 7.02 -74.23
CA ALA O 51 -10.66 6.48 -75.43
C ALA O 51 -9.81 5.59 -76.32
N SER O 52 -8.52 5.83 -76.44
CA SER O 52 -7.74 4.99 -77.33
C SER O 52 -6.34 4.64 -76.86
N THR O 53 -6.00 5.06 -75.65
CA THR O 53 -4.70 4.74 -75.16
C THR O 53 -4.77 3.38 -74.42
N LEU O 54 -3.96 2.42 -74.89
CA LEU O 54 -3.88 1.07 -74.28
C LEU O 54 -3.09 1.08 -72.96
N ASP O 55 -3.66 0.56 -71.88
CA ASP O 55 -2.86 0.49 -70.68
C ASP O 55 -1.70 -0.45 -70.99
N SER O 56 -0.69 -0.51 -70.12
CA SER O 56 0.48 -1.36 -70.41
C SER O 56 0.14 -2.83 -70.31
N GLY O 57 0.84 -3.64 -71.09
CA GLY O 57 0.57 -5.06 -71.04
C GLY O 57 -0.72 -5.46 -71.74
N VAL O 58 -1.54 -4.49 -72.12
CA VAL O 58 -2.78 -4.82 -72.82
C VAL O 58 -2.40 -5.17 -74.27
N PRO O 59 -2.75 -6.39 -74.69
CA PRO O 59 -2.45 -6.91 -76.03
C PRO O 59 -2.78 -5.93 -77.13
N LYS O 60 -1.87 -5.85 -78.10
CA LYS O 60 -2.03 -4.96 -79.23
C LYS O 60 -3.25 -5.24 -80.09
N ARG O 61 -3.97 -6.33 -79.82
CA ARG O 61 -5.15 -6.67 -80.63
C ARG O 61 -6.42 -5.93 -80.17
N PHE O 62 -6.25 -5.11 -79.16
CA PHE O 62 -7.34 -4.29 -78.69
C PHE O 62 -6.98 -2.87 -79.12
N SER O 63 -7.99 -2.06 -79.45
CA SER O 63 -7.79 -0.68 -79.83
C SER O 63 -9.08 0.04 -79.65
N GLY O 64 -8.98 1.33 -79.33
CA GLY O 64 -10.13 2.21 -79.17
C GLY O 64 -10.13 3.26 -80.30
N SER O 65 -11.31 3.79 -80.59
CA SER O 65 -11.53 4.81 -81.63
C SER O 65 -12.71 5.69 -81.23
N ARG O 66 -12.78 6.89 -81.79
CA ARG O 66 -13.89 7.78 -81.51
C ARG O 66 -14.41 8.19 -82.87
N SER O 67 -15.70 8.03 -83.10
CA SER O 67 -16.27 8.42 -84.37
C SER O 67 -17.45 9.22 -83.92
N GLY O 68 -17.21 10.52 -83.78
CA GLY O 68 -18.25 11.43 -83.37
C GLY O 68 -18.75 11.05 -81.99
N SER O 69 -20.02 10.67 -81.92
CA SER O 69 -20.61 10.25 -80.67
C SER O 69 -20.11 8.86 -80.29
N ASP O 70 -19.90 8.02 -81.29
CA ASP O 70 -19.49 6.65 -81.09
C ASP O 70 -18.06 6.42 -80.62
N TYR O 71 -17.90 5.66 -79.54
CA TYR O 71 -16.58 5.28 -79.02
C TYR O 71 -16.59 3.77 -79.26
N SER O 72 -15.57 3.27 -79.96
CA SER O 72 -15.50 1.85 -80.36
C SER O 72 -14.30 1.03 -79.94
N LEU O 73 -14.56 -0.10 -79.26
CA LEU O 73 -13.49 -0.99 -78.88
C LEU O 73 -13.49 -2.06 -79.93
N THR O 74 -12.35 -2.29 -80.54
CA THR O 74 -12.24 -3.31 -81.54
C THR O 74 -11.28 -4.36 -81.05
N ILE O 75 -11.64 -5.63 -81.21
CA ILE O 75 -10.78 -6.73 -80.85
C ILE O 75 -10.55 -7.37 -82.21
N SER O 76 -9.35 -7.24 -82.74
CA SER O 76 -9.11 -7.86 -84.04
C SER O 76 -8.69 -9.27 -83.69
N SER O 77 -9.49 -10.26 -84.02
CA SER O 77 -9.13 -11.64 -83.70
C SER O 77 -9.32 -12.00 -82.23
N LEU O 78 -10.44 -12.63 -81.93
CA LEU O 78 -10.74 -13.05 -80.56
C LEU O 78 -9.80 -14.14 -80.12
N GLU O 79 -9.37 -14.07 -78.87
CA GLU O 79 -8.50 -15.08 -78.29
C GLU O 79 -9.30 -15.61 -77.15
N SER O 80 -9.07 -16.88 -76.80
CA SER O 80 -9.78 -17.57 -75.69
C SER O 80 -9.65 -16.84 -74.37
N GLU O 81 -8.51 -16.17 -74.22
CA GLU O 81 -8.23 -15.39 -73.02
C GLU O 81 -9.08 -14.10 -72.94
N ASP O 82 -9.77 -13.73 -74.03
CA ASP O 82 -10.60 -12.54 -74.01
C ASP O 82 -11.98 -12.80 -73.45
N PHE O 83 -12.28 -14.08 -73.18
CA PHE O 83 -13.58 -14.45 -72.62
C PHE O 83 -13.91 -13.67 -71.35
N ALA O 84 -14.81 -12.70 -71.47
CA ALA O 84 -15.20 -11.87 -70.33
C ALA O 84 -16.41 -11.01 -70.66
N ASP O 85 -16.71 -10.07 -69.75
CA ASP O 85 -17.75 -9.09 -69.94
C ASP O 85 -17.01 -7.77 -70.12
N TYR O 86 -17.46 -6.97 -71.06
CA TYR O 86 -16.81 -5.70 -71.29
C TYR O 86 -17.78 -4.57 -70.99
N TYR O 87 -17.24 -3.50 -70.42
CA TYR O 87 -18.02 -2.32 -70.11
C TYR O 87 -17.19 -1.09 -70.53
N CYS O 88 -17.87 0.03 -70.72
CA CYS O 88 -17.17 1.25 -71.00
C CYS O 88 -17.58 2.15 -69.84
N LEU O 89 -16.70 3.11 -69.53
CA LEU O 89 -16.91 4.05 -68.44
C LEU O 89 -16.54 5.44 -68.88
N GLN O 90 -17.34 6.41 -68.45
CA GLN O 90 -17.05 7.80 -68.73
C GLN O 90 -16.51 8.36 -67.42
N TYR O 91 -15.34 8.97 -67.46
CA TYR O 91 -14.79 9.56 -66.24
C TYR O 91 -14.61 11.06 -66.44
N ALA O 92 -15.52 11.64 -67.24
CA ALA O 92 -15.51 13.05 -67.55
C ALA O 92 -16.29 13.85 -66.49
N SER O 93 -17.43 13.33 -66.07
CA SER O 93 -18.20 14.07 -65.12
C SER O 93 -18.21 13.42 -63.73
N SER O 94 -18.19 14.27 -62.71
CA SER O 94 -18.16 13.86 -61.30
C SER O 94 -18.84 12.55 -60.91
N PRO O 95 -20.00 12.23 -61.54
CA PRO O 95 -20.70 10.94 -61.23
C PRO O 95 -20.41 9.98 -62.43
N TYR O 96 -19.27 9.29 -62.39
CA TYR O 96 -18.88 8.40 -63.48
C TYR O 96 -19.96 7.40 -63.68
N THR O 97 -20.13 7.01 -64.96
CA THR O 97 -21.15 6.05 -65.35
C THR O 97 -20.59 4.98 -66.32
N PHE O 98 -20.99 3.73 -66.06
CA PHE O 98 -20.60 2.58 -66.86
C PHE O 98 -21.64 2.36 -67.96
N GLY O 99 -21.24 1.62 -68.99
CA GLY O 99 -22.15 1.28 -70.06
C GLY O 99 -22.89 0.05 -69.53
N GLY O 100 -23.94 -0.34 -70.23
CA GLY O 100 -24.72 -1.51 -69.80
C GLY O 100 -23.95 -2.81 -69.92
N GLY O 101 -22.85 -2.81 -70.66
CA GLY O 101 -22.03 -4.01 -70.82
C GLY O 101 -22.28 -4.85 -72.04
N THR O 102 -21.38 -5.80 -72.24
CA THR O 102 -21.49 -6.74 -73.34
C THR O 102 -21.07 -8.10 -72.83
N LYS O 103 -22.03 -9.02 -72.76
CA LYS O 103 -21.77 -10.39 -72.35
C LYS O 103 -21.20 -11.15 -73.56
N LEU O 104 -19.93 -11.51 -73.54
CA LEU O 104 -19.37 -12.22 -74.68
C LEU O 104 -19.32 -13.74 -74.50
N GLU O 105 -19.96 -14.44 -75.42
CA GLU O 105 -20.00 -15.89 -75.42
C GLU O 105 -19.10 -16.37 -76.54
N ILE O 106 -18.34 -17.42 -76.29
CA ILE O 106 -17.48 -17.95 -77.32
C ILE O 106 -18.14 -19.09 -78.09
N LEU O 107 -18.46 -18.78 -79.34
CA LEU O 107 -19.11 -19.69 -80.28
C LEU O 107 -18.27 -20.97 -80.36
N ARG O 108 -18.93 -22.10 -80.40
CA ARG O 108 -18.19 -23.38 -80.40
C ARG O 108 -18.90 -24.60 -81.05
N GLY O 109 -18.15 -25.67 -81.30
CA GLY O 109 -18.74 -26.85 -81.89
C GLY O 109 -19.84 -27.37 -81.00
N GLY O 110 -20.85 -27.99 -81.62
CA GLY O 110 -21.93 -28.59 -80.87
C GLY O 110 -21.37 -29.70 -79.98
N ALA O 111 -21.85 -29.73 -78.74
CA ALA O 111 -21.41 -30.72 -77.77
C ALA O 111 -22.68 -31.32 -77.12
N ALA O 112 -22.72 -32.64 -77.03
CA ALA O 112 -23.87 -33.30 -76.44
C ALA O 112 -23.72 -33.36 -74.93
N PRO O 113 -24.81 -33.10 -74.18
CA PRO O 113 -24.67 -33.17 -72.73
C PRO O 113 -24.36 -34.61 -72.32
N THR O 114 -23.86 -34.76 -71.12
CA THR O 114 -23.60 -36.06 -70.55
C THR O 114 -24.58 -36.01 -69.39
N VAL O 115 -25.66 -36.78 -69.51
CA VAL O 115 -26.72 -36.84 -68.50
C VAL O 115 -26.50 -37.91 -67.42
N SER O 116 -26.91 -37.57 -66.20
CA SER O 116 -26.77 -38.44 -65.06
C SER O 116 -27.92 -38.14 -64.08
N ILE O 117 -28.47 -39.19 -63.50
CA ILE O 117 -29.57 -39.07 -62.57
C ILE O 117 -29.11 -39.58 -61.20
N PHE O 118 -29.71 -39.06 -60.13
CA PHE O 118 -29.31 -39.45 -58.78
C PHE O 118 -30.55 -39.55 -57.94
N PRO O 119 -30.80 -40.73 -57.35
CA PRO O 119 -31.96 -40.95 -56.49
C PRO O 119 -31.77 -40.13 -55.20
N PRO O 120 -32.83 -39.95 -54.39
CA PRO O 120 -32.69 -39.20 -53.14
C PRO O 120 -31.71 -39.92 -52.22
N SER O 121 -31.03 -39.17 -51.35
CA SER O 121 -30.09 -39.75 -50.39
C SER O 121 -30.90 -40.24 -49.20
N SER O 122 -30.32 -41.16 -48.46
CA SER O 122 -31.00 -41.71 -47.31
C SER O 122 -31.29 -40.61 -46.27
N GLU O 123 -30.34 -39.69 -46.14
CA GLU O 123 -30.47 -38.59 -45.18
C GLU O 123 -31.68 -37.74 -45.44
N GLN O 124 -31.91 -37.44 -46.71
CA GLN O 124 -33.02 -36.61 -47.05
C GLN O 124 -34.32 -37.28 -46.75
N LEU O 125 -34.42 -38.54 -47.17
CA LEU O 125 -35.64 -39.30 -46.99
C LEU O 125 -36.07 -39.33 -45.53
N THR O 126 -35.12 -39.56 -44.64
CA THR O 126 -35.45 -39.61 -43.23
C THR O 126 -36.02 -38.27 -42.80
N SER O 127 -35.60 -37.21 -43.50
CA SER O 127 -36.04 -35.84 -43.22
C SER O 127 -37.48 -35.62 -43.69
N GLY O 128 -37.97 -36.49 -44.55
CA GLY O 128 -39.32 -36.35 -45.02
C GLY O 128 -39.41 -35.77 -46.39
N GLY O 129 -38.28 -35.72 -47.09
CA GLY O 129 -38.30 -35.15 -48.42
C GLY O 129 -37.61 -36.03 -49.43
N ALA O 130 -37.73 -35.67 -50.71
CA ALA O 130 -37.10 -36.42 -51.78
C ALA O 130 -36.71 -35.55 -52.97
N SER O 131 -35.41 -35.45 -53.20
CA SER O 131 -34.91 -34.71 -54.32
C SER O 131 -34.31 -35.67 -55.33
N VAL O 132 -34.71 -35.54 -56.56
CA VAL O 132 -34.10 -36.38 -57.57
C VAL O 132 -33.32 -35.37 -58.43
N VAL O 133 -32.02 -35.54 -58.47
CA VAL O 133 -31.17 -34.62 -59.23
C VAL O 133 -30.68 -35.21 -60.56
N CYS O 134 -30.61 -34.34 -61.54
CA CYS O 134 -30.13 -34.76 -62.83
C CYS O 134 -29.13 -33.69 -63.25
N PHE O 135 -27.96 -34.11 -63.71
CA PHE O 135 -26.93 -33.18 -64.18
C PHE O 135 -26.76 -33.37 -65.70
N LEU O 136 -26.80 -32.30 -66.48
CA LEU O 136 -26.60 -32.43 -67.92
C LEU O 136 -25.28 -31.69 -68.13
N ASN O 137 -24.16 -32.39 -68.21
CA ASN O 137 -22.88 -31.68 -68.33
C ASN O 137 -22.15 -31.53 -69.66
N ASN O 138 -21.44 -30.42 -69.76
CA ASN O 138 -20.60 -30.09 -70.91
C ASN O 138 -21.20 -30.13 -72.32
N PHE O 139 -22.27 -29.39 -72.51
CA PHE O 139 -22.92 -29.36 -73.80
C PHE O 139 -22.83 -27.99 -74.42
N TYR O 140 -23.23 -27.92 -75.69
CA TYR O 140 -23.22 -26.68 -76.44
C TYR O 140 -24.08 -26.92 -77.70
N PRO O 141 -24.99 -25.99 -78.03
CA PRO O 141 -25.30 -24.74 -77.35
C PRO O 141 -25.96 -24.88 -75.98
N LYS O 142 -26.22 -23.72 -75.37
CA LYS O 142 -26.79 -23.60 -74.06
C LYS O 142 -28.19 -24.08 -74.09
N ASP O 143 -28.80 -23.96 -75.26
CA ASP O 143 -30.19 -24.39 -75.44
C ASP O 143 -30.35 -25.90 -75.23
N ILE O 144 -31.11 -26.27 -74.21
CA ILE O 144 -31.39 -27.67 -73.87
C ILE O 144 -32.75 -27.73 -73.18
N ASN O 145 -33.38 -28.90 -73.27
CA ASN O 145 -34.69 -29.07 -72.67
C ASN O 145 -34.79 -30.31 -71.82
N VAL O 146 -35.14 -30.13 -70.54
CA VAL O 146 -35.23 -31.26 -69.62
C VAL O 146 -36.65 -31.53 -69.13
N LYS O 147 -37.09 -32.76 -69.35
CA LYS O 147 -38.41 -33.17 -68.92
C LYS O 147 -38.27 -34.20 -67.80
N TRP O 148 -39.09 -34.05 -66.78
CA TRP O 148 -39.10 -35.01 -65.70
C TRP O 148 -40.37 -35.84 -65.90
N LYS O 149 -40.30 -37.13 -65.62
CA LYS O 149 -41.45 -38.03 -65.75
C LYS O 149 -41.46 -39.05 -64.63
N ILE O 150 -42.49 -38.96 -63.79
CA ILE O 150 -42.67 -39.91 -62.71
C ILE O 150 -43.52 -41.01 -63.34
N ASP O 151 -42.98 -42.21 -63.32
CA ASP O 151 -43.61 -43.37 -63.96
C ASP O 151 -43.72 -42.93 -65.40
N GLY O 152 -44.93 -42.87 -65.94
CA GLY O 152 -45.02 -42.42 -67.32
C GLY O 152 -45.19 -40.91 -67.42
N SER O 153 -46.00 -40.36 -66.53
CA SER O 153 -46.34 -38.94 -66.52
C SER O 153 -45.23 -37.91 -66.38
N GLU O 154 -45.41 -36.80 -67.07
CA GLU O 154 -44.47 -35.70 -67.05
C GLU O 154 -44.79 -34.83 -65.85
N ARG O 155 -43.80 -34.56 -65.03
CA ARG O 155 -44.00 -33.71 -63.88
C ARG O 155 -43.37 -32.34 -64.18
N GLN O 156 -44.15 -31.30 -63.97
CA GLN O 156 -43.70 -29.94 -64.22
C GLN O 156 -43.55 -29.14 -62.94
N ASN O 157 -44.22 -29.60 -61.88
CA ASN O 157 -44.15 -28.92 -60.59
C ASN O 157 -43.01 -29.41 -59.72
N GLY O 158 -42.39 -28.48 -59.00
CA GLY O 158 -41.28 -28.82 -58.14
C GLY O 158 -39.90 -28.91 -58.79
N VAL O 159 -39.82 -28.59 -60.07
CA VAL O 159 -38.53 -28.63 -60.76
C VAL O 159 -37.76 -27.32 -60.50
N LEU O 160 -36.44 -27.42 -60.38
CA LEU O 160 -35.60 -26.28 -60.06
C LEU O 160 -34.35 -26.42 -60.91
N ASN O 161 -34.21 -25.55 -61.90
CA ASN O 161 -33.07 -25.62 -62.80
C ASN O 161 -31.97 -24.61 -62.53
N SER O 162 -30.80 -24.85 -63.12
CA SER O 162 -29.72 -23.94 -62.95
C SER O 162 -28.66 -24.17 -63.99
N TRP O 163 -28.33 -23.10 -64.71
CA TRP O 163 -27.29 -23.21 -65.73
C TRP O 163 -25.96 -22.72 -65.20
N THR O 164 -24.95 -23.10 -65.94
CA THR O 164 -23.57 -22.80 -65.70
C THR O 164 -23.22 -21.72 -66.73
N ASP O 165 -22.47 -20.70 -66.32
CA ASP O 165 -22.05 -19.69 -67.29
C ASP O 165 -21.05 -20.44 -68.18
N GLN O 166 -20.90 -20.02 -69.43
CA GLN O 166 -19.97 -20.73 -70.33
C GLN O 166 -18.61 -21.04 -69.68
N ASP O 167 -18.20 -22.29 -69.75
CA ASP O 167 -16.94 -22.66 -69.17
C ASP O 167 -15.78 -21.96 -69.86
N SER O 168 -15.03 -21.18 -69.09
CA SER O 168 -13.86 -20.44 -69.61
C SER O 168 -12.76 -21.32 -70.26
N LYS O 169 -12.79 -22.62 -69.99
CA LYS O 169 -11.79 -23.51 -70.55
C LYS O 169 -12.24 -24.29 -71.79
N ASP O 170 -13.44 -24.88 -71.75
CA ASP O 170 -13.92 -25.66 -72.90
C ASP O 170 -15.17 -25.10 -73.56
N SER O 171 -15.58 -23.91 -73.10
CA SER O 171 -16.72 -23.19 -73.69
C SER O 171 -18.04 -23.92 -73.69
N THR O 172 -18.19 -24.80 -72.72
CA THR O 172 -19.39 -25.61 -72.58
C THR O 172 -20.22 -25.24 -71.35
N TYR O 173 -21.51 -25.54 -71.39
CA TYR O 173 -22.39 -25.23 -70.29
C TYR O 173 -22.78 -26.50 -69.61
N SER O 174 -23.31 -26.35 -68.41
CA SER O 174 -23.77 -27.48 -67.65
C SER O 174 -25.05 -27.12 -66.91
N MET O 175 -25.93 -28.09 -66.80
CA MET O 175 -27.18 -27.84 -66.14
C MET O 175 -27.46 -28.86 -65.05
N SER O 176 -28.24 -28.40 -64.08
CA SER O 176 -28.62 -29.18 -62.93
C SER O 176 -30.12 -28.98 -62.84
N SER O 177 -30.85 -30.08 -62.74
CA SER O 177 -32.31 -30.06 -62.65
C SER O 177 -32.66 -30.88 -61.41
N THR O 178 -33.57 -30.38 -60.62
CA THR O 178 -33.94 -31.09 -59.41
C THR O 178 -35.41 -31.05 -59.20
N LEU O 179 -35.97 -32.25 -59.12
CA LEU O 179 -37.38 -32.44 -58.85
C LEU O 179 -37.42 -32.73 -57.34
N THR O 180 -38.23 -31.98 -56.61
CA THR O 180 -38.31 -32.20 -55.18
C THR O 180 -39.74 -32.51 -54.72
N LEU O 181 -39.93 -33.74 -54.24
CA LEU O 181 -41.23 -34.19 -53.76
C LEU O 181 -41.09 -34.62 -52.31
N THR O 182 -42.21 -34.76 -51.62
CA THR O 182 -42.19 -35.20 -50.24
C THR O 182 -41.76 -36.67 -50.30
N LYS O 183 -41.41 -37.23 -49.15
CA LYS O 183 -41.00 -38.64 -49.11
C LYS O 183 -42.17 -39.56 -49.53
N ASP O 184 -43.38 -39.22 -49.08
CA ASP O 184 -44.58 -39.99 -49.38
C ASP O 184 -44.88 -40.15 -50.88
N GLU O 185 -44.79 -39.07 -51.67
CA GLU O 185 -45.06 -39.23 -53.11
C GLU O 185 -43.95 -40.07 -53.75
N TYR O 186 -42.71 -39.85 -53.31
CA TYR O 186 -41.59 -40.57 -53.88
C TYR O 186 -41.75 -42.09 -53.73
N GLU O 187 -41.97 -42.54 -52.49
CA GLU O 187 -42.09 -43.97 -52.21
C GLU O 187 -43.29 -44.64 -52.82
N ARG O 188 -44.20 -43.86 -53.42
CA ARG O 188 -45.33 -44.49 -54.04
C ARG O 188 -45.39 -44.41 -55.55
N HIS O 189 -44.21 -44.35 -56.18
CA HIS O 189 -44.14 -44.37 -57.63
C HIS O 189 -42.94 -45.25 -57.91
N ASN O 190 -42.58 -45.43 -59.17
CA ASN O 190 -41.48 -46.34 -59.40
C ASN O 190 -40.35 -45.79 -60.21
N SER O 191 -40.58 -45.57 -61.49
CA SER O 191 -39.49 -45.08 -62.30
C SER O 191 -39.48 -43.58 -62.21
N TYR O 192 -38.27 -43.01 -62.26
CA TYR O 192 -38.05 -41.55 -62.25
C TYR O 192 -37.12 -41.25 -63.44
N THR O 193 -37.67 -40.54 -64.41
CA THR O 193 -36.93 -40.23 -65.61
C THR O 193 -36.63 -38.75 -65.83
N CYS O 194 -35.43 -38.51 -66.29
CA CYS O 194 -35.02 -37.18 -66.59
C CYS O 194 -34.57 -37.32 -68.03
N GLU O 195 -35.34 -36.71 -68.94
CA GLU O 195 -35.02 -36.76 -70.36
C GLU O 195 -34.74 -35.41 -70.98
N ALA O 196 -33.58 -35.30 -71.62
CA ALA O 196 -33.14 -34.07 -72.25
C ALA O 196 -33.26 -34.06 -73.76
N THR O 197 -33.50 -32.89 -74.31
CA THR O 197 -33.58 -32.76 -75.75
C THR O 197 -32.63 -31.62 -76.07
N HIS O 198 -31.63 -31.93 -76.88
CA HIS O 198 -30.61 -30.94 -77.22
C HIS O 198 -30.39 -30.95 -78.74
N LYS O 199 -29.98 -29.81 -79.27
CA LYS O 199 -29.73 -29.64 -80.70
C LYS O 199 -28.86 -30.74 -81.31
N THR O 200 -27.99 -31.31 -80.49
CA THR O 200 -27.10 -32.35 -80.95
C THR O 200 -27.76 -33.69 -81.30
N SER O 201 -28.98 -33.91 -80.82
CA SER O 201 -29.68 -35.19 -81.06
C SER O 201 -31.13 -35.04 -81.50
N THR O 202 -31.62 -36.07 -82.16
CA THR O 202 -33.01 -36.15 -82.64
C THR O 202 -33.89 -36.79 -81.54
N SER O 203 -33.31 -37.79 -80.88
CA SER O 203 -33.99 -38.49 -79.81
C SER O 203 -33.55 -37.89 -78.47
N PRO O 204 -34.46 -37.90 -77.48
CA PRO O 204 -34.17 -37.36 -76.13
C PRO O 204 -33.17 -38.24 -75.41
N ILE O 205 -32.27 -37.62 -74.66
CA ILE O 205 -31.32 -38.39 -73.87
C ILE O 205 -32.18 -38.74 -72.66
N VAL O 206 -32.26 -40.01 -72.35
CA VAL O 206 -33.09 -40.43 -71.24
C VAL O 206 -32.28 -41.18 -70.21
N LYS O 207 -32.54 -40.87 -68.94
CA LYS O 207 -31.88 -41.54 -67.83
C LYS O 207 -32.93 -41.75 -66.76
N SER O 208 -33.02 -42.97 -66.27
CA SER O 208 -34.02 -43.27 -65.27
C SER O 208 -33.48 -44.22 -64.24
N PHE O 209 -34.34 -44.52 -63.28
CA PHE O 209 -34.01 -45.50 -62.27
C PHE O 209 -35.34 -45.86 -61.63
N ASN O 210 -35.51 -47.14 -61.31
CA ASN O 210 -36.70 -47.54 -60.62
C ASN O 210 -36.26 -47.56 -59.17
N ARG O 211 -37.08 -46.95 -58.31
CA ARG O 211 -36.78 -47.04 -56.91
C ARG O 211 -37.19 -48.50 -56.55
N ASN O 212 -37.67 -48.75 -55.33
CA ASN O 212 -38.07 -50.10 -54.91
C ASN O 212 -36.88 -51.06 -54.71
N GLU O 213 -36.99 -51.77 -53.58
CA GLU O 213 -36.00 -52.76 -53.11
C GLU O 213 -34.78 -52.13 -52.43
N CYS O 214 -35.02 -51.03 -51.70
CA CYS O 214 -34.04 -50.26 -50.95
C CYS O 214 -32.78 -49.83 -51.75
N ASP P 1 2.40 -8.60 -56.81
CA ASP P 1 1.43 -7.81 -57.63
C ASP P 1 0.38 -7.17 -56.74
N VAL P 2 -0.30 -6.15 -57.27
CA VAL P 2 -1.33 -5.49 -56.50
C VAL P 2 -2.46 -6.49 -56.24
N LYS P 3 -2.79 -6.60 -54.96
CA LYS P 3 -3.84 -7.48 -54.45
C LYS P 3 -4.84 -6.53 -53.77
N LEU P 4 -6.13 -6.87 -53.83
CA LEU P 4 -7.17 -6.02 -53.23
C LEU P 4 -8.23 -6.93 -52.66
N VAL P 5 -8.39 -6.87 -51.34
CA VAL P 5 -9.34 -7.75 -50.70
C VAL P 5 -10.55 -7.06 -50.02
N GLU P 6 -11.70 -7.18 -50.66
CA GLU P 6 -12.93 -6.62 -50.12
C GLU P 6 -13.39 -7.63 -49.07
N SER P 7 -14.01 -7.15 -47.99
CA SER P 7 -14.49 -8.07 -46.98
C SER P 7 -15.44 -7.61 -45.90
N GLY P 8 -16.48 -6.84 -46.25
CA GLY P 8 -17.43 -6.46 -45.22
C GLY P 8 -18.50 -7.54 -45.30
N GLY P 9 -19.43 -7.35 -46.23
CA GLY P 9 -20.51 -8.26 -46.55
C GLY P 9 -21.25 -9.17 -45.59
N GLY P 10 -22.54 -9.32 -45.83
CA GLY P 10 -23.36 -10.16 -45.00
C GLY P 10 -24.80 -9.79 -45.18
N LEU P 11 -25.67 -10.48 -44.45
CA LEU P 11 -27.09 -10.21 -44.48
C LEU P 11 -27.24 -8.97 -43.62
N VAL P 12 -28.10 -8.07 -44.06
CA VAL P 12 -28.40 -6.86 -43.32
C VAL P 12 -29.90 -6.63 -43.45
N GLN P 13 -30.53 -6.29 -42.33
CA GLN P 13 -31.96 -6.00 -42.28
C GLN P 13 -32.15 -4.71 -43.06
N PRO P 14 -33.26 -4.61 -43.80
CA PRO P 14 -33.47 -3.38 -44.56
C PRO P 14 -33.60 -2.21 -43.61
N GLY P 15 -32.73 -1.22 -43.83
CA GLY P 15 -32.70 -0.03 -43.00
C GLY P 15 -31.45 -0.04 -42.18
N GLY P 16 -30.92 -1.26 -41.98
CA GLY P 16 -29.73 -1.45 -41.20
C GLY P 16 -28.50 -0.96 -41.93
N SER P 17 -27.34 -1.18 -41.33
CA SER P 17 -26.08 -0.73 -41.93
C SER P 17 -24.99 -1.80 -42.03
N ARG P 18 -23.86 -1.42 -42.60
CA ARG P 18 -22.73 -2.29 -42.82
C ARG P 18 -21.52 -1.39 -43.17
N LYS P 19 -20.31 -1.92 -42.98
CA LYS P 19 -19.08 -1.18 -43.31
C LYS P 19 -18.09 -2.16 -43.92
N LEU P 20 -17.89 -2.04 -45.23
CA LEU P 20 -16.99 -2.92 -45.94
C LEU P 20 -15.55 -2.52 -45.77
N SER P 21 -14.64 -3.43 -46.09
CA SER P 21 -13.21 -3.18 -46.02
C SER P 21 -12.55 -3.67 -47.29
N CYS P 22 -11.54 -2.94 -47.72
CA CYS P 22 -10.78 -3.28 -48.90
C CYS P 22 -9.31 -3.21 -48.50
N ALA P 23 -8.68 -4.36 -48.44
CA ALA P 23 -7.29 -4.43 -48.07
C ALA P 23 -6.40 -4.31 -49.31
N ALA P 24 -5.80 -3.13 -49.44
CA ALA P 24 -4.89 -2.85 -50.53
C ALA P 24 -3.48 -3.30 -50.19
N SER P 25 -2.75 -3.75 -51.19
CA SER P 25 -1.37 -4.19 -50.97
C SER P 25 -0.72 -4.38 -52.31
N GLY P 26 0.61 -4.40 -52.27
CA GLY P 26 1.41 -4.60 -53.47
C GLY P 26 1.69 -3.31 -54.23
N PHE P 27 1.19 -2.19 -53.69
CA PHE P 27 1.38 -0.88 -54.31
C PHE P 27 1.27 0.22 -53.26
N THR P 28 1.83 1.39 -53.55
CA THR P 28 1.81 2.52 -52.63
C THR P 28 0.40 3.12 -52.51
N PHE P 29 -0.33 2.61 -51.53
CA PHE P 29 -1.71 2.99 -51.29
C PHE P 29 -1.92 4.49 -51.30
N SER P 30 -1.14 5.17 -50.48
CA SER P 30 -1.18 6.62 -50.31
C SER P 30 -1.03 7.48 -51.55
N SER P 31 -0.67 6.91 -52.68
CA SER P 31 -0.55 7.71 -53.88
C SER P 31 -1.67 7.47 -54.91
N PHE P 32 -2.70 6.70 -54.54
CA PHE P 32 -3.78 6.43 -55.47
C PHE P 32 -5.16 6.76 -54.91
N GLY P 33 -6.05 7.21 -55.81
CA GLY P 33 -7.41 7.46 -55.45
C GLY P 33 -8.03 6.05 -55.52
N MET P 34 -9.20 5.84 -54.93
CA MET P 34 -9.77 4.51 -54.96
C MET P 34 -11.22 4.60 -55.32
N HIS P 35 -11.79 3.50 -55.81
CA HIS P 35 -13.20 3.44 -56.17
C HIS P 35 -13.87 2.27 -55.53
N TRP P 36 -15.19 2.40 -55.45
CA TRP P 36 -16.08 1.37 -54.94
C TRP P 36 -17.07 1.22 -56.12
N VAL P 37 -17.17 -0.01 -56.61
CA VAL P 37 -18.04 -0.41 -57.71
C VAL P 37 -18.88 -1.56 -57.11
N ARG P 38 -20.11 -1.70 -57.57
CA ARG P 38 -20.99 -2.76 -57.07
C ARG P 38 -21.71 -3.35 -58.26
N GLN P 39 -22.26 -4.55 -58.07
CA GLN P 39 -23.01 -5.18 -59.15
C GLN P 39 -24.19 -5.99 -58.62
N ALA P 40 -25.38 -5.48 -58.88
CA ALA P 40 -26.58 -6.15 -58.46
C ALA P 40 -26.67 -7.44 -59.27
N PRO P 41 -27.33 -8.47 -58.74
CA PRO P 41 -27.53 -9.81 -59.31
C PRO P 41 -27.64 -9.91 -60.83
N GLU P 42 -28.81 -9.64 -61.39
CA GLU P 42 -28.92 -9.75 -62.83
C GLU P 42 -28.62 -8.43 -63.53
N LYS P 43 -27.78 -7.61 -62.91
CA LYS P 43 -27.45 -6.32 -63.49
C LYS P 43 -25.95 -6.21 -63.72
N GLY P 44 -25.51 -5.15 -64.38
CA GLY P 44 -24.09 -4.95 -64.62
C GLY P 44 -23.43 -4.09 -63.53
N LEU P 45 -22.14 -3.80 -63.72
CA LEU P 45 -21.36 -2.98 -62.79
C LEU P 45 -21.88 -1.57 -62.66
N GLU P 46 -21.91 -1.06 -61.46
CA GLU P 46 -22.34 0.29 -61.20
C GLU P 46 -21.29 0.98 -60.31
N TRP P 47 -20.87 2.17 -60.71
CA TRP P 47 -19.87 2.90 -59.93
C TRP P 47 -20.57 3.46 -58.69
N VAL P 48 -19.89 3.31 -57.55
CA VAL P 48 -20.40 3.73 -56.24
C VAL P 48 -19.82 5.03 -55.63
N ALA P 49 -18.49 5.11 -55.51
CA ALA P 49 -17.85 6.26 -54.91
C ALA P 49 -16.37 6.35 -55.24
N TYR P 50 -15.81 7.53 -54.99
CA TYR P 50 -14.43 7.79 -55.27
C TYR P 50 -13.85 8.63 -54.18
N ILE P 51 -12.62 8.33 -53.79
CA ILE P 51 -11.94 9.09 -52.77
C ILE P 51 -10.49 9.28 -53.22
N SER P 52 -10.01 10.51 -53.10
CA SER P 52 -8.64 10.83 -53.45
C SER P 52 -7.71 10.23 -52.35
N SER P 53 -6.40 10.15 -52.61
CA SER P 53 -5.49 9.59 -51.61
C SER P 53 -5.47 10.49 -50.42
N GLY P 54 -5.76 11.77 -50.68
CA GLY P 54 -5.80 12.77 -49.64
C GLY P 54 -7.13 12.83 -48.91
N SER P 55 -8.11 12.09 -49.41
CA SER P 55 -9.44 12.07 -48.84
C SER P 55 -10.00 13.49 -48.89
N SER P 56 -9.41 14.29 -49.76
CA SER P 56 -9.80 15.67 -49.94
C SER P 56 -10.90 15.78 -50.99
N THR P 57 -10.97 14.77 -51.86
CA THR P 57 -11.97 14.68 -52.91
C THR P 57 -12.75 13.38 -52.68
N ILE P 58 -14.06 13.49 -52.78
CA ILE P 58 -14.91 12.34 -52.58
C ILE P 58 -16.13 12.50 -53.46
N TYR P 59 -16.40 11.48 -54.27
CA TYR P 59 -17.55 11.45 -55.18
C TYR P 59 -18.41 10.28 -54.77
N TYR P 60 -19.71 10.43 -54.95
CA TYR P 60 -20.69 9.39 -54.61
C TYR P 60 -21.76 9.28 -55.71
N ALA P 61 -22.21 8.07 -55.96
CA ALA P 61 -23.23 7.84 -56.95
C ALA P 61 -24.47 8.53 -56.40
N ASP P 62 -25.38 8.98 -57.27
CA ASP P 62 -26.60 9.65 -56.81
C ASP P 62 -27.39 8.68 -55.94
N THR P 63 -27.29 7.41 -56.34
CA THR P 63 -27.94 6.28 -55.70
C THR P 63 -27.56 6.12 -54.21
N VAL P 64 -26.27 6.23 -53.94
CA VAL P 64 -25.80 6.06 -52.60
C VAL P 64 -25.44 7.38 -51.94
N LYS P 65 -25.59 8.47 -52.66
CA LYS P 65 -25.26 9.76 -52.10
C LYS P 65 -26.13 10.02 -50.88
N GLY P 66 -25.46 10.29 -49.77
CA GLY P 66 -26.15 10.57 -48.53
C GLY P 66 -26.34 9.36 -47.64
N ARG P 67 -26.14 8.16 -48.16
CA ARG P 67 -26.32 6.98 -47.35
C ARG P 67 -25.04 6.20 -47.18
N PHE P 68 -24.11 6.44 -48.11
CA PHE P 68 -22.80 5.80 -48.12
C PHE P 68 -21.68 6.84 -47.84
N THR P 69 -20.65 6.41 -47.09
CA THR P 69 -19.52 7.25 -46.73
C THR P 69 -18.21 6.52 -46.96
N ILE P 70 -17.51 6.92 -48.01
CA ILE P 70 -16.25 6.31 -48.33
C ILE P 70 -15.22 6.95 -47.46
N SER P 71 -14.19 6.19 -47.11
CA SER P 71 -13.07 6.64 -46.26
C SER P 71 -11.92 5.68 -46.50
N ARG P 72 -10.74 6.06 -46.04
CA ARG P 72 -9.54 5.26 -46.21
C ARG P 72 -8.56 5.45 -45.02
N ASP P 73 -7.77 4.43 -44.70
CA ASP P 73 -6.81 4.51 -43.60
C ASP P 73 -5.48 4.28 -44.29
N ASN P 74 -4.82 5.36 -44.69
CA ASN P 74 -3.55 5.25 -45.42
C ASN P 74 -2.40 4.41 -44.84
N PRO P 75 -2.06 4.61 -43.54
CA PRO P 75 -0.96 3.84 -42.94
C PRO P 75 -1.39 2.41 -42.66
N LYS P 76 -2.68 2.16 -42.80
CA LYS P 76 -3.26 0.85 -42.57
C LYS P 76 -3.73 0.22 -43.90
N ASN P 77 -3.31 0.81 -45.03
CA ASN P 77 -3.65 0.33 -46.38
C ASN P 77 -5.08 -0.15 -46.60
N THR P 78 -6.03 0.57 -46.02
CA THR P 78 -7.40 0.13 -46.09
C THR P 78 -8.40 1.17 -46.57
N LEU P 79 -9.33 0.73 -47.40
CA LEU P 79 -10.40 1.59 -47.92
C LEU P 79 -11.64 1.07 -47.26
N PHE P 80 -12.52 1.98 -46.87
CA PHE P 80 -13.78 1.67 -46.22
C PHE P 80 -14.96 2.22 -47.01
N LEU P 81 -16.15 1.67 -46.74
CA LEU P 81 -17.41 2.06 -47.33
C LEU P 81 -18.50 1.78 -46.30
N GLN P 82 -18.92 2.83 -45.61
CA GLN P 82 -19.96 2.72 -44.60
C GLN P 82 -21.32 2.86 -45.26
N MET P 83 -22.07 1.77 -45.18
CA MET P 83 -23.41 1.63 -45.73
C MET P 83 -24.43 1.92 -44.62
N THR P 84 -25.52 2.57 -44.98
CA THR P 84 -26.54 3.01 -44.05
C THR P 84 -27.83 3.11 -44.82
N SER P 85 -28.94 2.96 -44.09
CA SER P 85 -30.28 3.02 -44.67
C SER P 85 -30.33 2.06 -45.84
N LEU P 86 -29.83 0.85 -45.61
CA LEU P 86 -29.79 -0.15 -46.65
C LEU P 86 -31.14 -0.57 -47.17
N ARG P 87 -31.40 -0.18 -48.42
CA ARG P 87 -32.62 -0.48 -49.16
C ARG P 87 -32.20 -1.63 -50.04
N SER P 88 -33.09 -2.60 -50.24
CA SER P 88 -32.85 -3.79 -51.04
C SER P 88 -32.04 -3.57 -52.31
N GLU P 89 -32.21 -2.40 -52.90
CA GLU P 89 -31.49 -2.04 -54.11
C GLU P 89 -29.97 -2.07 -53.91
N ASP P 90 -29.55 -2.07 -52.65
CA ASP P 90 -28.12 -2.08 -52.34
C ASP P 90 -27.54 -3.50 -52.36
N THR P 91 -28.41 -4.50 -52.28
CA THR P 91 -28.01 -5.89 -52.31
C THR P 91 -27.17 -6.06 -53.57
N ALA P 92 -25.89 -6.38 -53.37
CA ALA P 92 -24.98 -6.55 -54.50
C ALA P 92 -23.59 -7.06 -54.12
N MET P 93 -22.78 -7.36 -55.12
CA MET P 93 -21.39 -7.79 -54.90
C MET P 93 -20.52 -6.52 -54.96
N TYR P 94 -19.98 -6.09 -53.81
CA TYR P 94 -19.20 -4.87 -53.78
C TYR P 94 -17.72 -5.13 -54.02
N TYR P 95 -17.13 -4.31 -54.88
CA TYR P 95 -15.71 -4.43 -55.22
C TYR P 95 -15.02 -3.09 -55.08
N CYS P 96 -13.80 -3.11 -54.56
CA CYS P 96 -13.04 -1.86 -54.46
C CYS P 96 -12.09 -1.93 -55.64
N ALA P 97 -11.61 -0.78 -56.08
CA ALA P 97 -10.72 -0.75 -57.24
C ALA P 97 -9.75 0.39 -57.09
N ARG P 98 -8.57 0.24 -57.71
CA ARG P 98 -7.59 1.32 -57.65
C ARG P 98 -8.15 2.41 -58.58
N GLY P 99 -7.70 3.64 -58.39
CA GLY P 99 -8.18 4.73 -59.20
C GLY P 99 -8.10 4.50 -60.70
N ASP P 100 -7.08 3.76 -61.18
CA ASP P 100 -6.89 3.50 -62.60
C ASP P 100 -7.41 2.12 -63.04
N TYR P 101 -8.21 1.50 -62.20
CA TYR P 101 -8.75 0.18 -62.53
C TYR P 101 -7.71 -0.88 -62.95
N TYR P 102 -6.56 -0.86 -62.30
CA TYR P 102 -5.50 -1.81 -62.55
C TYR P 102 -6.11 -3.19 -62.23
N GLY P 103 -5.89 -4.16 -63.11
CA GLY P 103 -6.41 -5.50 -62.85
C GLY P 103 -5.66 -6.09 -61.66
N SER P 104 -6.36 -6.28 -60.56
CA SER P 104 -5.71 -6.76 -59.33
C SER P 104 -5.98 -8.18 -58.92
N ARG P 105 -5.00 -8.79 -58.25
CA ARG P 105 -5.18 -10.14 -57.75
C ARG P 105 -6.05 -10.00 -56.51
N GLY P 106 -6.87 -11.00 -56.26
CA GLY P 106 -7.75 -10.94 -55.11
C GLY P 106 -7.38 -11.90 -54.00
N ALA P 107 -8.39 -12.33 -53.26
CA ALA P 107 -8.16 -13.25 -52.16
C ALA P 107 -8.17 -14.65 -52.70
N TYR P 108 -7.70 -15.59 -51.88
CA TYR P 108 -7.67 -16.99 -52.26
C TYR P 108 -9.07 -17.45 -52.52
N TRP P 109 -10.02 -16.85 -51.78
CA TRP P 109 -11.43 -17.18 -51.90
C TRP P 109 -12.16 -16.63 -53.13
N GLY P 110 -11.81 -15.43 -53.55
CA GLY P 110 -12.47 -14.85 -54.70
C GLY P 110 -12.26 -13.35 -54.82
N GLN P 111 -13.26 -12.69 -55.38
CA GLN P 111 -13.21 -11.25 -55.65
C GLN P 111 -14.54 -10.62 -55.29
N GLY P 112 -14.51 -9.48 -54.61
CA GLY P 112 -15.75 -8.80 -54.23
C GLY P 112 -16.33 -9.29 -52.91
N THR P 113 -17.41 -8.67 -52.43
CA THR P 113 -18.03 -9.10 -51.18
C THR P 113 -19.50 -8.85 -51.27
N LEU P 114 -20.26 -9.93 -51.19
CA LEU P 114 -21.71 -9.87 -51.28
C LEU P 114 -22.40 -9.39 -50.00
N VAL P 115 -23.38 -8.52 -50.17
CA VAL P 115 -24.18 -8.06 -49.04
C VAL P 115 -25.62 -8.12 -49.53
N THR P 116 -26.40 -8.87 -48.75
CA THR P 116 -27.82 -9.07 -49.00
C THR P 116 -28.64 -8.28 -47.98
N VAL P 117 -29.63 -7.53 -48.45
CA VAL P 117 -30.43 -6.75 -47.52
C VAL P 117 -31.75 -7.48 -47.50
N SER P 118 -31.96 -8.29 -46.45
CA SER P 118 -33.19 -9.08 -46.35
C SER P 118 -33.61 -9.59 -44.96
N ALA P 119 -34.26 -10.77 -44.97
CA ALA P 119 -34.82 -11.49 -43.80
C ALA P 119 -34.00 -12.49 -42.91
N LYS P 120 -34.26 -13.81 -43.00
CA LYS P 120 -33.62 -14.77 -42.08
C LYS P 120 -32.56 -15.81 -42.50
N THR P 121 -31.51 -15.93 -41.68
CA THR P 121 -30.45 -16.89 -41.97
C THR P 121 -31.04 -18.28 -41.71
N THR P 122 -30.52 -19.28 -42.41
CA THR P 122 -30.96 -20.66 -42.30
C THR P 122 -29.80 -21.51 -42.83
N ALA P 123 -29.45 -22.52 -42.07
CA ALA P 123 -28.35 -23.38 -42.44
C ALA P 123 -28.72 -24.36 -43.55
N PRO P 124 -27.76 -24.70 -44.39
CA PRO P 124 -28.08 -25.63 -45.46
C PRO P 124 -28.14 -27.06 -44.95
N SER P 125 -28.64 -27.93 -45.82
CA SER P 125 -28.71 -29.34 -45.52
C SER P 125 -27.97 -29.94 -46.70
N VAL P 126 -26.78 -30.45 -46.41
CA VAL P 126 -25.90 -31.05 -47.42
C VAL P 126 -26.18 -32.57 -47.60
N TYR P 127 -26.52 -32.97 -48.82
CA TYR P 127 -26.84 -34.34 -49.12
C TYR P 127 -25.87 -34.85 -50.18
N PRO P 128 -25.36 -36.07 -50.00
CA PRO P 128 -24.42 -36.66 -50.94
C PRO P 128 -25.20 -37.39 -52.02
N LEU P 129 -24.81 -37.18 -53.27
CA LEU P 129 -25.46 -37.82 -54.39
C LEU P 129 -24.50 -38.88 -54.89
N ALA P 130 -24.86 -40.14 -54.65
CA ALA P 130 -24.06 -41.26 -55.11
C ALA P 130 -24.78 -41.87 -56.31
N PRO P 131 -24.04 -42.51 -57.21
CA PRO P 131 -24.64 -43.13 -58.38
C PRO P 131 -25.79 -44.12 -58.21
N VAL P 132 -25.48 -45.42 -58.16
CA VAL P 132 -26.43 -46.57 -58.11
C VAL P 132 -26.91 -46.61 -59.54
N CYS P 133 -27.20 -45.42 -60.05
CA CYS P 133 -27.59 -45.13 -61.43
C CYS P 133 -26.60 -44.01 -61.78
N GLY P 134 -26.59 -42.93 -60.98
CA GLY P 134 -25.68 -41.78 -61.17
C GLY P 134 -24.77 -41.85 -62.38
N ASP P 135 -25.46 -42.03 -63.48
CA ASP P 135 -24.98 -42.24 -64.84
C ASP P 135 -23.65 -41.80 -65.43
N THR P 136 -22.59 -42.06 -64.67
CA THR P 136 -21.21 -41.81 -65.05
C THR P 136 -20.89 -40.71 -66.08
N THR P 137 -20.35 -41.13 -67.21
CA THR P 137 -19.95 -40.28 -68.33
C THR P 137 -19.51 -41.31 -69.40
N GLY P 138 -18.83 -42.34 -68.92
CA GLY P 138 -18.31 -43.42 -69.75
C GLY P 138 -17.51 -44.24 -68.74
N SER P 139 -16.19 -44.37 -68.94
CA SER P 139 -15.36 -45.07 -67.96
C SER P 139 -15.02 -44.06 -66.85
N SER P 140 -15.85 -43.03 -66.76
CA SER P 140 -15.76 -41.95 -65.78
C SER P 140 -17.07 -41.89 -65.02
N VAL P 141 -16.99 -41.86 -63.70
CA VAL P 141 -18.17 -41.81 -62.84
C VAL P 141 -18.34 -40.36 -62.29
N THR P 142 -19.58 -39.89 -62.20
CA THR P 142 -19.83 -38.55 -61.66
C THR P 142 -20.63 -38.68 -60.38
N LEU P 143 -20.20 -37.96 -59.35
CA LEU P 143 -20.85 -37.97 -58.05
C LEU P 143 -21.39 -36.57 -57.83
N GLY P 144 -22.20 -36.38 -56.82
CA GLY P 144 -22.75 -35.06 -56.60
C GLY P 144 -22.93 -34.71 -55.14
N CYS P 145 -23.32 -33.46 -54.90
CA CYS P 145 -23.55 -32.99 -53.56
C CYS P 145 -24.64 -31.94 -53.71
N LEU P 146 -25.62 -31.99 -52.82
CA LEU P 146 -26.74 -31.07 -52.88
C LEU P 146 -26.80 -30.24 -51.63
N VAL P 147 -26.76 -28.94 -51.83
CA VAL P 147 -26.82 -28.01 -50.74
C VAL P 147 -28.20 -27.39 -50.84
N LYS P 148 -29.13 -27.76 -49.99
CA LYS P 148 -30.43 -27.14 -50.07
C LYS P 148 -30.97 -26.50 -48.80
N GLY P 149 -31.83 -25.51 -49.02
CA GLY P 149 -32.51 -24.78 -47.96
C GLY P 149 -31.66 -23.84 -47.12
N TYR P 150 -30.89 -22.95 -47.74
CA TYR P 150 -30.08 -22.06 -46.93
C TYR P 150 -30.31 -20.59 -47.22
N PHE P 151 -29.94 -19.74 -46.28
CA PHE P 151 -30.04 -18.28 -46.44
C PHE P 151 -29.12 -17.55 -45.44
N PRO P 152 -28.38 -16.51 -45.91
CA PRO P 152 -28.33 -15.96 -47.28
C PRO P 152 -27.13 -16.55 -48.01
N GLU P 153 -26.86 -16.07 -49.20
CA GLU P 153 -25.70 -16.55 -49.92
C GLU P 153 -24.51 -15.79 -49.27
N PRO P 154 -23.30 -16.30 -49.40
CA PRO P 154 -22.88 -17.51 -50.11
C PRO P 154 -22.64 -18.76 -49.23
N VAL P 155 -22.21 -19.81 -49.90
CA VAL P 155 -21.90 -21.10 -49.33
C VAL P 155 -20.63 -21.44 -50.08
N THR P 156 -19.65 -22.02 -49.39
CA THR P 156 -18.42 -22.40 -50.05
C THR P 156 -18.47 -23.90 -50.14
N LEU P 157 -18.12 -24.46 -51.29
CA LEU P 157 -18.19 -25.89 -51.43
C LEU P 157 -16.97 -26.29 -52.22
N THR P 158 -16.29 -27.32 -51.73
CA THR P 158 -15.10 -27.84 -52.38
C THR P 158 -15.22 -29.35 -52.32
N TRP P 159 -14.31 -30.03 -53.02
CA TRP P 159 -14.26 -31.48 -53.04
C TRP P 159 -12.89 -31.83 -52.56
N ASN P 160 -12.83 -32.73 -51.58
CA ASN P 160 -11.55 -33.14 -51.05
C ASN P 160 -10.72 -31.91 -50.69
N SER P 161 -11.33 -31.07 -49.87
CA SER P 161 -10.75 -29.84 -49.37
C SER P 161 -9.99 -29.08 -50.43
N GLY P 162 -10.54 -29.08 -51.64
CA GLY P 162 -9.94 -28.34 -52.74
C GLY P 162 -8.92 -29.09 -53.59
N SER P 163 -8.52 -30.27 -53.14
CA SER P 163 -7.57 -31.08 -53.88
C SER P 163 -8.18 -31.51 -55.19
N LEU P 164 -9.48 -31.80 -55.15
CA LEU P 164 -10.20 -32.22 -56.35
C LEU P 164 -10.76 -30.96 -56.98
N SER P 165 -10.11 -30.51 -58.05
CA SER P 165 -10.55 -29.29 -58.71
C SER P 165 -10.92 -29.45 -60.19
N SER P 166 -10.44 -30.51 -60.82
CA SER P 166 -10.76 -30.73 -62.22
C SER P 166 -12.07 -31.51 -62.32
N GLY P 167 -12.87 -31.15 -63.33
CA GLY P 167 -14.14 -31.84 -63.56
C GLY P 167 -15.34 -31.50 -62.70
N VAL P 168 -15.18 -30.49 -61.85
CA VAL P 168 -16.28 -30.08 -60.97
C VAL P 168 -17.07 -28.87 -61.53
N HIS P 169 -18.40 -28.98 -61.48
CA HIS P 169 -19.30 -27.94 -61.91
C HIS P 169 -20.14 -27.62 -60.70
N THR P 170 -20.08 -26.40 -60.24
CA THR P 170 -20.91 -25.99 -59.12
C THR P 170 -21.91 -25.05 -59.76
N PHE P 171 -23.14 -25.50 -59.73
CA PHE P 171 -24.20 -24.75 -60.34
C PHE P 171 -24.62 -23.62 -59.40
N PRO P 172 -24.86 -22.43 -59.95
CA PRO P 172 -25.28 -21.25 -59.18
C PRO P 172 -26.47 -21.51 -58.33
N ALA P 173 -26.52 -20.86 -57.18
CA ALA P 173 -27.62 -21.02 -56.23
C ALA P 173 -28.87 -20.45 -56.80
N VAL P 174 -29.97 -21.17 -56.64
CA VAL P 174 -31.25 -20.71 -57.14
C VAL P 174 -32.19 -20.48 -55.95
N LEU P 175 -32.72 -19.27 -55.84
CA LEU P 175 -33.63 -18.91 -54.74
C LEU P 175 -35.06 -19.33 -55.05
N GLN P 176 -35.59 -20.24 -54.25
CA GLN P 176 -36.97 -20.70 -54.39
C GLN P 176 -37.58 -20.42 -53.02
N SER P 177 -38.64 -19.60 -53.02
CA SER P 177 -39.32 -19.14 -51.81
C SER P 177 -38.27 -18.13 -51.29
N ASP P 178 -37.69 -18.38 -50.14
CA ASP P 178 -36.66 -17.50 -49.62
C ASP P 178 -35.50 -18.32 -49.11
N LEU P 179 -35.18 -19.35 -49.87
CA LEU P 179 -34.09 -20.23 -49.54
C LEU P 179 -33.38 -20.63 -50.83
N TYR P 180 -32.10 -20.92 -50.72
CA TYR P 180 -31.33 -21.26 -51.88
C TYR P 180 -31.02 -22.72 -51.86
N THR P 181 -30.66 -23.21 -53.04
CA THR P 181 -30.29 -24.60 -53.22
C THR P 181 -29.17 -24.53 -54.22
N LEU P 182 -28.16 -25.33 -54.02
CA LEU P 182 -27.01 -25.33 -54.88
C LEU P 182 -26.60 -26.78 -54.93
N SER P 183 -25.77 -27.13 -55.89
CA SER P 183 -25.32 -28.49 -56.01
C SER P 183 -24.04 -28.46 -56.85
N SER P 184 -23.24 -29.50 -56.70
CA SER P 184 -22.03 -29.58 -57.46
C SER P 184 -21.92 -31.02 -57.93
N SER P 185 -21.32 -31.18 -59.09
CA SER P 185 -21.08 -32.49 -59.69
C SER P 185 -19.58 -32.58 -59.92
N VAL P 186 -19.01 -33.77 -59.69
CA VAL P 186 -17.59 -33.98 -59.87
C VAL P 186 -17.44 -35.24 -60.70
N THR P 187 -16.57 -35.16 -61.70
CA THR P 187 -16.33 -36.30 -62.56
C THR P 187 -14.91 -36.84 -62.40
N VAL P 188 -14.81 -38.05 -61.86
CA VAL P 188 -13.56 -38.73 -61.58
C VAL P 188 -13.53 -39.97 -62.46
N THR P 189 -12.42 -40.68 -62.47
CA THR P 189 -12.32 -41.88 -63.27
C THR P 189 -12.95 -43.00 -62.48
N SER P 190 -13.45 -43.99 -63.20
CA SER P 190 -14.08 -45.16 -62.62
C SER P 190 -13.13 -45.81 -61.63
N SER P 191 -11.84 -45.59 -61.83
CA SER P 191 -10.77 -46.13 -60.99
C SER P 191 -10.61 -45.44 -59.63
N THR P 192 -10.88 -44.14 -59.58
CA THR P 192 -10.77 -43.35 -58.35
C THR P 192 -11.82 -43.71 -57.30
N TRP P 193 -13.09 -43.59 -57.67
CA TRP P 193 -14.18 -43.89 -56.75
C TRP P 193 -14.68 -45.30 -57.00
N PRO P 194 -15.04 -46.05 -55.94
CA PRO P 194 -15.03 -45.70 -54.51
C PRO P 194 -13.70 -45.75 -53.78
N SER P 195 -12.66 -46.21 -54.47
CA SER P 195 -11.33 -46.35 -53.88
C SER P 195 -10.89 -45.13 -53.09
N GLN P 196 -10.48 -44.07 -53.80
CA GLN P 196 -10.07 -42.84 -53.15
C GLN P 196 -11.32 -42.19 -52.60
N SER P 197 -11.28 -41.82 -51.32
CA SER P 197 -12.43 -41.19 -50.68
C SER P 197 -12.68 -39.81 -51.26
N ILE P 198 -13.92 -39.57 -51.69
CA ILE P 198 -14.30 -38.27 -52.25
C ILE P 198 -15.34 -37.68 -51.32
N THR P 199 -15.04 -36.48 -50.83
CA THR P 199 -15.90 -35.81 -49.89
C THR P 199 -16.30 -34.46 -50.46
N CYS P 200 -17.47 -34.02 -50.01
CA CYS P 200 -18.03 -32.75 -50.38
C CYS P 200 -17.88 -31.88 -49.13
N ASN P 201 -17.23 -30.75 -49.30
CA ASN P 201 -17.00 -29.85 -48.18
C ASN P 201 -17.85 -28.61 -48.36
N VAL P 202 -18.78 -28.39 -47.43
CA VAL P 202 -19.69 -27.24 -47.47
C VAL P 202 -19.62 -26.30 -46.27
N ALA P 203 -19.47 -25.01 -46.56
CA ALA P 203 -19.33 -23.98 -45.55
C ALA P 203 -20.26 -22.80 -45.78
N HIS P 204 -21.19 -22.62 -44.86
CA HIS P 204 -22.12 -21.50 -44.94
C HIS P 204 -21.75 -20.58 -43.80
N PRO P 205 -20.73 -19.73 -44.02
CA PRO P 205 -20.20 -18.76 -43.04
C PRO P 205 -21.29 -17.98 -42.30
N ALA P 206 -22.28 -17.50 -43.03
CA ALA P 206 -23.35 -16.73 -42.45
C ALA P 206 -24.06 -17.41 -41.30
N SER P 207 -23.82 -18.69 -41.11
CA SER P 207 -24.45 -19.45 -40.04
C SER P 207 -23.45 -20.35 -39.28
N SER P 208 -22.18 -20.19 -39.59
CA SER P 208 -21.12 -20.95 -38.94
C SER P 208 -21.33 -22.46 -39.11
N THR P 209 -21.91 -22.83 -40.24
CA THR P 209 -22.14 -24.22 -40.55
C THR P 209 -20.96 -24.61 -41.40
N LYS P 210 -20.45 -25.81 -41.18
CA LYS P 210 -19.36 -26.35 -41.98
C LYS P 210 -19.56 -27.86 -41.93
N VAL P 211 -19.89 -28.44 -43.06
CA VAL P 211 -20.09 -29.88 -43.10
C VAL P 211 -19.31 -30.55 -44.21
N ASP P 212 -18.80 -31.73 -43.87
CA ASP P 212 -18.06 -32.52 -44.81
C ASP P 212 -18.88 -33.78 -44.98
N LYS P 213 -19.22 -34.09 -46.22
CA LYS P 213 -20.01 -35.27 -46.55
C LYS P 213 -19.22 -36.18 -47.51
N LYS P 214 -18.96 -37.41 -47.10
CA LYS P 214 -18.23 -38.34 -47.95
C LYS P 214 -19.25 -39.07 -48.81
N ILE P 215 -18.96 -39.15 -50.10
CA ILE P 215 -19.83 -39.84 -51.07
C ILE P 215 -19.45 -41.33 -51.02
N GLU P 216 -20.43 -42.16 -50.69
CA GLU P 216 -20.23 -43.60 -50.61
C GLU P 216 -21.18 -44.32 -51.56
N PRO P 217 -20.75 -45.47 -52.12
CA PRO P 217 -21.50 -46.30 -53.06
C PRO P 217 -22.92 -46.63 -52.64
N ARG P 218 -23.76 -46.67 -53.68
CA ARG P 218 -25.19 -46.93 -53.67
C ARG P 218 -25.68 -45.77 -54.53
N GLY P 219 -26.81 -45.15 -54.21
CA GLY P 219 -27.27 -44.05 -55.05
C GLY P 219 -28.19 -43.02 -54.44
#